data_9JC1
#
_entry.id   9JC1
#
_cell.length_a   1.00
_cell.length_b   1.00
_cell.length_c   1.00
_cell.angle_alpha   90.00
_cell.angle_beta   90.00
_cell.angle_gamma   90.00
#
_symmetry.space_group_name_H-M   'P 1'
#
loop_
_entity.id
_entity.type
_entity.pdbx_description
1 polymer 'ATP synthase subunit beta'
2 polymer 'ATP synthase gamma chain'
3 polymer 'ATP synthase epsilon chain'
4 polymer 'ATP synthase delta subunit,ATP synthase subunit alpha,ATP synthase subunit alpha'
5 polymer 'ATP synthase subunit b'
6 polymer 'ATP synthase subunit b'
7 non-polymer "ADENOSINE-5'-DIPHOSPHATE"
8 non-polymer 'MAGNESIUM ION'
#
loop_
_entity_poly.entity_id
_entity_poly.type
_entity_poly.pdbx_seq_one_letter_code
_entity_poly.pdbx_strand_id
1 'polypeptide(L)'
;MHHHHHHHHHHMTRGRVIQVMGPVVDVKFENGHLPAIYNALKIQHKARNENEVDIDLTLEVALHLGDDTVRTIAMASTDG
LIRGMEVIDTGAPISVPVGEVTLGRVFNVLGEPIDLEGDIPADARRDPIHRPAPKFEELATEVEILETGIKVVDLLAPYI
KGGKIGLFGGAGVGKTVLIQELIHNIAQEHGGISVFAGVGERTREGNDLYHEMKDSGVISKTAMVFGQMNEPPGARMRVA
LTGLTMAEYFRDEQGQDVLLFIDNIFRFTQAGSEVSALLGRMPSAVGYQPTLATEMGQLQERITSTAKGSITSIQAIYVP
ADDYTDPAPATTFSHLDATTNLERKLAEMGIYPAVDPLASTSRALAPEIVGEEHYQVARKVQQTLQRYKELQDIIAILGM
DELSDEDKLVVHRARRIQFFLSQNFHVAEQFTGQPGSYVPVKETVRGFKEILEGKYDHLPEDAFRLVGRIEEVVEKAKAM
GVEV
;
D,E,F
2 'polypeptide(L)'
;MASLRDIKTRINATKKTSQITKAMEMVSTSKLNRAEQNAKSFVPYMEKIQEVVANVALGAGGASHPMLVSRPVKKTGYLV
ITSDRGLAGAYNSNVLRLVYQTIQKRHASPDEYAIIVIGRVGLSFFRKRNMPVILDITRLPDQPSFADIKEIARKTVGLF
ADGTFDELYMYYNHYVSAIQQEVTERKLLPLTDLAENKQRTVYEFEPSQEEILDVLLPQYAESLIYGALLDAKASEHAAR
MTAMKNATDNANELIRTLTLSYNRARQAAITQEITEIVAGANALQ
;
G
3 'polypeptide(L)'
;MKTIHVSVVTPDGPVYEDDVEMVSVKAKSGELGILPGHIPLVAPLEISAARLKKGGKTQYIAVSGGFLEVRPDKVTILAQ
AAERAED
;
H
4 'polypeptide(L)'
;MGIAKAVAYSARPLTDEELRALSDVFAQKVGKQTLEIENIIDPELIGGVRLRIGNRIYDGSVSGQLERIRRQLIGGSGGS
IRAEEISALIKQQIENYESQIQVSDVGTVIQVGDGIARAHGLDNVMSGELVEFANGVMGMALNLEENNVGIVILGPYTGI
KEGDEVRRTGRIMEVPVGEALIGRVVNPLGQPVDGLGPVETTETRPIESPAPGVMDRRSVHEPLQTGIKAIDALVPIGRG
QRELIIGDRQTGKTSVAIDTIINQKDQNMISIYVAIGQKESTVRTVVETLRKHGALDYTIVVTASASQPAPLLFLAPYAG
VAMGEYFMYKGKHVLVVYDDLSKQAAAYRELSLLLRRPPGREAYPGDIFYLHSRLLERAAKLSDAKGGGSLTALPFVETQ
AGDISAYIPTNVISITDGQIFLQSDLFFSGVRPAINAGLSVSRVGGAAQIKAMKKVAGTLRLDLAAYRELEAFAQFGSDL
DKATQAKLARGARTVEVLKQDLHQPIPVEKQVLIIYALTRGFLDDIPVEDVRRFEKEFYLFLDQNGQHLLEHIRTTKDLP
NEDDLNKAIEAFKKTFVVSQ
;
I,J,K
5 'polypeptide(L)'
;MGEAAHGISGGTIIYQLLMFIILLALLRKFAWQPLMNIMKQREEHIANEIDQAEKRRQEAEKLLEEQRELMKQSRQEAQA
LIENARKLAEEQKEQIVASARAEAERVKETAKKEIEREKEQAMAALREQVASLSVLIASKVI(UNK)(UNK)(UNK)
(UNK)(UNK)(UNK)(UNK)(UNK)(UNK)(UNK)(UNK)(UNK)(UNK)(UNK)(UNK)(UNK)(UNK)(UNK)(UNK)
(UNK)(UNK)(UNK)(UNK)(UNK)(UNK)(UNK)(UNK)
;
A,C,M
6 'polypeptide(L)'
;MGEAAHGISGGTIIYQLLMFIILLALLRKFAWQPLMNIMKQREEHIANEIDQAEKRRQEAEKLLEEQRELMKQSRQEAQA
LIENARKLAEEQKEQIVASARAEAERVKETAKKEIEREKEQAMAALREQVASLSVLIASKVIEKELTEQDQRKLIEAYIK
DVQEVGGAR
;
B,L,N
#
loop_
_chem_comp.id
_chem_comp.type
_chem_comp.name
_chem_comp.formula
ADP non-polymer ADENOSINE-5'-DIPHOSPHATE 'C10 H15 N5 O10 P2'
MG non-polymer 'MAGNESIUM ION' 'Mg 2'
#
# COMPACT_ATOMS: atom_id res chain seq x y z
N MET A 12 7.29 40.80 32.65
CA MET A 12 8.59 40.36 33.09
C MET A 12 9.00 39.09 32.34
N THR A 13 8.52 37.96 32.82
CA THR A 13 8.73 36.65 32.19
C THR A 13 7.41 35.93 32.03
N ARG A 14 6.41 36.66 31.54
CA ARG A 14 5.06 36.16 31.37
C ARG A 14 4.79 35.96 29.89
N GLY A 15 4.24 34.80 29.53
CA GLY A 15 3.79 34.57 28.18
C GLY A 15 2.28 34.73 28.08
N ARG A 16 1.78 34.67 26.84
CA ARG A 16 0.34 34.73 26.63
C ARG A 16 -0.07 33.79 25.51
N VAL A 17 -1.23 33.15 25.69
CA VAL A 17 -1.73 32.18 24.73
C VAL A 17 -2.11 32.90 23.43
N ILE A 18 -1.81 32.26 22.29
CA ILE A 18 -2.09 32.81 20.98
C ILE A 18 -3.06 31.91 20.19
N GLN A 19 -2.79 30.61 20.18
CA GLN A 19 -3.62 29.65 19.44
C GLN A 19 -3.88 28.42 20.29
N VAL A 20 -5.04 27.80 20.06
CA VAL A 20 -5.41 26.54 20.71
C VAL A 20 -6.05 25.64 19.66
N MET A 21 -5.42 24.51 19.36
CA MET A 21 -5.95 23.54 18.41
C MET A 21 -5.92 22.17 19.07
N GLY A 22 -6.94 21.86 19.86
CA GLY A 22 -6.95 20.64 20.62
C GLY A 22 -5.82 20.56 21.63
N PRO A 23 -5.00 19.52 21.54
CA PRO A 23 -3.88 19.35 22.48
C PRO A 23 -2.64 20.14 22.14
N VAL A 24 -2.70 21.10 21.22
CA VAL A 24 -1.54 21.86 20.78
C VAL A 24 -1.78 23.33 21.06
N VAL A 25 -0.81 24.00 21.69
CA VAL A 25 -0.97 25.39 22.09
C VAL A 25 0.23 26.19 21.59
N ASP A 26 0.03 27.48 21.37
CA ASP A 26 1.08 28.41 21.01
C ASP A 26 1.12 29.53 22.04
N VAL A 27 2.32 29.90 22.49
CA VAL A 27 2.50 30.94 23.49
C VAL A 27 3.49 31.97 22.96
N LYS A 28 3.19 33.24 23.19
CA LYS A 28 4.04 34.35 22.77
C LYS A 28 4.69 34.97 24.00
N PHE A 29 5.99 35.19 23.93
CA PHE A 29 6.81 35.68 25.04
C PHE A 29 7.41 37.03 24.68
N GLU A 30 8.29 37.53 25.54
CA GLU A 30 9.00 38.76 25.30
C GLU A 30 10.27 38.50 24.49
N ASN A 31 10.94 39.58 24.10
CA ASN A 31 12.14 39.44 23.28
C ASN A 31 13.29 38.92 24.13
N GLY A 32 13.97 37.88 23.63
CA GLY A 32 15.10 37.32 24.34
C GLY A 32 14.77 36.74 25.70
N HIS A 33 13.54 36.23 25.87
CA HIS A 33 13.14 35.63 27.13
C HIS A 33 12.42 34.31 26.93
N LEU A 34 12.61 33.66 25.79
CA LEU A 34 11.89 32.44 25.49
C LEU A 34 12.39 31.29 26.36
N PRO A 35 11.52 30.35 26.71
CA PRO A 35 11.97 29.16 27.44
C PRO A 35 12.68 28.18 26.54
N ALA A 36 13.57 27.40 27.14
CA ALA A 36 14.30 26.40 26.39
C ALA A 36 13.37 25.24 26.01
N ILE A 37 13.82 24.45 25.04
CA ILE A 37 13.04 23.30 24.60
C ILE A 37 12.97 22.28 25.72
N TYR A 38 11.80 21.66 25.88
CA TYR A 38 11.45 20.64 26.88
C TYR A 38 11.12 21.23 28.25
N ASN A 39 11.07 22.55 28.40
CA ASN A 39 10.69 23.15 29.67
C ASN A 39 9.20 22.91 29.95
N ALA A 40 8.80 23.27 31.16
CA ALA A 40 7.41 23.11 31.60
C ALA A 40 6.81 24.47 31.91
N LEU A 41 5.61 24.71 31.38
CA LEU A 41 4.88 25.95 31.57
C LEU A 41 3.57 25.65 32.30
N LYS A 42 3.14 26.60 33.11
CA LYS A 42 1.98 26.41 33.99
C LYS A 42 0.93 27.48 33.71
N ILE A 43 -0.33 27.06 33.58
CA ILE A 43 -1.47 27.95 33.48
C ILE A 43 -2.34 27.71 34.71
N GLN A 44 -2.61 28.77 35.46
CA GLN A 44 -3.45 28.70 36.66
C GLN A 44 -4.39 29.91 36.64
N HIS A 45 -5.64 29.67 36.29
CA HIS A 45 -6.62 30.74 36.11
C HIS A 45 -7.84 30.50 36.97
N LYS A 46 -8.33 31.56 37.60
CA LYS A 46 -9.54 31.54 38.40
C LYS A 46 -10.60 32.40 37.72
N ALA A 47 -11.83 31.88 37.65
CA ALA A 47 -12.91 32.55 36.92
C ALA A 47 -13.15 33.96 37.42
N ARG A 48 -12.90 34.95 36.56
CA ARG A 48 -13.14 36.35 36.95
C ARG A 48 -14.62 36.68 36.96
N ASN A 49 -15.37 36.19 35.97
CA ASN A 49 -16.80 36.45 35.90
C ASN A 49 -17.56 35.15 35.64
N GLU A 50 -18.85 35.26 35.33
CA GLU A 50 -19.68 34.08 35.10
C GLU A 50 -19.49 33.48 33.72
N ASN A 51 -18.72 34.13 32.84
CA ASN A 51 -18.48 33.64 31.49
C ASN A 51 -17.15 32.92 31.35
N GLU A 52 -16.59 32.40 32.44
CA GLU A 52 -15.26 31.81 32.43
C GLU A 52 -15.28 30.54 33.29
N VAL A 53 -14.16 29.82 33.25
CA VAL A 53 -13.97 28.61 34.03
C VAL A 53 -12.59 28.64 34.66
N ASP A 54 -12.35 27.71 35.57
CA ASP A 54 -11.06 27.59 36.25
C ASP A 54 -10.15 26.66 35.47
N ILE A 55 -8.88 27.03 35.38
CA ILE A 55 -7.89 26.30 34.58
C ILE A 55 -6.69 25.97 35.44
N ASP A 56 -6.21 24.72 35.33
CA ASP A 56 -4.99 24.26 35.98
C ASP A 56 -4.29 23.30 35.03
N LEU A 57 -3.34 23.81 34.25
CA LEU A 57 -2.80 23.07 33.12
C LEU A 57 -1.28 23.18 33.07
N THR A 58 -0.64 22.14 32.52
CA THR A 58 0.81 22.10 32.34
C THR A 58 1.11 21.78 30.88
N LEU A 59 2.07 22.52 30.30
CA LEU A 59 2.44 22.40 28.91
C LEU A 59 3.94 22.16 28.80
N GLU A 60 4.36 21.50 27.73
CA GLU A 60 5.77 21.21 27.49
C GLU A 60 6.21 21.80 26.17
N VAL A 61 7.30 22.57 26.19
CA VAL A 61 7.78 23.26 25.00
C VAL A 61 8.30 22.24 23.99
N ALA A 62 7.92 22.41 22.72
CA ALA A 62 8.35 21.53 21.64
C ALA A 62 9.14 22.23 20.55
N LEU A 63 8.69 23.38 20.06
CA LEU A 63 9.37 24.03 18.96
C LEU A 63 9.44 25.54 19.17
N HIS A 64 10.50 26.15 18.62
CA HIS A 64 10.63 27.60 18.52
C HIS A 64 10.29 27.99 17.09
N LEU A 65 9.13 28.63 16.90
CA LEU A 65 8.64 28.92 15.57
C LEU A 65 9.10 30.27 15.02
N GLY A 66 9.75 31.09 15.82
CA GLY A 66 10.13 32.42 15.39
C GLY A 66 9.06 33.46 15.71
N ASP A 67 9.50 34.71 15.69
CA ASP A 67 8.65 35.85 16.06
C ASP A 67 8.18 35.76 17.50
N ASP A 68 9.08 35.31 18.39
CA ASP A 68 8.82 35.20 19.82
C ASP A 68 7.67 34.25 20.14
N THR A 69 7.48 33.22 19.32
CA THR A 69 6.38 32.29 19.47
C THR A 69 6.91 30.89 19.68
N VAL A 70 6.27 30.14 20.58
CA VAL A 70 6.71 28.81 20.98
C VAL A 70 5.51 27.88 20.86
N ARG A 71 5.72 26.70 20.26
CA ARG A 71 4.66 25.71 20.11
C ARG A 71 4.87 24.57 21.10
N THR A 72 3.83 24.27 21.88
CA THR A 72 3.87 23.33 22.99
C THR A 72 2.73 22.34 22.89
N ILE A 73 2.90 21.20 23.58
CA ILE A 73 1.86 20.18 23.70
C ILE A 73 1.33 20.19 25.13
N ALA A 74 0.07 19.79 25.28
CA ALA A 74 -0.61 19.83 26.57
C ALA A 74 -0.63 18.47 27.23
N MET A 75 -0.56 18.47 28.55
CA MET A 75 -0.60 17.26 29.37
C MET A 75 -1.98 16.91 29.87
N ALA A 76 -2.98 17.76 29.64
CA ALA A 76 -4.34 17.50 30.08
C ALA A 76 -5.30 18.15 29.08
N SER A 77 -6.56 18.28 29.47
CA SER A 77 -7.57 18.82 28.57
C SER A 77 -7.44 20.34 28.46
N THR A 78 -7.63 20.85 27.25
CA THR A 78 -7.48 22.27 26.96
C THR A 78 -8.81 22.98 26.79
N ASP A 79 -9.92 22.38 27.25
CA ASP A 79 -11.22 23.01 27.13
C ASP A 79 -11.32 24.17 28.12
N GLY A 80 -11.73 25.33 27.61
CA GLY A 80 -11.86 26.52 28.44
C GLY A 80 -10.75 27.53 28.33
N LEU A 81 -9.81 27.34 27.40
CA LEU A 81 -8.69 28.28 27.25
C LEU A 81 -9.11 29.50 26.45
N ILE A 82 -8.65 30.66 26.89
CA ILE A 82 -8.96 31.94 26.27
C ILE A 82 -7.66 32.55 25.79
N ARG A 83 -7.66 33.09 24.56
CA ARG A 83 -6.47 33.76 24.04
C ARG A 83 -6.16 34.98 24.89
N GLY A 84 -4.92 35.06 25.37
CA GLY A 84 -4.48 36.18 26.17
C GLY A 84 -4.23 35.87 27.63
N MET A 85 -4.44 34.63 28.07
CA MET A 85 -4.21 34.28 29.47
C MET A 85 -2.72 34.18 29.76
N GLU A 86 -2.35 34.53 30.98
CA GLU A 86 -0.95 34.53 31.37
C GLU A 86 -0.41 33.11 31.48
N VAL A 87 0.86 32.95 31.11
CA VAL A 87 1.56 31.66 31.20
C VAL A 87 2.87 31.88 31.93
N ILE A 88 3.17 30.98 32.88
CA ILE A 88 4.34 31.03 33.74
C ILE A 88 5.40 30.08 33.22
N ASP A 89 6.64 30.55 33.17
CA ASP A 89 7.78 29.73 32.74
C ASP A 89 8.53 29.27 33.98
N THR A 90 8.58 27.96 34.20
CA THR A 90 9.18 27.43 35.42
C THR A 90 10.70 27.49 35.37
N GLY A 91 11.29 27.29 34.20
CA GLY A 91 12.72 27.34 34.05
C GLY A 91 13.44 26.01 34.05
N ALA A 92 12.70 24.91 34.05
CA ALA A 92 13.30 23.58 34.08
C ALA A 92 12.27 22.59 33.56
N PRO A 93 12.69 21.41 33.12
CA PRO A 93 11.73 20.40 32.67
C PRO A 93 10.85 19.89 33.80
N ILE A 94 9.96 18.95 33.51
CA ILE A 94 9.14 18.37 34.57
C ILE A 94 10.04 17.72 35.59
N SER A 95 9.85 18.08 36.86
CA SER A 95 10.68 17.60 37.95
C SER A 95 9.82 16.78 38.90
N VAL A 96 10.24 15.54 39.14
CA VAL A 96 9.46 14.61 39.96
C VAL A 96 10.19 14.34 41.27
N PRO A 97 9.49 14.04 42.35
CA PRO A 97 10.17 13.77 43.62
C PRO A 97 10.81 12.40 43.65
N VAL A 98 12.00 12.33 44.24
CA VAL A 98 12.78 11.10 44.30
C VAL A 98 13.28 10.87 45.72
N GLY A 99 13.50 9.61 46.05
CA GLY A 99 14.01 9.23 47.35
C GLY A 99 13.22 8.08 47.91
N GLU A 100 13.31 7.91 49.24
CA GLU A 100 12.53 6.89 49.92
C GLU A 100 11.08 7.29 50.11
N VAL A 101 10.73 8.54 49.81
CA VAL A 101 9.34 9.00 49.95
C VAL A 101 8.43 8.49 48.86
N THR A 102 8.98 7.87 47.81
CA THR A 102 8.19 7.40 46.69
C THR A 102 7.91 5.90 46.74
N LEU A 103 8.28 5.24 47.83
CA LEU A 103 8.11 3.79 47.94
C LEU A 103 6.77 3.48 48.60
N GLY A 104 5.90 2.79 47.86
CA GLY A 104 4.57 2.49 48.34
C GLY A 104 3.49 3.46 47.92
N ARG A 105 3.76 4.34 46.96
CA ARG A 105 2.81 5.35 46.53
C ARG A 105 2.60 5.25 45.03
N VAL A 106 1.53 5.88 44.54
CA VAL A 106 1.16 5.88 43.13
C VAL A 106 1.16 7.30 42.62
N PHE A 107 1.83 7.53 41.49
CA PHE A 107 2.01 8.86 40.91
C PHE A 107 1.48 8.89 39.48
N ASN A 108 1.39 10.10 38.93
CA ASN A 108 1.12 10.30 37.52
C ASN A 108 2.33 10.95 36.86
N VAL A 109 2.17 11.32 35.59
CA VAL A 109 3.30 11.82 34.79
C VAL A 109 3.91 13.08 35.37
N LEU A 110 3.17 13.83 36.17
CA LEU A 110 3.67 15.07 36.75
C LEU A 110 4.24 14.90 38.15
N GLY A 111 4.20 13.68 38.69
CA GLY A 111 4.73 13.45 40.03
C GLY A 111 3.79 13.75 41.16
N GLU A 112 2.52 14.02 40.89
CA GLU A 112 1.56 14.23 41.97
C GLU A 112 0.91 12.90 42.33
N PRO A 113 0.82 12.56 43.62
CA PRO A 113 0.25 11.27 44.00
C PRO A 113 -1.24 11.19 43.68
N ILE A 114 -1.69 9.99 43.34
CA ILE A 114 -3.09 9.76 42.98
C ILE A 114 -3.68 8.64 43.81
N ASP A 115 -3.18 8.46 45.02
CA ASP A 115 -3.68 7.40 45.91
C ASP A 115 -4.38 7.94 47.14
N LEU A 116 -4.67 9.24 47.18
CA LEU A 116 -5.35 9.91 48.29
C LEU A 116 -4.79 9.51 49.65
N GLU A 117 -3.48 9.77 49.82
CA GLU A 117 -2.82 9.60 51.10
C GLU A 117 -2.05 10.85 51.54
N GLY A 118 -2.31 11.98 50.92
CA GLY A 118 -1.63 13.22 51.25
C GLY A 118 -0.75 13.69 50.10
N ASP A 119 -0.05 14.80 50.36
CA ASP A 119 0.85 15.41 49.40
C ASP A 119 2.29 15.30 49.87
N ILE A 120 3.20 15.18 48.91
CA ILE A 120 4.63 15.22 49.23
C ILE A 120 5.00 16.64 49.66
N PRO A 121 5.71 16.82 50.77
CA PRO A 121 6.01 18.18 51.24
C PRO A 121 6.80 18.97 50.21
N ALA A 122 6.59 20.29 50.24
CA ALA A 122 7.20 21.16 49.25
C ALA A 122 8.72 21.27 49.39
N ASP A 123 9.30 20.78 50.47
CA ASP A 123 10.73 20.89 50.71
C ASP A 123 11.50 19.63 50.31
N ALA A 124 10.87 18.71 49.60
CA ALA A 124 11.56 17.51 49.15
C ALA A 124 12.50 17.85 47.99
N ARG A 125 13.15 16.82 47.45
CA ARG A 125 14.09 16.97 46.35
C ARG A 125 13.47 16.38 45.08
N ARG A 126 13.56 17.13 43.98
CA ARG A 126 12.95 16.74 42.72
C ARG A 126 13.99 16.76 41.61
N ASP A 127 13.82 15.87 40.64
CA ASP A 127 14.78 15.67 39.57
C ASP A 127 14.12 15.83 38.20
N PRO A 128 14.86 16.37 37.22
CA PRO A 128 14.28 16.60 35.90
C PRO A 128 14.03 15.32 35.13
N ILE A 129 13.01 15.37 34.27
CA ILE A 129 12.61 14.20 33.49
C ILE A 129 13.61 13.91 32.38
N HIS A 130 14.11 14.95 31.72
CA HIS A 130 14.97 14.80 30.55
C HIS A 130 16.43 14.95 30.95
N ARG A 131 17.26 14.00 30.51
CA ARG A 131 18.65 13.93 30.93
C ARG A 131 19.44 13.18 29.86
N PRO A 132 20.70 13.52 29.65
CA PRO A 132 21.55 12.71 28.75
C PRO A 132 21.96 11.40 29.40
N ALA A 133 22.30 10.44 28.55
CA ALA A 133 22.68 9.12 29.01
C ALA A 133 24.05 9.15 29.69
N PRO A 134 24.36 8.15 30.51
CA PRO A 134 25.70 8.10 31.13
C PRO A 134 26.80 7.95 30.11
N LYS A 135 27.97 8.52 30.43
CA LYS A 135 29.05 8.65 29.47
C LYS A 135 29.73 7.30 29.25
N PHE A 136 30.61 7.28 28.24
CA PHE A 136 31.30 6.05 27.85
C PHE A 136 32.25 5.58 28.95
N GLU A 137 32.91 6.51 29.63
CA GLU A 137 33.91 6.18 30.64
C GLU A 137 33.31 5.75 31.97
N GLU A 138 31.99 5.82 32.13
CA GLU A 138 31.34 5.49 33.39
C GLU A 138 30.60 4.17 33.36
N LEU A 139 30.74 3.39 32.30
CA LEU A 139 30.05 2.11 32.21
C LEU A 139 30.93 0.99 32.76
N ALA A 140 30.31 -0.17 32.99
CA ALA A 140 31.02 -1.33 33.48
C ALA A 140 31.67 -2.07 32.33
N THR A 141 32.92 -2.52 32.56
CA THR A 141 33.69 -3.16 31.51
C THR A 141 33.42 -4.66 31.37
N GLU A 142 32.73 -5.26 32.33
CA GLU A 142 32.48 -6.70 32.34
C GLU A 142 30.98 -6.98 32.24
N VAL A 143 30.66 -8.25 32.03
CA VAL A 143 29.28 -8.72 31.94
C VAL A 143 28.99 -9.60 33.15
N GLU A 144 27.95 -9.26 33.89
CA GLU A 144 27.55 -10.00 35.09
C GLU A 144 26.19 -10.65 34.87
N ILE A 145 25.80 -11.46 35.84
CA ILE A 145 24.57 -12.25 35.77
C ILE A 145 23.71 -11.90 36.98
N LEU A 146 22.42 -11.67 36.74
CA LEU A 146 21.46 -11.40 37.80
C LEU A 146 20.82 -12.70 38.23
N GLU A 147 20.99 -13.05 39.50
CA GLU A 147 20.43 -14.29 40.05
C GLU A 147 19.02 -14.01 40.52
N THR A 148 18.04 -14.43 39.74
CA THR A 148 16.64 -14.20 40.10
C THR A 148 16.20 -15.13 41.22
N GLY A 149 16.60 -16.39 41.16
CA GLY A 149 16.13 -17.40 42.09
C GLY A 149 15.04 -18.29 41.53
N ILE A 150 14.67 -18.13 40.28
CA ILE A 150 13.68 -18.97 39.61
C ILE A 150 14.44 -19.97 38.75
N LYS A 151 14.12 -21.25 38.90
CA LYS A 151 14.96 -22.32 38.32
C LYS A 151 15.01 -22.23 36.80
N VAL A 152 13.85 -22.17 36.14
CA VAL A 152 13.82 -22.21 34.69
C VAL A 152 14.48 -20.95 34.10
N VAL A 153 14.16 -19.79 34.65
CA VAL A 153 14.76 -18.54 34.17
C VAL A 153 16.27 -18.56 34.40
N ASP A 154 16.71 -19.00 35.57
CA ASP A 154 18.12 -19.00 35.88
C ASP A 154 18.91 -20.01 35.07
N LEU A 155 18.29 -21.08 34.60
CA LEU A 155 19.01 -22.12 33.88
C LEU A 155 18.97 -21.92 32.37
N LEU A 156 17.79 -21.68 31.79
CA LEU A 156 17.66 -21.69 30.34
C LEU A 156 17.70 -20.32 29.70
N ALA A 157 17.24 -19.27 30.38
CA ALA A 157 17.24 -17.91 29.85
C ALA A 157 17.79 -16.95 30.90
N PRO A 158 19.10 -16.98 31.15
CA PRO A 158 19.66 -16.17 32.24
C PRO A 158 19.50 -14.68 31.97
N TYR A 159 19.39 -13.91 33.06
CA TYR A 159 19.31 -12.47 33.00
C TYR A 159 20.69 -11.85 33.18
N ILE A 160 20.85 -10.62 32.70
CA ILE A 160 22.11 -9.88 32.74
C ILE A 160 21.85 -8.56 33.43
N LYS A 161 22.73 -8.20 34.36
CA LYS A 161 22.64 -6.90 35.02
C LYS A 161 22.75 -5.79 33.98
N GLY A 162 21.81 -4.85 34.01
CA GLY A 162 21.80 -3.79 33.03
C GLY A 162 21.27 -4.19 31.67
N GLY A 163 20.56 -5.31 31.58
CA GLY A 163 20.07 -5.82 30.32
C GLY A 163 18.58 -5.57 30.11
N LYS A 164 18.12 -5.99 28.94
CA LYS A 164 16.74 -5.81 28.52
C LYS A 164 16.12 -7.15 28.18
N ILE A 165 14.92 -7.37 28.70
CA ILE A 165 14.21 -8.65 28.57
C ILE A 165 12.83 -8.38 28.01
N GLY A 166 12.41 -9.18 27.04
CA GLY A 166 11.09 -9.05 26.47
C GLY A 166 10.13 -10.14 26.92
N LEU A 167 9.01 -9.75 27.52
CA LEU A 167 8.04 -10.69 28.08
C LEU A 167 6.89 -10.85 27.10
N PHE A 168 6.83 -12.00 26.43
CA PHE A 168 5.79 -12.29 25.45
C PHE A 168 4.68 -13.13 26.08
N GLY A 169 4.01 -12.55 27.06
CA GLY A 169 2.98 -13.26 27.79
C GLY A 169 1.58 -12.97 27.28
N GLY A 170 0.67 -12.66 28.20
CA GLY A 170 -0.70 -12.38 27.82
C GLY A 170 -1.60 -12.43 29.05
N ALA A 171 -2.90 -12.50 28.79
CA ALA A 171 -3.91 -12.56 29.83
C ALA A 171 -4.26 -14.01 30.13
N GLY A 172 -4.13 -14.41 31.39
CA GLY A 172 -4.46 -15.75 31.81
C GLY A 172 -3.31 -16.73 31.86
N VAL A 173 -2.06 -16.26 31.78
CA VAL A 173 -0.89 -17.13 31.82
C VAL A 173 -0.08 -16.96 33.09
N GLY A 174 -0.39 -15.98 33.93
CA GLY A 174 0.33 -15.80 35.17
C GLY A 174 1.49 -14.82 35.06
N LYS A 175 1.21 -13.61 34.56
CA LYS A 175 2.23 -12.59 34.40
C LYS A 175 2.37 -11.71 35.63
N THR A 176 1.24 -11.29 36.22
CA THR A 176 1.28 -10.47 37.42
C THR A 176 1.73 -11.23 38.64
N VAL A 177 1.84 -12.56 38.55
CA VAL A 177 2.44 -13.34 39.64
C VAL A 177 3.95 -13.42 39.46
N LEU A 178 4.42 -13.59 38.22
CA LEU A 178 5.85 -13.60 37.96
C LEU A 178 6.48 -12.25 38.29
N ILE A 179 5.77 -11.15 37.99
CA ILE A 179 6.30 -9.82 38.32
C ILE A 179 6.46 -9.66 39.82
N GLN A 180 5.44 -10.07 40.58
CA GLN A 180 5.51 -9.99 42.04
C GLN A 180 6.62 -10.86 42.59
N GLU A 181 6.80 -12.05 42.02
CA GLU A 181 7.88 -12.92 42.47
C GLU A 181 9.24 -12.32 42.20
N LEU A 182 9.42 -11.69 41.05
CA LEU A 182 10.70 -11.03 40.76
C LEU A 182 10.95 -9.91 41.76
N ILE A 183 9.94 -9.08 42.02
CA ILE A 183 10.10 -8.00 43.00
C ILE A 183 10.52 -8.57 44.35
N HIS A 184 9.78 -9.58 44.82
CA HIS A 184 10.03 -10.16 46.13
C HIS A 184 11.44 -10.74 46.23
N ASN A 185 11.83 -11.54 45.22
CA ASN A 185 13.12 -12.20 45.28
C ASN A 185 14.27 -11.20 45.24
N ILE A 186 14.20 -10.22 44.34
CA ILE A 186 15.27 -9.24 44.25
C ILE A 186 15.39 -8.46 45.55
N ALA A 187 14.26 -8.01 46.10
CA ALA A 187 14.31 -7.22 47.33
C ALA A 187 14.84 -8.04 48.50
N GLN A 188 14.44 -9.32 48.58
CA GLN A 188 14.82 -10.13 49.73
C GLN A 188 16.29 -10.51 49.69
N GLU A 189 16.79 -10.92 48.52
CA GLU A 189 18.14 -11.44 48.49
C GLU A 189 19.20 -10.37 48.18
N HIS A 190 18.91 -9.44 47.27
CA HIS A 190 19.91 -8.46 46.85
C HIS A 190 19.75 -7.10 47.50
N GLY A 191 18.58 -6.80 48.06
CA GLY A 191 18.35 -5.49 48.65
C GLY A 191 17.87 -4.43 47.70
N GLY A 192 17.44 -4.79 46.50
CA GLY A 192 17.07 -3.82 45.49
C GLY A 192 15.67 -3.26 45.68
N ILE A 193 15.32 -2.34 44.78
CA ILE A 193 14.05 -1.64 44.78
C ILE A 193 13.47 -1.76 43.38
N SER A 194 12.14 -1.71 43.29
CA SER A 194 11.45 -1.92 42.02
C SER A 194 10.58 -0.72 41.66
N VAL A 195 10.49 -0.42 40.37
CA VAL A 195 9.61 0.60 39.84
C VAL A 195 8.76 -0.01 38.74
N PHE A 196 7.46 0.26 38.76
CA PHE A 196 6.52 -0.21 37.76
C PHE A 196 5.90 0.98 37.05
N ALA A 197 6.03 1.02 35.73
CA ALA A 197 5.46 2.09 34.91
C ALA A 197 4.42 1.50 33.98
N GLY A 198 3.19 1.99 34.07
CA GLY A 198 2.13 1.52 33.20
C GLY A 198 1.72 2.54 32.17
N VAL A 199 2.11 2.32 30.92
CA VAL A 199 1.85 3.24 29.82
C VAL A 199 0.63 2.74 29.06
N GLY A 200 -0.35 3.63 28.87
CA GLY A 200 -1.55 3.23 28.16
C GLY A 200 -2.29 2.15 28.93
N GLU A 201 -2.46 2.37 30.22
CA GLU A 201 -3.01 1.37 31.13
C GLU A 201 -4.51 1.57 31.29
N ARG A 202 -5.27 0.48 31.19
CA ARG A 202 -6.67 0.52 31.56
C ARG A 202 -6.80 0.76 33.06
N THR A 203 -7.77 1.58 33.45
CA THR A 203 -7.92 1.94 34.86
C THR A 203 -8.33 0.73 35.69
N ARG A 204 -9.19 -0.12 35.15
CA ARG A 204 -9.63 -1.32 35.87
C ARG A 204 -8.44 -2.23 36.18
N GLU A 205 -7.57 -2.45 35.19
CA GLU A 205 -6.43 -3.33 35.41
C GLU A 205 -5.40 -2.71 36.34
N GLY A 206 -5.24 -1.39 36.29
CA GLY A 206 -4.38 -0.74 37.27
C GLY A 206 -4.87 -0.89 38.69
N ASN A 207 -6.19 -0.74 38.89
CA ASN A 207 -6.79 -0.98 40.19
C ASN A 207 -6.54 -2.41 40.66
N ASP A 208 -6.76 -3.38 39.75
CA ASP A 208 -6.54 -4.78 40.11
C ASP A 208 -5.09 -5.04 40.50
N LEU A 209 -4.14 -4.51 39.74
CA LEU A 209 -2.73 -4.72 40.05
C LEU A 209 -2.35 -4.10 41.38
N TYR A 210 -2.85 -2.89 41.66
CA TYR A 210 -2.55 -2.25 42.93
C TYR A 210 -3.06 -3.08 44.10
N HIS A 211 -4.29 -3.59 43.99
CA HIS A 211 -4.83 -4.39 45.09
C HIS A 211 -4.09 -5.72 45.24
N GLU A 212 -3.69 -6.34 44.12
CA GLU A 212 -2.90 -7.55 44.20
C GLU A 212 -1.58 -7.32 44.93
N MET A 213 -0.88 -6.24 44.58
CA MET A 213 0.39 -5.94 45.23
C MET A 213 0.19 -5.62 46.70
N LYS A 214 -0.87 -4.91 47.05
CA LYS A 214 -1.14 -4.64 48.46
C LYS A 214 -1.45 -5.92 49.22
N ASP A 215 -2.13 -6.87 48.57
CA ASP A 215 -2.45 -8.13 49.22
C ASP A 215 -1.20 -8.97 49.47
N SER A 216 -0.35 -9.12 48.46
CA SER A 216 0.83 -9.96 48.60
C SER A 216 1.96 -9.26 49.37
N GLY A 217 1.82 -7.98 49.67
CA GLY A 217 2.73 -7.30 50.57
C GLY A 217 3.95 -6.64 49.94
N VAL A 218 4.13 -6.76 48.63
CA VAL A 218 5.32 -6.20 47.98
C VAL A 218 5.25 -4.69 47.81
N ILE A 219 4.09 -4.08 48.08
CA ILE A 219 3.90 -2.65 47.84
C ILE A 219 4.87 -1.80 48.64
N SER A 220 5.46 -2.34 49.70
CA SER A 220 6.39 -1.56 50.51
C SER A 220 7.76 -1.41 49.85
N LYS A 221 8.03 -2.11 48.75
CA LYS A 221 9.32 -2.06 48.10
C LYS A 221 9.28 -1.52 46.68
N THR A 222 8.13 -1.08 46.19
CA THR A 222 7.97 -0.70 44.80
C THR A 222 7.30 0.67 44.68
N ALA A 223 7.69 1.40 43.65
CA ALA A 223 7.03 2.64 43.26
C ALA A 223 6.21 2.39 42.00
N MET A 224 5.12 3.13 41.85
CA MET A 224 4.19 2.92 40.74
C MET A 224 3.88 4.24 40.05
N VAL A 225 3.88 4.20 38.71
CA VAL A 225 3.53 5.36 37.89
C VAL A 225 2.51 4.89 36.85
N PHE A 226 1.44 5.66 36.67
CA PHE A 226 0.37 5.30 35.75
C PHE A 226 0.12 6.43 34.77
N GLY A 227 0.17 6.11 33.47
CA GLY A 227 -0.30 7.00 32.43
C GLY A 227 -1.47 6.36 31.72
N GLN A 228 -2.66 6.89 31.91
CA GLN A 228 -3.89 6.19 31.57
C GLN A 228 -4.16 6.23 30.08
N MET A 229 -5.14 5.42 29.67
CA MET A 229 -5.58 5.40 28.28
C MET A 229 -6.37 6.64 27.90
N ASN A 230 -6.87 7.39 28.89
CA ASN A 230 -7.73 8.55 28.64
C ASN A 230 -6.98 9.87 28.77
N GLU A 231 -5.68 9.86 28.54
CA GLU A 231 -4.83 11.04 28.64
C GLU A 231 -4.39 11.48 27.25
N PRO A 232 -4.07 12.76 27.08
CA PRO A 232 -3.63 13.25 25.77
C PRO A 232 -2.34 12.56 25.34
N PRO A 233 -2.05 12.52 24.04
CA PRO A 233 -0.87 11.76 23.58
C PRO A 233 0.44 12.26 24.18
N GLY A 234 0.51 13.52 24.60
CA GLY A 234 1.71 14.01 25.25
C GLY A 234 1.95 13.38 26.60
N ALA A 235 0.89 13.07 27.34
CA ALA A 235 1.05 12.49 28.67
C ALA A 235 1.56 11.05 28.60
N ARG A 236 0.98 10.24 27.72
CA ARG A 236 1.40 8.84 27.59
C ARG A 236 2.77 8.69 26.93
N MET A 237 3.33 9.78 26.39
CA MET A 237 4.65 9.72 25.79
C MET A 237 5.77 9.89 26.80
N ARG A 238 5.49 10.50 27.95
CA ARG A 238 6.52 10.85 28.92
C ARG A 238 6.29 10.20 30.27
N VAL A 239 5.63 9.04 30.30
CA VAL A 239 5.42 8.36 31.57
C VAL A 239 6.60 7.48 31.91
N ALA A 240 7.16 6.78 30.92
CA ALA A 240 8.31 5.91 31.18
C ALA A 240 9.50 6.70 31.68
N LEU A 241 9.63 7.96 31.27
CA LEU A 241 10.74 8.78 31.75
C LEU A 241 10.62 9.09 33.24
N THR A 242 9.38 9.16 33.76
CA THR A 242 9.21 9.41 35.19
C THR A 242 9.62 8.21 36.03
N GLY A 243 9.25 7.01 35.62
CA GLY A 243 9.75 5.82 36.30
C GLY A 243 11.25 5.68 36.16
N LEU A 244 11.79 6.00 34.98
CA LEU A 244 13.22 5.90 34.76
C LEU A 244 13.98 6.84 35.70
N THR A 245 13.51 8.09 35.84
CA THR A 245 14.20 9.01 36.72
C THR A 245 13.94 8.70 38.18
N MET A 246 12.89 7.97 38.50
CA MET A 246 12.71 7.51 39.88
C MET A 246 13.67 6.39 40.23
N ALA A 247 13.97 5.52 39.26
CA ALA A 247 14.93 4.43 39.49
C ALA A 247 16.37 4.90 39.45
N GLU A 248 16.68 5.92 38.64
CA GLU A 248 18.04 6.40 38.54
C GLU A 248 18.56 6.94 39.86
N TYR A 249 17.67 7.46 40.71
CA TYR A 249 18.10 7.95 42.02
C TYR A 249 18.68 6.82 42.85
N PHE A 250 17.98 5.70 42.92
CA PHE A 250 18.48 4.57 43.69
C PHE A 250 19.71 3.95 43.04
N ARG A 251 19.81 4.00 41.72
CA ARG A 251 21.01 3.48 41.06
C ARG A 251 22.24 4.35 41.38
N ASP A 252 22.12 5.66 41.24
CA ASP A 252 23.27 6.56 41.33
C ASP A 252 23.60 6.96 42.77
N GLU A 253 22.61 7.39 43.53
CA GLU A 253 22.88 7.93 44.86
C GLU A 253 23.25 6.83 45.86
N GLN A 254 22.58 5.68 45.78
CA GLN A 254 22.78 4.59 46.73
C GLN A 254 23.70 3.50 46.19
N GLY A 255 23.51 3.08 44.95
CA GLY A 255 24.34 2.04 44.38
C GLY A 255 23.69 0.67 44.44
N GLN A 256 22.39 0.62 44.24
CA GLN A 256 21.66 -0.64 44.29
C GLN A 256 21.50 -1.22 42.88
N ASP A 257 20.97 -2.44 42.83
CA ASP A 257 20.59 -3.09 41.59
C ASP A 257 19.07 -3.05 41.51
N VAL A 258 18.55 -2.22 40.60
CA VAL A 258 17.15 -1.83 40.58
C VAL A 258 16.45 -2.53 39.42
N LEU A 259 15.16 -2.82 39.61
CA LEU A 259 14.31 -3.40 38.59
C LEU A 259 13.31 -2.36 38.10
N LEU A 260 13.07 -2.36 36.78
CA LEU A 260 12.11 -1.44 36.17
C LEU A 260 11.21 -2.23 35.22
N PHE A 261 9.90 -2.17 35.44
CA PHE A 261 8.93 -2.87 34.62
C PHE A 261 8.20 -1.87 33.74
N ILE A 262 8.07 -2.18 32.46
CA ILE A 262 7.32 -1.37 31.51
C ILE A 262 6.17 -2.21 30.96
N ASP A 263 4.95 -1.72 31.13
CA ASP A 263 3.76 -2.55 30.92
C ASP A 263 3.47 -2.78 29.45
N ASN A 264 3.75 -1.81 28.59
CA ASN A 264 3.70 -2.06 27.15
C ASN A 264 4.54 -1.00 26.46
N ILE A 265 5.65 -1.43 25.85
CA ILE A 265 6.54 -0.51 25.15
C ILE A 265 6.02 -0.15 23.77
N PHE A 266 4.96 -0.80 23.31
CA PHE A 266 4.34 -0.47 22.03
C PHE A 266 3.51 0.80 22.12
N ARG A 267 2.82 1.00 23.23
CA ARG A 267 2.01 2.20 23.40
C ARG A 267 2.86 3.45 23.52
N PHE A 268 4.11 3.30 23.96
CA PHE A 268 5.06 4.41 23.96
C PHE A 268 5.31 4.91 22.54
N THR A 269 5.58 3.98 21.62
CA THR A 269 5.81 4.38 20.23
C THR A 269 4.53 4.89 19.57
N GLN A 270 3.38 4.30 19.90
CA GLN A 270 2.13 4.79 19.33
C GLN A 270 1.83 6.21 19.78
N ALA A 271 2.07 6.52 21.06
CA ALA A 271 1.87 7.89 21.54
C ALA A 271 2.84 8.84 20.86
N GLY A 272 4.09 8.41 20.66
CA GLY A 272 5.03 9.25 19.93
C GLY A 272 4.58 9.53 18.51
N SER A 273 4.04 8.52 17.83
CA SER A 273 3.55 8.71 16.47
C SER A 273 2.37 9.66 16.43
N GLU A 274 1.45 9.55 17.39
CA GLU A 274 0.33 10.48 17.45
C GLU A 274 0.80 11.91 17.68
N VAL A 275 1.78 12.10 18.59
CA VAL A 275 2.31 13.43 18.84
C VAL A 275 2.97 13.99 17.58
N SER A 276 3.74 13.15 16.88
CA SER A 276 4.39 13.60 15.65
C SER A 276 3.36 14.01 14.60
N ALA A 277 2.27 13.26 14.48
CA ALA A 277 1.21 13.63 13.54
C ALA A 277 0.56 14.95 13.94
N LEU A 278 0.36 15.18 15.24
CA LEU A 278 -0.25 16.43 15.69
C LEU A 278 0.61 17.63 15.36
N LEU A 279 1.93 17.47 15.34
CA LEU A 279 2.84 18.58 15.12
C LEU A 279 3.07 18.88 13.63
N GLY A 280 2.53 18.08 12.73
CA GLY A 280 2.67 18.34 11.32
C GLY A 280 4.01 17.94 10.75
N ARG A 281 4.32 16.65 10.78
CA ARG A 281 5.57 16.12 10.27
C ARG A 281 5.29 15.10 9.18
N MET A 282 6.26 14.93 8.29
CA MET A 282 6.11 13.99 7.19
C MET A 282 6.29 12.57 7.69
N PRO A 283 5.31 11.69 7.53
CA PRO A 283 5.42 10.35 8.09
C PRO A 283 6.45 9.49 7.39
N SER A 284 7.01 8.54 8.12
CA SER A 284 7.99 7.60 7.61
C SER A 284 7.29 6.33 7.12
N ALA A 285 8.05 5.26 6.93
CA ALA A 285 7.51 4.01 6.42
C ALA A 285 6.43 3.44 7.33
N VAL A 286 5.34 2.98 6.73
CA VAL A 286 4.19 2.36 7.40
C VAL A 286 3.54 3.40 8.31
N GLY A 287 3.84 4.68 8.08
CA GLY A 287 3.15 5.75 8.77
C GLY A 287 3.66 6.10 10.14
N TYR A 288 4.90 5.72 10.48
CA TYR A 288 5.46 6.02 11.79
C TYR A 288 6.17 7.38 11.77
N GLN A 289 6.56 7.82 12.96
CA GLN A 289 7.25 9.10 13.07
C GLN A 289 8.65 8.98 12.47
N PRO A 290 9.17 10.07 11.90
CA PRO A 290 10.53 10.02 11.34
C PRO A 290 11.59 9.73 12.38
N THR A 291 11.34 10.07 13.64
CA THR A 291 12.31 9.96 14.73
C THR A 291 12.03 8.77 15.64
N LEU A 292 11.59 7.65 15.07
CA LEU A 292 11.25 6.48 15.88
C LEU A 292 12.47 5.91 16.58
N ALA A 293 13.56 5.69 15.83
CA ALA A 293 14.76 5.09 16.39
C ALA A 293 15.42 6.02 17.39
N THR A 294 15.43 7.32 17.12
CA THR A 294 16.04 8.27 18.06
C THR A 294 15.31 8.28 19.40
N GLU A 295 13.98 8.28 19.35
CA GLU A 295 13.20 8.27 20.59
C GLU A 295 13.40 6.97 21.36
N MET A 296 13.37 5.83 20.66
CA MET A 296 13.61 4.56 21.33
C MET A 296 14.99 4.53 21.98
N GLY A 297 16.01 4.99 21.25
CA GLY A 297 17.36 4.98 21.79
C GLY A 297 17.53 5.92 22.96
N GLN A 298 16.88 7.07 22.91
CA GLN A 298 16.96 7.99 24.04
C GLN A 298 16.29 7.42 25.29
N LEU A 299 15.24 6.61 25.10
CA LEU A 299 14.65 5.94 26.27
C LEU A 299 15.57 4.85 26.80
N GLN A 300 16.05 3.97 25.92
CA GLN A 300 16.67 2.72 26.35
C GLN A 300 18.15 2.82 26.68
N GLU A 301 18.81 3.92 26.36
CA GLU A 301 20.24 4.03 26.64
C GLU A 301 20.53 4.50 28.06
N ARG A 302 19.52 4.94 28.80
CA ARG A 302 19.69 5.28 30.20
C ARG A 302 19.56 4.07 31.11
N ILE A 303 19.13 2.93 30.58
CA ILE A 303 19.05 1.67 31.33
C ILE A 303 20.37 0.95 31.11
N THR A 304 21.35 1.26 31.95
CA THR A 304 22.68 0.67 31.82
C THR A 304 23.16 0.20 33.19
N SER A 305 24.33 -0.42 33.20
CA SER A 305 25.01 -0.86 34.42
C SER A 305 26.31 -0.06 34.52
N THR A 306 26.33 0.94 35.39
CA THR A 306 27.51 1.76 35.59
C THR A 306 28.41 1.14 36.65
N ALA A 307 29.41 1.88 37.10
CA ALA A 307 30.33 1.39 38.12
C ALA A 307 29.74 1.40 39.52
N LYS A 308 28.60 2.04 39.74
CA LYS A 308 27.96 2.06 41.04
C LYS A 308 26.92 0.94 41.18
N GLY A 309 25.90 0.96 40.34
CA GLY A 309 24.84 -0.01 40.41
C GLY A 309 24.38 -0.46 39.04
N SER A 310 23.08 -0.67 38.87
CA SER A 310 22.54 -1.10 37.58
C SER A 310 21.04 -0.99 37.62
N ILE A 311 20.45 -0.79 36.43
CA ILE A 311 19.01 -0.86 36.23
C ILE A 311 18.74 -1.97 35.23
N THR A 312 17.87 -2.90 35.60
CA THR A 312 17.48 -4.00 34.73
C THR A 312 16.01 -3.85 34.40
N SER A 313 15.68 -3.91 33.12
CA SER A 313 14.34 -3.57 32.64
C SER A 313 13.66 -4.81 32.06
N ILE A 314 12.43 -5.05 32.51
CA ILE A 314 11.56 -6.07 31.94
C ILE A 314 10.38 -5.36 31.30
N GLN A 315 10.17 -5.62 30.01
CA GLN A 315 9.22 -4.87 29.21
C GLN A 315 8.29 -5.82 28.48
N ALA A 316 7.00 -5.50 28.47
CA ALA A 316 6.04 -6.31 27.74
C ALA A 316 5.84 -5.74 26.34
N ILE A 317 5.88 -6.62 25.34
CA ILE A 317 5.86 -6.20 23.94
C ILE A 317 4.65 -6.83 23.24
N TYR A 318 3.91 -6.00 22.50
CA TYR A 318 2.83 -6.45 21.64
C TYR A 318 3.26 -6.30 20.20
N VAL A 319 3.00 -7.32 19.39
CA VAL A 319 3.48 -7.38 18.01
C VAL A 319 2.31 -7.08 17.08
N PRO A 320 2.32 -5.96 16.35
CA PRO A 320 1.16 -5.61 15.52
C PRO A 320 0.98 -6.57 14.36
N ALA A 321 -0.26 -7.00 14.17
CA ALA A 321 -0.68 -7.83 13.02
C ALA A 321 0.08 -9.15 12.95
N ASP A 322 0.69 -9.58 14.06
CA ASP A 322 1.52 -10.79 14.09
C ASP A 322 2.62 -10.71 13.04
N ASP A 323 3.21 -9.53 12.90
CA ASP A 323 4.28 -9.27 11.95
C ASP A 323 5.52 -8.89 12.74
N TYR A 324 6.52 -9.75 12.75
CA TYR A 324 7.73 -9.50 13.50
C TYR A 324 8.70 -8.57 12.79
N THR A 325 8.47 -8.26 11.52
CA THR A 325 9.30 -7.34 10.76
C THR A 325 8.69 -5.95 10.68
N ASP A 326 7.62 -5.69 11.44
CA ASP A 326 7.04 -4.36 11.50
C ASP A 326 8.06 -3.40 12.09
N PRO A 327 8.04 -2.12 11.68
CA PRO A 327 9.07 -1.18 12.17
C PRO A 327 9.16 -1.08 13.68
N ALA A 328 8.04 -1.14 14.41
CA ALA A 328 8.11 -0.95 15.86
C ALA A 328 8.73 -2.15 16.56
N PRO A 329 8.26 -3.39 16.38
CA PRO A 329 8.98 -4.52 16.97
C PRO A 329 10.39 -4.68 16.45
N ALA A 330 10.65 -4.37 15.18
CA ALA A 330 12.00 -4.48 14.66
C ALA A 330 12.93 -3.46 15.31
N THR A 331 12.41 -2.28 15.65
CA THR A 331 13.24 -1.29 16.32
C THR A 331 13.46 -1.66 17.78
N THR A 332 12.45 -2.20 18.45
CA THR A 332 12.63 -2.56 19.86
C THR A 332 13.42 -3.84 20.05
N PHE A 333 13.48 -4.72 19.06
CA PHE A 333 14.19 -5.98 19.23
C PHE A 333 15.70 -5.82 19.16
N SER A 334 16.20 -4.69 18.68
CA SER A 334 17.64 -4.49 18.57
C SER A 334 18.25 -4.02 19.87
N HIS A 335 17.44 -3.82 20.91
CA HIS A 335 17.93 -3.48 22.24
C HIS A 335 17.83 -4.63 23.23
N LEU A 336 17.03 -5.65 22.93
CA LEU A 336 16.75 -6.71 23.89
C LEU A 336 17.94 -7.64 24.05
N ASP A 337 18.12 -8.12 25.28
CA ASP A 337 19.14 -9.11 25.60
C ASP A 337 18.58 -10.49 25.86
N ALA A 338 17.30 -10.61 26.20
CA ALA A 338 16.70 -11.91 26.44
C ALA A 338 15.20 -11.84 26.15
N THR A 339 14.58 -13.00 26.06
CA THR A 339 13.12 -13.11 25.91
C THR A 339 12.58 -14.15 26.88
N THR A 340 11.27 -14.08 27.12
CA THR A 340 10.59 -15.01 28.01
C THR A 340 9.15 -15.15 27.56
N ASN A 341 8.76 -16.35 27.16
CA ASN A 341 7.43 -16.61 26.62
C ASN A 341 6.62 -17.46 27.58
N LEU A 342 5.41 -17.01 27.89
CA LEU A 342 4.45 -17.76 28.69
C LEU A 342 3.41 -18.36 27.76
N GLU A 343 3.02 -19.61 27.99
CA GLU A 343 2.12 -20.29 27.06
C GLU A 343 1.03 -20.99 27.88
N ARG A 344 -0.16 -21.09 27.28
CA ARG A 344 -1.35 -21.56 28.00
C ARG A 344 -1.23 -23.03 28.42
N LYS A 345 -0.87 -23.91 27.48
CA LYS A 345 -0.96 -25.34 27.76
C LYS A 345 -0.03 -25.75 28.88
N LEU A 346 1.08 -25.03 29.06
CA LEU A 346 1.96 -25.32 30.18
C LEU A 346 1.29 -24.97 31.50
N ALA A 347 0.38 -24.00 31.50
CA ALA A 347 -0.42 -23.74 32.68
C ALA A 347 -1.52 -24.76 32.86
N GLU A 348 -2.07 -25.28 31.76
CA GLU A 348 -3.13 -26.28 31.85
C GLU A 348 -2.66 -27.61 32.43
N MET A 349 -1.36 -27.87 32.42
CA MET A 349 -0.80 -29.06 33.06
C MET A 349 -0.42 -28.80 34.52
N GLY A 350 -0.79 -27.66 35.07
CA GLY A 350 -0.46 -27.34 36.45
C GLY A 350 0.98 -26.98 36.71
N ILE A 351 1.70 -26.53 35.68
CA ILE A 351 3.11 -26.16 35.80
C ILE A 351 3.19 -24.65 36.03
N TYR A 352 3.86 -24.26 37.11
CA TYR A 352 4.00 -22.85 37.47
C TYR A 352 5.47 -22.58 37.78
N PRO A 353 6.07 -21.56 37.14
CA PRO A 353 5.52 -20.65 36.14
C PRO A 353 5.42 -21.29 34.76
N ALA A 354 4.53 -20.79 33.90
CA ALA A 354 4.27 -21.43 32.62
C ALA A 354 5.19 -20.89 31.52
N VAL A 355 6.48 -20.98 31.79
CA VAL A 355 7.50 -20.48 30.86
C VAL A 355 7.82 -21.56 29.85
N ASP A 356 7.80 -21.19 28.57
CA ASP A 356 8.15 -22.12 27.51
C ASP A 356 9.65 -22.40 27.54
N PRO A 357 10.08 -23.65 27.73
CA PRO A 357 11.52 -23.91 27.90
C PRO A 357 12.30 -23.96 26.60
N LEU A 358 11.63 -23.95 25.45
CA LEU A 358 12.31 -23.99 24.16
C LEU A 358 12.15 -22.70 23.37
N ALA A 359 11.04 -21.98 23.54
CA ALA A 359 10.88 -20.69 22.88
C ALA A 359 11.68 -19.59 23.56
N SER A 360 11.94 -19.71 24.87
CA SER A 360 12.70 -18.70 25.58
C SER A 360 14.18 -18.77 25.19
N THR A 361 14.76 -17.61 24.90
CA THR A 361 16.17 -17.53 24.49
C THR A 361 16.87 -16.49 25.35
N SER A 362 18.19 -16.43 25.17
CA SER A 362 19.03 -15.44 25.84
C SER A 362 20.41 -15.47 25.20
N ARG A 363 21.06 -14.32 25.15
CA ARG A 363 22.41 -14.22 24.63
C ARG A 363 23.46 -14.44 25.70
N ALA A 364 23.05 -14.65 26.95
CA ALA A 364 23.98 -14.96 28.02
C ALA A 364 24.27 -16.45 28.17
N LEU A 365 23.58 -17.30 27.39
CA LEU A 365 23.84 -18.74 27.42
C LEU A 365 24.99 -19.05 26.46
N ALA A 366 26.18 -18.63 26.88
CA ALA A 366 27.42 -18.88 26.17
C ALA A 366 28.46 -19.39 27.16
N PRO A 367 29.36 -20.28 26.73
CA PRO A 367 30.29 -20.88 27.68
C PRO A 367 31.24 -19.90 28.35
N GLU A 368 31.46 -18.72 27.77
CA GLU A 368 32.39 -17.77 28.35
C GLU A 368 31.75 -16.89 29.42
N ILE A 369 30.44 -17.00 29.63
CA ILE A 369 29.73 -16.21 30.64
C ILE A 369 29.27 -17.07 31.80
N VAL A 370 28.70 -18.24 31.51
CA VAL A 370 28.15 -19.10 32.55
C VAL A 370 29.04 -20.30 32.85
N GLY A 371 30.24 -20.34 32.27
CA GLY A 371 31.10 -21.49 32.45
C GLY A 371 30.78 -22.61 31.48
N GLU A 372 31.38 -23.76 31.73
CA GLU A 372 31.23 -24.91 30.85
C GLU A 372 30.25 -25.96 31.36
N GLU A 373 30.12 -26.13 32.67
CA GLU A 373 29.17 -27.09 33.21
C GLU A 373 27.73 -26.63 32.99
N HIS A 374 27.45 -25.36 33.33
CA HIS A 374 26.12 -24.79 33.15
C HIS A 374 25.67 -24.89 31.70
N TYR A 375 26.57 -24.53 30.77
CA TYR A 375 26.23 -24.55 29.36
C TYR A 375 25.87 -25.96 28.90
N GLN A 376 26.70 -26.94 29.24
CA GLN A 376 26.47 -28.31 28.81
C GLN A 376 25.17 -28.87 29.38
N VAL A 377 24.91 -28.61 30.67
CA VAL A 377 23.67 -29.09 31.27
C VAL A 377 22.47 -28.48 30.58
N ALA A 378 22.52 -27.18 30.29
CA ALA A 378 21.39 -26.52 29.63
C ALA A 378 21.14 -27.10 28.25
N ARG A 379 22.21 -27.28 27.46
CA ARG A 379 22.01 -27.86 26.13
C ARG A 379 21.46 -29.27 26.19
N LYS A 380 21.96 -30.10 27.12
CA LYS A 380 21.45 -31.46 27.22
C LYS A 380 19.98 -31.47 27.59
N VAL A 381 19.57 -30.61 28.52
CA VAL A 381 18.15 -30.53 28.88
C VAL A 381 17.32 -30.13 27.66
N GLN A 382 17.81 -29.15 26.89
CA GLN A 382 17.06 -28.70 25.71
C GLN A 382 16.92 -29.81 24.68
N GLN A 383 18.00 -30.55 24.41
CA GLN A 383 17.92 -31.64 23.44
C GLN A 383 16.94 -32.72 23.90
N THR A 384 16.99 -33.09 25.19
CA THR A 384 16.07 -34.10 25.69
C THR A 384 14.62 -33.64 25.54
N LEU A 385 14.34 -32.39 25.88
CA LEU A 385 12.97 -31.89 25.76
C LEU A 385 12.53 -31.83 24.30
N GLN A 386 13.44 -31.47 23.39
CA GLN A 386 13.10 -31.46 21.97
C GLN A 386 12.75 -32.86 21.48
N ARG A 387 13.53 -33.87 21.89
CA ARG A 387 13.23 -35.24 21.50
C ARG A 387 11.87 -35.68 22.03
N TYR A 388 11.58 -35.37 23.29
CA TYR A 388 10.30 -35.75 23.86
C TYR A 388 9.15 -35.06 23.11
N LYS A 389 9.35 -33.80 22.73
CA LYS A 389 8.33 -33.12 21.94
C LYS A 389 8.13 -33.82 20.59
N GLU A 390 9.22 -34.28 19.97
CA GLU A 390 9.10 -34.98 18.70
C GLU A 390 8.31 -36.28 18.85
N LEU A 391 8.53 -37.01 19.93
CA LEU A 391 7.94 -38.35 20.07
C LEU A 391 6.44 -38.34 20.39
N GLN A 392 5.81 -37.16 20.46
CA GLN A 392 4.41 -37.11 20.90
C GLN A 392 3.48 -37.81 19.92
N ASP A 393 3.72 -37.63 18.61
CA ASP A 393 2.84 -38.25 17.62
C ASP A 393 2.89 -39.77 17.72
N ILE A 394 4.09 -40.33 17.88
CA ILE A 394 4.22 -41.78 18.03
C ILE A 394 3.56 -42.24 19.33
N ILE A 395 3.80 -41.50 20.42
CA ILE A 395 3.28 -41.95 21.72
C ILE A 395 1.75 -41.95 21.72
N ALA A 396 1.14 -40.90 21.20
CA ALA A 396 -0.32 -40.82 21.16
C ALA A 396 -0.84 -40.95 19.73
N GLU A 402 6.93 -48.48 23.77
CA GLU A 402 7.27 -49.69 23.05
C GLU A 402 7.70 -49.38 21.62
N LEU A 403 7.92 -48.09 21.35
CA LEU A 403 8.27 -47.67 20.00
C LEU A 403 9.71 -48.03 19.65
N SER A 404 10.64 -47.84 20.58
CA SER A 404 12.04 -48.09 20.31
C SER A 404 12.76 -48.42 21.62
N ASP A 405 14.09 -48.48 21.56
CA ASP A 405 14.88 -48.87 22.72
C ASP A 405 15.13 -47.69 23.65
N GLU A 406 15.82 -46.67 23.15
CA GLU A 406 16.23 -45.54 23.98
C GLU A 406 15.12 -44.51 24.17
N ASP A 407 14.06 -44.56 23.36
CA ASP A 407 13.01 -43.57 23.48
C ASP A 407 12.24 -43.70 24.80
N LYS A 408 12.09 -44.92 25.31
CA LYS A 408 11.44 -45.11 26.60
C LYS A 408 12.22 -44.42 27.71
N LEU A 409 13.54 -44.60 27.73
CA LEU A 409 14.37 -43.93 28.72
C LEU A 409 14.35 -42.42 28.52
N VAL A 410 14.32 -41.97 27.26
CA VAL A 410 14.22 -40.54 26.98
C VAL A 410 12.96 -39.97 27.59
N VAL A 411 11.82 -40.62 27.37
CA VAL A 411 10.54 -40.13 27.90
C VAL A 411 10.54 -40.19 29.42
N HIS A 412 11.11 -41.25 29.98
CA HIS A 412 11.18 -41.41 31.43
C HIS A 412 11.95 -40.27 32.08
N ARG A 413 13.07 -39.87 31.46
CA ARG A 413 13.85 -38.76 32.00
C ARG A 413 13.18 -37.42 31.72
N ALA A 414 12.53 -37.29 30.56
CA ALA A 414 11.98 -36.00 30.15
C ALA A 414 10.77 -35.62 30.98
N ARG A 415 9.94 -36.58 31.38
CA ARG A 415 8.81 -36.24 32.25
C ARG A 415 9.31 -35.63 33.56
N ARG A 416 10.31 -36.25 34.18
CA ARG A 416 10.87 -35.72 35.42
C ARG A 416 11.50 -34.35 35.19
N ILE A 417 12.24 -34.18 34.10
CA ILE A 417 12.90 -32.90 33.84
C ILE A 417 11.86 -31.80 33.66
N GLN A 418 10.80 -32.08 32.88
CA GLN A 418 9.77 -31.09 32.64
C GLN A 418 9.02 -30.75 33.92
N PHE A 419 8.81 -31.72 34.80
CA PHE A 419 8.11 -31.42 36.04
C PHE A 419 8.98 -30.68 37.05
N PHE A 420 10.30 -30.90 37.01
CA PHE A 420 11.18 -30.27 37.99
C PHE A 420 11.37 -28.78 37.72
N LEU A 421 10.99 -28.29 36.54
CA LEU A 421 11.14 -26.87 36.25
C LEU A 421 10.12 -26.01 36.99
N SER A 422 9.05 -26.60 37.51
CA SER A 422 8.08 -25.86 38.30
C SER A 422 8.63 -25.54 39.67
N GLN A 423 8.01 -24.57 40.35
CA GLN A 423 8.53 -24.09 41.61
C GLN A 423 7.39 -23.51 42.44
N ASN A 424 7.61 -23.47 43.76
CA ASN A 424 6.69 -22.86 44.70
C ASN A 424 7.18 -21.46 45.03
N PHE A 425 6.29 -20.47 44.92
CA PHE A 425 6.65 -19.08 45.05
C PHE A 425 6.16 -18.51 46.38
N HIS A 426 6.88 -17.50 46.87
CA HIS A 426 6.49 -16.86 48.12
C HIS A 426 5.18 -16.09 48.00
N VAL A 427 4.73 -15.78 46.78
CA VAL A 427 3.49 -15.03 46.61
C VAL A 427 2.28 -15.93 46.40
N ALA A 428 2.49 -17.22 46.13
CA ALA A 428 1.41 -18.18 46.06
C ALA A 428 1.15 -18.85 47.39
N GLU A 429 1.92 -18.51 48.42
CA GLU A 429 1.74 -19.10 49.73
C GLU A 429 0.37 -18.75 50.30
N GLN A 430 -0.05 -17.49 50.16
CA GLN A 430 -1.32 -17.04 50.71
C GLN A 430 -2.51 -17.79 50.12
N PHE A 431 -2.32 -18.45 48.98
CA PHE A 431 -3.40 -19.23 48.37
C PHE A 431 -3.21 -20.73 48.52
N THR A 432 -1.98 -21.20 48.71
CA THR A 432 -1.72 -22.64 48.78
C THR A 432 -1.38 -23.12 50.19
N GLY A 433 -0.41 -22.50 50.85
CA GLY A 433 0.04 -22.98 52.14
C GLY A 433 1.53 -23.20 52.23
N GLN A 434 2.16 -23.56 51.11
CA GLN A 434 3.57 -23.89 51.13
C GLN A 434 4.43 -22.63 51.29
N PRO A 435 5.54 -22.71 52.03
CA PRO A 435 6.34 -21.51 52.29
C PRO A 435 6.95 -20.86 51.05
N GLY A 436 7.32 -21.62 50.03
CA GLY A 436 7.99 -21.00 48.91
C GLY A 436 9.50 -20.89 49.12
N SER A 437 10.25 -21.06 48.04
CA SER A 437 11.69 -21.24 48.12
C SER A 437 12.42 -20.32 47.16
N TYR A 438 13.74 -20.32 47.29
CA TYR A 438 14.65 -19.52 46.45
C TYR A 438 15.86 -20.39 46.17
N VAL A 439 16.02 -20.81 44.93
CA VAL A 439 16.99 -21.85 44.55
C VAL A 439 18.18 -21.19 43.87
N PRO A 440 19.39 -21.32 44.40
CA PRO A 440 20.57 -20.79 43.71
C PRO A 440 20.90 -21.54 42.43
N VAL A 441 21.70 -20.87 41.59
CA VAL A 441 21.99 -21.38 40.26
C VAL A 441 22.85 -22.63 40.33
N LYS A 442 23.83 -22.67 41.25
CA LYS A 442 24.65 -23.86 41.39
C LYS A 442 23.80 -25.05 41.80
N GLU A 443 22.87 -24.85 42.73
CA GLU A 443 22.02 -25.95 43.18
C GLU A 443 21.13 -26.46 42.05
N THR A 444 20.52 -25.55 41.29
CA THR A 444 19.64 -26.04 40.22
C THR A 444 20.44 -26.75 39.13
N VAL A 445 21.64 -26.25 38.81
CA VAL A 445 22.47 -26.92 37.81
C VAL A 445 22.86 -28.32 38.28
N ARG A 446 23.25 -28.44 39.55
CA ARG A 446 23.62 -29.76 40.08
C ARG A 446 22.43 -30.72 40.07
N GLY A 447 21.26 -30.23 40.47
CA GLY A 447 20.08 -31.09 40.44
C GLY A 447 19.75 -31.58 39.05
N PHE A 448 19.83 -30.68 38.06
CA PHE A 448 19.51 -31.09 36.69
C PHE A 448 20.56 -32.06 36.15
N LYS A 449 21.83 -31.85 36.49
CA LYS A 449 22.86 -32.79 36.06
C LYS A 449 22.62 -34.17 36.64
N GLU A 450 22.26 -34.24 37.93
CA GLU A 450 21.99 -35.54 38.56
C GLU A 450 20.77 -36.21 37.94
N ILE A 451 19.71 -35.45 37.67
CA ILE A 451 18.54 -36.03 37.00
C ILE A 451 18.93 -36.56 35.63
N LEU A 452 19.79 -35.84 34.92
CA LEU A 452 20.23 -36.30 33.60
C LEU A 452 21.03 -37.59 33.70
N GLU A 453 21.92 -37.68 34.68
CA GLU A 453 22.68 -38.91 34.87
C GLU A 453 21.80 -40.08 35.33
N GLY A 454 20.65 -39.79 35.93
CA GLY A 454 19.73 -40.82 36.33
C GLY A 454 19.81 -41.26 37.77
N LYS A 455 20.53 -40.52 38.61
CA LYS A 455 20.68 -40.87 40.02
C LYS A 455 19.34 -40.92 40.74
N TYR A 456 18.30 -40.28 40.22
CA TYR A 456 16.99 -40.29 40.86
C TYR A 456 15.93 -40.86 39.92
N ASP A 457 16.24 -41.97 39.26
CA ASP A 457 15.32 -42.59 38.33
C ASP A 457 14.30 -43.50 39.00
N HIS A 458 14.40 -43.71 40.32
CA HIS A 458 13.56 -44.65 41.03
C HIS A 458 12.54 -43.96 41.94
N LEU A 459 11.98 -42.85 41.47
CA LEU A 459 10.99 -42.10 42.24
C LEU A 459 9.77 -41.81 41.38
N PRO A 460 8.60 -41.68 41.98
CA PRO A 460 7.40 -41.35 41.21
C PRO A 460 7.50 -39.95 40.59
N GLU A 461 6.86 -39.78 39.44
CA GLU A 461 6.97 -38.53 38.71
C GLU A 461 6.25 -37.38 39.41
N ASP A 462 5.24 -37.66 40.23
CA ASP A 462 4.52 -36.58 40.89
C ASP A 462 5.32 -35.95 42.01
N ALA A 463 6.34 -36.64 42.53
CA ALA A 463 7.17 -36.04 43.56
C ALA A 463 7.89 -34.81 43.04
N PHE A 464 8.15 -34.74 41.75
CA PHE A 464 8.87 -33.63 41.14
C PHE A 464 7.94 -32.48 40.81
N ARG A 465 7.16 -32.01 41.78
CA ARG A 465 6.15 -30.99 41.51
C ARG A 465 6.17 -29.94 42.61
N LEU A 466 6.47 -28.69 42.22
CA LEU A 466 6.40 -27.54 43.12
C LEU A 466 7.27 -27.73 44.36
N VAL A 467 8.57 -27.85 44.12
CA VAL A 467 9.56 -27.98 45.19
C VAL A 467 10.75 -27.09 44.86
N GLY A 468 11.67 -26.99 45.82
CA GLY A 468 12.84 -26.15 45.66
C GLY A 468 14.04 -26.91 45.17
N ARG A 469 14.97 -27.23 46.08
CA ARG A 469 16.16 -27.97 45.71
C ARG A 469 15.83 -29.43 45.44
N ILE A 470 16.86 -30.23 45.14
CA ILE A 470 16.67 -31.64 44.82
C ILE A 470 16.46 -32.50 46.05
N GLU A 471 16.73 -31.98 47.24
CA GLU A 471 16.45 -32.74 48.46
C GLU A 471 14.96 -32.78 48.78
N GLU A 472 14.22 -31.74 48.41
CA GLU A 472 12.81 -31.69 48.74
C GLU A 472 12.02 -32.73 47.96
N VAL A 473 12.43 -33.05 46.73
CA VAL A 473 11.72 -34.07 45.97
C VAL A 473 11.96 -35.45 46.60
N VAL A 474 13.18 -35.69 47.11
CA VAL A 474 13.46 -36.94 47.81
C VAL A 474 12.61 -37.04 49.06
N GLU A 475 12.52 -35.95 49.83
CA GLU A 475 11.69 -35.95 51.03
C GLU A 475 10.21 -36.17 50.70
N LYS A 476 9.72 -35.55 49.63
CA LYS A 476 8.35 -35.75 49.21
C LYS A 476 8.09 -37.20 48.84
N ALA A 477 9.02 -37.81 48.10
CA ALA A 477 8.87 -39.22 47.75
C ALA A 477 8.89 -40.10 48.99
N LYS A 478 9.78 -39.81 49.93
CA LYS A 478 9.86 -40.61 51.15
C LYS A 478 8.57 -40.52 51.95
N ALA A 479 8.00 -39.32 52.06
CA ALA A 479 6.77 -39.13 52.82
C ALA A 479 5.53 -39.59 52.06
N MET A 480 5.64 -39.79 50.74
CA MET A 480 4.50 -40.25 49.96
C MET A 480 4.52 -41.77 49.80
N MET B 12 30.76 42.14 -21.38
CA MET B 12 30.74 42.85 -20.12
C MET B 12 29.40 42.66 -19.40
N THR B 13 28.85 41.45 -19.50
CA THR B 13 27.62 41.08 -18.83
C THR B 13 27.92 40.02 -17.78
N ARG B 14 27.54 40.30 -16.53
CA ARG B 14 27.90 39.46 -15.41
C ARG B 14 26.66 39.09 -14.62
N GLY B 15 26.70 37.92 -13.98
CA GLY B 15 25.68 37.50 -13.05
C GLY B 15 26.16 37.55 -11.62
N ARG B 16 25.33 37.02 -10.73
CA ARG B 16 25.69 36.89 -9.32
C ARG B 16 24.99 35.69 -8.73
N VAL B 17 25.68 34.99 -7.83
CA VAL B 17 25.08 33.86 -7.13
C VAL B 17 24.14 34.40 -6.07
N ILE B 18 22.93 33.84 -6.02
CA ILE B 18 21.89 34.29 -5.10
C ILE B 18 21.54 33.22 -4.08
N GLN B 19 21.43 31.97 -4.51
CA GLN B 19 21.16 30.85 -3.61
C GLN B 19 22.01 29.66 -4.01
N VAL B 20 22.36 28.84 -3.01
CA VAL B 20 23.04 27.57 -3.24
C VAL B 20 22.32 26.53 -2.39
N MET B 21 21.67 25.57 -3.04
CA MET B 21 20.95 24.50 -2.34
C MET B 21 21.38 23.17 -2.93
N GLY B 22 22.51 22.65 -2.45
CA GLY B 22 23.05 21.41 -2.96
C GLY B 22 23.56 21.54 -4.38
N PRO B 23 23.09 20.67 -5.27
CA PRO B 23 23.53 20.70 -6.67
C PRO B 23 22.90 21.78 -7.53
N VAL B 24 22.08 22.66 -6.96
CA VAL B 24 21.29 23.62 -7.72
C VAL B 24 21.69 25.02 -7.29
N VAL B 25 21.93 25.90 -8.26
CA VAL B 25 22.35 27.27 -7.99
C VAL B 25 21.37 28.23 -8.67
N ASP B 26 21.30 29.44 -8.15
CA ASP B 26 20.47 30.51 -8.71
C ASP B 26 21.34 31.70 -9.05
N VAL B 27 21.18 32.25 -10.24
CA VAL B 27 22.01 33.35 -10.70
C VAL B 27 21.12 34.50 -11.15
N LYS B 28 21.49 35.71 -10.76
CA LYS B 28 20.77 36.92 -11.14
C LYS B 28 21.60 37.72 -12.13
N PHE B 29 20.98 38.11 -13.24
CA PHE B 29 21.60 38.83 -14.34
C PHE B 29 21.02 40.24 -14.44
N GLU B 30 21.58 41.02 -15.36
CA GLU B 30 21.05 42.34 -15.66
C GLU B 30 19.78 42.23 -16.50
N ASN B 31 19.05 43.33 -16.58
CA ASN B 31 17.78 43.32 -17.31
C ASN B 31 18.01 43.12 -18.79
N GLY B 32 17.24 42.20 -19.38
CA GLY B 32 17.34 41.94 -20.81
C GLY B 32 18.68 41.37 -21.24
N HIS B 33 19.30 40.54 -20.41
CA HIS B 33 20.56 39.90 -20.75
C HIS B 33 20.61 38.46 -20.28
N LEU B 34 19.45 37.83 -20.13
CA LEU B 34 19.39 36.48 -19.59
C LEU B 34 19.92 35.47 -20.61
N PRO B 35 20.56 34.40 -20.13
CA PRO B 35 20.97 33.34 -21.04
C PRO B 35 19.80 32.45 -21.42
N ALA B 36 19.92 31.83 -22.59
CA ALA B 36 18.92 30.87 -23.02
C ALA B 36 19.01 29.59 -22.20
N ILE B 37 17.95 28.79 -22.27
CA ILE B 37 17.95 27.50 -21.60
C ILE B 37 18.97 26.59 -22.25
N TYR B 38 19.64 25.78 -21.43
CA TYR B 38 20.69 24.83 -21.77
C TYR B 38 22.06 25.47 -21.96
N ASN B 39 22.19 26.79 -21.82
CA ASN B 39 23.49 27.42 -21.93
C ASN B 39 24.40 26.99 -20.79
N ALA B 40 25.70 27.27 -20.96
CA ALA B 40 26.71 26.91 -19.98
C ALA B 40 27.34 28.16 -19.39
N LEU B 41 27.47 28.20 -18.07
CA LEU B 41 28.03 29.33 -17.34
C LEU B 41 29.25 28.88 -16.55
N LYS B 42 30.18 29.81 -16.33
CA LYS B 42 31.46 29.50 -15.69
C LYS B 42 31.68 30.36 -14.46
N ILE B 43 32.17 29.74 -13.40
CA ILE B 43 32.62 30.45 -12.20
C ILE B 43 34.10 30.15 -12.00
N GLN B 44 34.90 31.21 -11.89
CA GLN B 44 36.34 31.10 -11.66
C GLN B 44 36.72 32.10 -10.58
N HIS B 45 37.10 31.61 -9.41
CA HIS B 45 37.32 32.46 -8.24
C HIS B 45 38.64 32.08 -7.57
N LYS B 46 39.43 33.09 -7.23
CA LYS B 46 40.68 32.91 -6.51
C LYS B 46 40.53 33.49 -5.12
N ALA B 47 41.01 32.75 -4.12
CA ALA B 47 40.79 33.10 -2.72
C ALA B 47 41.34 34.49 -2.40
N ARG B 48 40.54 35.28 -1.69
CA ARG B 48 40.96 36.62 -1.27
C ARG B 48 41.65 36.63 0.09
N ASN B 49 41.27 35.72 0.99
CA ASN B 49 41.88 35.64 2.31
C ASN B 49 41.90 34.19 2.75
N GLU B 50 42.13 33.97 4.04
CA GLU B 50 42.26 32.62 4.57
C GLU B 50 40.92 31.93 4.80
N ASN B 51 39.81 32.66 4.71
CA ASN B 51 38.48 32.10 4.87
C ASN B 51 37.80 31.80 3.54
N GLU B 52 38.57 31.55 2.50
CA GLU B 52 38.03 31.29 1.17
C GLU B 52 38.87 30.21 0.49
N VAL B 53 38.26 29.56 -0.50
CA VAL B 53 38.96 28.55 -1.29
C VAL B 53 38.91 28.96 -2.76
N ASP B 54 39.51 28.15 -3.63
CA ASP B 54 39.54 28.41 -5.06
C ASP B 54 38.44 27.63 -5.75
N ILE B 55 37.78 28.27 -6.71
CA ILE B 55 36.59 27.73 -7.36
C ILE B 55 36.80 27.71 -8.86
N ASP B 56 36.49 26.58 -9.50
CA ASP B 56 36.49 26.46 -10.96
C ASP B 56 35.35 25.52 -11.33
N LEU B 57 34.20 26.09 -11.73
CA LEU B 57 32.97 25.34 -11.85
C LEU B 57 32.22 25.74 -13.11
N THR B 58 31.40 24.81 -13.62
CA THR B 58 30.51 25.08 -14.74
C THR B 58 29.09 24.68 -14.37
N LEU B 59 28.12 25.43 -14.90
CA LEU B 59 26.72 25.28 -14.57
C LEU B 59 25.90 25.26 -15.86
N GLU B 60 24.76 24.58 -15.84
CA GLU B 60 23.88 24.48 -17.00
C GLU B 60 22.51 25.04 -16.66
N VAL B 61 22.04 25.99 -17.48
CA VAL B 61 20.78 26.68 -17.20
C VAL B 61 19.62 25.70 -17.34
N ALA B 62 18.67 25.76 -16.41
CA ALA B 62 17.51 24.87 -16.41
C ALA B 62 16.19 25.60 -16.45
N LEU B 63 16.02 26.69 -15.70
CA LEU B 63 14.73 27.37 -15.65
C LEU B 63 14.90 28.88 -15.61
N HIS B 64 13.90 29.58 -16.11
CA HIS B 64 13.71 31.01 -15.87
C HIS B 64 12.61 31.18 -14.83
N LEU B 65 12.91 31.90 -13.76
CA LEU B 65 11.99 32.03 -12.64
C LEU B 65 11.36 33.42 -12.53
N GLY B 66 11.71 34.34 -13.40
CA GLY B 66 11.22 35.70 -13.29
C GLY B 66 12.14 36.56 -12.42
N ASP B 67 12.05 37.86 -12.65
CA ASP B 67 12.86 38.86 -11.94
C ASP B 67 14.35 38.68 -12.25
N ASP B 68 14.65 38.44 -13.53
CA ASP B 68 16.02 38.38 -14.04
C ASP B 68 16.84 37.28 -13.37
N THR B 69 16.19 36.22 -12.90
CA THR B 69 16.86 35.14 -12.19
C THR B 69 16.70 33.84 -12.97
N VAL B 70 17.77 33.06 -13.04
CA VAL B 70 17.75 31.75 -13.67
C VAL B 70 18.19 30.72 -12.64
N ARG B 71 17.69 29.50 -12.80
CA ARG B 71 18.04 28.38 -11.96
C ARG B 71 18.80 27.35 -12.77
N THR B 72 19.99 26.97 -12.28
CA THR B 72 20.95 26.17 -13.02
C THR B 72 21.37 24.95 -12.18
N ILE B 73 21.92 23.96 -12.88
CA ILE B 73 22.38 22.72 -12.28
C ILE B 73 23.91 22.68 -12.37
N ALA B 74 24.56 22.26 -11.28
CA ALA B 74 26.01 22.23 -11.22
C ALA B 74 26.55 20.90 -11.74
N MET B 75 27.69 20.97 -12.43
CA MET B 75 28.34 19.80 -13.00
C MET B 75 29.35 19.17 -12.06
N ALA B 76 29.70 19.83 -10.96
CA ALA B 76 30.65 19.31 -9.98
C ALA B 76 30.19 19.76 -8.59
N SER B 77 31.05 19.61 -7.60
CA SER B 77 30.68 19.91 -6.23
C SER B 77 30.64 21.41 -5.99
N THR B 78 29.65 21.85 -5.21
CA THR B 78 29.40 23.26 -4.95
C THR B 78 29.96 23.73 -3.61
N ASP B 79 30.73 22.89 -2.92
CA ASP B 79 31.31 23.29 -1.65
C ASP B 79 32.32 24.42 -1.86
N GLY B 80 32.21 25.47 -1.07
CA GLY B 80 33.04 26.64 -1.21
C GLY B 80 32.37 27.82 -1.88
N LEU B 81 31.18 27.65 -2.44
CA LEU B 81 30.48 28.75 -3.09
C LEU B 81 30.03 29.77 -2.07
N ILE B 82 30.07 31.05 -2.46
CA ILE B 82 29.70 32.16 -1.59
C ILE B 82 28.66 33.00 -2.32
N ARG B 83 27.62 33.42 -1.58
CA ARG B 83 26.56 34.24 -2.16
C ARG B 83 27.14 35.59 -2.56
N GLY B 84 27.29 35.81 -3.87
CA GLY B 84 27.80 37.08 -4.36
C GLY B 84 28.86 36.95 -5.43
N MET B 85 29.40 35.74 -5.61
CA MET B 85 30.43 35.54 -6.63
C MET B 85 29.82 35.68 -8.02
N GLU B 86 30.62 36.22 -8.94
CA GLU B 86 30.13 36.57 -10.26
C GLU B 86 30.28 35.43 -11.25
N VAL B 87 29.39 35.39 -12.23
CA VAL B 87 29.28 34.30 -13.19
C VAL B 87 29.40 34.87 -14.59
N ILE B 88 29.82 34.02 -15.53
CA ILE B 88 30.08 34.40 -16.91
C ILE B 88 29.24 33.51 -17.82
N ASP B 89 28.59 34.11 -18.81
CA ASP B 89 27.79 33.37 -19.78
C ASP B 89 28.64 33.08 -21.01
N THR B 90 28.75 31.79 -21.37
CA THR B 90 29.54 31.40 -22.52
C THR B 90 28.86 31.71 -23.84
N GLY B 91 27.52 31.62 -23.89
CA GLY B 91 26.78 31.89 -25.09
C GLY B 91 26.36 30.69 -25.90
N ALA B 92 26.59 29.48 -25.40
CA ALA B 92 26.26 28.26 -26.12
C ALA B 92 26.20 27.11 -25.12
N PRO B 93 25.57 25.99 -25.47
CA PRO B 93 25.57 24.84 -24.56
C PRO B 93 26.95 24.22 -24.41
N ILE B 94 27.04 23.11 -23.68
CA ILE B 94 28.33 22.44 -23.52
C ILE B 94 28.78 21.91 -24.86
N SER B 95 29.99 22.28 -25.26
CA SER B 95 30.56 21.90 -26.55
C SER B 95 31.68 20.88 -26.35
N VAL B 96 31.73 19.89 -27.23
CA VAL B 96 32.58 18.72 -27.04
C VAL B 96 33.40 18.49 -28.31
N PRO B 97 34.66 18.08 -28.21
CA PRO B 97 35.45 17.84 -29.43
C PRO B 97 35.01 16.56 -30.12
N VAL B 98 34.93 16.63 -31.45
CA VAL B 98 34.50 15.52 -32.28
C VAL B 98 35.47 15.37 -33.44
N GLY B 99 35.48 14.17 -34.02
CA GLY B 99 36.30 13.91 -35.18
C GLY B 99 37.20 12.70 -35.05
N GLU B 100 38.36 12.74 -35.71
CA GLU B 100 39.36 11.69 -35.56
C GLU B 100 40.26 11.90 -34.36
N VAL B 101 40.21 13.08 -33.73
CA VAL B 101 41.05 13.35 -32.57
C VAL B 101 40.57 12.67 -31.31
N THR B 102 39.38 12.08 -31.34
CA THR B 102 38.80 11.43 -30.16
C THR B 102 38.91 9.91 -30.21
N LEU B 103 39.53 9.34 -31.23
CA LEU B 103 39.62 7.90 -31.36
C LEU B 103 40.81 7.39 -30.58
N GLY B 104 40.57 6.50 -29.63
CA GLY B 104 41.61 6.01 -28.75
C GLY B 104 41.85 6.86 -27.53
N ARG B 105 40.85 7.58 -27.04
CA ARG B 105 40.99 8.44 -25.89
C ARG B 105 39.84 8.24 -24.92
N VAL B 106 40.05 8.70 -23.69
CA VAL B 106 39.08 8.63 -22.61
C VAL B 106 38.75 10.05 -22.17
N PHE B 107 37.46 10.32 -21.95
CA PHE B 107 36.96 11.67 -21.81
C PHE B 107 36.07 11.82 -20.59
N ASN B 108 35.94 13.08 -20.18
CA ASN B 108 35.09 13.56 -19.10
C ASN B 108 33.71 13.93 -19.64
N VAL B 109 32.86 14.45 -18.77
CA VAL B 109 31.55 14.95 -19.21
C VAL B 109 31.71 16.23 -20.03
N LEU B 110 32.68 17.06 -19.69
CA LEU B 110 32.90 18.32 -20.39
C LEU B 110 33.78 18.16 -21.62
N GLY B 111 34.27 16.95 -21.90
CA GLY B 111 35.10 16.72 -23.05
C GLY B 111 36.58 16.91 -22.83
N GLU B 112 37.04 16.93 -21.59
CA GLU B 112 38.45 17.05 -21.28
C GLU B 112 39.06 15.68 -21.08
N PRO B 113 40.16 15.34 -21.75
CA PRO B 113 40.76 14.02 -21.58
C PRO B 113 41.25 13.80 -20.15
N ILE B 114 41.14 12.56 -19.70
CA ILE B 114 41.52 12.20 -18.34
C ILE B 114 42.50 11.04 -18.34
N ASP B 115 43.20 10.84 -19.46
CA ASP B 115 44.17 9.77 -19.59
C ASP B 115 45.61 10.27 -19.60
N LEU B 116 45.83 11.54 -19.24
CA LEU B 116 47.15 12.16 -19.10
C LEU B 116 48.08 11.82 -20.26
N GLU B 117 47.60 12.03 -21.49
CA GLU B 117 48.39 11.86 -22.69
C GLU B 117 48.54 13.14 -23.49
N GLY B 118 48.06 14.26 -22.97
CA GLY B 118 48.17 15.53 -23.63
C GLY B 118 46.85 16.28 -23.62
N ASP B 119 46.88 17.47 -24.21
CA ASP B 119 45.72 18.36 -24.26
C ASP B 119 45.27 18.52 -25.71
N ILE B 120 43.97 18.41 -25.93
CA ILE B 120 43.42 18.60 -27.27
C ILE B 120 43.51 20.08 -27.65
N PRO B 121 43.94 20.41 -28.86
CA PRO B 121 44.11 21.82 -29.22
C PRO B 121 42.79 22.59 -29.17
N ALA B 122 42.89 23.88 -28.86
CA ALA B 122 41.72 24.72 -28.70
C ALA B 122 41.06 25.10 -30.02
N ASP B 123 41.71 24.83 -31.15
CA ASP B 123 41.16 25.17 -32.46
C ASP B 123 40.44 24.01 -33.13
N ALA B 124 40.32 22.87 -32.46
CA ALA B 124 39.58 21.75 -33.02
C ALA B 124 38.09 22.06 -33.06
N ARG B 125 37.39 21.43 -34.00
CA ARG B 125 35.96 21.63 -34.13
C ARG B 125 35.23 21.00 -32.95
N ARG B 126 34.22 21.71 -32.44
CA ARG B 126 33.46 21.27 -31.29
C ARG B 126 31.97 21.39 -31.57
N ASP B 127 31.20 20.46 -31.00
CA ASP B 127 29.78 20.36 -31.27
C ASP B 127 28.96 20.51 -30.00
N PRO B 128 27.79 21.15 -30.06
CA PRO B 128 26.95 21.28 -28.87
C PRO B 128 26.30 19.96 -28.47
N ILE B 129 26.02 19.84 -27.17
CA ILE B 129 25.52 18.59 -26.62
C ILE B 129 24.04 18.40 -26.94
N HIS B 130 23.29 19.49 -27.02
CA HIS B 130 21.83 19.43 -27.18
C HIS B 130 21.44 19.75 -28.61
N ARG B 131 20.59 18.92 -29.19
CA ARG B 131 20.13 19.10 -30.56
C ARG B 131 18.84 18.31 -30.72
N PRO B 132 18.01 18.66 -31.71
CA PRO B 132 16.78 17.91 -31.95
C PRO B 132 17.03 16.60 -32.70
N ALA B 133 16.01 15.75 -32.67
CA ALA B 133 16.08 14.42 -33.27
C ALA B 133 15.88 14.48 -34.78
N PRO B 134 16.31 13.43 -35.49
CA PRO B 134 16.03 13.37 -36.93
C PRO B 134 14.54 13.26 -37.22
N LYS B 135 14.12 13.79 -38.35
CA LYS B 135 12.72 13.91 -38.70
C LYS B 135 12.20 12.63 -39.33
N PHE B 136 10.90 12.63 -39.66
CA PHE B 136 10.25 11.43 -40.19
C PHE B 136 10.71 11.11 -41.60
N GLU B 137 11.14 12.12 -42.36
CA GLU B 137 11.50 11.95 -43.76
C GLU B 137 12.97 11.62 -43.96
N GLU B 138 13.63 11.02 -42.97
CA GLU B 138 15.04 10.68 -43.08
C GLU B 138 15.39 9.27 -42.62
N LEU B 139 14.55 8.61 -41.84
CA LEU B 139 14.90 7.31 -41.29
C LEU B 139 14.85 6.23 -42.38
N ALA B 140 15.46 5.09 -42.07
CA ALA B 140 15.50 3.95 -42.97
C ALA B 140 15.11 2.70 -42.20
N THR B 141 14.17 1.93 -42.76
CA THR B 141 13.60 0.76 -42.09
C THR B 141 13.92 -0.49 -42.88
N GLU B 142 14.62 -1.43 -42.24
CA GLU B 142 14.98 -2.72 -42.79
C GLU B 142 15.57 -3.56 -41.66
N VAL B 143 15.44 -4.88 -41.79
CA VAL B 143 15.82 -5.80 -40.72
C VAL B 143 16.89 -6.76 -41.26
N GLU B 144 18.07 -6.71 -40.65
CA GLU B 144 19.11 -7.70 -40.87
C GLU B 144 19.50 -8.27 -39.51
N ILE B 145 20.18 -9.42 -39.53
CA ILE B 145 20.41 -10.21 -38.33
C ILE B 145 21.89 -10.14 -37.98
N LEU B 146 22.19 -9.90 -36.70
CA LEU B 146 23.56 -9.85 -36.20
C LEU B 146 23.84 -11.08 -35.37
N GLU B 147 24.99 -11.71 -35.62
CA GLU B 147 25.36 -12.97 -34.99
C GLU B 147 26.25 -12.73 -33.78
N THR B 148 25.87 -13.34 -32.66
CA THR B 148 26.55 -13.12 -31.38
C THR B 148 27.28 -14.35 -30.85
N GLY B 149 26.87 -15.55 -31.24
CA GLY B 149 27.48 -16.76 -30.71
C GLY B 149 26.90 -17.24 -29.40
N ILE B 150 25.74 -16.74 -29.00
CA ILE B 150 25.07 -17.14 -27.77
C ILE B 150 23.81 -17.91 -28.16
N LYS B 151 23.63 -19.10 -27.59
CA LYS B 151 22.55 -19.98 -28.01
C LYS B 151 21.18 -19.42 -27.63
N VAL B 152 21.02 -19.00 -26.38
CA VAL B 152 19.72 -18.51 -25.93
C VAL B 152 19.36 -17.18 -26.59
N VAL B 153 20.36 -16.42 -27.05
CA VAL B 153 20.10 -15.18 -27.75
C VAL B 153 19.87 -15.43 -29.24
N ASP B 154 20.68 -16.29 -29.86
CA ASP B 154 20.53 -16.57 -31.28
C ASP B 154 19.21 -17.26 -31.57
N LEU B 155 18.77 -18.17 -30.70
CA LEU B 155 17.57 -18.93 -31.00
C LEU B 155 16.30 -18.11 -30.74
N LEU B 156 16.08 -17.69 -29.50
CA LEU B 156 14.78 -17.17 -29.08
C LEU B 156 14.65 -15.65 -29.18
N ALA B 157 15.73 -14.92 -29.43
CA ALA B 157 15.64 -13.46 -29.52
C ALA B 157 16.82 -12.89 -30.28
N PRO B 158 16.90 -13.09 -31.59
CA PRO B 158 18.08 -12.63 -32.34
C PRO B 158 18.15 -11.11 -32.42
N TYR B 159 19.38 -10.61 -32.54
CA TYR B 159 19.63 -9.18 -32.59
C TYR B 159 19.53 -8.64 -34.01
N ILE B 160 19.15 -7.38 -34.12
CA ILE B 160 19.05 -6.66 -35.39
C ILE B 160 20.37 -5.95 -35.63
N LYS B 161 20.71 -5.72 -36.89
CA LYS B 161 21.98 -5.12 -37.25
C LYS B 161 21.98 -3.60 -37.19
N GLY B 162 20.83 -2.97 -37.02
CA GLY B 162 20.77 -1.52 -36.97
C GLY B 162 19.77 -0.95 -35.98
N GLY B 163 19.47 -1.69 -34.91
CA GLY B 163 18.43 -1.28 -33.99
C GLY B 163 18.88 -0.98 -32.58
N LYS B 164 17.99 -1.19 -31.61
CA LYS B 164 18.27 -0.94 -30.20
C LYS B 164 18.08 -2.22 -29.41
N ILE B 165 19.08 -2.61 -28.63
CA ILE B 165 19.08 -3.85 -27.88
C ILE B 165 19.20 -3.53 -26.40
N GLY B 166 18.41 -4.21 -25.58
CA GLY B 166 18.41 -3.96 -24.15
C GLY B 166 18.64 -5.23 -23.35
N LEU B 167 19.39 -5.08 -22.26
CA LEU B 167 19.66 -6.18 -21.32
C LEU B 167 19.20 -5.73 -19.94
N PHE B 168 18.02 -6.18 -19.52
CA PHE B 168 17.49 -5.83 -18.22
C PHE B 168 18.04 -6.76 -17.16
N GLY B 169 18.29 -6.23 -15.97
CA GLY B 169 18.78 -7.06 -14.89
C GLY B 169 18.68 -6.40 -13.54
N GLY B 170 18.60 -7.24 -12.52
CA GLY B 170 18.66 -6.78 -11.15
C GLY B 170 20.08 -6.50 -10.70
N ALA B 171 20.39 -6.78 -9.44
CA ALA B 171 21.70 -6.50 -8.86
C ALA B 171 22.47 -7.80 -8.70
N GLY B 172 23.63 -7.87 -9.35
CA GLY B 172 24.47 -9.05 -9.25
C GLY B 172 23.95 -10.27 -9.99
N VAL B 173 23.35 -10.08 -11.17
CA VAL B 173 22.81 -11.18 -11.95
C VAL B 173 23.59 -11.45 -13.23
N GLY B 174 24.47 -10.54 -13.65
CA GLY B 174 25.29 -10.80 -14.81
C GLY B 174 25.14 -9.86 -15.99
N LYS B 175 24.84 -8.58 -15.74
CA LYS B 175 24.79 -7.61 -16.83
C LYS B 175 26.19 -7.30 -17.35
N THR B 176 27.14 -7.11 -16.44
CA THR B 176 28.50 -6.71 -16.83
C THR B 176 29.21 -7.82 -17.59
N VAL B 177 29.07 -9.07 -17.14
CA VAL B 177 29.72 -10.19 -17.82
C VAL B 177 29.16 -10.35 -19.23
N LEU B 178 27.84 -10.24 -19.37
CA LEU B 178 27.24 -10.32 -20.71
C LEU B 178 27.69 -9.17 -21.59
N ILE B 179 27.79 -7.96 -21.03
CA ILE B 179 28.27 -6.82 -21.81
C ILE B 179 29.70 -7.07 -22.30
N GLN B 180 30.56 -7.58 -21.42
CA GLN B 180 31.95 -7.81 -21.79
C GLN B 180 32.07 -8.91 -22.84
N GLU B 181 31.27 -9.97 -22.70
CA GLU B 181 31.27 -11.02 -23.71
C GLU B 181 30.81 -10.51 -25.06
N LEU B 182 29.75 -9.71 -25.08
CA LEU B 182 29.27 -9.15 -26.35
C LEU B 182 30.31 -8.23 -26.96
N ILE B 183 30.98 -7.41 -26.15
CA ILE B 183 32.05 -6.55 -26.67
C ILE B 183 33.12 -7.41 -27.32
N HIS B 184 33.59 -8.44 -26.60
CA HIS B 184 34.65 -9.29 -27.11
C HIS B 184 34.27 -9.95 -28.43
N ASN B 185 33.04 -10.46 -28.51
CA ASN B 185 32.62 -11.14 -29.73
C ASN B 185 32.44 -10.17 -30.90
N ILE B 186 31.81 -9.01 -30.66
CA ILE B 186 31.28 -8.20 -31.75
C ILE B 186 32.26 -7.11 -32.17
N ALA B 187 32.82 -6.35 -31.22
CA ALA B 187 33.47 -5.10 -31.56
C ALA B 187 34.62 -5.29 -32.54
N GLN B 188 35.28 -6.46 -32.51
CA GLN B 188 36.32 -6.72 -33.50
C GLN B 188 35.73 -7.05 -34.86
N GLU B 189 34.67 -7.86 -34.90
CA GLU B 189 34.06 -8.23 -36.17
C GLU B 189 33.43 -7.04 -36.87
N HIS B 190 33.03 -6.01 -36.11
CA HIS B 190 32.34 -4.89 -36.72
C HIS B 190 33.21 -4.17 -37.73
N GLY B 191 34.48 -3.96 -37.40
CA GLY B 191 35.39 -3.31 -38.34
C GLY B 191 35.06 -1.88 -38.66
N GLY B 192 34.22 -1.22 -37.85
CA GLY B 192 33.89 0.17 -38.06
C GLY B 192 34.39 1.06 -36.95
N ILE B 193 33.48 1.74 -36.25
CA ILE B 193 33.81 2.57 -35.11
C ILE B 193 32.87 2.19 -33.97
N SER B 194 33.37 2.34 -32.74
CA SER B 194 32.59 2.03 -31.56
C SER B 194 32.79 3.12 -30.51
N VAL B 195 31.76 3.34 -29.70
CA VAL B 195 31.81 4.29 -28.59
C VAL B 195 31.26 3.60 -27.36
N PHE B 196 31.93 3.75 -26.23
CA PHE B 196 31.50 3.20 -24.95
C PHE B 196 31.30 4.33 -23.95
N ALA B 197 30.09 4.45 -23.41
CA ALA B 197 29.76 5.45 -22.42
C ALA B 197 29.37 4.75 -21.12
N GLY B 198 30.05 5.10 -20.04
CA GLY B 198 29.75 4.51 -18.74
C GLY B 198 29.16 5.50 -17.77
N VAL B 199 27.89 5.32 -17.42
CA VAL B 199 27.18 6.23 -16.53
C VAL B 199 26.83 5.49 -15.25
N GLY B 200 27.36 5.97 -14.13
CA GLY B 200 26.99 5.47 -12.82
C GLY B 200 27.34 4.02 -12.56
N GLU B 201 28.56 3.62 -12.89
CA GLU B 201 29.03 2.26 -12.66
C GLU B 201 30.32 2.30 -11.86
N ARG B 202 30.82 1.12 -11.49
CA ARG B 202 32.03 1.02 -10.69
C ARG B 202 33.23 1.51 -11.46
N THR B 203 34.09 2.28 -10.80
CA THR B 203 35.28 2.80 -11.45
C THR B 203 36.31 1.72 -11.74
N ARG B 204 36.41 0.70 -10.87
CA ARG B 204 37.33 -0.39 -11.12
C ARG B 204 36.92 -1.20 -12.34
N GLU B 205 35.63 -1.26 -12.64
CA GLU B 205 35.18 -1.93 -13.86
C GLU B 205 35.67 -1.21 -15.11
N GLY B 206 35.60 0.13 -15.11
CA GLY B 206 36.13 0.88 -16.23
C GLY B 206 37.64 0.77 -16.34
N ASN B 207 38.32 0.73 -15.19
CA ASN B 207 39.77 0.55 -15.21
C ASN B 207 40.14 -0.81 -15.81
N ASP B 208 39.40 -1.86 -15.45
CA ASP B 208 39.64 -3.17 -16.02
C ASP B 208 39.36 -3.20 -17.52
N LEU B 209 38.25 -2.59 -17.94
CA LEU B 209 37.87 -2.63 -19.35
C LEU B 209 38.86 -1.87 -20.21
N TYR B 210 39.37 -0.74 -19.73
CA TYR B 210 40.33 0.04 -20.50
C TYR B 210 41.57 -0.80 -20.80
N HIS B 211 42.10 -1.50 -19.79
CA HIS B 211 43.30 -2.31 -19.99
C HIS B 211 43.01 -3.54 -20.84
N GLU B 212 41.82 -4.14 -20.67
CA GLU B 212 41.47 -5.27 -21.52
C GLU B 212 41.40 -4.86 -22.99
N MET B 213 40.79 -3.72 -23.28
CA MET B 213 40.74 -3.23 -24.65
C MET B 213 42.12 -2.87 -25.17
N LYS B 214 42.96 -2.26 -24.33
CA LYS B 214 44.30 -1.90 -24.77
C LYS B 214 45.13 -3.14 -25.08
N ASP B 215 44.93 -4.22 -24.31
CA ASP B 215 45.63 -5.46 -24.61
C ASP B 215 45.10 -6.11 -25.87
N SER B 216 43.78 -6.18 -26.02
CA SER B 216 43.20 -6.83 -27.19
C SER B 216 43.43 -6.03 -28.46
N GLY B 217 43.51 -4.71 -28.36
CA GLY B 217 43.76 -3.87 -29.52
C GLY B 217 42.54 -3.21 -30.13
N VAL B 218 41.38 -3.27 -29.48
CA VAL B 218 40.20 -2.61 -30.02
C VAL B 218 40.30 -1.09 -29.93
N ILE B 219 41.25 -0.57 -29.16
CA ILE B 219 41.52 0.86 -29.10
C ILE B 219 42.06 1.29 -30.46
N SER B 220 42.11 2.60 -30.70
CA SER B 220 42.43 3.28 -31.97
C SER B 220 41.25 3.23 -32.91
N LYS B 221 40.16 2.55 -32.53
CA LYS B 221 38.87 2.69 -33.19
C LYS B 221 37.76 2.76 -32.16
N THR B 222 38.05 3.32 -30.98
CA THR B 222 37.09 3.42 -29.90
C THR B 222 37.34 4.73 -29.15
N ALA B 223 36.27 5.36 -28.70
CA ALA B 223 36.32 6.52 -27.84
C ALA B 223 35.51 6.23 -26.58
N MET B 224 36.01 6.63 -25.42
CA MET B 224 35.35 6.33 -24.17
C MET B 224 35.03 7.60 -23.41
N VAL B 225 33.89 7.61 -22.71
CA VAL B 225 33.46 8.72 -21.86
C VAL B 225 33.03 8.14 -20.53
N PHE B 226 33.49 8.72 -19.42
CA PHE B 226 33.23 8.16 -18.11
C PHE B 226 32.65 9.21 -17.16
N GLY B 227 31.44 8.95 -16.66
CA GLY B 227 30.93 9.59 -15.46
C GLY B 227 30.32 8.56 -14.55
N GLN B 228 30.91 8.34 -13.38
CA GLN B 228 30.69 7.11 -12.63
C GLN B 228 30.05 7.39 -11.26
N MET B 229 30.02 6.34 -10.42
CA MET B 229 29.21 6.33 -9.21
C MET B 229 29.48 7.51 -8.30
N ASN B 230 30.71 8.00 -8.25
CA ASN B 230 31.10 9.01 -7.28
C ASN B 230 30.83 10.43 -7.74
N GLU B 231 30.20 10.61 -8.91
CA GLU B 231 30.03 11.94 -9.45
C GLU B 231 28.67 12.53 -9.07
N PRO B 232 28.58 13.85 -9.00
CA PRO B 232 27.31 14.50 -8.66
C PRO B 232 26.24 14.20 -9.70
N PRO B 233 24.97 14.41 -9.38
CA PRO B 233 23.91 14.08 -10.35
C PRO B 233 24.00 14.83 -11.66
N GLY B 234 24.46 16.07 -11.64
CA GLY B 234 24.56 16.84 -12.87
C GLY B 234 25.50 16.23 -13.88
N ALA B 235 26.58 15.61 -13.41
CA ALA B 235 27.51 14.95 -14.31
C ALA B 235 26.94 13.64 -14.83
N ARG B 236 26.31 12.84 -13.96
CA ARG B 236 25.72 11.59 -14.39
C ARG B 236 24.54 11.79 -15.32
N MET B 237 23.93 12.97 -15.33
CA MET B 237 22.80 13.21 -16.23
C MET B 237 23.26 13.39 -17.67
N ARG B 238 24.34 14.14 -17.89
CA ARG B 238 24.72 14.61 -19.22
C ARG B 238 25.98 13.95 -19.75
N VAL B 239 26.20 12.67 -19.44
CA VAL B 239 27.35 11.94 -19.98
C VAL B 239 26.96 11.12 -21.21
N ALA B 240 25.76 10.52 -21.20
CA ALA B 240 25.30 9.79 -22.36
C ALA B 240 25.19 10.69 -23.59
N LEU B 241 24.88 11.97 -23.38
CA LEU B 241 24.78 12.91 -24.49
C LEU B 241 26.13 13.19 -25.14
N THR B 242 27.22 13.12 -24.37
CA THR B 242 28.54 13.35 -24.94
C THR B 242 28.95 12.20 -25.88
N GLY B 243 28.77 10.96 -25.42
CA GLY B 243 29.01 9.83 -26.31
C GLY B 243 28.08 9.82 -27.48
N LEU B 244 26.82 10.23 -27.27
CA LEU B 244 25.87 10.33 -28.37
C LEU B 244 26.35 11.31 -29.43
N THR B 245 26.84 12.48 -29.00
CA THR B 245 27.35 13.46 -29.96
C THR B 245 28.55 12.92 -30.71
N MET B 246 29.44 12.22 -30.00
CA MET B 246 30.63 11.67 -30.63
C MET B 246 30.27 10.63 -31.69
N ALA B 247 29.24 9.83 -31.44
CA ALA B 247 28.81 8.86 -32.44
C ALA B 247 28.06 9.53 -33.59
N GLU B 248 27.26 10.55 -33.28
CA GLU B 248 26.49 11.24 -34.32
C GLU B 248 27.41 11.91 -35.32
N TYR B 249 28.55 12.43 -34.87
CA TYR B 249 29.49 13.01 -35.83
C TYR B 249 29.86 11.99 -36.90
N PHE B 250 30.29 10.80 -36.48
CA PHE B 250 30.70 9.79 -37.44
C PHE B 250 29.55 9.40 -38.36
N ARG B 251 28.39 9.11 -37.78
CA ARG B 251 27.25 8.69 -38.60
C ARG B 251 26.89 9.73 -39.65
N ASP B 252 26.74 10.98 -39.23
CA ASP B 252 26.19 12.01 -40.10
C ASP B 252 27.24 12.76 -40.91
N GLU B 253 28.53 12.48 -40.72
CA GLU B 253 29.56 13.16 -41.48
C GLU B 253 30.46 12.25 -42.29
N GLN B 254 30.55 10.97 -41.95
CA GLN B 254 31.37 10.05 -42.72
C GLN B 254 30.59 8.85 -43.24
N GLY B 255 29.30 8.76 -42.95
CA GLY B 255 28.49 7.66 -43.46
C GLY B 255 28.99 6.30 -43.03
N GLN B 256 29.39 6.16 -41.77
CA GLN B 256 29.94 4.91 -41.26
C GLN B 256 28.86 4.15 -40.49
N ASP B 257 29.22 2.95 -40.03
CA ASP B 257 28.38 2.15 -39.16
C ASP B 257 29.01 2.14 -37.78
N VAL B 258 28.27 2.62 -36.78
CA VAL B 258 28.81 2.90 -35.45
C VAL B 258 28.12 2.00 -34.44
N LEU B 259 28.91 1.46 -33.52
CA LEU B 259 28.41 0.75 -32.36
C LEU B 259 28.41 1.68 -31.16
N LEU B 260 27.40 1.54 -30.29
CA LEU B 260 27.29 2.38 -29.12
C LEU B 260 26.91 1.51 -27.93
N PHE B 261 27.76 1.49 -26.91
CA PHE B 261 27.50 0.75 -25.68
C PHE B 261 27.25 1.74 -24.56
N ILE B 262 26.24 1.45 -23.73
CA ILE B 262 25.89 2.28 -22.58
C ILE B 262 25.86 1.39 -21.35
N ASP B 263 26.67 1.75 -20.34
CA ASP B 263 26.94 0.82 -19.24
C ASP B 263 25.74 0.62 -18.34
N ASN B 264 25.02 1.70 -18.02
CA ASN B 264 23.75 1.54 -17.30
C ASN B 264 22.90 2.79 -17.55
N ILE B 265 21.86 2.64 -18.37
CA ILE B 265 21.01 3.78 -18.73
C ILE B 265 20.01 4.14 -17.63
N PHE B 266 19.89 3.32 -16.60
CA PHE B 266 18.99 3.66 -15.49
C PHE B 266 19.53 4.83 -14.66
N ARG B 267 20.85 4.93 -14.53
CA ARG B 267 21.45 5.97 -13.71
C ARG B 267 21.12 7.37 -14.24
N PHE B 268 20.88 7.48 -15.55
CA PHE B 268 20.52 8.77 -16.14
C PHE B 268 19.19 9.28 -15.59
N THR B 269 18.17 8.41 -15.58
CA THR B 269 16.88 8.80 -15.02
C THR B 269 16.95 8.94 -13.50
N GLN B 270 17.76 8.11 -12.83
CA GLN B 270 17.90 8.26 -11.39
C GLN B 270 18.51 9.60 -11.00
N ALA B 271 19.54 10.04 -11.72
CA ALA B 271 20.12 11.35 -11.45
C ALA B 271 19.14 12.47 -11.77
N GLY B 272 18.37 12.32 -12.85
CA GLY B 272 17.31 13.29 -13.11
C GLY B 272 16.32 13.38 -11.98
N SER B 273 15.95 12.24 -11.40
CA SER B 273 15.01 12.22 -10.28
C SER B 273 15.62 12.92 -9.06
N GLU B 274 16.91 12.70 -8.81
CA GLU B 274 17.54 13.39 -7.69
C GLU B 274 17.54 14.91 -7.89
N VAL B 275 17.77 15.37 -9.12
CA VAL B 275 17.84 16.81 -9.35
C VAL B 275 16.45 17.45 -9.28
N SER B 276 15.43 16.78 -9.83
CA SER B 276 14.12 17.41 -9.98
C SER B 276 13.52 17.82 -8.64
N ALA B 277 13.85 17.08 -7.57
CA ALA B 277 13.32 17.43 -6.25
C ALA B 277 13.80 18.81 -5.82
N LEU B 278 15.11 19.08 -5.97
CA LEU B 278 15.66 20.38 -5.62
C LEU B 278 15.32 21.46 -6.64
N LEU B 279 14.98 21.09 -7.87
CA LEU B 279 14.52 22.10 -8.82
C LEU B 279 13.17 22.70 -8.43
N GLY B 280 12.42 22.04 -7.57
CA GLY B 280 11.14 22.57 -7.11
C GLY B 280 9.95 22.10 -7.92
N ARG B 281 9.80 20.78 -8.06
CA ARG B 281 8.74 20.19 -8.86
C ARG B 281 7.94 19.22 -8.01
N MET B 282 6.64 19.13 -8.31
CA MET B 282 5.77 18.21 -7.57
C MET B 282 6.05 16.77 -7.98
N PRO B 283 6.31 15.87 -7.05
CA PRO B 283 6.72 14.51 -7.43
C PRO B 283 5.60 13.71 -8.05
N SER B 284 5.99 12.78 -8.92
CA SER B 284 5.07 11.85 -9.56
C SER B 284 5.02 10.55 -8.74
N ALA B 285 4.50 9.50 -9.34
CA ALA B 285 4.36 8.22 -8.64
C ALA B 285 5.72 7.65 -8.26
N VAL B 286 5.78 7.06 -7.07
CA VAL B 286 6.98 6.43 -6.48
C VAL B 286 8.06 7.48 -6.30
N GLY B 287 7.69 8.76 -6.31
CA GLY B 287 8.63 9.83 -6.06
C GLY B 287 9.42 10.30 -7.25
N TYR B 288 9.17 9.76 -8.45
CA TYR B 288 9.94 10.13 -9.62
C TYR B 288 9.60 11.54 -10.06
N GLN B 289 10.27 11.98 -11.12
CA GLN B 289 10.04 13.31 -11.67
C GLN B 289 8.84 13.30 -12.61
N PRO B 290 8.16 14.45 -12.75
CA PRO B 290 7.03 14.51 -13.70
C PRO B 290 7.43 14.30 -15.15
N THR B 291 8.70 14.51 -15.49
CA THR B 291 9.15 14.55 -16.88
C THR B 291 10.01 13.34 -17.24
N LEU B 292 9.67 12.17 -16.69
CA LEU B 292 10.47 10.97 -16.94
C LEU B 292 10.41 10.56 -18.41
N ALA B 293 9.20 10.45 -18.95
CA ALA B 293 9.04 9.96 -20.32
C ALA B 293 9.59 10.96 -21.34
N THR B 294 9.43 12.25 -21.09
CA THR B 294 9.92 13.25 -22.03
C THR B 294 11.44 13.23 -22.12
N GLU B 295 12.12 13.17 -20.97
CA GLU B 295 13.58 13.09 -20.98
C GLU B 295 14.07 11.80 -21.62
N MET B 296 13.43 10.67 -21.28
CA MET B 296 13.83 9.41 -21.88
C MET B 296 13.67 9.45 -23.40
N GLY B 297 12.55 9.98 -23.89
CA GLY B 297 12.34 10.07 -25.33
C GLY B 297 13.30 11.03 -26.00
N GLN B 298 13.62 12.15 -25.34
CA GLN B 298 14.55 13.10 -25.92
C GLN B 298 15.94 12.49 -26.06
N LEU B 299 16.34 11.66 -25.09
CA LEU B 299 17.62 10.96 -25.24
C LEU B 299 17.55 9.89 -26.32
N GLN B 300 16.51 9.04 -26.30
CA GLN B 300 16.51 7.81 -27.07
C GLN B 300 16.11 7.98 -28.52
N GLU B 301 15.60 9.14 -28.92
CA GLU B 301 15.18 9.31 -30.31
C GLU B 301 16.30 9.79 -31.21
N ARG B 302 17.45 10.16 -30.64
CA ARG B 302 18.61 10.52 -31.45
C ARG B 302 19.45 9.31 -31.85
N ILE B 303 19.20 8.16 -31.23
CA ILE B 303 19.91 6.93 -31.55
C ILE B 303 19.07 6.19 -32.60
N THR B 304 19.27 6.55 -33.87
CA THR B 304 18.56 5.91 -34.96
C THR B 304 19.50 5.70 -36.13
N SER B 305 18.97 5.09 -37.19
CA SER B 305 19.71 4.87 -38.42
C SER B 305 19.02 5.64 -39.53
N THR B 306 19.66 6.71 -40.00
CA THR B 306 19.12 7.53 -41.05
C THR B 306 19.58 7.00 -42.42
N ALA B 307 19.40 7.79 -43.46
CA ALA B 307 19.78 7.35 -44.80
C ALA B 307 21.29 7.35 -45.01
N LYS B 308 22.05 8.06 -44.18
CA LYS B 308 23.50 8.12 -44.36
C LYS B 308 24.19 6.93 -43.71
N GLY B 309 24.02 6.78 -42.40
CA GLY B 309 24.64 5.69 -41.67
C GLY B 309 23.70 5.05 -40.67
N SER B 310 24.25 4.22 -39.78
CA SER B 310 23.44 3.54 -38.79
C SER B 310 24.16 3.59 -37.45
N ILE B 311 23.39 3.43 -36.37
CA ILE B 311 23.91 3.36 -35.01
C ILE B 311 23.28 2.17 -34.33
N THR B 312 24.06 1.13 -34.10
CA THR B 312 23.61 -0.04 -33.35
C THR B 312 23.94 0.17 -31.88
N SER B 313 22.92 0.26 -31.04
CA SER B 313 23.08 0.58 -29.64
C SER B 313 22.69 -0.61 -28.78
N ILE B 314 23.60 -1.02 -27.89
CA ILE B 314 23.36 -2.06 -26.91
C ILE B 314 23.42 -1.42 -25.53
N GLN B 315 22.36 -1.59 -24.75
CA GLN B 315 22.22 -0.89 -23.48
C GLN B 315 21.91 -1.88 -22.37
N ALA B 316 22.50 -1.65 -21.20
CA ALA B 316 22.24 -2.44 -20.01
C ALA B 316 21.38 -1.62 -19.06
N ILE B 317 20.29 -2.20 -18.58
CA ILE B 317 19.28 -1.49 -17.79
C ILE B 317 19.14 -2.18 -16.45
N TYR B 318 19.14 -1.38 -15.39
CA TYR B 318 19.05 -1.88 -14.03
C TYR B 318 17.59 -1.86 -13.58
N VAL B 319 17.22 -2.85 -12.78
CA VAL B 319 15.86 -3.01 -12.28
C VAL B 319 15.89 -2.86 -10.76
N PRO B 320 15.30 -1.81 -10.20
CA PRO B 320 15.42 -1.58 -8.75
C PRO B 320 14.55 -2.55 -7.96
N ALA B 321 15.16 -3.18 -6.94
CA ALA B 321 14.48 -4.09 -6.03
C ALA B 321 13.84 -5.27 -6.77
N ASP B 322 14.40 -5.63 -7.92
CA ASP B 322 13.92 -6.75 -8.73
C ASP B 322 12.43 -6.59 -9.08
N ASP B 323 12.02 -5.36 -9.36
CA ASP B 323 10.65 -5.04 -9.72
C ASP B 323 10.62 -4.55 -11.16
N TYR B 324 10.03 -5.34 -12.06
CA TYR B 324 10.00 -4.99 -13.46
C TYR B 324 8.88 -4.02 -13.81
N THR B 325 8.01 -3.70 -12.86
CA THR B 325 6.91 -2.77 -13.08
C THR B 325 7.22 -1.37 -12.53
N ASP B 326 8.47 -1.11 -12.18
CA ASP B 326 8.87 0.23 -11.77
C ASP B 326 8.70 1.19 -12.94
N PRO B 327 8.47 2.48 -12.68
CA PRO B 327 8.28 3.43 -13.79
C PRO B 327 9.44 3.48 -14.77
N ALA B 328 10.68 3.35 -14.32
CA ALA B 328 11.81 3.53 -15.24
C ALA B 328 11.99 2.34 -16.17
N PRO B 329 12.09 1.08 -15.71
CA PRO B 329 12.13 -0.03 -16.66
C PRO B 329 10.90 -0.10 -17.55
N ALA B 330 9.72 0.17 -17.00
CA ALA B 330 8.50 0.12 -17.80
C ALA B 330 8.52 1.16 -18.90
N THR B 331 9.05 2.36 -18.62
CA THR B 331 9.14 3.38 -19.63
C THR B 331 10.19 3.05 -20.68
N THR B 332 11.32 2.46 -20.27
CA THR B 332 12.38 2.16 -21.22
C THR B 332 12.08 0.94 -22.07
N PHE B 333 11.15 0.08 -21.66
CA PHE B 333 10.81 -1.09 -22.45
C PHE B 333 10.30 -0.75 -23.85
N SER B 334 9.76 0.45 -24.04
CA SER B 334 9.04 0.79 -25.27
C SER B 334 9.95 1.29 -26.38
N HIS B 335 11.25 1.42 -26.14
CA HIS B 335 12.17 1.96 -27.13
C HIS B 335 13.06 0.88 -27.75
N LEU B 336 12.81 -0.39 -27.48
CA LEU B 336 13.75 -1.45 -27.79
C LEU B 336 13.20 -2.38 -28.87
N ASP B 337 14.09 -2.85 -29.75
CA ASP B 337 13.75 -3.81 -30.78
C ASP B 337 13.95 -5.25 -30.32
N ALA B 338 14.98 -5.50 -29.52
CA ALA B 338 15.23 -6.80 -28.92
C ALA B 338 15.60 -6.60 -27.46
N THR B 339 15.01 -7.40 -26.58
CA THR B 339 15.23 -7.28 -25.15
C THR B 339 15.70 -8.60 -24.58
N THR B 340 16.40 -8.52 -23.44
CA THR B 340 16.94 -9.68 -22.76
C THR B 340 16.76 -9.48 -21.26
N ASN B 341 15.93 -10.31 -20.64
CA ASN B 341 15.60 -10.18 -19.23
C ASN B 341 16.35 -11.24 -18.44
N LEU B 342 17.10 -10.81 -17.43
CA LEU B 342 17.84 -11.71 -16.54
C LEU B 342 17.11 -11.81 -15.21
N GLU B 343 16.96 -13.03 -14.71
CA GLU B 343 16.25 -13.28 -13.47
C GLU B 343 17.18 -13.87 -12.42
N ARG B 344 16.91 -13.53 -11.16
CA ARG B 344 17.76 -14.00 -10.06
C ARG B 344 17.51 -15.48 -9.75
N LYS B 345 16.28 -15.96 -9.99
CA LYS B 345 15.97 -17.36 -9.70
C LYS B 345 16.79 -18.30 -10.57
N LEU B 346 16.95 -17.96 -11.85
CA LEU B 346 17.76 -18.79 -12.74
C LEU B 346 19.23 -18.73 -12.37
N ALA B 347 19.72 -17.57 -11.94
CA ALA B 347 21.11 -17.45 -11.52
C ALA B 347 21.37 -18.22 -10.23
N GLU B 348 20.37 -18.33 -9.36
CA GLU B 348 20.55 -19.07 -8.11
C GLU B 348 20.70 -20.57 -8.35
N MET B 349 20.16 -21.08 -9.45
CA MET B 349 20.31 -22.49 -9.80
C MET B 349 21.61 -22.78 -10.53
N GLY B 350 22.43 -21.77 -10.79
CA GLY B 350 23.68 -21.96 -11.51
C GLY B 350 23.57 -21.80 -13.01
N ILE B 351 22.37 -21.56 -13.55
CA ILE B 351 22.21 -21.37 -14.98
C ILE B 351 22.80 -20.03 -15.39
N TYR B 352 23.70 -20.05 -16.37
CA TYR B 352 24.38 -18.84 -16.81
C TYR B 352 24.53 -18.86 -18.32
N PRO B 353 24.11 -17.79 -19.02
CA PRO B 353 23.49 -16.57 -18.50
C PRO B 353 22.07 -16.82 -18.01
N ALA B 354 21.51 -15.90 -17.23
CA ALA B 354 20.21 -16.10 -16.59
C ALA B 354 19.07 -15.52 -17.40
N VAL B 355 19.17 -15.57 -18.74
CA VAL B 355 18.13 -15.01 -19.59
C VAL B 355 16.84 -15.80 -19.42
N ASP B 356 15.74 -15.10 -19.24
CA ASP B 356 14.43 -15.74 -19.19
C ASP B 356 13.98 -16.06 -20.61
N PRO B 357 13.75 -17.33 -20.95
CA PRO B 357 13.45 -17.68 -22.35
C PRO B 357 12.06 -17.29 -22.81
N LEU B 358 11.16 -16.89 -21.91
CA LEU B 358 9.80 -16.56 -22.30
C LEU B 358 9.51 -15.07 -22.31
N ALA B 359 10.23 -14.27 -21.53
CA ALA B 359 9.99 -12.83 -21.46
C ALA B 359 10.93 -12.02 -22.32
N SER B 360 11.85 -12.66 -23.06
CA SER B 360 12.75 -11.97 -23.95
C SER B 360 12.22 -12.06 -25.38
N THR B 361 12.19 -10.91 -26.07
CA THR B 361 11.52 -10.79 -27.35
C THR B 361 12.45 -10.18 -28.38
N SER B 362 12.16 -10.45 -29.65
CA SER B 362 12.86 -9.81 -30.76
C SER B 362 11.89 -9.59 -31.90
N ARG B 363 12.03 -8.44 -32.57
CA ARG B 363 11.20 -8.12 -33.72
C ARG B 363 11.63 -8.83 -34.99
N ALA B 364 12.79 -9.46 -34.98
CA ALA B 364 13.30 -10.17 -36.15
C ALA B 364 12.96 -11.65 -36.14
N LEU B 365 12.24 -12.14 -35.13
CA LEU B 365 11.82 -13.53 -35.08
C LEU B 365 10.56 -13.67 -35.92
N ALA B 366 10.76 -13.67 -37.24
CA ALA B 366 9.70 -13.85 -38.20
C ALA B 366 10.10 -14.96 -39.17
N PRO B 367 9.12 -15.68 -39.73
CA PRO B 367 9.47 -16.76 -40.65
C PRO B 367 10.23 -16.31 -41.88
N GLU B 368 10.00 -15.10 -42.37
CA GLU B 368 10.68 -14.64 -43.58
C GLU B 368 12.03 -14.00 -43.32
N ILE B 369 12.40 -13.78 -42.06
CA ILE B 369 13.65 -13.11 -41.71
C ILE B 369 14.72 -14.10 -41.31
N VAL B 370 14.40 -15.02 -40.39
CA VAL B 370 15.38 -15.99 -39.92
C VAL B 370 15.29 -17.33 -40.63
N GLY B 371 14.14 -17.66 -41.24
CA GLY B 371 13.92 -18.92 -41.89
C GLY B 371 12.66 -19.57 -41.38
N GLU B 372 12.41 -20.79 -41.84
CA GLU B 372 11.23 -21.54 -41.44
C GLU B 372 11.53 -22.62 -40.42
N GLU B 373 12.69 -23.27 -40.51
CA GLU B 373 13.09 -24.26 -39.50
C GLU B 373 13.36 -23.60 -38.16
N HIS B 374 14.08 -22.47 -38.19
CA HIS B 374 14.41 -21.74 -36.97
C HIS B 374 13.16 -21.35 -36.21
N TYR B 375 12.16 -20.83 -36.93
CA TYR B 375 10.93 -20.36 -36.30
C TYR B 375 10.20 -21.50 -35.60
N GLN B 376 10.06 -22.64 -36.28
CA GLN B 376 9.35 -23.77 -35.68
C GLN B 376 10.10 -24.31 -34.48
N VAL B 377 11.43 -24.41 -34.57
CA VAL B 377 12.21 -24.93 -33.45
C VAL B 377 12.05 -24.02 -32.23
N ALA B 378 12.17 -22.71 -32.44
CA ALA B 378 12.05 -21.78 -31.32
C ALA B 378 10.64 -21.81 -30.71
N ARG B 379 9.61 -21.87 -31.55
CA ARG B 379 8.25 -21.90 -31.03
C ARG B 379 7.99 -23.16 -30.22
N LYS B 380 8.47 -24.32 -30.70
CA LYS B 380 8.27 -25.56 -29.96
C LYS B 380 9.01 -25.55 -28.63
N VAL B 381 10.24 -25.02 -28.62
CA VAL B 381 11.00 -24.94 -27.37
C VAL B 381 10.26 -24.06 -26.37
N GLN B 382 9.77 -22.91 -26.82
CA GLN B 382 9.03 -22.02 -25.93
C GLN B 382 7.76 -22.68 -25.41
N GLN B 383 7.07 -23.41 -26.27
CA GLN B 383 5.84 -24.09 -25.86
C GLN B 383 6.11 -25.12 -24.77
N THR B 384 7.17 -25.92 -24.94
CA THR B 384 7.47 -26.92 -23.91
C THR B 384 7.90 -26.27 -22.60
N LEU B 385 8.64 -25.15 -22.69
CA LEU B 385 9.04 -24.47 -21.46
C LEU B 385 7.84 -23.88 -20.73
N GLN B 386 6.89 -23.32 -21.49
CA GLN B 386 5.67 -22.79 -20.86
C GLN B 386 4.86 -23.91 -20.21
N ARG B 387 4.72 -25.04 -20.90
CA ARG B 387 3.98 -26.16 -20.32
C ARG B 387 4.63 -26.64 -19.04
N TYR B 388 5.96 -26.72 -19.02
CA TYR B 388 6.66 -27.10 -17.79
C TYR B 388 6.45 -26.07 -16.69
N LYS B 389 6.42 -24.79 -17.07
CA LYS B 389 6.17 -23.73 -16.09
C LYS B 389 4.79 -23.86 -15.46
N GLU B 390 3.80 -24.32 -16.22
CA GLU B 390 2.45 -24.46 -15.68
C GLU B 390 2.33 -25.53 -14.60
N LEU B 391 3.23 -26.51 -14.57
CA LEU B 391 3.11 -27.67 -13.70
C LEU B 391 3.96 -27.56 -12.43
N GLN B 392 4.46 -26.38 -12.10
CA GLN B 392 5.41 -26.28 -11.00
C GLN B 392 4.74 -26.41 -9.65
N ASP B 393 3.56 -25.80 -9.48
CA ASP B 393 2.88 -25.82 -8.18
C ASP B 393 2.45 -27.24 -7.80
N ILE B 394 1.86 -27.96 -8.74
CA ILE B 394 1.36 -29.30 -8.44
C ILE B 394 2.51 -30.27 -8.21
N ILE B 395 3.65 -30.05 -8.87
CA ILE B 395 4.84 -30.84 -8.54
C ILE B 395 5.33 -30.49 -7.15
N ALA B 396 5.25 -29.21 -6.79
CA ALA B 396 5.73 -28.78 -5.48
C ALA B 396 4.93 -29.42 -4.36
N ILE B 397 3.61 -29.49 -4.50
CA ILE B 397 2.77 -29.97 -3.41
C ILE B 397 2.62 -31.48 -3.45
N LEU B 398 2.11 -32.02 -4.57
CA LEU B 398 1.85 -33.45 -4.65
C LEU B 398 3.12 -34.23 -4.94
N GLY B 399 3.73 -33.99 -6.09
CA GLY B 399 4.93 -34.68 -6.50
C GLY B 399 4.82 -35.13 -7.94
N MET B 400 5.83 -35.89 -8.37
CA MET B 400 5.91 -36.36 -9.75
C MET B 400 5.14 -37.65 -9.99
N ASP B 401 4.61 -38.28 -8.95
CA ASP B 401 3.96 -39.58 -9.08
C ASP B 401 2.50 -39.47 -9.52
N GLU B 402 1.92 -38.27 -9.54
CA GLU B 402 0.52 -38.08 -9.85
C GLU B 402 0.33 -37.37 -11.19
N LEU B 403 1.14 -37.72 -12.17
CA LEU B 403 1.11 -37.09 -13.48
C LEU B 403 0.88 -38.13 -14.56
N SER B 404 0.35 -37.69 -15.70
CA SER B 404 0.17 -38.55 -16.85
C SER B 404 1.51 -38.74 -17.58
N ASP B 405 1.52 -39.74 -18.48
CA ASP B 405 2.76 -40.07 -19.18
C ASP B 405 3.26 -38.91 -20.03
N GLU B 406 2.34 -38.23 -20.71
CA GLU B 406 2.71 -37.09 -21.55
C GLU B 406 3.32 -35.98 -20.70
N ASP B 407 2.77 -35.75 -19.51
CA ASP B 407 3.32 -34.71 -18.63
C ASP B 407 4.72 -35.07 -18.15
N LYS B 408 4.96 -36.33 -17.80
CA LYS B 408 6.31 -36.74 -17.41
C LYS B 408 7.28 -36.59 -18.57
N LEU B 409 6.84 -36.90 -19.79
CA LEU B 409 7.69 -36.68 -20.95
C LEU B 409 8.00 -35.19 -21.12
N VAL B 410 7.00 -34.33 -20.92
CA VAL B 410 7.20 -32.90 -21.04
C VAL B 410 8.25 -32.41 -20.04
N VAL B 411 8.15 -32.87 -18.80
CA VAL B 411 9.13 -32.50 -17.78
C VAL B 411 10.51 -33.02 -18.16
N HIS B 412 10.57 -34.27 -18.64
CA HIS B 412 11.84 -34.89 -18.99
C HIS B 412 12.58 -34.10 -20.05
N ARG B 413 11.86 -33.63 -21.08
CA ARG B 413 12.51 -32.84 -22.10
C ARG B 413 12.75 -31.39 -21.66
N ALA B 414 11.88 -30.86 -20.80
CA ALA B 414 12.01 -29.45 -20.40
C ALA B 414 13.25 -29.23 -19.53
N ARG B 415 13.54 -30.15 -18.62
CA ARG B 415 14.74 -29.99 -17.81
C ARG B 415 16.00 -30.00 -18.69
N ARG B 416 16.05 -30.89 -19.68
CA ARG B 416 17.18 -30.95 -20.59
C ARG B 416 17.31 -29.65 -21.39
N ILE B 417 16.19 -29.12 -21.90
CA ILE B 417 16.25 -27.88 -22.66
C ILE B 417 16.74 -26.73 -21.79
N GLN B 418 16.21 -26.63 -20.58
CA GLN B 418 16.59 -25.54 -19.68
C GLN B 418 18.06 -25.61 -19.33
N PHE B 419 18.61 -26.82 -19.17
CA PHE B 419 20.04 -26.93 -18.90
C PHE B 419 20.88 -26.69 -20.14
N PHE B 420 20.38 -27.03 -21.33
CA PHE B 420 21.14 -26.81 -22.55
C PHE B 420 21.12 -25.35 -23.01
N LEU B 421 20.25 -24.51 -22.45
CA LEU B 421 20.32 -23.09 -22.78
C LEU B 421 21.51 -22.38 -22.15
N SER B 422 22.23 -23.01 -21.22
CA SER B 422 23.38 -22.39 -20.59
C SER B 422 24.64 -22.57 -21.44
N GLN B 423 25.70 -21.85 -21.07
CA GLN B 423 26.91 -21.82 -21.87
C GLN B 423 28.09 -21.45 -20.99
N ASN B 424 29.29 -21.67 -21.52
CA ASN B 424 30.54 -21.25 -20.90
C ASN B 424 31.15 -20.13 -21.74
N PHE B 425 31.51 -19.03 -21.08
CA PHE B 425 31.94 -17.81 -21.76
C PHE B 425 33.46 -17.67 -21.71
N HIS B 426 33.99 -16.90 -22.68
CA HIS B 426 35.42 -16.63 -22.69
C HIS B 426 35.83 -15.78 -21.50
N VAL B 427 35.05 -14.75 -21.17
CA VAL B 427 35.40 -13.83 -20.09
C VAL B 427 35.15 -14.42 -18.71
N ALA B 428 34.44 -15.53 -18.62
CA ALA B 428 34.20 -16.20 -17.35
C ALA B 428 35.23 -17.28 -17.05
N GLU B 429 36.27 -17.40 -17.87
CA GLU B 429 37.26 -18.45 -17.68
C GLU B 429 37.99 -18.29 -16.34
N GLN B 430 38.30 -17.04 -15.97
CA GLN B 430 39.02 -16.80 -14.72
C GLN B 430 38.22 -17.19 -13.49
N PHE B 431 36.90 -17.33 -13.61
CA PHE B 431 36.08 -17.79 -12.49
C PHE B 431 36.08 -19.32 -12.39
N THR B 432 35.67 -19.99 -13.46
CA THR B 432 35.49 -21.44 -13.45
C THR B 432 36.73 -22.18 -13.92
N GLY B 433 37.16 -21.92 -15.15
CA GLY B 433 38.33 -22.59 -15.70
C GLY B 433 38.15 -23.05 -17.13
N GLN B 434 36.92 -23.27 -17.55
CA GLN B 434 36.67 -23.73 -18.92
C GLN B 434 37.06 -22.64 -19.91
N PRO B 435 37.62 -23.01 -21.07
CA PRO B 435 38.12 -21.99 -22.00
C PRO B 435 37.04 -21.05 -22.55
N GLY B 436 35.83 -21.53 -22.76
CA GLY B 436 34.79 -20.74 -23.38
C GLY B 436 34.44 -21.26 -24.77
N SER B 437 33.22 -20.93 -25.20
CA SER B 437 32.65 -21.55 -26.39
C SER B 437 32.01 -20.51 -27.30
N TYR B 438 31.88 -20.87 -28.57
CA TYR B 438 31.20 -20.08 -29.59
C TYR B 438 30.41 -21.02 -30.49
N VAL B 439 29.12 -20.77 -30.66
CA VAL B 439 28.25 -21.63 -31.45
C VAL B 439 27.54 -20.82 -32.54
N PRO B 440 27.65 -21.23 -33.81
CA PRO B 440 26.87 -20.56 -34.86
C PRO B 440 25.39 -20.93 -34.77
N VAL B 441 24.58 -20.25 -35.60
CA VAL B 441 23.13 -20.41 -35.51
C VAL B 441 22.72 -21.83 -35.91
N LYS B 442 23.22 -22.30 -37.05
CA LYS B 442 22.75 -23.57 -37.59
C LYS B 442 23.01 -24.71 -36.61
N GLU B 443 24.15 -24.67 -35.91
CA GLU B 443 24.45 -25.70 -34.93
C GLU B 443 23.48 -25.66 -33.76
N THR B 444 23.09 -24.46 -33.32
CA THR B 444 22.11 -24.34 -32.24
C THR B 444 20.77 -24.91 -32.67
N VAL B 445 20.32 -24.57 -33.87
CA VAL B 445 19.05 -25.07 -34.36
C VAL B 445 19.09 -26.59 -34.48
N ARG B 446 20.19 -27.13 -35.01
CA ARG B 446 20.33 -28.57 -35.13
C ARG B 446 20.27 -29.25 -33.77
N GLY B 447 21.02 -28.72 -32.80
CA GLY B 447 21.06 -29.35 -31.49
C GLY B 447 19.72 -29.35 -30.79
N PHE B 448 19.00 -28.23 -30.85
CA PHE B 448 17.69 -28.20 -30.21
C PHE B 448 16.67 -29.05 -30.96
N LYS B 449 16.82 -29.16 -32.29
CA LYS B 449 15.97 -30.07 -33.04
C LYS B 449 16.20 -31.51 -32.62
N GLU B 450 17.45 -31.91 -32.41
CA GLU B 450 17.73 -33.27 -31.95
C GLU B 450 17.20 -33.48 -30.54
N ILE B 451 17.35 -32.50 -29.65
CA ILE B 451 16.84 -32.64 -28.29
C ILE B 451 15.34 -32.83 -28.31
N LEU B 452 14.62 -32.05 -29.14
CA LEU B 452 13.17 -32.16 -29.18
C LEU B 452 12.70 -33.49 -29.74
N GLU B 453 13.54 -34.21 -30.49
CA GLU B 453 13.16 -35.46 -31.11
C GLU B 453 13.35 -36.66 -30.21
N GLY B 454 13.81 -36.46 -28.97
CA GLY B 454 14.05 -37.58 -28.09
C GLY B 454 15.29 -38.38 -28.41
N LYS B 455 16.23 -37.79 -29.14
CA LYS B 455 17.45 -38.51 -29.49
C LYS B 455 18.37 -38.72 -28.30
N TYR B 456 18.38 -37.77 -27.36
CA TYR B 456 19.30 -37.78 -26.23
C TYR B 456 18.55 -37.89 -24.91
N ASP B 457 17.47 -38.67 -24.89
CA ASP B 457 16.62 -38.76 -23.72
C ASP B 457 17.18 -39.68 -22.64
N HIS B 458 18.22 -40.46 -22.93
CA HIS B 458 18.76 -41.42 -21.98
C HIS B 458 19.94 -40.88 -21.17
N LEU B 459 20.58 -39.81 -21.63
CA LEU B 459 21.72 -39.27 -20.92
C LEU B 459 21.28 -38.60 -19.62
N PRO B 460 22.17 -38.52 -18.62
CA PRO B 460 21.82 -37.81 -17.39
C PRO B 460 21.57 -36.34 -17.66
N GLU B 461 20.68 -35.75 -16.86
CA GLU B 461 20.31 -34.36 -17.06
C GLU B 461 21.44 -33.39 -16.74
N ASP B 462 22.48 -33.85 -16.04
CA ASP B 462 23.56 -32.96 -15.64
C ASP B 462 24.60 -32.78 -16.73
N ALA B 463 24.62 -33.65 -17.74
CA ALA B 463 25.61 -33.54 -18.80
C ALA B 463 25.37 -32.36 -19.73
N PHE B 464 24.24 -31.67 -19.60
CA PHE B 464 23.87 -30.60 -20.51
C PHE B 464 24.34 -29.23 -20.05
N ARG B 465 24.92 -29.12 -18.86
CA ARG B 465 25.22 -27.83 -18.27
C ARG B 465 26.61 -27.34 -18.69
N LEU B 466 26.67 -26.09 -19.13
CA LEU B 466 27.92 -25.38 -19.38
C LEU B 466 28.75 -26.05 -20.48
N VAL B 467 28.14 -26.20 -21.65
CA VAL B 467 28.81 -26.71 -22.84
C VAL B 467 28.43 -25.85 -24.04
N GLY B 468 29.25 -25.94 -25.08
CA GLY B 468 28.99 -25.20 -26.30
C GLY B 468 28.00 -25.87 -27.23
N ARG B 469 28.31 -27.08 -27.69
CA ARG B 469 27.50 -27.79 -28.66
C ARG B 469 26.99 -29.10 -28.07
N ILE B 470 26.33 -29.89 -28.91
CA ILE B 470 25.74 -31.14 -28.45
C ILE B 470 26.73 -32.31 -28.54
N GLU B 471 27.70 -32.23 -29.44
CA GLU B 471 28.77 -33.22 -29.43
C GLU B 471 29.56 -33.16 -28.13
N GLU B 472 29.72 -31.95 -27.59
CA GLU B 472 30.33 -31.81 -26.26
C GLU B 472 29.45 -32.42 -25.18
N VAL B 473 28.12 -32.36 -25.35
CA VAL B 473 27.24 -33.07 -24.43
C VAL B 473 27.50 -34.56 -24.47
N VAL B 474 27.65 -35.12 -25.68
CA VAL B 474 27.92 -36.54 -25.82
C VAL B 474 29.25 -36.90 -25.17
N GLU B 475 30.29 -36.09 -25.41
CA GLU B 475 31.59 -36.36 -24.80
C GLU B 475 31.53 -36.29 -23.27
N LYS B 476 30.84 -35.28 -22.73
CA LYS B 476 30.75 -35.15 -21.29
C LYS B 476 29.98 -36.31 -20.67
N ALA B 477 28.93 -36.79 -21.34
CA ALA B 477 28.23 -37.97 -20.85
C ALA B 477 29.12 -39.20 -20.91
N LYS B 478 29.92 -39.33 -21.98
CA LYS B 478 30.83 -40.45 -22.09
C LYS B 478 31.85 -40.46 -20.96
N ALA B 479 32.40 -39.29 -20.63
CA ALA B 479 33.39 -39.21 -19.54
C ALA B 479 32.75 -39.39 -18.17
N MET B 480 31.43 -39.30 -18.07
CA MET B 480 30.73 -39.48 -16.81
C MET B 480 30.43 -40.94 -16.51
N GLY B 481 30.80 -41.86 -17.39
CA GLY B 481 30.55 -43.28 -17.18
C GLY B 481 29.20 -43.72 -17.70
N VAL B 482 28.79 -43.18 -18.84
CA VAL B 482 27.51 -43.54 -19.44
C VAL B 482 27.51 -43.20 -20.93
N THR C 13 -25.77 43.84 -7.41
CA THR C 13 -26.64 43.67 -8.57
C THR C 13 -26.12 42.60 -9.50
N ARG C 14 -25.05 42.93 -10.23
CA ARG C 14 -24.42 42.02 -11.16
C ARG C 14 -22.96 41.83 -10.79
N GLY C 15 -22.48 40.58 -10.89
CA GLY C 15 -21.10 40.27 -10.58
C GLY C 15 -20.24 40.20 -11.83
N ARG C 16 -18.95 39.99 -11.62
CA ARG C 16 -18.03 39.84 -12.74
C ARG C 16 -17.08 38.67 -12.50
N VAL C 17 -16.64 38.07 -13.59
CA VAL C 17 -15.80 36.88 -13.55
C VAL C 17 -14.38 37.27 -13.18
N ILE C 18 -13.76 36.48 -12.31
CA ILE C 18 -12.41 36.74 -11.81
C ILE C 18 -11.43 35.68 -12.29
N GLN C 19 -11.78 34.41 -12.14
CA GLN C 19 -10.92 33.29 -12.51
C GLN C 19 -11.73 32.25 -13.26
N VAL C 20 -11.06 31.54 -14.16
CA VAL C 20 -11.65 30.44 -14.92
C VAL C 20 -10.61 29.31 -14.91
N MET C 21 -10.80 28.32 -14.06
CA MET C 21 -9.88 27.19 -13.94
C MET C 21 -10.66 25.89 -14.11
N GLY C 22 -10.85 25.48 -15.35
CA GLY C 22 -11.60 24.28 -15.64
C GLY C 22 -13.08 24.47 -15.43
N PRO C 23 -13.71 23.53 -14.71
CA PRO C 23 -15.14 23.63 -14.44
C PRO C 23 -15.51 24.53 -13.26
N VAL C 24 -14.56 25.27 -12.69
CA VAL C 24 -14.77 26.07 -11.50
C VAL C 24 -14.55 27.52 -11.86
N VAL C 25 -15.48 28.38 -11.48
CA VAL C 25 -15.40 29.80 -11.79
C VAL C 25 -15.47 30.60 -10.48
N ASP C 26 -14.92 31.81 -10.51
CA ASP C 26 -14.96 32.72 -9.38
C ASP C 26 -15.64 34.01 -9.81
N VAL C 27 -16.56 34.51 -8.98
CA VAL C 27 -17.32 35.70 -9.32
C VAL C 27 -17.25 36.68 -8.16
N LYS C 28 -17.08 37.97 -8.48
CA LYS C 28 -17.04 39.02 -7.48
C LYS C 28 -18.25 39.94 -7.63
N PHE C 29 -18.94 40.19 -6.53
CA PHE C 29 -20.16 40.97 -6.47
C PHE C 29 -19.91 42.30 -5.75
N GLU C 30 -20.98 43.06 -5.54
CA GLU C 30 -20.91 44.29 -4.76
C GLU C 30 -21.08 43.98 -3.28
N ASN C 31 -20.78 44.98 -2.45
CA ASN C 31 -20.83 44.77 -1.01
C ASN C 31 -22.27 44.63 -0.53
N GLY C 32 -22.53 43.59 0.25
CA GLY C 32 -23.86 43.38 0.79
C GLY C 32 -24.88 42.87 -0.19
N HIS C 33 -24.45 42.23 -1.29
CA HIS C 33 -25.38 41.71 -2.28
C HIS C 33 -24.98 40.31 -2.73
N LEU C 34 -24.28 39.57 -1.89
CA LEU C 34 -23.82 38.25 -2.27
C LEU C 34 -24.99 37.28 -2.35
N PRO C 35 -25.01 36.40 -3.34
CA PRO C 35 -26.05 35.36 -3.39
C PRO C 35 -25.82 34.30 -2.32
N ALA C 36 -26.90 33.65 -1.92
CA ALA C 36 -26.80 32.57 -0.97
C ALA C 36 -26.17 31.34 -1.61
N ILE C 37 -25.75 30.40 -0.77
CA ILE C 37 -25.19 29.15 -1.25
C ILE C 37 -26.29 28.33 -1.93
N TYR C 38 -25.92 27.63 -3.00
CA TYR C 38 -26.76 26.79 -3.85
C TYR C 38 -27.58 27.60 -4.86
N ASN C 39 -27.44 28.92 -4.89
CA ASN C 39 -28.16 29.71 -5.88
C ASN C 39 -27.65 29.41 -7.28
N ALA C 40 -28.40 29.89 -8.27
CA ALA C 40 -28.05 29.72 -9.67
C ALA C 40 -27.77 31.08 -10.30
N LEU C 41 -26.74 31.14 -11.13
CA LEU C 41 -26.34 32.36 -11.82
C LEU C 41 -26.28 32.08 -13.31
N LYS C 42 -26.52 33.12 -14.11
CA LYS C 42 -26.62 32.98 -15.56
C LYS C 42 -25.64 33.94 -16.25
N ILE C 43 -24.97 33.42 -17.27
CA ILE C 43 -24.15 34.23 -18.17
C ILE C 43 -24.77 34.13 -19.55
N GLN C 44 -25.15 35.27 -20.13
CA GLN C 44 -25.71 35.34 -21.47
C GLN C 44 -24.99 36.44 -22.22
N HIS C 45 -24.14 36.06 -23.17
CA HIS C 45 -23.23 36.99 -23.82
C HIS C 45 -23.27 36.79 -25.32
N LYS C 46 -23.22 37.90 -26.05
CA LYS C 46 -23.17 37.91 -27.51
C LYS C 46 -21.85 38.53 -27.97
N ALA C 47 -21.24 37.91 -28.97
CA ALA C 47 -19.91 38.34 -29.42
C ALA C 47 -19.95 39.78 -29.92
N ARG C 48 -18.98 40.58 -29.46
CA ARG C 48 -18.88 41.97 -29.88
C ARG C 48 -18.01 42.17 -31.12
N ASN C 49 -17.31 41.13 -31.57
CA ASN C 49 -16.43 41.21 -32.74
C ASN C 49 -16.09 39.78 -33.13
N GLU C 50 -15.19 39.63 -34.11
CA GLU C 50 -14.82 38.30 -34.57
C GLU C 50 -13.88 37.58 -33.61
N ASN C 51 -13.36 38.27 -32.59
CA ASN C 51 -12.50 37.67 -31.58
C ASN C 51 -13.27 37.19 -30.36
N GLU C 52 -14.53 36.81 -30.52
CA GLU C 52 -15.36 36.41 -29.40
C GLU C 52 -16.40 35.41 -29.87
N VAL C 53 -16.97 34.70 -28.90
CA VAL C 53 -18.01 33.70 -29.17
C VAL C 53 -19.19 33.97 -28.24
N ASP C 54 -20.35 33.46 -28.63
CA ASP C 54 -21.56 33.59 -27.83
C ASP C 54 -21.51 32.62 -26.67
N ILE C 55 -22.06 33.05 -25.52
CA ILE C 55 -22.00 32.27 -24.28
C ILE C 55 -23.40 32.19 -23.69
N ASP C 56 -23.80 31.00 -23.25
CA ASP C 56 -25.06 30.78 -22.55
C ASP C 56 -24.81 29.72 -21.48
N LEU C 57 -24.55 30.16 -20.26
CA LEU C 57 -24.03 29.27 -19.21
C LEU C 57 -24.80 29.47 -17.91
N THR C 58 -24.87 28.38 -17.13
CA THR C 58 -25.49 28.37 -15.82
C THR C 58 -24.51 27.86 -14.79
N LEU C 59 -24.39 28.57 -13.67
CA LEU C 59 -23.46 28.23 -12.60
C LEU C 59 -24.21 28.08 -11.29
N GLU C 60 -23.66 27.27 -10.38
CA GLU C 60 -24.25 27.06 -9.06
C GLU C 60 -23.25 27.44 -7.99
N VAL C 61 -23.67 28.27 -7.03
CA VAL C 61 -22.77 28.77 -6.00
C VAL C 61 -22.38 27.65 -5.05
N ALA C 62 -21.11 27.59 -4.70
CA ALA C 62 -20.58 26.56 -3.83
C ALA C 62 -19.97 27.11 -2.54
N LEU C 63 -19.13 28.13 -2.62
CA LEU C 63 -18.49 28.64 -1.42
C LEU C 63 -18.46 30.16 -1.42
N HIS C 64 -18.45 30.72 -0.21
CA HIS C 64 -18.13 32.13 0.04
C HIS C 64 -16.68 32.21 0.48
N LEU C 65 -15.85 32.88 -0.30
CA LEU C 65 -14.42 32.96 0.01
C LEU C 65 -14.03 34.21 0.77
N GLY C 66 -14.92 35.17 0.92
CA GLY C 66 -14.57 36.44 1.53
C GLY C 66 -14.15 37.47 0.51
N ASP C 67 -14.28 38.73 0.90
CA ASP C 67 -14.00 39.88 0.05
C ASP C 67 -14.94 39.85 -1.17
N ASP C 68 -16.22 39.67 -0.89
CA ASP C 68 -17.29 39.77 -1.89
C ASP C 68 -17.09 38.82 -3.06
N THR C 69 -16.42 37.69 -2.83
CA THR C 69 -16.15 36.72 -3.88
C THR C 69 -16.81 35.40 -3.54
N VAL C 70 -17.32 34.71 -4.56
CA VAL C 70 -17.91 33.38 -4.41
C VAL C 70 -17.28 32.46 -5.43
N ARG C 71 -17.22 31.17 -5.08
CA ARG C 71 -16.71 30.13 -5.97
C ARG C 71 -17.86 29.22 -6.38
N THR C 72 -18.02 29.04 -7.69
CA THR C 72 -19.16 28.38 -8.30
C THR C 72 -18.68 27.28 -9.23
N ILE C 73 -19.58 26.34 -9.53
CA ILE C 73 -19.32 25.21 -10.42
C ILE C 73 -20.23 25.33 -11.63
N ALA C 74 -19.66 25.13 -12.82
CA ALA C 74 -20.38 25.30 -14.07
C ALA C 74 -21.12 24.01 -14.44
N MET C 75 -22.27 24.18 -15.09
CA MET C 75 -23.11 23.06 -15.52
C MET C 75 -22.85 22.66 -16.96
N ALA C 76 -21.93 23.31 -17.66
CA ALA C 76 -21.61 22.98 -19.04
C ALA C 76 -20.14 23.30 -19.28
N SER C 77 -19.75 23.39 -20.56
CA SER C 77 -18.37 23.68 -20.90
C SER C 77 -18.09 25.16 -20.73
N THR C 78 -16.90 25.47 -20.23
CA THR C 78 -16.50 26.84 -19.93
C THR C 78 -15.62 27.46 -21.00
N ASP C 79 -15.44 26.79 -22.13
CA ASP C 79 -14.60 27.34 -23.20
C ASP C 79 -15.24 28.59 -23.79
N GLY C 80 -14.44 29.63 -23.95
CA GLY C 80 -14.92 30.90 -24.45
C GLY C 80 -15.16 31.96 -23.39
N LEU C 81 -14.90 31.66 -22.12
CA LEU C 81 -15.13 32.61 -21.06
C LEU C 81 -13.98 33.60 -20.97
N ILE C 82 -14.30 34.84 -20.58
CA ILE C 82 -13.35 35.94 -20.54
C ILE C 82 -13.46 36.60 -19.17
N ARG C 83 -12.31 36.89 -18.55
CA ARG C 83 -12.27 37.57 -17.27
C ARG C 83 -12.81 38.99 -17.44
N GLY C 84 -14.01 39.23 -16.92
CA GLY C 84 -14.63 40.54 -17.04
C GLY C 84 -16.05 40.45 -17.53
N MET C 85 -16.52 39.23 -17.78
CA MET C 85 -17.90 39.02 -18.18
C MET C 85 -18.84 39.32 -17.01
N GLU C 86 -20.09 39.60 -17.33
CA GLU C 86 -21.08 40.04 -16.36
C GLU C 86 -22.04 38.89 -16.03
N VAL C 87 -22.30 38.70 -14.74
CA VAL C 87 -23.05 37.56 -14.22
C VAL C 87 -24.27 38.09 -13.47
N ILE C 88 -25.40 37.40 -13.65
CA ILE C 88 -26.70 37.80 -13.11
C ILE C 88 -27.13 36.78 -12.07
N ASP C 89 -27.58 37.25 -10.92
CA ASP C 89 -28.07 36.39 -9.84
C ASP C 89 -29.55 36.10 -10.07
N THR C 90 -29.90 34.82 -10.14
CA THR C 90 -31.29 34.44 -10.38
C THR C 90 -32.16 34.70 -9.15
N GLY C 91 -31.67 34.35 -7.97
CA GLY C 91 -32.38 34.55 -6.74
C GLY C 91 -32.88 33.30 -6.05
N ALA C 92 -32.69 32.13 -6.66
CA ALA C 92 -33.19 30.89 -6.10
C ALA C 92 -32.39 29.74 -6.70
N PRO C 93 -32.42 28.56 -6.08
CA PRO C 93 -31.73 27.40 -6.67
C PRO C 93 -32.31 26.99 -8.01
N ILE C 94 -31.71 25.96 -8.64
CA ILE C 94 -32.26 25.44 -9.88
C ILE C 94 -33.69 24.98 -9.65
N SER C 95 -34.57 25.33 -10.58
CA SER C 95 -35.99 25.01 -10.47
C SER C 95 -36.42 24.22 -11.69
N VAL C 96 -37.12 23.11 -11.48
CA VAL C 96 -37.53 22.24 -12.57
C VAL C 96 -39.05 22.14 -12.62
N PRO C 97 -39.65 21.90 -13.78
CA PRO C 97 -41.10 21.76 -13.85
C PRO C 97 -41.58 20.45 -13.26
N VAL C 98 -42.72 20.50 -12.58
CA VAL C 98 -43.32 19.34 -11.95
C VAL C 98 -44.79 19.26 -12.33
N GLY C 99 -45.32 18.05 -12.33
CA GLY C 99 -46.74 17.85 -12.58
C GLY C 99 -46.98 16.83 -13.65
N GLU C 100 -48.15 16.91 -14.27
CA GLU C 100 -48.52 16.01 -15.35
C GLU C 100 -47.88 16.36 -16.68
N VAL C 101 -47.28 17.54 -16.79
CA VAL C 101 -46.63 17.94 -18.05
C VAL C 101 -45.30 17.24 -18.27
N THR C 102 -44.78 16.53 -17.27
CA THR C 102 -43.49 15.86 -17.37
C THR C 102 -43.61 14.38 -17.65
N LEU C 103 -44.80 13.89 -17.98
CA LEU C 103 -45.03 12.46 -18.18
C LEU C 103 -44.89 12.13 -19.66
N GLY C 104 -43.98 11.21 -19.97
CA GLY C 104 -43.73 10.85 -21.36
C GLY C 104 -42.73 11.72 -22.08
N ARG C 105 -41.95 12.52 -21.36
CA ARG C 105 -40.98 13.43 -21.96
C ARG C 105 -39.60 13.16 -21.39
N VAL C 106 -38.59 13.76 -22.01
CA VAL C 106 -37.19 13.60 -21.62
C VAL C 106 -36.61 14.98 -21.34
N PHE C 107 -35.90 15.10 -20.22
CA PHE C 107 -35.34 16.37 -19.76
C PHE C 107 -33.83 16.22 -19.55
N ASN C 108 -33.18 17.36 -19.31
CA ASN C 108 -31.78 17.40 -18.90
C ASN C 108 -31.70 17.94 -17.46
N VAL C 109 -30.48 18.20 -17.00
CA VAL C 109 -30.28 18.56 -15.59
C VAL C 109 -31.01 19.85 -15.25
N LEU C 110 -31.05 20.81 -16.17
CA LEU C 110 -31.69 22.09 -15.90
C LEU C 110 -33.20 22.05 -16.04
N GLY C 111 -33.76 20.93 -16.47
CA GLY C 111 -35.20 20.85 -16.65
C GLY C 111 -35.69 21.39 -17.96
N GLU C 112 -35.00 21.06 -19.06
CA GLU C 112 -35.38 21.48 -20.39
C GLU C 112 -35.52 20.26 -21.29
N PRO C 113 -36.57 20.21 -22.12
CA PRO C 113 -36.79 19.01 -22.94
C PRO C 113 -35.72 18.84 -23.99
N ILE C 114 -35.18 17.62 -24.10
CA ILE C 114 -34.20 17.30 -25.13
C ILE C 114 -34.80 16.49 -26.27
N ASP C 115 -36.09 16.16 -26.20
CA ASP C 115 -36.78 15.65 -27.36
C ASP C 115 -37.22 16.84 -28.21
N LEU C 116 -38.06 16.61 -29.21
CA LEU C 116 -38.44 17.67 -30.13
C LEU C 116 -39.95 17.82 -30.20
N GLU C 117 -40.59 17.84 -29.03
CA GLU C 117 -42.04 17.95 -28.94
C GLU C 117 -42.50 19.30 -28.43
N GLY C 118 -41.60 20.24 -28.17
CA GLY C 118 -41.97 21.58 -27.77
C GLY C 118 -41.34 21.96 -26.44
N ASP C 119 -41.75 23.11 -25.93
CA ASP C 119 -41.27 23.65 -24.67
C ASP C 119 -42.39 23.74 -23.66
N ILE C 120 -42.04 23.58 -22.40
CA ILE C 120 -43.00 23.80 -21.31
C ILE C 120 -43.32 25.29 -21.22
N PRO C 121 -44.58 25.68 -21.09
CA PRO C 121 -44.90 27.11 -20.98
C PRO C 121 -44.26 27.73 -19.76
N ALA C 122 -43.88 29.01 -19.88
CA ALA C 122 -43.24 29.72 -18.78
C ALA C 122 -44.19 29.94 -17.60
N ASP C 123 -45.50 29.82 -17.82
CA ASP C 123 -46.48 29.95 -16.75
C ASP C 123 -46.83 28.55 -16.25
N ALA C 124 -45.86 27.92 -15.60
CA ALA C 124 -46.03 26.60 -15.03
C ALA C 124 -45.58 26.65 -13.57
N ARG C 125 -45.53 25.50 -12.93
CA ARG C 125 -45.05 25.39 -11.56
C ARG C 125 -43.67 24.73 -11.58
N ARG C 126 -42.71 25.34 -10.89
CA ARG C 126 -41.35 24.84 -10.85
C ARG C 126 -40.88 24.74 -9.41
N ASP C 127 -40.29 23.61 -9.07
CA ASP C 127 -39.84 23.31 -7.72
C ASP C 127 -38.32 23.38 -7.63
N PRO C 128 -37.77 23.86 -6.51
CA PRO C 128 -36.32 23.90 -6.34
C PRO C 128 -35.72 22.52 -6.12
N ILE C 129 -34.42 22.44 -6.35
CA ILE C 129 -33.72 21.16 -6.37
C ILE C 129 -33.25 20.76 -4.97
N HIS C 130 -33.04 21.72 -4.07
CA HIS C 130 -32.48 21.46 -2.76
C HIS C 130 -33.53 21.70 -1.68
N ARG C 131 -33.71 20.73 -0.80
CA ARG C 131 -34.66 20.85 0.31
C ARG C 131 -34.28 19.82 1.37
N PRO C 132 -34.73 20.01 2.61
CA PRO C 132 -34.39 19.06 3.67
C PRO C 132 -35.25 17.80 3.62
N ALA C 133 -34.81 16.79 4.37
CA ALA C 133 -35.45 15.50 4.41
C ALA C 133 -36.66 15.51 5.35
N PRO C 134 -37.59 14.57 5.19
CA PRO C 134 -38.75 14.52 6.08
C PRO C 134 -38.36 14.19 7.51
N LYS C 135 -39.14 14.72 8.44
CA LYS C 135 -38.80 14.69 9.86
C LYS C 135 -39.21 13.36 10.50
N PHE C 136 -38.76 13.17 11.74
CA PHE C 136 -38.99 11.91 12.46
C PHE C 136 -40.47 11.68 12.71
N GLU C 137 -41.21 12.74 13.08
CA GLU C 137 -42.60 12.56 13.50
C GLU C 137 -43.55 12.29 12.35
N GLU C 138 -43.10 12.38 11.11
CA GLU C 138 -43.96 12.17 9.95
C GLU C 138 -43.44 11.09 9.03
N LEU C 139 -42.90 10.01 9.61
CA LEU C 139 -42.51 8.82 8.87
C LEU C 139 -43.47 7.69 9.21
N ALA C 140 -43.28 6.55 8.55
CA ALA C 140 -44.11 5.39 8.77
C ALA C 140 -43.57 4.56 9.92
N THR C 141 -44.43 4.27 10.90
CA THR C 141 -44.03 3.49 12.06
C THR C 141 -44.04 1.99 11.79
N GLU C 142 -44.61 1.55 10.68
CA GLU C 142 -44.74 0.14 10.35
C GLU C 142 -44.04 -0.17 9.03
N VAL C 143 -43.46 -1.36 8.96
CA VAL C 143 -42.85 -1.85 7.73
C VAL C 143 -43.94 -2.51 6.88
N GLU C 144 -44.10 -2.04 5.64
CA GLU C 144 -45.09 -2.56 4.73
C GLU C 144 -44.42 -3.15 3.50
N ILE C 145 -45.04 -4.17 2.94
CA ILE C 145 -44.48 -4.93 1.81
C ILE C 145 -45.09 -4.38 0.53
N LEU C 146 -44.24 -4.15 -0.48
CA LEU C 146 -44.68 -3.70 -1.78
C LEU C 146 -44.98 -4.90 -2.67
N GLU C 147 -46.13 -4.87 -3.34
CA GLU C 147 -46.59 -5.98 -4.17
C GLU C 147 -46.17 -5.72 -5.61
N THR C 148 -45.19 -6.47 -6.09
CA THR C 148 -44.69 -6.31 -7.45
C THR C 148 -45.47 -7.15 -8.46
N GLY C 149 -45.83 -8.37 -8.10
CA GLY C 149 -46.48 -9.29 -9.00
C GLY C 149 -45.59 -10.37 -9.54
N ILE C 150 -44.27 -10.25 -9.35
CA ILE C 150 -43.36 -11.33 -9.72
C ILE C 150 -43.44 -12.42 -8.66
N LYS C 151 -42.95 -13.61 -9.00
CA LYS C 151 -43.04 -14.76 -8.11
C LYS C 151 -41.78 -15.00 -7.31
N VAL C 152 -40.60 -14.90 -7.93
CA VAL C 152 -39.35 -15.12 -7.21
C VAL C 152 -39.10 -13.96 -6.24
N VAL C 153 -39.39 -12.74 -6.67
CA VAL C 153 -39.19 -11.57 -5.80
C VAL C 153 -40.14 -11.64 -4.61
N ASP C 154 -41.42 -11.89 -4.85
CA ASP C 154 -42.41 -11.87 -3.79
C ASP C 154 -42.25 -13.01 -2.80
N LEU C 155 -41.41 -14.00 -3.10
CA LEU C 155 -41.20 -15.13 -2.20
C LEU C 155 -39.86 -15.09 -1.51
N LEU C 156 -38.76 -14.89 -2.25
CA LEU C 156 -37.43 -15.01 -1.67
C LEU C 156 -36.76 -13.68 -1.37
N ALA C 157 -37.33 -12.56 -1.80
CA ALA C 157 -36.72 -11.27 -1.55
C ALA C 157 -37.75 -10.15 -1.68
N PRO C 158 -38.73 -10.08 -0.77
CA PRO C 158 -39.80 -9.10 -0.93
C PRO C 158 -39.27 -7.67 -0.86
N TYR C 159 -39.96 -6.78 -1.56
CA TYR C 159 -39.61 -5.37 -1.58
C TYR C 159 -40.41 -4.61 -0.52
N ILE C 160 -39.90 -3.45 -0.14
CA ILE C 160 -40.47 -2.68 0.97
C ILE C 160 -40.86 -1.29 0.48
N LYS C 161 -42.00 -0.81 0.92
CA LYS C 161 -42.45 0.54 0.59
C LYS C 161 -41.49 1.55 1.22
N GLY C 162 -40.88 2.38 0.39
CA GLY C 162 -39.91 3.35 0.87
C GLY C 162 -38.51 2.80 1.04
N GLY C 163 -38.25 1.56 0.66
CA GLY C 163 -36.93 0.98 0.80
C GLY C 163 -36.05 1.25 -0.40
N LYS C 164 -34.82 0.74 -0.32
CA LYS C 164 -33.84 0.86 -1.38
C LYS C 164 -33.36 -0.53 -1.76
N ILE C 165 -33.35 -0.83 -3.05
CA ILE C 165 -33.00 -2.13 -3.57
C ILE C 165 -31.80 -1.98 -4.49
N GLY C 166 -30.81 -2.86 -4.33
CA GLY C 166 -29.66 -2.87 -5.20
C GLY C 166 -29.76 -3.97 -6.23
N LEU C 167 -29.72 -3.59 -7.50
CA LEU C 167 -29.86 -4.51 -8.61
C LEU C 167 -28.49 -4.80 -9.21
N PHE C 168 -28.12 -6.07 -9.25
CA PHE C 168 -26.79 -6.49 -9.68
C PHE C 168 -26.89 -7.29 -10.97
N GLY C 169 -26.19 -6.87 -12.00
CA GLY C 169 -26.24 -7.52 -13.29
C GLY C 169 -25.74 -6.60 -14.37
N GLY C 170 -25.58 -7.18 -15.56
CA GLY C 170 -25.03 -6.43 -16.67
C GLY C 170 -25.69 -6.71 -18.00
N ALA C 171 -24.88 -7.02 -19.00
CA ALA C 171 -25.36 -7.34 -20.34
C ALA C 171 -25.68 -8.83 -20.44
N GLY C 172 -26.69 -9.13 -21.25
CA GLY C 172 -27.05 -10.51 -21.51
C GLY C 172 -27.95 -11.16 -20.49
N VAL C 173 -28.38 -10.42 -19.46
CA VAL C 173 -29.31 -10.96 -18.47
C VAL C 173 -30.64 -10.24 -18.48
N GLY C 174 -30.79 -9.16 -19.23
CA GLY C 174 -32.07 -8.52 -19.45
C GLY C 174 -32.66 -7.84 -18.23
N LYS C 175 -32.00 -6.77 -17.75
CA LYS C 175 -32.56 -6.00 -16.65
C LYS C 175 -33.53 -4.93 -17.12
N THR C 176 -33.44 -4.52 -18.39
CA THR C 176 -34.40 -3.57 -18.92
C THR C 176 -35.80 -4.17 -19.00
N VAL C 177 -35.89 -5.47 -19.25
CA VAL C 177 -37.19 -6.13 -19.25
C VAL C 177 -37.80 -6.13 -17.86
N LEU C 178 -36.97 -6.39 -16.83
CA LEU C 178 -37.46 -6.31 -15.47
C LEU C 178 -37.90 -4.90 -15.11
N ILE C 179 -37.14 -3.90 -15.56
CA ILE C 179 -37.51 -2.51 -15.34
C ILE C 179 -38.89 -2.21 -15.93
N GLN C 180 -39.09 -2.58 -17.19
CA GLN C 180 -40.36 -2.31 -17.85
C GLN C 180 -41.50 -3.07 -17.20
N GLU C 181 -41.26 -4.32 -16.79
CA GLU C 181 -42.30 -5.10 -16.13
C GLU C 181 -42.71 -4.49 -14.81
N LEU C 182 -41.73 -4.03 -14.02
CA LEU C 182 -42.05 -3.35 -12.77
C LEU C 182 -42.87 -2.10 -13.03
N ILE C 183 -42.47 -1.29 -14.01
CA ILE C 183 -43.22 -0.07 -14.32
C ILE C 183 -44.66 -0.42 -14.67
N HIS C 184 -44.85 -1.38 -15.57
CA HIS C 184 -46.19 -1.73 -16.02
C HIS C 184 -47.04 -2.25 -14.88
N ASN C 185 -46.51 -3.19 -14.09
CA ASN C 185 -47.29 -3.80 -13.02
C ASN C 185 -47.67 -2.79 -11.96
N ILE C 186 -46.71 -1.96 -11.52
CA ILE C 186 -47.01 -0.98 -10.49
C ILE C 186 -48.05 0.01 -10.98
N ALA C 187 -47.87 0.52 -12.21
CA ALA C 187 -48.81 1.50 -12.74
C ALA C 187 -50.20 0.91 -12.88
N GLN C 188 -50.30 -0.35 -13.30
CA GLN C 188 -51.61 -0.96 -13.52
C GLN C 188 -52.32 -1.25 -12.21
N GLU C 189 -51.60 -1.80 -11.22
CA GLU C 189 -52.27 -2.19 -9.98
C GLU C 189 -52.42 -1.01 -9.02
N HIS C 190 -51.31 -0.40 -8.60
CA HIS C 190 -51.34 0.60 -7.55
C HIS C 190 -51.54 2.02 -8.08
N GLY C 191 -51.62 2.21 -9.39
CA GLY C 191 -51.82 3.54 -9.94
C GLY C 191 -50.69 4.51 -9.68
N GLY C 192 -49.45 4.04 -9.82
CA GLY C 192 -48.28 4.88 -9.64
C GLY C 192 -47.59 5.20 -10.96
N ILE C 193 -46.65 6.13 -10.87
CA ILE C 193 -45.83 6.53 -12.02
C ILE C 193 -44.39 6.11 -11.74
N SER C 194 -43.50 6.34 -12.71
CA SER C 194 -42.10 6.02 -12.52
C SER C 194 -41.22 7.15 -13.05
N VAL C 195 -40.06 7.30 -12.43
CA VAL C 195 -39.06 8.24 -12.89
C VAL C 195 -37.75 7.50 -13.06
N PHE C 196 -37.13 7.65 -14.24
CA PHE C 196 -35.84 7.06 -14.53
C PHE C 196 -34.80 8.17 -14.60
N ALA C 197 -33.68 7.98 -13.91
CA ALA C 197 -32.57 8.92 -13.93
C ALA C 197 -31.32 8.19 -14.37
N GLY C 198 -30.71 8.65 -15.46
CA GLY C 198 -29.46 8.12 -15.93
C GLY C 198 -28.33 9.05 -15.52
N VAL C 199 -27.42 8.53 -14.71
CA VAL C 199 -26.36 9.32 -14.08
C VAL C 199 -25.04 8.81 -14.62
N GLY C 200 -24.47 9.54 -15.58
CA GLY C 200 -23.12 9.27 -16.03
C GLY C 200 -22.89 7.89 -16.63
N GLU C 201 -23.77 7.47 -17.52
CA GLU C 201 -23.65 6.18 -18.20
C GLU C 201 -23.54 6.41 -19.71
N ARG C 202 -23.60 5.32 -20.47
CA ARG C 202 -23.45 5.40 -21.92
C ARG C 202 -24.70 5.95 -22.57
N THR C 203 -24.51 6.75 -23.62
CA THR C 203 -25.63 7.34 -24.35
C THR C 203 -26.31 6.32 -25.25
N ARG C 204 -25.55 5.33 -25.76
CA ARG C 204 -26.14 4.29 -26.59
C ARG C 204 -27.21 3.51 -25.83
N GLU C 205 -26.93 3.16 -24.58
CA GLU C 205 -27.90 2.42 -23.79
C GLU C 205 -29.09 3.28 -23.41
N GLY C 206 -28.90 4.58 -23.23
CA GLY C 206 -30.03 5.46 -23.01
C GLY C 206 -30.96 5.51 -24.21
N ASN C 207 -30.40 5.60 -25.41
CA ASN C 207 -31.24 5.56 -26.61
C ASN C 207 -31.96 4.23 -26.75
N ASP C 208 -31.26 3.13 -26.45
CA ASP C 208 -31.88 1.81 -26.50
C ASP C 208 -33.08 1.73 -25.55
N LEU C 209 -32.90 2.19 -24.31
CA LEU C 209 -33.97 2.14 -23.33
C LEU C 209 -35.14 3.02 -23.75
N TYR C 210 -34.85 4.21 -24.28
CA TYR C 210 -35.94 5.08 -24.72
C TYR C 210 -36.77 4.42 -25.81
N HIS C 211 -36.12 3.77 -26.77
CA HIS C 211 -36.88 3.16 -27.85
C HIS C 211 -37.61 1.89 -27.39
N GLU C 212 -37.02 1.14 -26.46
CA GLU C 212 -37.74 0.00 -25.89
C GLU C 212 -38.99 0.46 -25.15
N MET C 213 -38.88 1.53 -24.36
CA MET C 213 -40.04 2.03 -23.63
C MET C 213 -41.08 2.59 -24.58
N LYS C 214 -40.65 3.19 -25.69
CA LYS C 214 -41.63 3.64 -26.69
C LYS C 214 -42.34 2.47 -27.34
N ASP C 215 -41.62 1.36 -27.57
CA ASP C 215 -42.24 0.20 -28.19
C ASP C 215 -43.23 -0.48 -27.25
N SER C 216 -42.85 -0.67 -25.99
CA SER C 216 -43.73 -1.35 -25.04
C SER C 216 -45.01 -0.55 -24.79
N GLY C 217 -44.89 0.77 -24.70
CA GLY C 217 -46.02 1.60 -24.37
C GLY C 217 -46.06 2.08 -22.94
N VAL C 218 -45.00 1.86 -22.16
CA VAL C 218 -44.96 2.29 -20.77
C VAL C 218 -44.33 3.66 -20.67
N ILE C 219 -44.17 4.33 -21.81
CA ILE C 219 -43.58 5.67 -21.80
C ILE C 219 -44.55 6.69 -21.24
N SER C 220 -45.86 6.50 -21.44
CA SER C 220 -46.83 7.51 -21.04
C SER C 220 -47.02 7.60 -19.54
N LYS C 221 -46.31 6.79 -18.76
CA LYS C 221 -46.38 6.82 -17.30
C LYS C 221 -45.00 6.92 -16.69
N THR C 222 -44.05 7.52 -17.41
CA THR C 222 -42.67 7.61 -16.96
C THR C 222 -42.12 8.98 -17.31
N ALA C 223 -41.20 9.45 -16.48
CA ALA C 223 -40.43 10.66 -16.76
C ALA C 223 -38.94 10.31 -16.74
N MET C 224 -38.22 10.75 -17.77
CA MET C 224 -36.83 10.36 -17.96
C MET C 224 -35.92 11.58 -17.89
N VAL C 225 -34.83 11.45 -17.13
CA VAL C 225 -33.82 12.50 -17.01
C VAL C 225 -32.46 11.88 -17.28
N PHE C 226 -31.63 12.57 -18.07
CA PHE C 226 -30.36 12.02 -18.55
C PHE C 226 -29.23 13.02 -18.32
N GLY C 227 -28.20 12.59 -17.61
CA GLY C 227 -26.91 13.27 -17.64
C GLY C 227 -25.79 12.24 -17.70
N GLN C 228 -25.04 12.21 -18.79
CA GLN C 228 -24.22 11.05 -19.11
C GLN C 228 -22.74 11.41 -19.17
N MET C 229 -21.93 10.47 -19.65
CA MET C 229 -20.47 10.58 -19.58
C MET C 229 -19.94 11.82 -20.28
N ASN C 230 -20.61 12.27 -21.34
CA ASN C 230 -20.08 13.36 -22.13
C ASN C 230 -20.16 14.71 -21.42
N GLU C 231 -20.85 14.78 -20.28
CA GLU C 231 -21.18 16.03 -19.62
C GLU C 231 -20.17 16.36 -18.51
N PRO C 232 -20.01 17.64 -18.19
CA PRO C 232 -19.03 18.04 -17.17
C PRO C 232 -19.36 17.43 -15.82
N PRO C 233 -18.41 17.47 -14.87
CA PRO C 233 -18.69 16.91 -13.54
C PRO C 233 -19.86 17.55 -12.83
N GLY C 234 -20.12 18.83 -13.07
CA GLY C 234 -21.21 19.51 -12.37
C GLY C 234 -22.58 18.98 -12.76
N ALA C 235 -22.77 18.64 -14.03
CA ALA C 235 -24.06 18.14 -14.48
C ALA C 235 -24.32 16.70 -14.07
N ARG C 236 -23.25 15.91 -13.89
CA ARG C 236 -23.43 14.52 -13.51
C ARG C 236 -23.79 14.37 -12.03
N MET C 237 -23.43 15.33 -11.19
CA MET C 237 -23.64 15.25 -9.76
C MET C 237 -24.88 15.99 -9.28
N ARG C 238 -25.69 16.52 -10.20
CA ARG C 238 -26.92 17.21 -9.83
C ARG C 238 -28.10 16.73 -10.66
N VAL C 239 -28.04 15.54 -11.25
CA VAL C 239 -29.10 15.06 -12.13
C VAL C 239 -30.02 14.13 -11.36
N ALA C 240 -29.49 13.43 -10.35
CA ALA C 240 -30.34 12.58 -9.52
C ALA C 240 -31.29 13.42 -8.68
N LEU C 241 -30.88 14.63 -8.32
CA LEU C 241 -31.75 15.52 -7.55
C LEU C 241 -32.92 16.02 -8.40
N THR C 242 -32.72 16.18 -9.71
CA THR C 242 -33.81 16.59 -10.59
C THR C 242 -34.88 15.50 -10.70
N GLY C 243 -34.45 14.25 -10.88
CA GLY C 243 -35.40 13.15 -10.86
C GLY C 243 -36.09 13.02 -9.51
N LEU C 244 -35.34 13.21 -8.42
CA LEU C 244 -35.92 13.13 -7.09
C LEU C 244 -36.99 14.19 -6.87
N THR C 245 -36.73 15.43 -7.28
CA THR C 245 -37.74 16.46 -7.09
C THR C 245 -38.90 16.31 -8.06
N MET C 246 -38.70 15.69 -9.22
CA MET C 246 -39.84 15.35 -10.07
C MET C 246 -40.72 14.29 -9.44
N ALA C 247 -40.10 13.32 -8.76
CA ALA C 247 -40.85 12.23 -8.14
C ALA C 247 -41.56 12.65 -6.86
N GLU C 248 -40.96 13.54 -6.08
CA GLU C 248 -41.55 13.90 -4.78
C GLU C 248 -42.89 14.60 -4.93
N TYR C 249 -43.12 15.27 -6.05
CA TYR C 249 -44.37 15.99 -6.23
C TYR C 249 -45.56 15.05 -6.18
N PHE C 250 -45.45 13.88 -6.82
CA PHE C 250 -46.57 12.95 -6.84
C PHE C 250 -46.83 12.35 -5.47
N ARG C 251 -45.77 12.07 -4.71
CA ARG C 251 -45.96 11.56 -3.35
C ARG C 251 -46.62 12.60 -2.46
N ASP C 252 -46.18 13.85 -2.55
CA ASP C 252 -46.64 14.88 -1.61
C ASP C 252 -47.93 15.56 -2.04
N GLU C 253 -48.36 15.43 -3.29
CA GLU C 253 -49.53 16.14 -3.77
C GLU C 253 -50.65 15.24 -4.26
N GLN C 254 -50.32 14.13 -4.91
CA GLN C 254 -51.32 13.16 -5.32
C GLN C 254 -51.40 11.95 -4.39
N GLY C 255 -50.46 11.82 -3.46
CA GLY C 255 -50.47 10.69 -2.54
C GLY C 255 -50.31 9.34 -3.21
N GLN C 256 -49.46 9.25 -4.21
CA GLN C 256 -49.24 8.02 -4.94
C GLN C 256 -48.05 7.26 -4.38
N ASP C 257 -47.81 6.07 -4.90
CA ASP C 257 -46.63 5.27 -4.61
C ASP C 257 -45.79 5.21 -5.87
N VAL C 258 -44.58 5.78 -5.81
CA VAL C 258 -43.77 6.02 -6.99
C VAL C 258 -42.55 5.12 -6.98
N LEU C 259 -42.07 4.80 -8.18
CA LEU C 259 -40.81 4.10 -8.37
C LEU C 259 -39.78 5.06 -8.96
N LEU C 260 -38.54 4.94 -8.49
CA LEU C 260 -37.45 5.76 -8.99
C LEU C 260 -36.27 4.86 -9.31
N PHE C 261 -35.89 4.81 -10.58
CA PHE C 261 -34.76 4.00 -11.04
C PHE C 261 -33.55 4.89 -11.23
N ILE C 262 -32.40 4.40 -10.78
CA ILE C 262 -31.13 5.14 -10.89
C ILE C 262 -30.12 4.26 -11.63
N ASP C 263 -29.62 4.76 -12.77
CA ASP C 263 -28.78 3.95 -13.65
C ASP C 263 -27.46 3.58 -12.99
N ASN C 264 -26.80 4.55 -12.36
CA ASN C 264 -25.58 4.26 -11.61
C ASN C 264 -25.45 5.30 -10.51
N ILE C 265 -25.67 4.87 -9.26
CA ILE C 265 -25.49 5.76 -8.13
C ILE C 265 -24.01 6.07 -7.91
N PHE C 266 -23.14 5.10 -8.19
CA PHE C 266 -21.71 5.27 -7.96
C PHE C 266 -21.17 6.51 -8.66
N ARG C 267 -21.52 6.68 -9.93
CA ARG C 267 -21.07 7.83 -10.70
C ARG C 267 -21.33 9.12 -9.94
N PHE C 268 -22.50 9.23 -9.32
CA PHE C 268 -22.82 10.40 -8.50
C PHE C 268 -21.65 10.76 -7.59
N THR C 269 -21.29 9.84 -6.69
CA THR C 269 -20.21 10.12 -5.76
C THR C 269 -18.93 10.44 -6.50
N GLN C 270 -18.63 9.69 -7.56
CA GLN C 270 -17.40 9.91 -8.31
C GLN C 270 -17.32 11.35 -8.79
N ALA C 271 -18.44 11.86 -9.33
CA ALA C 271 -18.42 13.21 -9.88
C ALA C 271 -18.02 14.21 -8.80
N GLY C 272 -18.51 14.01 -7.58
CA GLY C 272 -18.17 14.94 -6.51
C GLY C 272 -16.67 15.04 -6.31
N SER C 273 -15.99 13.90 -6.26
CA SER C 273 -14.55 13.93 -6.03
C SER C 273 -13.86 14.74 -7.13
N GLU C 274 -14.36 14.64 -8.37
CA GLU C 274 -13.69 15.29 -9.47
C GLU C 274 -13.67 16.80 -9.35
N VAL C 275 -14.55 17.39 -8.53
CA VAL C 275 -14.49 18.82 -8.29
C VAL C 275 -13.91 19.15 -6.92
N SER C 276 -13.87 18.20 -5.99
CA SER C 276 -13.49 18.52 -4.62
C SER C 276 -12.13 19.20 -4.56
N ALA C 277 -11.12 18.59 -5.17
CA ALA C 277 -9.78 19.15 -5.12
C ALA C 277 -9.71 20.53 -5.74
N LEU C 278 -10.56 20.80 -6.74
CA LEU C 278 -10.53 22.11 -7.38
C LEU C 278 -11.19 23.19 -6.52
N LEU C 279 -12.02 22.79 -5.57
CA LEU C 279 -12.64 23.75 -4.66
C LEU C 279 -11.71 24.13 -3.51
N GLY C 280 -10.59 23.44 -3.36
CA GLY C 280 -9.63 23.76 -2.31
C GLY C 280 -9.85 22.96 -1.04
N ARG C 281 -9.99 21.65 -1.16
CA ARG C 281 -10.27 20.77 -0.03
C ARG C 281 -9.18 19.70 0.07
N MET C 282 -8.75 19.42 1.30
CA MET C 282 -7.76 18.37 1.51
C MET C 282 -8.39 17.01 1.24
N PRO C 283 -7.62 16.06 0.69
CA PRO C 283 -8.19 14.77 0.32
C PRO C 283 -8.29 13.80 1.50
N SER C 284 -9.29 12.93 1.43
CA SER C 284 -9.45 11.85 2.38
C SER C 284 -8.95 10.55 1.73
N ALA C 285 -9.26 9.42 2.37
CA ALA C 285 -8.71 8.15 1.96
C ALA C 285 -9.09 7.80 0.52
N VAL C 286 -8.12 7.24 -0.21
CA VAL C 286 -8.27 6.79 -1.60
C VAL C 286 -8.68 7.94 -2.49
N GLY C 287 -8.26 9.16 -2.14
CA GLY C 287 -8.51 10.31 -2.98
C GLY C 287 -9.97 10.70 -3.15
N TYR C 288 -10.77 10.51 -2.11
CA TYR C 288 -12.17 10.88 -2.14
C TYR C 288 -12.37 12.20 -1.40
N GLN C 289 -13.54 12.80 -1.62
CA GLN C 289 -13.83 14.05 -0.95
C GLN C 289 -14.05 13.80 0.54
N PRO C 290 -13.68 14.76 1.39
CA PRO C 290 -13.96 14.59 2.82
C PRO C 290 -15.45 14.50 3.13
N THR C 291 -16.29 15.15 2.34
CA THR C 291 -17.74 15.15 2.56
C THR C 291 -18.38 14.14 1.60
N LEU C 292 -18.25 12.85 1.95
CA LEU C 292 -18.78 11.76 1.13
C LEU C 292 -20.06 11.18 1.73
N ALA C 293 -20.00 10.75 3.00
CA ALA C 293 -21.18 10.19 3.65
C ALA C 293 -22.26 11.23 3.83
N THR C 294 -21.89 12.50 4.05
CA THR C 294 -22.89 13.55 4.18
C THR C 294 -23.65 13.74 2.87
N GLU C 295 -22.95 13.74 1.74
CA GLU C 295 -23.61 13.90 0.45
C GLU C 295 -24.52 12.71 0.15
N MET C 296 -24.02 11.49 0.37
CA MET C 296 -24.85 10.32 0.10
C MET C 296 -26.07 10.30 1.02
N GLY C 297 -25.90 10.66 2.29
CA GLY C 297 -27.03 10.70 3.19
C GLY C 297 -28.04 11.77 2.84
N GLN C 298 -27.58 12.94 2.44
CA GLN C 298 -28.50 14.00 2.05
C GLN C 298 -29.25 13.64 0.78
N LEU C 299 -28.67 12.79 -0.08
CA LEU C 299 -29.43 12.30 -1.22
C LEU C 299 -30.44 11.24 -0.81
N GLN C 300 -29.98 10.17 -0.17
CA GLN C 300 -30.78 8.97 0.06
C GLN C 300 -31.83 9.14 1.16
N GLU C 301 -31.77 10.20 1.95
CA GLU C 301 -32.77 10.37 3.01
C GLU C 301 -34.06 10.98 2.51
N ARG C 302 -34.08 11.52 1.29
CA ARG C 302 -35.28 12.15 0.77
C ARG C 302 -36.29 11.15 0.20
N ILE C 303 -35.88 9.90 -0.02
CA ILE C 303 -36.79 8.86 -0.49
C ILE C 303 -37.20 8.00 0.70
N THR C 304 -38.46 8.16 1.12
CA THR C 304 -38.98 7.46 2.29
C THR C 304 -40.46 7.19 2.06
N SER C 305 -41.11 6.61 3.05
CA SER C 305 -42.55 6.39 3.05
C SER C 305 -43.14 7.28 4.13
N THR C 306 -43.77 8.37 3.73
CA THR C 306 -44.41 9.29 4.67
C THR C 306 -45.83 8.82 4.93
N ALA C 307 -46.63 9.67 5.57
CA ALA C 307 -48.02 9.32 5.87
C ALA C 307 -48.93 9.47 4.65
N LYS C 308 -48.49 10.13 3.59
CA LYS C 308 -49.31 10.32 2.41
C LYS C 308 -49.03 9.24 1.35
N GLY C 309 -47.79 9.15 0.89
CA GLY C 309 -47.43 8.17 -0.12
C GLY C 309 -46.06 7.58 0.15
N SER C 310 -45.36 7.17 -0.90
CA SER C 310 -44.02 6.62 -0.73
C SER C 310 -43.28 6.66 -2.05
N ILE C 311 -41.95 6.66 -1.95
CA ILE C 311 -41.04 6.51 -3.08
C ILE C 311 -40.17 5.31 -2.79
N THR C 312 -40.17 4.34 -3.71
CA THR C 312 -39.27 3.20 -3.61
C THR C 312 -38.32 3.25 -4.80
N SER C 313 -37.03 3.05 -4.53
CA SER C 313 -35.99 3.28 -5.52
C SER C 313 -35.25 2.00 -5.82
N ILE C 314 -35.10 1.70 -7.11
CA ILE C 314 -34.25 0.62 -7.58
C ILE C 314 -33.02 1.25 -8.21
N GLN C 315 -31.85 0.88 -7.68
CA GLN C 315 -30.60 1.51 -8.04
C GLN C 315 -29.62 0.46 -8.54
N ALA C 316 -29.00 0.71 -9.68
CA ALA C 316 -27.97 -0.19 -10.20
C ALA C 316 -26.61 0.35 -9.77
N ILE C 317 -25.78 -0.52 -9.21
CA ILE C 317 -24.49 -0.12 -8.65
C ILE C 317 -23.38 -0.91 -9.34
N TYR C 318 -22.34 -0.20 -9.76
CA TYR C 318 -21.14 -0.80 -10.33
C TYR C 318 -20.03 -0.72 -9.31
N VAL C 319 -19.42 -1.87 -9.02
CA VAL C 319 -18.32 -1.96 -8.08
C VAL C 319 -17.02 -1.90 -8.88
N PRO C 320 -16.11 -0.97 -8.58
CA PRO C 320 -14.87 -0.87 -9.36
C PRO C 320 -13.96 -2.06 -9.11
N ALA C 321 -13.70 -2.82 -10.18
CA ALA C 321 -12.79 -3.98 -10.14
C ALA C 321 -13.28 -5.05 -9.17
N ASP C 322 -14.57 -5.05 -8.87
CA ASP C 322 -15.17 -6.00 -7.93
C ASP C 322 -14.50 -5.93 -6.55
N ASP C 323 -14.21 -4.71 -6.11
CA ASP C 323 -13.60 -4.45 -4.81
C ASP C 323 -14.66 -3.81 -3.92
N TYR C 324 -15.25 -4.62 -3.04
CA TYR C 324 -16.39 -4.17 -2.23
C TYR C 324 -15.98 -3.36 -1.01
N THR C 325 -14.68 -3.22 -0.75
CA THR C 325 -14.19 -2.39 0.35
C THR C 325 -13.85 -0.98 -0.10
N ASP C 326 -14.11 -0.63 -1.35
CA ASP C 326 -13.90 0.73 -1.81
C ASP C 326 -14.83 1.67 -1.06
N PRO C 327 -14.39 2.90 -0.76
CA PRO C 327 -15.23 3.79 0.06
C PRO C 327 -16.62 4.05 -0.49
N ALA C 328 -16.77 4.14 -1.82
CA ALA C 328 -18.08 4.49 -2.36
C ALA C 328 -19.09 3.34 -2.26
N PRO C 329 -18.79 2.12 -2.73
CA PRO C 329 -19.74 1.02 -2.47
C PRO C 329 -19.94 0.74 -0.99
N ALA C 330 -18.89 0.87 -0.18
CA ALA C 330 -19.04 0.64 1.25
C ALA C 330 -19.95 1.66 1.89
N THR C 331 -19.94 2.90 1.40
CA THR C 331 -20.83 3.92 1.93
C THR C 331 -22.26 3.71 1.46
N THR C 332 -22.45 3.34 0.19
CA THR C 332 -23.82 3.21 -0.30
C THR C 332 -24.47 1.90 0.10
N PHE C 333 -23.70 0.89 0.53
CA PHE C 333 -24.31 -0.38 0.90
C PHE C 333 -25.02 -0.32 2.24
N SER C 334 -24.84 0.72 3.03
CA SER C 334 -25.48 0.84 4.32
C SER C 334 -26.87 1.46 4.24
N HIS C 335 -27.34 1.77 3.04
CA HIS C 335 -28.68 2.28 2.83
C HIS C 335 -29.62 1.27 2.19
N LEU C 336 -29.13 0.08 1.83
CA LEU C 336 -29.91 -0.86 1.04
C LEU C 336 -30.67 -1.82 1.95
N ASP C 337 -31.87 -2.20 1.52
CA ASP C 337 -32.68 -3.19 2.20
C ASP C 337 -32.64 -4.55 1.55
N ALA C 338 -32.53 -4.61 0.22
CA ALA C 338 -32.54 -5.87 -0.50
C ALA C 338 -31.59 -5.79 -1.68
N THR C 339 -31.17 -6.95 -2.17
CA THR C 339 -30.40 -7.06 -3.39
C THR C 339 -31.04 -8.08 -4.32
N THR C 340 -30.96 -7.81 -5.62
CA THR C 340 -31.52 -8.69 -6.65
C THR C 340 -30.45 -9.02 -7.66
N ASN C 341 -30.10 -10.30 -7.76
CA ASN C 341 -28.99 -10.75 -8.59
C ASN C 341 -29.51 -11.46 -9.83
N LEU C 342 -29.04 -11.03 -10.99
CA LEU C 342 -29.41 -11.62 -12.27
C LEU C 342 -28.26 -12.48 -12.78
N GLU C 343 -28.55 -13.73 -13.13
CA GLU C 343 -27.52 -14.69 -13.47
C GLU C 343 -27.67 -15.14 -14.92
N ARG C 344 -26.54 -15.23 -15.61
CA ARG C 344 -26.55 -15.71 -17.00
C ARG C 344 -26.84 -17.20 -17.07
N LYS C 345 -26.50 -17.95 -16.03
CA LYS C 345 -26.73 -19.39 -16.04
C LYS C 345 -28.22 -19.71 -16.15
N LEU C 346 -29.05 -19.00 -15.40
CA LEU C 346 -30.49 -19.23 -15.48
C LEU C 346 -31.10 -18.69 -16.76
N ALA C 347 -30.46 -17.68 -17.36
CA ALA C 347 -30.96 -17.16 -18.63
C ALA C 347 -30.64 -18.10 -19.78
N GLU C 348 -29.51 -18.80 -19.72
CA GLU C 348 -29.18 -19.77 -20.76
C GLU C 348 -30.17 -20.92 -20.78
N MET C 349 -30.56 -21.42 -19.61
CA MET C 349 -31.46 -22.57 -19.53
C MET C 349 -32.92 -22.21 -19.78
N GLY C 350 -33.24 -20.94 -19.90
CA GLY C 350 -34.61 -20.55 -20.20
C GLY C 350 -35.46 -20.29 -18.97
N ILE C 351 -34.90 -19.58 -17.99
CA ILE C 351 -35.65 -19.11 -16.84
C ILE C 351 -35.75 -17.60 -16.95
N TYR C 352 -36.97 -17.08 -17.01
CA TYR C 352 -37.22 -15.65 -17.16
C TYR C 352 -38.19 -15.20 -16.07
N PRO C 353 -37.81 -14.26 -15.20
CA PRO C 353 -36.54 -13.53 -15.17
C PRO C 353 -35.39 -14.38 -14.67
N ALA C 354 -34.14 -13.93 -14.84
CA ALA C 354 -32.97 -14.69 -14.46
C ALA C 354 -32.51 -14.42 -13.05
N VAL C 355 -33.44 -14.10 -12.15
CA VAL C 355 -33.09 -13.77 -10.77
C VAL C 355 -32.55 -14.99 -10.06
N ASP C 356 -31.38 -14.85 -9.45
CA ASP C 356 -30.76 -15.95 -8.73
C ASP C 356 -31.49 -16.17 -7.41
N PRO C 357 -31.99 -17.38 -7.14
CA PRO C 357 -32.75 -17.59 -5.89
C PRO C 357 -31.89 -17.81 -4.65
N LEU C 358 -30.63 -18.21 -4.81
CA LEU C 358 -29.76 -18.49 -3.68
C LEU C 358 -28.79 -17.35 -3.36
N ALA C 359 -28.78 -16.28 -4.16
CA ALA C 359 -27.94 -15.13 -3.90
C ALA C 359 -28.73 -13.85 -3.63
N SER C 360 -30.04 -13.84 -3.88
CA SER C 360 -30.85 -12.69 -3.58
C SER C 360 -31.18 -12.66 -2.09
N THR C 361 -31.05 -11.48 -1.48
CA THR C 361 -31.24 -11.31 -0.05
C THR C 361 -32.24 -10.19 0.21
N SER C 362 -32.90 -10.26 1.36
CA SER C 362 -33.81 -9.20 1.77
C SER C 362 -33.91 -9.19 3.28
N ARG C 363 -34.12 -8.01 3.85
CA ARG C 363 -34.31 -7.88 5.29
C ARG C 363 -35.76 -8.07 5.71
N ALA C 364 -36.69 -8.17 4.75
CA ALA C 364 -38.09 -8.39 5.06
C ALA C 364 -38.44 -9.86 5.21
N LEU C 365 -37.52 -10.77 4.88
CA LEU C 365 -37.76 -12.21 5.05
C LEU C 365 -37.62 -12.56 6.53
N ALA C 366 -38.69 -12.31 7.27
CA ALA C 366 -38.73 -12.60 8.70
C ALA C 366 -40.16 -12.90 9.08
N PRO C 367 -40.39 -13.86 10.00
CA PRO C 367 -41.77 -14.22 10.36
C PRO C 367 -42.57 -13.08 10.95
N GLU C 368 -41.93 -12.07 11.52
CA GLU C 368 -42.65 -10.94 12.08
C GLU C 368 -43.11 -9.95 11.04
N ILE C 369 -42.64 -10.05 9.80
CA ILE C 369 -43.00 -9.14 8.72
C ILE C 369 -43.95 -9.80 7.73
N VAL C 370 -43.52 -10.90 7.12
CA VAL C 370 -44.34 -11.54 6.10
C VAL C 370 -45.36 -12.49 6.74
N GLY C 371 -44.93 -13.29 7.70
CA GLY C 371 -45.77 -14.30 8.32
C GLY C 371 -45.02 -15.61 8.50
N GLU C 372 -45.62 -16.47 9.31
CA GLU C 372 -44.99 -17.74 9.64
C GLU C 372 -45.06 -18.70 8.46
N GLU C 373 -46.23 -18.76 7.80
CA GLU C 373 -46.41 -19.65 6.65
C GLU C 373 -45.46 -19.27 5.51
N HIS C 374 -45.44 -17.99 5.16
CA HIS C 374 -44.56 -17.50 4.11
C HIS C 374 -43.12 -17.84 4.42
N TYR C 375 -42.69 -17.59 5.66
CA TYR C 375 -41.30 -17.83 6.04
C TYR C 375 -40.95 -19.31 5.95
N GLN C 376 -41.84 -20.19 6.42
CA GLN C 376 -41.56 -21.62 6.37
C GLN C 376 -41.46 -22.11 4.94
N VAL C 377 -42.41 -21.70 4.09
CA VAL C 377 -42.37 -22.14 2.69
C VAL C 377 -41.08 -21.66 2.02
N ALA C 378 -40.73 -20.38 2.23
CA ALA C 378 -39.55 -19.84 1.58
C ALA C 378 -38.28 -20.55 2.05
N ARG C 379 -38.17 -20.80 3.35
CA ARG C 379 -36.98 -21.47 3.86
C ARG C 379 -36.89 -22.91 3.36
N LYS C 380 -38.02 -23.61 3.28
CA LYS C 380 -38.01 -24.97 2.75
C LYS C 380 -37.53 -24.97 1.30
N VAL C 381 -38.04 -24.04 0.48
CA VAL C 381 -37.59 -23.96 -0.91
C VAL C 381 -36.10 -23.66 -0.98
N GLN C 382 -35.62 -22.73 -0.15
CA GLN C 382 -34.21 -22.37 -0.19
C GLN C 382 -33.32 -23.55 0.17
N GLN C 383 -33.68 -24.31 1.21
CA GLN C 383 -32.85 -25.44 1.59
C GLN C 383 -32.93 -26.57 0.56
N THR C 384 -34.09 -26.75 -0.08
CA THR C 384 -34.17 -27.73 -1.16
C THR C 384 -33.25 -27.36 -2.31
N LEU C 385 -33.24 -26.08 -2.70
CA LEU C 385 -32.36 -25.64 -3.77
C LEU C 385 -30.89 -25.79 -3.38
N GLN C 386 -30.55 -25.50 -2.12
CA GLN C 386 -29.17 -25.67 -1.67
C GLN C 386 -28.75 -27.14 -1.72
N ARG C 387 -29.65 -28.04 -1.30
CA ARG C 387 -29.36 -29.46 -1.39
C ARG C 387 -29.15 -29.89 -2.84
N TYR C 388 -30.00 -29.41 -3.75
CA TYR C 388 -29.81 -29.70 -5.17
C TYR C 388 -28.43 -29.22 -5.65
N LYS C 389 -28.08 -27.98 -5.28
CA LYS C 389 -26.82 -27.40 -5.74
C LYS C 389 -25.63 -28.21 -5.24
N GLU C 390 -25.67 -28.65 -3.98
CA GLU C 390 -24.56 -29.43 -3.44
C GLU C 390 -24.51 -30.82 -4.08
N LEU C 391 -25.67 -31.49 -4.19
CA LEU C 391 -25.69 -32.89 -4.60
C LEU C 391 -25.36 -33.03 -6.08
N GLN C 392 -25.99 -32.21 -6.94
CA GLN C 392 -25.89 -32.44 -8.38
C GLN C 392 -24.50 -32.19 -8.93
N ASP C 393 -23.60 -31.56 -8.17
CA ASP C 393 -22.29 -31.20 -8.71
C ASP C 393 -21.23 -32.26 -8.41
N ILE C 394 -20.97 -32.52 -7.13
CA ILE C 394 -19.96 -33.51 -6.77
C ILE C 394 -20.47 -34.92 -7.02
N ILE C 395 -21.79 -35.11 -6.98
CA ILE C 395 -22.42 -36.40 -7.27
C ILE C 395 -23.22 -36.22 -8.56
N ALA C 396 -23.45 -37.33 -9.27
CA ALA C 396 -24.16 -37.41 -10.54
C ALA C 396 -23.35 -36.83 -11.69
N ILE C 397 -22.17 -36.27 -11.43
CA ILE C 397 -21.24 -35.86 -12.45
C ILE C 397 -19.93 -36.63 -12.23
N LEU C 398 -19.13 -36.70 -13.29
CA LEU C 398 -17.86 -37.44 -13.29
C LEU C 398 -18.07 -38.94 -13.09
N GLY C 399 -19.21 -39.45 -13.54
CA GLY C 399 -19.45 -40.89 -13.49
C GLY C 399 -19.75 -41.45 -12.12
N MET C 400 -20.18 -40.61 -11.18
CA MET C 400 -20.52 -41.06 -9.83
C MET C 400 -22.03 -41.03 -9.61
N ASP C 401 -22.80 -41.24 -10.67
CA ASP C 401 -24.25 -41.16 -10.56
C ASP C 401 -24.80 -42.31 -9.72
N GLU C 402 -25.86 -42.01 -8.97
CA GLU C 402 -26.50 -42.99 -8.11
C GLU C 402 -27.98 -42.61 -7.97
N LEU C 403 -28.79 -43.60 -7.57
CA LEU C 403 -30.24 -43.47 -7.60
C LEU C 403 -30.84 -43.81 -6.23
N SER C 404 -30.28 -43.23 -5.17
CA SER C 404 -30.80 -43.46 -3.83
C SER C 404 -32.22 -42.91 -3.70
N ASP C 405 -33.04 -43.62 -2.94
CA ASP C 405 -34.37 -43.13 -2.62
C ASP C 405 -34.27 -41.90 -1.73
N GLU C 406 -35.25 -41.00 -1.87
CA GLU C 406 -35.33 -39.71 -1.21
C GLU C 406 -34.31 -38.75 -1.81
N ASP C 407 -33.47 -39.25 -2.71
CA ASP C 407 -32.65 -38.40 -3.58
C ASP C 407 -33.21 -38.32 -4.98
N LYS C 408 -34.00 -39.32 -5.40
CA LYS C 408 -34.82 -39.17 -6.59
C LYS C 408 -35.88 -38.09 -6.37
N LEU C 409 -36.56 -38.16 -5.23
CA LEU C 409 -37.66 -37.24 -4.96
C LEU C 409 -37.16 -35.83 -4.70
N VAL C 410 -36.00 -35.69 -4.07
CA VAL C 410 -35.48 -34.35 -3.79
C VAL C 410 -35.18 -33.62 -5.09
N VAL C 411 -34.52 -34.29 -6.05
CA VAL C 411 -34.23 -33.64 -7.32
C VAL C 411 -35.50 -33.52 -8.16
N HIS C 412 -36.44 -34.45 -7.99
CA HIS C 412 -37.71 -34.37 -8.71
C HIS C 412 -38.45 -33.09 -8.34
N ARG C 413 -38.64 -32.86 -7.04
CA ARG C 413 -39.32 -31.65 -6.60
C ARG C 413 -38.47 -30.40 -6.81
N ALA C 414 -37.14 -30.52 -6.70
CA ALA C 414 -36.29 -29.36 -6.94
C ALA C 414 -36.38 -28.88 -8.39
N ARG C 415 -36.39 -29.81 -9.34
CA ARG C 415 -36.54 -29.43 -10.74
C ARG C 415 -37.96 -28.92 -11.01
N ARG C 416 -38.96 -29.49 -10.33
CA ARG C 416 -40.31 -28.97 -10.54
C ARG C 416 -40.53 -27.61 -9.85
N ILE C 417 -39.66 -27.23 -8.92
CA ILE C 417 -39.80 -25.94 -8.27
C ILE C 417 -38.92 -24.87 -8.91
N GLN C 418 -37.79 -25.26 -9.50
CA GLN C 418 -36.93 -24.27 -10.15
C GLN C 418 -37.59 -23.68 -11.39
N PHE C 419 -38.40 -24.47 -12.09
CA PHE C 419 -39.05 -24.00 -13.30
C PHE C 419 -40.37 -23.30 -13.03
N PHE C 420 -40.89 -23.34 -11.80
CA PHE C 420 -42.10 -22.60 -11.46
C PHE C 420 -41.81 -21.16 -11.06
N LEU C 421 -40.54 -20.81 -10.84
CA LEU C 421 -40.16 -19.43 -10.56
C LEU C 421 -40.10 -18.56 -11.79
N SER C 422 -40.11 -19.15 -12.99
CA SER C 422 -40.20 -18.38 -14.21
C SER C 422 -41.62 -17.90 -14.44
N GLN C 423 -41.75 -16.83 -15.22
CA GLN C 423 -43.05 -16.20 -15.41
C GLN C 423 -43.13 -15.59 -16.81
N ASN C 424 -44.36 -15.34 -17.25
CA ASN C 424 -44.62 -14.70 -18.53
C ASN C 424 -45.02 -13.24 -18.30
N PHE C 425 -44.28 -12.33 -18.93
CA PHE C 425 -44.43 -10.90 -18.69
C PHE C 425 -45.32 -10.27 -19.77
N HIS C 426 -45.98 -9.17 -19.40
CA HIS C 426 -46.81 -8.45 -20.36
C HIS C 426 -45.97 -7.77 -21.42
N VAL C 427 -44.81 -7.23 -21.05
CA VAL C 427 -43.96 -6.53 -21.99
C VAL C 427 -43.29 -7.44 -22.99
N ALA C 428 -43.29 -8.75 -22.74
CA ALA C 428 -42.75 -9.73 -23.67
C ALA C 428 -43.80 -10.27 -24.63
N GLU C 429 -45.03 -9.76 -24.57
CA GLU C 429 -46.11 -10.23 -25.43
C GLU C 429 -45.95 -9.77 -26.87
N GLN C 430 -45.06 -8.81 -27.14
CA GLN C 430 -44.87 -8.38 -28.52
C GLN C 430 -44.07 -9.41 -29.32
N PHE C 431 -43.30 -10.26 -28.66
CA PHE C 431 -42.57 -11.34 -29.33
C PHE C 431 -43.14 -12.72 -29.06
N THR C 432 -44.31 -12.79 -28.42
CA THR C 432 -44.85 -14.07 -27.95
C THR C 432 -46.32 -13.87 -27.62
N GLY C 433 -47.14 -14.86 -27.96
CA GLY C 433 -48.59 -14.68 -27.88
C GLY C 433 -49.17 -14.70 -26.49
N GLN C 434 -48.40 -15.04 -25.46
CA GLN C 434 -48.95 -15.18 -24.12
C GLN C 434 -49.26 -13.81 -23.51
N PRO C 435 -50.50 -13.56 -23.07
CA PRO C 435 -50.84 -12.22 -22.56
C PRO C 435 -50.02 -11.76 -21.36
N GLY C 436 -49.64 -12.65 -20.47
CA GLY C 436 -48.92 -12.25 -19.28
C GLY C 436 -49.83 -12.18 -18.06
N SER C 437 -49.22 -12.36 -16.88
CA SER C 437 -49.99 -12.55 -15.66
C SER C 437 -49.41 -11.72 -14.52
N TYR C 438 -50.28 -11.42 -13.55
CA TYR C 438 -49.92 -10.74 -12.31
C TYR C 438 -50.37 -11.62 -11.15
N VAL C 439 -49.43 -12.27 -10.49
CA VAL C 439 -49.72 -13.27 -9.47
C VAL C 439 -49.58 -12.63 -8.09
N PRO C 440 -50.64 -12.60 -7.28
CA PRO C 440 -50.49 -12.12 -5.90
C PRO C 440 -49.61 -13.04 -5.07
N VAL C 441 -49.39 -12.69 -3.79
CA VAL C 441 -48.38 -13.40 -3.00
C VAL C 441 -48.98 -14.62 -2.32
N LYS C 442 -50.25 -14.54 -1.89
CA LYS C 442 -50.90 -15.70 -1.29
C LYS C 442 -50.98 -16.85 -2.29
N GLU C 443 -51.24 -16.53 -3.56
CA GLU C 443 -51.34 -17.57 -4.59
C GLU C 443 -50.00 -18.28 -4.79
N THR C 444 -48.91 -17.53 -4.85
CA THR C 444 -47.62 -18.20 -5.06
C THR C 444 -47.18 -18.95 -3.82
N VAL C 445 -47.52 -18.47 -2.62
CA VAL C 445 -47.24 -19.24 -1.41
C VAL C 445 -47.99 -20.57 -1.47
N ARG C 446 -49.28 -20.53 -1.84
CA ARG C 446 -50.07 -21.75 -1.95
C ARG C 446 -49.49 -22.70 -2.98
N GLY C 447 -49.11 -22.17 -4.15
CA GLY C 447 -48.58 -23.03 -5.19
C GLY C 447 -47.28 -23.69 -4.80
N PHE C 448 -46.37 -22.92 -4.19
CA PHE C 448 -45.10 -23.49 -3.77
C PHE C 448 -45.29 -24.50 -2.65
N LYS C 449 -46.23 -24.25 -1.74
CA LYS C 449 -46.52 -25.22 -0.68
C LYS C 449 -47.06 -26.51 -1.27
N GLU C 450 -47.99 -26.40 -2.23
CA GLU C 450 -48.55 -27.60 -2.85
C GLU C 450 -47.48 -28.39 -3.59
N ILE C 451 -46.59 -27.70 -4.30
CA ILE C 451 -45.50 -28.41 -4.98
C ILE C 451 -44.59 -29.09 -3.96
N LEU C 452 -44.32 -28.42 -2.84
CA LEU C 452 -43.45 -28.99 -1.83
C LEU C 452 -44.04 -30.26 -1.24
N GLU C 453 -45.35 -30.25 -0.98
CA GLU C 453 -46.00 -31.42 -0.40
C GLU C 453 -46.04 -32.61 -1.35
N GLY C 454 -45.72 -32.43 -2.63
CA GLY C 454 -45.73 -33.53 -3.58
C GLY C 454 -47.07 -33.81 -4.20
N LYS C 455 -48.06 -32.94 -4.03
CA LYS C 455 -49.37 -33.18 -4.63
C LYS C 455 -49.29 -33.17 -6.14
N TYR C 456 -48.48 -32.29 -6.71
CA TYR C 456 -48.33 -32.16 -8.17
C TYR C 456 -47.12 -32.92 -8.67
N ASP C 457 -46.82 -34.06 -8.06
CA ASP C 457 -45.63 -34.83 -8.39
C ASP C 457 -45.82 -35.72 -9.62
N HIS C 458 -47.03 -35.79 -10.18
CA HIS C 458 -47.36 -36.71 -11.25
C HIS C 458 -47.46 -36.01 -12.62
N LEU C 459 -46.68 -34.96 -12.83
CA LEU C 459 -46.74 -34.19 -14.06
C LEU C 459 -45.34 -33.97 -14.61
N PRO C 460 -45.20 -33.71 -15.91
CA PRO C 460 -43.88 -33.43 -16.46
C PRO C 460 -43.45 -32.00 -16.17
N GLU C 461 -42.13 -31.79 -16.23
CA GLU C 461 -41.56 -30.50 -15.90
C GLU C 461 -41.89 -29.42 -16.92
N ASP C 462 -42.26 -29.79 -18.14
CA ASP C 462 -42.61 -28.79 -19.14
C ASP C 462 -43.89 -28.05 -18.80
N ALA C 463 -44.72 -28.60 -17.92
CA ALA C 463 -45.94 -27.90 -17.54
C ALA C 463 -45.65 -26.70 -16.64
N PHE C 464 -44.55 -26.75 -15.89
CA PHE C 464 -44.15 -25.64 -15.01
C PHE C 464 -43.16 -24.76 -15.78
N ARG C 465 -43.70 -23.93 -16.67
CA ARG C 465 -42.86 -23.06 -17.48
C ARG C 465 -43.71 -21.94 -18.05
N LEU C 466 -43.31 -20.70 -17.77
CA LEU C 466 -43.97 -19.50 -18.29
C LEU C 466 -45.47 -19.54 -18.02
N VAL C 467 -45.80 -19.53 -16.73
CA VAL C 467 -47.19 -19.68 -16.30
C VAL C 467 -47.37 -18.88 -15.01
N GLY C 468 -48.60 -18.47 -14.74
CA GLY C 468 -48.90 -17.70 -13.55
C GLY C 468 -49.29 -18.57 -12.39
N ARG C 469 -50.58 -18.56 -12.02
CA ARG C 469 -51.04 -19.35 -10.89
C ARG C 469 -50.77 -20.84 -11.10
N ILE C 470 -50.79 -21.57 -9.98
CA ILE C 470 -50.45 -23.00 -10.03
C ILE C 470 -51.51 -23.79 -10.78
N GLU C 471 -52.79 -23.42 -10.62
CA GLU C 471 -53.86 -24.17 -11.25
C GLU C 471 -53.71 -24.19 -12.77
N GLU C 472 -53.32 -23.06 -13.36
CA GLU C 472 -53.10 -22.99 -14.80
C GLU C 472 -52.12 -24.04 -15.26
N VAL C 473 -51.13 -24.38 -14.43
CA VAL C 473 -50.14 -25.39 -14.78
C VAL C 473 -50.84 -26.68 -15.18
N VAL C 474 -51.84 -27.09 -14.39
CA VAL C 474 -52.56 -28.33 -14.68
C VAL C 474 -53.12 -28.26 -16.10
N GLU C 475 -53.75 -27.15 -16.45
CA GLU C 475 -54.30 -27.02 -17.80
C GLU C 475 -53.23 -27.20 -18.86
N LYS C 476 -52.05 -26.62 -18.61
CA LYS C 476 -50.93 -26.84 -19.53
C LYS C 476 -50.67 -28.33 -19.69
N ALA C 477 -50.51 -29.05 -18.58
CA ALA C 477 -50.26 -30.48 -18.65
C ALA C 477 -51.46 -31.24 -19.18
N LYS C 478 -52.64 -30.62 -19.17
CA LYS C 478 -53.80 -31.26 -19.80
C LYS C 478 -53.66 -31.26 -21.31
N ALA C 479 -53.06 -30.22 -21.89
CA ALA C 479 -52.94 -30.11 -23.33
C ALA C 479 -51.64 -30.71 -23.86
N MET C 480 -50.77 -31.21 -22.98
CA MET C 480 -49.51 -31.79 -23.39
C MET C 480 -49.57 -33.31 -23.54
N GLY C 481 -50.74 -33.91 -23.40
CA GLY C 481 -50.90 -35.34 -23.53
C GLY C 481 -50.70 -36.13 -22.26
N VAL C 482 -50.34 -35.49 -21.16
CA VAL C 482 -50.10 -36.17 -19.90
C VAL C 482 -51.31 -36.03 -18.97
N ALA D 2 2.35 -8.46 -7.56
CA ALA D 2 2.62 -8.51 -6.13
C ALA D 2 1.47 -7.91 -5.34
N SER D 3 0.29 -7.88 -5.95
CA SER D 3 -0.89 -7.37 -5.26
C SER D 3 -1.27 -8.28 -4.10
N LEU D 4 -1.87 -7.68 -3.07
CA LEU D 4 -2.26 -8.47 -1.90
C LEU D 4 -3.37 -9.46 -2.22
N ARG D 5 -4.21 -9.16 -3.21
CA ARG D 5 -5.33 -10.04 -3.54
C ARG D 5 -4.85 -11.37 -4.10
N ASP D 6 -3.84 -11.35 -4.98
CA ASP D 6 -3.30 -12.59 -5.53
C ASP D 6 -2.69 -13.46 -4.43
N ILE D 7 -1.95 -12.84 -3.52
CA ILE D 7 -1.35 -13.60 -2.43
C ILE D 7 -2.43 -14.19 -1.53
N LYS D 8 -3.47 -13.42 -1.27
CA LYS D 8 -4.56 -13.91 -0.43
C LYS D 8 -5.26 -15.11 -1.08
N THR D 9 -5.53 -15.03 -2.39
CA THR D 9 -6.23 -16.15 -3.03
C THR D 9 -5.33 -17.39 -3.12
N ARG D 10 -4.03 -17.20 -3.34
CA ARG D 10 -3.12 -18.34 -3.32
C ARG D 10 -3.10 -19.00 -1.95
N ILE D 11 -3.08 -18.19 -0.89
CA ILE D 11 -3.13 -18.74 0.46
C ILE D 11 -4.40 -19.53 0.69
N ASN D 12 -5.54 -19.00 0.22
CA ASN D 12 -6.81 -19.70 0.41
C ASN D 12 -6.80 -21.05 -0.30
N ALA D 13 -6.33 -21.08 -1.54
CA ALA D 13 -6.29 -22.33 -2.30
C ALA D 13 -5.38 -23.36 -1.62
N THR D 14 -4.19 -22.93 -1.18
CA THR D 14 -3.28 -23.86 -0.52
C THR D 14 -3.88 -24.39 0.77
N LYS D 15 -4.58 -23.53 1.52
CA LYS D 15 -5.22 -23.98 2.75
C LYS D 15 -6.29 -25.04 2.47
N LYS D 16 -7.09 -24.83 1.42
CA LYS D 16 -8.12 -25.81 1.09
C LYS D 16 -7.51 -27.15 0.67
N THR D 17 -6.41 -27.10 -0.09
CA THR D 17 -5.73 -28.34 -0.46
C THR D 17 -5.19 -29.05 0.77
N SER D 18 -4.67 -28.30 1.73
CA SER D 18 -4.20 -28.92 2.97
C SER D 18 -5.33 -29.60 3.71
N GLN D 19 -6.51 -28.98 3.75
CA GLN D 19 -7.65 -29.63 4.38
C GLN D 19 -7.97 -30.96 3.72
N ILE D 20 -8.01 -30.97 2.38
CA ILE D 20 -8.30 -32.19 1.64
C ILE D 20 -7.31 -33.29 2.00
N THR D 21 -6.01 -32.95 1.99
CA THR D 21 -4.98 -33.95 2.25
C THR D 21 -5.08 -34.50 3.67
N LYS D 22 -5.33 -33.63 4.65
CA LYS D 22 -5.46 -34.12 6.03
C LYS D 22 -6.63 -35.09 6.17
N ALA D 23 -7.77 -34.77 5.56
CA ALA D 23 -8.92 -35.66 5.64
C ALA D 23 -8.60 -37.01 5.04
N MET D 24 -7.97 -37.03 3.86
CA MET D 24 -7.61 -38.29 3.23
C MET D 24 -6.64 -39.08 4.12
N GLU D 25 -5.72 -38.38 4.79
CA GLU D 25 -4.76 -39.08 5.65
C GLU D 25 -5.46 -39.82 6.78
N MET D 26 -6.39 -39.16 7.47
CA MET D 26 -7.06 -39.86 8.57
C MET D 26 -7.92 -41.02 8.06
N VAL D 27 -8.63 -40.82 6.95
CA VAL D 27 -9.42 -41.91 6.39
C VAL D 27 -8.53 -43.11 6.07
N SER D 28 -7.33 -42.85 5.54
CA SER D 28 -6.43 -43.94 5.17
C SER D 28 -5.88 -44.65 6.40
N THR D 29 -5.65 -43.92 7.49
CA THR D 29 -5.23 -44.60 8.72
C THR D 29 -6.32 -45.56 9.21
N SER D 30 -7.58 -45.13 9.16
CA SER D 30 -8.68 -46.02 9.55
C SER D 30 -8.72 -47.27 8.66
N LYS D 31 -8.58 -47.07 7.35
CA LYS D 31 -8.63 -48.20 6.43
C LYS D 31 -7.47 -49.15 6.67
N LEU D 32 -6.29 -48.62 7.02
CA LEU D 32 -5.16 -49.48 7.35
C LEU D 32 -5.46 -50.35 8.56
N ASN D 33 -6.07 -49.76 9.59
CA ASN D 33 -6.45 -50.56 10.76
C ASN D 33 -7.38 -51.70 10.36
N ARG D 34 -8.41 -51.39 9.56
CA ARG D 34 -9.36 -52.42 9.16
C ARG D 34 -8.69 -53.53 8.35
N ALA D 35 -7.81 -53.16 7.42
CA ALA D 35 -7.15 -54.17 6.59
C ALA D 35 -6.25 -55.08 7.42
N GLU D 36 -5.53 -54.50 8.39
CA GLU D 36 -4.72 -55.34 9.28
C GLU D 36 -5.60 -56.31 10.05
N GLN D 37 -6.77 -55.85 10.52
CA GLN D 37 -7.71 -56.75 11.19
C GLN D 37 -8.09 -57.91 10.28
N ASN D 38 -8.40 -57.61 9.01
CA ASN D 38 -8.81 -58.66 8.08
C ASN D 38 -7.71 -59.69 7.88
N ALA D 39 -6.48 -59.23 7.66
CA ALA D 39 -5.38 -60.16 7.42
C ALA D 39 -5.13 -61.04 8.64
N LYS D 40 -5.12 -60.44 9.84
CA LYS D 40 -4.84 -61.22 11.03
C LYS D 40 -5.96 -62.21 11.33
N SER D 41 -7.21 -61.87 10.95
CA SER D 41 -8.29 -62.84 11.08
C SER D 41 -8.15 -63.97 10.07
N PHE D 42 -7.58 -63.68 8.89
CA PHE D 42 -7.47 -64.71 7.85
C PHE D 42 -6.37 -65.72 8.16
N VAL D 43 -5.31 -65.31 8.87
CA VAL D 43 -4.10 -66.15 8.97
C VAL D 43 -4.33 -67.59 9.46
N PRO D 44 -5.22 -67.88 10.43
CA PRO D 44 -5.27 -69.25 10.98
C PRO D 44 -5.54 -70.34 9.96
N TYR D 45 -6.45 -70.08 9.01
CA TYR D 45 -6.75 -71.09 7.99
C TYR D 45 -5.52 -71.37 7.13
N MET D 46 -4.77 -70.33 6.79
CA MET D 46 -3.50 -70.51 6.08
C MET D 46 -2.56 -71.40 6.86
N GLU D 47 -2.42 -71.14 8.16
CA GLU D 47 -1.54 -71.96 8.98
C GLU D 47 -1.95 -73.42 8.92
N LYS D 48 -3.24 -73.69 9.11
CA LYS D 48 -3.71 -75.08 9.14
C LYS D 48 -3.53 -75.77 7.80
N ILE D 49 -3.87 -75.10 6.69
CA ILE D 49 -3.79 -75.76 5.40
C ILE D 49 -2.35 -76.03 5.01
N GLN D 50 -1.45 -75.07 5.29
CA GLN D 50 -0.04 -75.32 5.01
C GLN D 50 0.48 -76.49 5.83
N GLU D 51 0.10 -76.56 7.11
CA GLU D 51 0.54 -77.68 7.95
C GLU D 51 0.05 -79.01 7.39
N VAL D 52 -1.22 -79.07 6.98
CA VAL D 52 -1.79 -80.33 6.50
C VAL D 52 -1.10 -80.75 5.19
N VAL D 53 -0.95 -79.81 4.25
CA VAL D 53 -0.35 -80.16 2.96
C VAL D 53 1.09 -80.59 3.14
N ALA D 54 1.84 -79.90 4.02
CA ALA D 54 3.20 -80.33 4.31
C ALA D 54 3.21 -81.72 4.94
N ASN D 55 2.24 -82.00 5.79
CA ASN D 55 2.15 -83.32 6.45
C ASN D 55 1.92 -84.42 5.43
N VAL D 56 1.04 -84.18 4.46
CA VAL D 56 0.58 -85.27 3.59
C VAL D 56 1.52 -85.45 2.40
N ALA D 57 1.93 -84.35 1.77
CA ALA D 57 2.65 -84.42 0.49
C ALA D 57 4.16 -84.50 0.71
N LEU D 58 4.59 -85.59 1.34
CA LEU D 58 6.01 -85.93 1.38
C LEU D 58 6.14 -87.39 1.82
N GLY D 59 6.98 -88.14 1.12
CA GLY D 59 7.18 -89.54 1.45
C GLY D 59 5.96 -90.40 1.24
N ALA D 60 6.13 -91.72 1.39
CA ALA D 60 5.02 -92.67 1.23
C ALA D 60 4.32 -92.48 -0.10
N GLY D 61 5.11 -92.24 -1.15
CA GLY D 61 4.55 -91.93 -2.46
C GLY D 61 4.07 -90.50 -2.56
N GLY D 62 2.95 -90.28 -3.23
CA GLY D 62 2.40 -88.95 -3.36
C GLY D 62 3.14 -88.04 -4.32
N ALA D 63 3.95 -88.60 -5.20
CA ALA D 63 4.69 -87.82 -6.19
C ALA D 63 4.00 -87.93 -7.55
N SER D 64 4.65 -87.42 -8.59
CA SER D 64 4.20 -87.48 -9.97
C SER D 64 2.91 -86.69 -10.22
N HIS D 65 2.50 -85.86 -9.27
CA HIS D 65 1.33 -85.02 -9.48
C HIS D 65 1.64 -83.98 -10.55
N PRO D 66 0.77 -83.78 -11.53
CA PRO D 66 1.05 -82.76 -12.56
C PRO D 66 1.20 -81.37 -11.99
N MET D 67 0.51 -81.05 -10.89
CA MET D 67 0.63 -79.75 -10.27
C MET D 67 1.98 -79.55 -9.59
N LEU D 68 2.68 -80.63 -9.25
CA LEU D 68 3.91 -80.55 -8.47
C LEU D 68 5.16 -80.91 -9.27
N VAL D 69 5.02 -81.50 -10.45
CA VAL D 69 6.16 -81.95 -11.25
C VAL D 69 6.46 -80.90 -12.31
N SER D 70 7.74 -80.54 -12.43
CA SER D 70 8.16 -79.56 -13.42
C SER D 70 7.87 -80.05 -14.84
N ARG D 71 7.53 -79.12 -15.72
CA ARG D 71 7.14 -79.41 -17.08
C ARG D 71 7.86 -78.45 -18.03
N PRO D 72 8.17 -78.88 -19.24
CA PRO D 72 8.78 -77.96 -20.22
C PRO D 72 7.88 -76.76 -20.48
N VAL D 73 8.38 -75.59 -20.10
CA VAL D 73 7.59 -74.36 -20.20
C VAL D 73 7.40 -73.99 -21.67
N LYS D 74 6.16 -73.68 -22.03
CA LYS D 74 5.83 -73.20 -23.36
C LYS D 74 5.05 -71.89 -23.34
N LYS D 75 4.18 -71.71 -22.34
CA LYS D 75 3.48 -70.45 -22.13
C LYS D 75 3.52 -70.10 -20.65
N THR D 76 3.66 -68.80 -20.36
CA THR D 76 3.73 -68.32 -18.99
C THR D 76 2.60 -67.34 -18.72
N GLY D 77 2.13 -67.31 -17.48
CA GLY D 77 1.10 -66.40 -17.07
C GLY D 77 1.61 -65.49 -15.97
N TYR D 78 1.03 -64.29 -15.90
CA TYR D 78 1.41 -63.29 -14.92
C TYR D 78 0.17 -62.78 -14.20
N LEU D 79 0.23 -62.75 -12.87
CA LEU D 79 -0.84 -62.21 -12.04
C LEU D 79 -0.28 -61.03 -11.26
N VAL D 80 -0.91 -59.87 -11.40
CA VAL D 80 -0.42 -58.64 -10.79
C VAL D 80 -1.52 -58.05 -9.91
N ILE D 81 -1.13 -57.52 -8.76
CA ILE D 81 -2.04 -56.93 -7.80
C ILE D 81 -1.71 -55.44 -7.71
N THR D 82 -2.52 -54.62 -8.35
CA THR D 82 -2.36 -53.17 -8.35
C THR D 82 -3.58 -52.51 -7.72
N SER D 83 -3.63 -51.19 -7.79
CA SER D 83 -4.71 -50.41 -7.21
C SER D 83 -5.68 -49.97 -8.30
N ASP D 84 -6.72 -49.24 -7.90
CA ASP D 84 -7.70 -48.71 -8.82
C ASP D 84 -7.51 -47.22 -9.12
N ARG D 85 -7.14 -46.43 -8.11
CA ARG D 85 -6.89 -45.01 -8.26
C ARG D 85 -5.53 -44.68 -7.69
N GLY D 86 -5.07 -43.46 -7.96
CA GLY D 86 -3.74 -43.05 -7.55
C GLY D 86 -3.65 -42.58 -6.12
N LEU D 87 -3.02 -41.42 -5.92
CA LEU D 87 -2.80 -40.82 -4.60
C LEU D 87 -1.95 -41.70 -3.70
N ALA D 88 -1.30 -42.71 -4.26
CA ALA D 88 -0.32 -43.53 -3.55
C ALA D 88 1.03 -43.34 -4.19
N GLY D 89 2.03 -43.01 -3.39
CA GLY D 89 3.34 -42.69 -3.94
C GLY D 89 4.12 -43.92 -4.37
N ALA D 90 4.24 -44.11 -5.68
CA ALA D 90 5.04 -45.18 -6.28
C ALA D 90 4.59 -46.57 -5.85
N TYR D 91 3.32 -46.73 -5.46
CA TYR D 91 2.82 -48.05 -5.10
C TYR D 91 2.56 -48.90 -6.34
N ASN D 92 2.06 -48.29 -7.42
CA ASN D 92 1.76 -49.01 -8.64
C ASN D 92 2.91 -48.98 -9.63
N SER D 93 3.63 -47.86 -9.70
CA SER D 93 4.68 -47.70 -10.71
C SER D 93 5.80 -48.71 -10.50
N ASN D 94 6.15 -48.99 -9.25
CA ASN D 94 7.25 -49.92 -8.99
C ASN D 94 6.92 -51.33 -9.49
N VAL D 95 5.75 -51.84 -9.11
CA VAL D 95 5.38 -53.20 -9.52
C VAL D 95 5.18 -53.27 -11.04
N LEU D 96 4.64 -52.20 -11.64
CA LEU D 96 4.43 -52.23 -13.07
C LEU D 96 5.75 -52.15 -13.83
N ARG D 97 6.72 -51.39 -13.30
CA ARG D 97 8.05 -51.35 -13.91
C ARG D 97 8.73 -52.71 -13.81
N LEU D 98 8.60 -53.37 -12.66
CA LEU D 98 9.18 -54.71 -12.53
C LEU D 98 8.56 -55.68 -13.53
N VAL D 99 7.24 -55.64 -13.67
CA VAL D 99 6.57 -56.55 -14.60
C VAL D 99 6.99 -56.25 -16.04
N TYR D 100 7.06 -54.97 -16.39
CA TYR D 100 7.46 -54.60 -17.75
C TYR D 100 8.88 -55.05 -18.06
N GLN D 101 9.82 -54.83 -17.13
CA GLN D 101 11.20 -55.22 -17.39
C GLN D 101 11.34 -56.74 -17.47
N THR D 102 10.61 -57.46 -16.61
CA THR D 102 10.64 -58.93 -16.69
C THR D 102 10.10 -59.42 -18.02
N ILE D 103 9.00 -58.83 -18.49
CA ILE D 103 8.42 -59.26 -19.76
C ILE D 103 9.35 -58.93 -20.93
N GLN D 104 9.92 -57.73 -20.93
CA GLN D 104 10.80 -57.35 -22.03
C GLN D 104 12.18 -57.99 -21.95
N LYS D 105 12.51 -58.66 -20.84
CA LYS D 105 13.78 -59.37 -20.76
C LYS D 105 13.76 -60.64 -21.61
N ARG D 106 12.90 -61.60 -21.28
CA ARG D 106 12.96 -62.93 -21.87
C ARG D 106 11.53 -63.44 -22.16
N HIS D 107 10.69 -62.59 -22.71
CA HIS D 107 9.33 -62.99 -23.09
C HIS D 107 8.94 -62.36 -24.43
N ALA D 108 9.84 -62.49 -25.41
CA ALA D 108 9.71 -61.72 -26.65
C ALA D 108 8.41 -62.04 -27.38
N SER D 109 8.05 -63.32 -27.48
CA SER D 109 6.89 -63.71 -28.28
C SER D 109 5.60 -63.19 -27.65
N PRO D 110 4.72 -62.53 -28.42
CA PRO D 110 3.44 -62.10 -27.87
C PRO D 110 2.57 -63.24 -27.37
N ASP D 111 2.65 -64.40 -28.01
CA ASP D 111 1.91 -65.58 -27.57
C ASP D 111 2.64 -66.38 -26.51
N GLU D 112 3.85 -65.98 -26.14
CA GLU D 112 4.60 -66.72 -25.13
C GLU D 112 4.02 -66.48 -23.73
N TYR D 113 3.64 -65.25 -23.42
CA TYR D 113 3.25 -64.87 -22.07
C TYR D 113 1.75 -64.60 -22.00
N ALA D 114 1.29 -64.33 -20.78
CA ALA D 114 -0.10 -64.00 -20.52
C ALA D 114 -0.15 -63.20 -19.23
N ILE D 115 -1.15 -62.31 -19.13
CA ILE D 115 -1.30 -61.41 -18.00
C ILE D 115 -2.73 -61.49 -17.49
N ILE D 116 -2.89 -61.48 -16.17
CA ILE D 116 -4.16 -61.27 -15.51
C ILE D 116 -3.93 -60.26 -14.39
N VAL D 117 -4.75 -59.21 -14.36
CA VAL D 117 -4.54 -58.11 -13.44
C VAL D 117 -5.65 -58.08 -12.40
N ILE D 118 -5.39 -57.37 -11.30
CA ILE D 118 -6.37 -57.18 -10.26
C ILE D 118 -6.82 -55.72 -10.14
N GLY D 119 -5.96 -54.76 -10.45
CA GLY D 119 -6.28 -53.35 -10.33
C GLY D 119 -6.52 -52.71 -11.69
N ARG D 120 -7.36 -51.67 -11.69
CA ARG D 120 -7.66 -50.95 -12.93
C ARG D 120 -6.44 -50.19 -13.45
N VAL D 121 -5.59 -49.70 -12.55
CA VAL D 121 -4.40 -48.96 -12.97
C VAL D 121 -3.50 -49.84 -13.81
N GLY D 122 -3.27 -51.08 -13.36
CA GLY D 122 -2.47 -52.00 -14.13
C GLY D 122 -3.09 -52.35 -15.46
N LEU D 123 -4.42 -52.51 -15.49
CA LEU D 123 -5.11 -52.82 -16.73
C LEU D 123 -4.94 -51.71 -17.75
N SER D 124 -5.16 -50.46 -17.33
CA SER D 124 -4.97 -49.33 -18.23
C SER D 124 -3.52 -49.21 -18.67
N PHE D 125 -2.58 -49.46 -17.75
CA PHE D 125 -1.17 -49.46 -18.09
C PHE D 125 -0.87 -50.45 -19.21
N PHE D 126 -1.40 -51.67 -19.09
CA PHE D 126 -1.11 -52.69 -20.10
C PHE D 126 -1.85 -52.42 -21.41
N ARG D 127 -3.02 -51.78 -21.35
CA ARG D 127 -3.68 -51.34 -22.59
C ARG D 127 -2.84 -50.31 -23.32
N LYS D 128 -2.28 -49.34 -22.58
CA LYS D 128 -1.48 -48.31 -23.24
C LYS D 128 -0.20 -48.90 -23.82
N ARG D 129 0.30 -49.99 -23.26
CA ARG D 129 1.57 -50.57 -23.68
C ARG D 129 1.41 -51.70 -24.70
N ASN D 130 0.18 -51.98 -25.14
CA ASN D 130 -0.11 -52.94 -26.20
C ASN D 130 0.40 -54.34 -25.83
N MET D 131 -0.23 -54.90 -24.79
CA MET D 131 -0.05 -56.30 -24.43
C MET D 131 -1.40 -56.98 -24.28
N PRO D 132 -1.47 -58.29 -24.55
CA PRO D 132 -2.75 -59.00 -24.45
C PRO D 132 -3.02 -59.55 -23.05
N VAL D 133 -4.23 -59.32 -22.55
CA VAL D 133 -4.63 -59.80 -21.24
C VAL D 133 -5.45 -61.07 -21.42
N ILE D 134 -5.63 -61.80 -20.33
CA ILE D 134 -6.49 -62.99 -20.35
C ILE D 134 -7.81 -62.65 -19.66
N LEU D 135 -7.73 -62.23 -18.40
CA LEU D 135 -8.90 -61.85 -17.62
C LEU D 135 -8.61 -60.53 -16.91
N ASP D 136 -9.67 -59.82 -16.56
CA ASP D 136 -9.56 -58.55 -15.86
C ASP D 136 -10.68 -58.45 -14.83
N ILE D 137 -10.30 -58.24 -13.57
CA ILE D 137 -11.26 -57.98 -12.50
C ILE D 137 -10.90 -56.62 -11.90
N THR D 138 -11.93 -55.85 -11.56
CA THR D 138 -11.74 -54.49 -11.10
C THR D 138 -12.90 -54.10 -10.18
N ARG D 139 -12.79 -52.90 -9.59
CA ARG D 139 -13.79 -52.37 -8.67
C ARG D 139 -13.95 -53.27 -7.44
N LEU D 140 -12.85 -53.87 -7.00
CA LEU D 140 -12.87 -54.68 -5.80
C LEU D 140 -13.07 -53.79 -4.58
N PRO D 141 -13.72 -54.30 -3.53
CA PRO D 141 -13.96 -53.48 -2.34
C PRO D 141 -12.69 -53.27 -1.54
N ASP D 142 -12.79 -52.38 -0.54
CA ASP D 142 -11.64 -52.02 0.27
C ASP D 142 -11.30 -53.06 1.33
N GLN D 143 -12.23 -53.94 1.67
CA GLN D 143 -11.99 -55.02 2.63
C GLN D 143 -12.49 -56.32 2.00
N PRO D 144 -11.80 -56.81 0.97
CA PRO D 144 -12.29 -57.99 0.25
C PRO D 144 -12.10 -59.27 1.03
N SER D 145 -12.95 -60.25 0.72
CA SER D 145 -12.87 -61.57 1.32
C SER D 145 -12.86 -62.64 0.23
N PHE D 146 -12.97 -63.92 0.64
CA PHE D 146 -12.76 -65.01 -0.31
C PHE D 146 -13.81 -65.00 -1.42
N ALA D 147 -15.08 -64.78 -1.06
CA ALA D 147 -16.16 -64.85 -2.04
C ALA D 147 -16.07 -63.79 -3.12
N ASP D 148 -15.24 -62.75 -2.92
CA ASP D 148 -15.16 -61.67 -3.90
C ASP D 148 -14.58 -62.14 -5.22
N ILE D 149 -13.43 -62.82 -5.18
CA ILE D 149 -12.81 -63.32 -6.40
C ILE D 149 -12.51 -64.80 -6.29
N LYS D 150 -13.33 -65.53 -5.52
CA LYS D 150 -13.28 -66.98 -5.55
C LYS D 150 -13.38 -67.49 -6.98
N GLU D 151 -14.34 -66.97 -7.75
CA GLU D 151 -14.52 -67.43 -9.12
C GLU D 151 -13.30 -67.13 -9.98
N ILE D 152 -12.72 -65.94 -9.83
CA ILE D 152 -11.55 -65.58 -10.63
C ILE D 152 -10.37 -66.49 -10.31
N ALA D 153 -10.11 -66.71 -9.02
CA ALA D 153 -9.00 -67.56 -8.63
C ALA D 153 -9.23 -69.00 -9.07
N ARG D 154 -10.46 -69.50 -8.96
CA ARG D 154 -10.75 -70.86 -9.41
C ARG D 154 -10.58 -70.98 -10.92
N LYS D 155 -11.00 -69.97 -11.67
CA LYS D 155 -10.79 -69.98 -13.12
C LYS D 155 -9.30 -69.99 -13.44
N THR D 156 -8.50 -69.22 -12.72
CA THR D 156 -7.07 -69.19 -12.97
C THR D 156 -6.43 -70.55 -12.71
N VAL D 157 -6.73 -71.14 -11.55
CA VAL D 157 -6.12 -72.44 -11.23
C VAL D 157 -6.63 -73.51 -12.19
N GLY D 158 -7.89 -73.42 -12.63
CA GLY D 158 -8.40 -74.39 -13.59
C GLY D 158 -7.75 -74.27 -14.95
N LEU D 159 -7.57 -73.04 -15.45
CA LEU D 159 -6.94 -72.88 -16.74
C LEU D 159 -5.48 -73.29 -16.70
N PHE D 160 -4.81 -73.16 -15.55
CA PHE D 160 -3.51 -73.80 -15.42
C PHE D 160 -3.64 -75.31 -15.45
N ALA D 161 -4.66 -75.85 -14.77
CA ALA D 161 -4.87 -77.31 -14.78
C ALA D 161 -5.24 -77.81 -16.16
N ASP D 162 -5.85 -76.96 -16.99
CA ASP D 162 -6.16 -77.34 -18.36
C ASP D 162 -4.92 -77.40 -19.26
N GLY D 163 -3.77 -76.96 -18.76
CA GLY D 163 -2.54 -77.01 -19.53
C GLY D 163 -2.24 -75.78 -20.36
N THR D 164 -2.91 -74.66 -20.09
CA THR D 164 -2.69 -73.46 -20.89
C THR D 164 -1.30 -72.88 -20.64
N PHE D 165 -1.00 -72.50 -19.39
CA PHE D 165 0.34 -72.08 -19.02
C PHE D 165 1.02 -73.20 -18.24
N ASP D 166 2.25 -73.53 -18.64
CA ASP D 166 3.05 -74.48 -17.88
C ASP D 166 3.77 -73.80 -16.72
N GLU D 167 3.73 -72.47 -16.64
CA GLU D 167 4.35 -71.71 -15.57
C GLU D 167 3.42 -70.59 -15.14
N LEU D 168 3.36 -70.33 -13.84
CA LEU D 168 2.55 -69.25 -13.30
C LEU D 168 3.41 -68.38 -12.39
N TYR D 169 3.23 -67.07 -12.51
CA TYR D 169 4.01 -66.09 -11.76
C TYR D 169 3.09 -65.01 -11.23
N MET D 170 3.41 -64.50 -10.04
CA MET D 170 2.67 -63.37 -9.51
C MET D 170 3.61 -62.36 -8.86
N TYR D 171 3.24 -61.09 -9.03
CA TYR D 171 4.02 -59.91 -8.67
C TYR D 171 3.16 -59.02 -7.79
N TYR D 172 3.66 -58.65 -6.61
CA TYR D 172 2.84 -57.81 -5.73
C TYR D 172 3.75 -57.05 -4.77
N ASN D 173 3.11 -56.31 -3.87
CA ASN D 173 3.78 -55.46 -2.90
C ASN D 173 3.61 -56.05 -1.50
N HIS D 174 4.71 -56.17 -0.77
CA HIS D 174 4.71 -56.72 0.57
C HIS D 174 4.85 -55.60 1.59
N TYR D 175 3.97 -55.60 2.58
CA TYR D 175 3.96 -54.64 3.67
C TYR D 175 5.00 -55.03 4.69
N VAL D 176 6.15 -54.35 4.67
CA VAL D 176 7.13 -54.54 5.72
C VAL D 176 6.79 -53.68 6.93
N SER D 177 6.51 -52.40 6.69
CA SER D 177 6.15 -51.47 7.74
C SER D 177 5.28 -50.38 7.12
N ALA D 178 4.86 -49.41 7.93
CA ALA D 178 4.03 -48.33 7.43
C ALA D 178 4.77 -47.47 6.41
N ILE D 179 6.09 -47.37 6.53
CA ILE D 179 6.89 -46.55 5.63
C ILE D 179 7.62 -47.41 4.60
N GLN D 180 8.22 -48.52 5.03
CA GLN D 180 8.98 -49.38 4.13
C GLN D 180 8.04 -50.32 3.38
N GLN D 181 8.28 -50.48 2.09
CA GLN D 181 7.40 -51.25 1.21
C GLN D 181 8.23 -52.03 0.21
N GLU D 182 8.03 -53.34 0.14
CA GLU D 182 8.83 -54.17 -0.75
C GLU D 182 8.03 -54.58 -1.98
N VAL D 183 8.75 -54.84 -3.08
CA VAL D 183 8.16 -55.35 -4.31
C VAL D 183 8.67 -56.78 -4.48
N THR D 184 7.78 -57.75 -4.40
CA THR D 184 8.16 -59.15 -4.39
C THR D 184 7.47 -59.91 -5.52
N GLU D 185 8.06 -61.06 -5.85
CA GLU D 185 7.61 -61.88 -6.96
C GLU D 185 7.83 -63.34 -6.62
N ARG D 186 7.03 -64.21 -7.23
CA ARG D 186 7.28 -65.65 -7.08
C ARG D 186 6.40 -66.44 -8.04
N LYS D 187 6.86 -67.66 -8.33
CA LYS D 187 6.00 -68.64 -8.97
C LYS D 187 5.01 -69.20 -7.95
N LEU D 188 3.79 -69.46 -8.40
CA LEU D 188 2.76 -69.96 -7.51
C LEU D 188 2.30 -71.37 -7.86
N LEU D 189 1.76 -71.57 -9.05
CA LEU D 189 1.08 -72.83 -9.37
C LEU D 189 2.06 -73.93 -9.78
N PRO D 190 3.13 -73.59 -10.51
CA PRO D 190 4.07 -74.65 -10.95
C PRO D 190 4.60 -75.48 -9.80
N LEU D 191 4.81 -74.87 -8.63
CA LEU D 191 5.14 -75.57 -7.40
C LEU D 191 6.39 -76.44 -7.58
N THR D 192 7.46 -75.82 -8.07
CA THR D 192 8.72 -76.53 -8.21
C THR D 192 9.26 -76.97 -6.86
N ASP D 193 9.15 -76.12 -5.84
CA ASP D 193 9.58 -76.42 -4.50
C ASP D 193 8.40 -76.29 -3.55
N LEU D 194 8.20 -77.30 -2.70
CA LEU D 194 7.16 -77.29 -1.69
C LEU D 194 7.80 -77.38 -0.31
N ALA D 195 7.13 -76.77 0.67
CA ALA D 195 7.63 -76.77 2.04
C ALA D 195 7.38 -78.13 2.70
N GLU D 196 7.88 -78.26 3.93
CA GLU D 196 7.73 -79.50 4.68
C GLU D 196 7.88 -79.18 6.17
N ASN D 197 7.42 -80.11 6.99
CA ASN D 197 7.51 -79.99 8.44
C ASN D 197 7.98 -81.31 9.04
N LYS D 198 8.58 -81.21 10.23
CA LYS D 198 9.13 -82.37 10.92
C LYS D 198 8.21 -82.91 12.01
N GLN D 199 6.90 -82.63 11.91
CA GLN D 199 5.91 -83.15 12.83
C GLN D 199 4.81 -83.90 12.09
N ARG D 200 5.13 -84.47 10.93
CA ARG D 200 4.14 -85.09 10.07
C ARG D 200 3.56 -86.34 10.71
N THR D 201 2.28 -86.60 10.41
CA THR D 201 1.58 -87.81 10.83
C THR D 201 1.06 -88.52 9.58
N VAL D 202 1.32 -89.82 9.48
CA VAL D 202 0.98 -90.55 8.26
C VAL D 202 -0.53 -90.55 8.02
N TYR D 203 -1.30 -90.85 9.06
CA TYR D 203 -2.77 -90.81 9.01
C TYR D 203 -3.32 -91.80 8.00
N GLU D 204 -4.62 -91.71 7.73
CA GLU D 204 -5.31 -92.63 6.84
C GLU D 204 -5.97 -91.85 5.70
N PHE D 205 -6.19 -92.54 4.59
CA PHE D 205 -6.68 -91.93 3.36
C PHE D 205 -8.00 -92.59 2.95
N GLU D 206 -9.11 -91.94 3.26
CA GLU D 206 -10.41 -92.45 2.80
C GLU D 206 -10.52 -92.50 1.28
N PRO D 207 -10.18 -91.46 0.52
CA PRO D 207 -10.24 -91.55 -0.94
C PRO D 207 -8.93 -91.88 -1.63
N SER D 208 -7.91 -92.34 -0.88
CA SER D 208 -6.57 -92.63 -1.37
C SER D 208 -5.77 -91.34 -1.55
N GLN D 209 -4.44 -91.47 -1.56
CA GLN D 209 -3.56 -90.30 -1.54
C GLN D 209 -3.70 -89.47 -2.81
N GLU D 210 -3.81 -90.12 -3.97
CA GLU D 210 -3.83 -89.39 -5.23
C GLU D 210 -5.02 -88.46 -5.32
N GLU D 211 -6.23 -88.97 -5.08
CA GLU D 211 -7.41 -88.11 -5.12
C GLU D 211 -7.38 -87.06 -4.01
N ILE D 212 -6.82 -87.41 -2.85
CA ILE D 212 -6.70 -86.46 -1.75
C ILE D 212 -5.89 -85.25 -2.20
N LEU D 213 -4.72 -85.50 -2.79
CA LEU D 213 -3.90 -84.40 -3.30
C LEU D 213 -4.63 -83.64 -4.42
N ASP D 214 -5.31 -84.38 -5.29
CA ASP D 214 -6.03 -83.77 -6.40
C ASP D 214 -7.01 -82.73 -5.88
N VAL D 215 -7.78 -83.06 -4.85
CA VAL D 215 -8.73 -82.09 -4.31
C VAL D 215 -8.03 -81.03 -3.45
N LEU D 216 -6.92 -81.38 -2.81
CA LEU D 216 -6.30 -80.47 -1.85
C LEU D 216 -5.59 -79.29 -2.53
N LEU D 217 -4.83 -79.57 -3.59
CA LEU D 217 -3.92 -78.56 -4.13
C LEU D 217 -4.58 -77.24 -4.56
N PRO D 218 -5.72 -77.24 -5.26
CA PRO D 218 -6.33 -75.94 -5.62
C PRO D 218 -6.63 -75.06 -4.42
N GLN D 219 -7.03 -75.65 -3.30
CA GLN D 219 -7.25 -74.87 -2.09
C GLN D 219 -5.97 -74.19 -1.63
N TYR D 220 -4.84 -74.90 -1.74
CA TYR D 220 -3.55 -74.31 -1.41
C TYR D 220 -3.26 -73.11 -2.30
N ALA D 221 -3.50 -73.25 -3.61
CA ALA D 221 -3.25 -72.15 -4.53
C ALA D 221 -4.11 -70.94 -4.18
N GLU D 222 -5.41 -71.16 -3.94
CA GLU D 222 -6.31 -70.06 -3.60
C GLU D 222 -5.89 -69.38 -2.29
N SER D 223 -5.50 -70.17 -1.30
CA SER D 223 -5.10 -69.60 -0.03
C SER D 223 -3.85 -68.74 -0.17
N LEU D 224 -2.88 -69.20 -0.95
CA LEU D 224 -1.69 -68.38 -1.19
C LEU D 224 -2.05 -67.08 -1.91
N ILE D 225 -2.94 -67.16 -2.90
CA ILE D 225 -3.38 -65.96 -3.61
C ILE D 225 -3.99 -64.96 -2.64
N TYR D 226 -4.85 -65.44 -1.74
CA TYR D 226 -5.53 -64.50 -0.85
C TYR D 226 -4.60 -63.93 0.20
N GLY D 227 -3.62 -64.70 0.67
CA GLY D 227 -2.61 -64.12 1.53
C GLY D 227 -1.89 -62.97 0.86
N ALA D 228 -1.48 -63.18 -0.40
CA ALA D 228 -0.82 -62.10 -1.14
C ALA D 228 -1.73 -60.89 -1.30
N LEU D 229 -3.01 -61.12 -1.62
CA LEU D 229 -3.92 -60.00 -1.83
C LEU D 229 -4.14 -59.19 -0.56
N LEU D 230 -4.29 -59.86 0.58
CA LEU D 230 -4.47 -59.14 1.84
C LEU D 230 -3.23 -58.31 2.18
N ASP D 231 -2.04 -58.89 1.97
CA ASP D 231 -0.82 -58.13 2.16
C ASP D 231 -0.80 -56.90 1.26
N ALA D 232 -1.24 -57.05 0.01
CA ALA D 232 -1.28 -55.93 -0.92
C ALA D 232 -2.21 -54.83 -0.45
N LYS D 233 -3.37 -55.20 0.09
CA LYS D 233 -4.32 -54.19 0.58
C LYS D 233 -3.71 -53.40 1.74
N ALA D 234 -3.07 -54.10 2.68
CA ALA D 234 -2.42 -53.39 3.79
C ALA D 234 -1.37 -52.42 3.27
N SER D 235 -0.56 -52.88 2.32
CA SER D 235 0.47 -52.02 1.75
C SER D 235 -0.13 -50.78 1.08
N GLU D 236 -1.23 -50.96 0.36
CA GLU D 236 -1.89 -49.85 -0.32
C GLU D 236 -2.30 -48.78 0.67
N HIS D 237 -2.96 -49.18 1.76
CA HIS D 237 -3.43 -48.18 2.72
C HIS D 237 -2.26 -47.47 3.40
N ALA D 238 -1.20 -48.20 3.74
CA ALA D 238 -0.04 -47.55 4.33
C ALA D 238 0.56 -46.51 3.39
N ALA D 239 0.71 -46.86 2.11
CA ALA D 239 1.31 -45.94 1.15
C ALA D 239 0.46 -44.68 0.99
N ARG D 240 -0.86 -44.84 0.92
CA ARG D 240 -1.72 -43.67 0.80
C ARG D 240 -1.57 -42.75 2.00
N MET D 241 -1.53 -43.32 3.22
CA MET D 241 -1.39 -42.50 4.40
C MET D 241 -0.08 -41.69 4.36
N THR D 242 1.03 -42.35 4.03
CA THR D 242 2.31 -41.64 4.02
C THR D 242 2.33 -40.53 2.96
N ALA D 243 1.78 -40.82 1.78
CA ALA D 243 1.76 -39.80 0.74
C ALA D 243 0.96 -38.57 1.17
N MET D 244 -0.19 -38.79 1.83
CA MET D 244 -0.97 -37.66 2.31
C MET D 244 -0.22 -36.86 3.37
N LYS D 245 0.53 -37.53 4.23
CA LYS D 245 1.32 -36.81 5.22
C LYS D 245 2.33 -35.87 4.54
N ASN D 246 3.04 -36.39 3.55
CA ASN D 246 4.03 -35.56 2.85
C ASN D 246 3.37 -34.37 2.15
N ALA D 247 2.22 -34.60 1.52
CA ALA D 247 1.53 -33.52 0.83
C ALA D 247 1.12 -32.42 1.81
N THR D 248 0.60 -32.80 2.97
CA THR D 248 0.21 -31.80 3.96
C THR D 248 1.40 -30.97 4.41
N ASP D 249 2.55 -31.61 4.65
CA ASP D 249 3.73 -30.87 5.08
C ASP D 249 4.13 -29.84 4.01
N ASN D 250 4.15 -30.26 2.74
CA ASN D 250 4.53 -29.32 1.67
C ASN D 250 3.57 -28.14 1.61
N ALA D 251 2.27 -28.39 1.74
CA ALA D 251 1.30 -27.30 1.72
C ALA D 251 1.55 -26.32 2.86
N ASN D 252 1.89 -26.82 4.04
CA ASN D 252 2.17 -25.93 5.17
C ASN D 252 3.35 -25.02 4.88
N GLU D 253 4.43 -25.57 4.31
CA GLU D 253 5.59 -24.72 4.00
C GLU D 253 5.24 -23.65 2.97
N LEU D 254 4.46 -24.01 1.96
CA LEU D 254 4.03 -23.02 0.98
C LEU D 254 3.22 -21.90 1.65
N ILE D 255 2.34 -22.26 2.58
CA ILE D 255 1.57 -21.26 3.30
C ILE D 255 2.50 -20.29 4.02
N ARG D 256 3.55 -20.82 4.65
CA ARG D 256 4.48 -19.96 5.38
C ARG D 256 5.11 -18.90 4.46
N THR D 257 5.67 -19.35 3.32
CA THR D 257 6.33 -18.40 2.44
C THR D 257 5.34 -17.37 1.89
N LEU D 258 4.13 -17.82 1.54
CA LEU D 258 3.12 -16.89 1.05
C LEU D 258 2.77 -15.84 2.09
N THR D 259 2.69 -16.22 3.36
CA THR D 259 2.40 -15.25 4.42
C THR D 259 3.50 -14.20 4.53
N LEU D 260 4.75 -14.63 4.40
CA LEU D 260 5.84 -13.64 4.40
C LEU D 260 5.65 -12.60 3.30
N SER D 261 5.41 -13.07 2.07
CA SER D 261 5.24 -12.12 0.97
C SER D 261 4.02 -11.22 1.18
N TYR D 262 2.95 -11.78 1.78
CA TYR D 262 1.76 -10.98 2.05
C TYR D 262 2.06 -9.84 3.01
N ASN D 263 2.84 -10.11 4.07
CA ASN D 263 3.17 -9.04 5.02
C ASN D 263 3.98 -7.94 4.34
N ARG D 264 4.93 -8.33 3.48
CA ARG D 264 5.67 -7.31 2.73
C ARG D 264 4.73 -6.42 1.92
N ALA D 265 3.78 -7.03 1.20
CA ALA D 265 2.86 -6.25 0.39
C ALA D 265 2.00 -5.33 1.25
N ARG D 266 1.56 -5.80 2.40
CA ARG D 266 0.75 -4.99 3.31
C ARG D 266 1.48 -3.72 3.72
N GLN D 267 2.73 -3.86 4.15
CA GLN D 267 3.49 -2.69 4.56
C GLN D 267 3.68 -1.72 3.41
N ALA D 268 4.00 -2.24 2.21
CA ALA D 268 4.21 -1.36 1.07
C ALA D 268 2.95 -0.56 0.74
N ALA D 269 1.79 -1.21 0.79
CA ALA D 269 0.54 -0.51 0.49
C ALA D 269 0.26 0.61 1.49
N ILE D 270 0.47 0.34 2.78
CA ILE D 270 0.23 1.38 3.79
C ILE D 270 1.13 2.59 3.52
N THR D 271 2.42 2.33 3.28
CA THR D 271 3.36 3.43 3.06
C THR D 271 2.95 4.27 1.85
N GLN D 272 2.64 3.61 0.74
CA GLN D 272 2.31 4.35 -0.48
C GLN D 272 1.05 5.19 -0.30
N GLU D 273 0.03 4.63 0.37
CA GLU D 273 -1.22 5.36 0.56
C GLU D 273 -1.00 6.62 1.39
N ILE D 274 -0.28 6.49 2.51
CA ILE D 274 -0.09 7.67 3.36
C ILE D 274 0.76 8.72 2.64
N THR D 275 1.75 8.28 1.85
CA THR D 275 2.57 9.23 1.10
C THR D 275 1.73 10.00 0.09
N GLU D 276 0.83 9.32 -0.61
CA GLU D 276 -0.03 10.02 -1.57
C GLU D 276 -0.95 11.02 -0.86
N ILE D 277 -1.51 10.65 0.28
CA ILE D 277 -2.41 11.56 0.98
C ILE D 277 -1.66 12.82 1.41
N VAL D 278 -0.46 12.67 1.98
CA VAL D 278 0.27 13.84 2.45
C VAL D 278 0.76 14.68 1.27
N ALA D 279 1.16 14.05 0.17
CA ALA D 279 1.58 14.79 -1.01
C ALA D 279 0.44 15.62 -1.58
N GLY D 280 -0.77 15.05 -1.59
CA GLY D 280 -1.92 15.83 -2.03
C GLY D 280 -2.25 16.98 -1.10
N ALA D 281 -2.16 16.75 0.21
CA ALA D 281 -2.49 17.80 1.17
C ALA D 281 -1.48 18.94 1.13
N ASN D 282 -0.21 18.65 0.85
CA ASN D 282 0.81 19.70 0.79
C ASN D 282 0.68 20.59 -0.44
N ALA D 283 -0.15 20.22 -1.42
CA ALA D 283 -0.19 20.97 -2.67
C ALA D 283 -0.96 22.29 -2.52
N LEU D 284 -1.94 22.35 -1.61
CA LEU D 284 -2.71 23.57 -1.44
C LEU D 284 -1.82 24.71 -0.95
N GLN D 285 -0.94 24.44 0.00
CA GLN D 285 -0.04 25.45 0.53
C GLN D 285 1.16 25.66 -0.37
N ILE E 4 -15.57 -85.52 21.03
CA ILE E 4 -14.55 -84.50 21.29
C ILE E 4 -15.00 -83.17 20.71
N HIS E 5 -14.39 -82.08 21.20
CA HIS E 5 -14.73 -80.76 20.70
C HIS E 5 -14.21 -80.57 19.28
N VAL E 6 -15.00 -79.90 18.45
CA VAL E 6 -14.68 -79.69 17.05
C VAL E 6 -14.41 -78.21 16.82
N SER E 7 -13.66 -77.93 15.74
CA SER E 7 -13.39 -76.56 15.33
C SER E 7 -13.61 -76.49 13.82
N VAL E 8 -14.72 -75.89 13.40
CA VAL E 8 -15.03 -75.69 12.00
C VAL E 8 -14.60 -74.28 11.62
N VAL E 9 -13.67 -74.19 10.67
CA VAL E 9 -13.01 -72.94 10.33
C VAL E 9 -13.18 -72.69 8.84
N THR E 10 -13.65 -71.50 8.50
CA THR E 10 -13.67 -71.02 7.12
C THR E 10 -12.45 -70.14 6.87
N PRO E 11 -12.05 -69.95 5.62
CA PRO E 11 -10.88 -69.09 5.36
C PRO E 11 -11.04 -67.66 5.88
N ASP E 12 -12.27 -67.14 5.91
CA ASP E 12 -12.48 -65.80 6.46
C ASP E 12 -12.14 -65.74 7.94
N GLY E 13 -12.35 -66.85 8.66
CA GLY E 13 -12.05 -66.91 10.08
C GLY E 13 -12.72 -68.11 10.72
N PRO E 14 -12.53 -68.27 12.03
CA PRO E 14 -13.23 -69.36 12.74
C PRO E 14 -14.74 -69.20 12.65
N VAL E 15 -15.43 -70.33 12.47
CA VAL E 15 -16.88 -70.36 12.35
C VAL E 15 -17.53 -70.94 13.60
N TYR E 16 -17.08 -72.11 14.03
CA TYR E 16 -17.63 -72.73 15.23
C TYR E 16 -16.53 -73.47 16.00
N GLU E 17 -16.66 -73.46 17.32
CA GLU E 17 -15.76 -74.17 18.22
C GLU E 17 -16.56 -74.96 19.24
N ASP E 18 -17.68 -75.52 18.80
CA ASP E 18 -18.58 -76.24 19.71
C ASP E 18 -17.92 -77.52 20.22
N ASP E 19 -18.19 -77.84 21.48
CA ASP E 19 -17.70 -79.06 22.10
C ASP E 19 -18.84 -80.06 22.18
N VAL E 20 -18.63 -81.25 21.61
CA VAL E 20 -19.64 -82.29 21.56
C VAL E 20 -19.01 -83.61 21.99
N GLU E 21 -19.86 -84.50 22.51
CA GLU E 21 -19.39 -85.80 22.98
C GLU E 21 -19.14 -86.75 21.82
N MET E 22 -19.96 -86.69 20.77
CA MET E 22 -19.84 -87.56 19.62
C MET E 22 -19.84 -86.73 18.35
N VAL E 23 -19.06 -87.15 17.35
CA VAL E 23 -18.86 -86.42 16.11
C VAL E 23 -19.18 -87.32 14.93
N SER E 24 -19.83 -86.75 13.91
CA SER E 24 -20.16 -87.50 12.70
C SER E 24 -20.01 -86.58 11.51
N VAL E 25 -19.12 -86.92 10.58
CA VAL E 25 -18.78 -86.05 9.47
C VAL E 25 -19.01 -86.82 8.17
N LYS E 26 -19.91 -86.32 7.33
CA LYS E 26 -20.15 -86.93 6.03
C LYS E 26 -18.94 -86.76 5.13
N ALA E 27 -18.66 -87.77 4.31
CA ALA E 27 -17.54 -87.77 3.40
C ALA E 27 -18.03 -87.93 1.96
N LYS E 28 -17.12 -87.66 1.02
CA LYS E 28 -17.44 -87.80 -0.39
C LYS E 28 -17.74 -89.26 -0.75
N SER E 29 -16.95 -90.19 -0.22
CA SER E 29 -17.18 -91.60 -0.50
C SER E 29 -18.45 -92.10 0.20
N GLY E 30 -18.61 -91.79 1.47
CA GLY E 30 -19.77 -92.24 2.22
C GLY E 30 -19.79 -91.65 3.61
N GLU E 31 -20.99 -91.65 4.19
CA GLU E 31 -21.18 -91.09 5.52
C GLU E 31 -20.39 -91.88 6.57
N LEU E 32 -19.91 -91.16 7.58
CA LEU E 32 -19.07 -91.77 8.60
C LEU E 32 -19.18 -90.98 9.90
N GLY E 33 -19.10 -91.70 11.01
CA GLY E 33 -18.98 -91.09 12.32
C GLY E 33 -17.61 -91.38 12.90
N ILE E 34 -17.14 -90.53 13.81
CA ILE E 34 -15.80 -90.63 14.37
C ILE E 34 -15.92 -90.89 15.87
N LEU E 35 -15.33 -92.00 16.32
CA LEU E 35 -15.28 -92.29 17.74
C LEU E 35 -14.19 -91.46 18.41
N PRO E 36 -14.40 -91.03 19.65
CA PRO E 36 -13.33 -90.36 20.39
C PRO E 36 -12.12 -91.25 20.53
N GLY E 37 -10.94 -90.64 20.52
CA GLY E 37 -9.71 -91.41 20.44
C GLY E 37 -9.55 -92.12 19.13
N HIS E 38 -9.83 -91.44 18.02
CA HIS E 38 -9.85 -92.05 16.70
C HIS E 38 -8.46 -92.12 16.08
N ILE E 39 -8.34 -92.98 15.08
CA ILE E 39 -7.15 -93.08 14.24
C ILE E 39 -7.10 -91.81 13.39
N PRO E 40 -5.91 -91.31 13.04
CA PRO E 40 -5.86 -90.13 12.16
C PRO E 40 -6.38 -90.44 10.77
N LEU E 41 -7.34 -89.64 10.32
CA LEU E 41 -8.00 -89.85 9.04
C LEU E 41 -8.06 -88.55 8.26
N VAL E 42 -7.94 -88.66 6.94
CA VAL E 42 -8.02 -87.53 6.02
C VAL E 42 -9.07 -87.85 4.98
N ALA E 43 -10.00 -86.92 4.75
CA ALA E 43 -11.09 -87.17 3.81
C ALA E 43 -11.66 -85.83 3.35
N PRO E 44 -12.18 -85.76 2.12
CA PRO E 44 -12.83 -84.55 1.65
C PRO E 44 -14.23 -84.41 2.24
N LEU E 45 -14.82 -83.24 2.00
CA LEU E 45 -16.16 -82.91 2.46
C LEU E 45 -17.06 -82.66 1.28
N GLU E 46 -18.16 -83.40 1.20
CA GLU E 46 -19.17 -83.16 0.18
C GLU E 46 -20.06 -81.99 0.58
N ILE E 47 -20.72 -81.41 -0.41
CA ILE E 47 -21.61 -80.27 -0.16
C ILE E 47 -22.84 -80.79 0.59
N SER E 48 -22.91 -80.49 1.88
CA SER E 48 -23.99 -81.01 2.73
C SER E 48 -23.96 -80.25 4.04
N ALA E 49 -24.92 -80.57 4.91
CA ALA E 49 -25.02 -79.96 6.24
C ALA E 49 -24.47 -80.94 7.27
N ALA E 50 -23.34 -80.59 7.87
CA ALA E 50 -22.75 -81.43 8.91
C ALA E 50 -23.62 -81.43 10.15
N ARG E 51 -23.68 -82.58 10.84
CA ARG E 51 -24.51 -82.76 12.02
C ARG E 51 -23.67 -83.38 13.12
N LEU E 52 -23.20 -82.55 14.06
CA LEU E 52 -22.48 -83.08 15.22
C LEU E 52 -23.42 -83.83 16.16
N LYS E 53 -24.58 -83.23 16.45
CA LYS E 53 -25.61 -83.87 17.27
C LYS E 53 -25.07 -84.29 18.64
N LYS E 54 -24.29 -83.40 19.25
CA LYS E 54 -23.71 -83.63 20.57
C LYS E 54 -22.91 -84.93 20.63
N ILE E 61 -24.60 -77.57 10.06
CA ILE E 61 -24.09 -76.37 9.41
C ILE E 61 -23.70 -76.69 7.97
N ALA E 62 -24.04 -75.79 7.05
CA ALA E 62 -23.79 -76.03 5.64
C ALA E 62 -22.30 -75.99 5.33
N VAL E 63 -21.88 -76.81 4.37
CA VAL E 63 -20.49 -76.88 3.93
C VAL E 63 -20.48 -77.20 2.44
N SER E 64 -19.75 -76.39 1.67
CA SER E 64 -19.56 -76.58 0.24
C SER E 64 -18.07 -76.36 -0.04
N GLY E 65 -17.29 -77.43 0.02
CA GLY E 65 -15.84 -77.34 -0.09
C GLY E 65 -15.18 -77.42 1.27
N GLY E 66 -14.65 -78.59 1.62
CA GLY E 66 -14.07 -78.80 2.93
C GLY E 66 -12.97 -79.84 2.88
N PHE E 67 -12.40 -80.11 4.05
CA PHE E 67 -11.29 -81.04 4.16
C PHE E 67 -11.24 -81.55 5.59
N LEU E 68 -11.54 -82.83 5.79
CA LEU E 68 -11.59 -83.42 7.13
C LEU E 68 -10.18 -83.81 7.57
N GLU E 69 -9.75 -83.27 8.70
CA GLU E 69 -8.44 -83.56 9.28
C GLU E 69 -8.66 -84.17 10.66
N VAL E 70 -8.83 -85.49 10.69
CA VAL E 70 -9.08 -86.20 11.94
C VAL E 70 -7.77 -86.38 12.69
N ARG E 71 -7.74 -85.95 13.95
CA ARG E 71 -6.61 -86.15 14.84
C ARG E 71 -7.21 -86.45 16.20
N PRO E 72 -6.61 -87.37 16.96
CA PRO E 72 -7.20 -87.71 18.28
C PRO E 72 -7.33 -86.53 19.22
N ASP E 73 -6.42 -85.56 19.19
CA ASP E 73 -6.48 -84.47 20.14
C ASP E 73 -7.70 -83.58 19.90
N LYS E 74 -8.04 -83.34 18.63
CA LYS E 74 -9.20 -82.52 18.27
C LYS E 74 -9.48 -82.73 16.80
N VAL E 75 -10.70 -82.35 16.39
CA VAL E 75 -11.13 -82.48 15.00
C VAL E 75 -11.30 -81.08 14.44
N THR E 76 -10.60 -80.79 13.34
CA THR E 76 -10.64 -79.49 12.67
C THR E 76 -11.21 -79.67 11.27
N ILE E 77 -12.23 -78.88 10.95
CA ILE E 77 -12.87 -78.92 9.65
C ILE E 77 -12.41 -77.68 8.89
N LEU E 78 -11.52 -77.87 7.92
CA LEU E 78 -11.06 -76.79 7.05
C LEU E 78 -12.06 -76.59 5.91
N ALA E 79 -13.27 -76.18 6.29
CA ALA E 79 -14.33 -75.98 5.32
C ALA E 79 -14.26 -74.58 4.73
N GLN E 80 -14.96 -74.40 3.61
CA GLN E 80 -15.06 -73.12 2.93
C GLN E 80 -16.53 -72.75 2.84
N ALA E 81 -16.84 -71.48 3.15
CA ALA E 81 -18.21 -70.99 3.17
C ALA E 81 -19.08 -71.83 4.11
N ALA E 82 -18.51 -72.20 5.27
CA ALA E 82 -19.20 -73.04 6.24
C ALA E 82 -20.19 -72.18 7.02
N GLU E 83 -21.33 -71.92 6.40
CA GLU E 83 -22.38 -71.12 7.02
C GLU E 83 -23.20 -71.98 7.97
N ARG E 84 -24.21 -71.37 8.59
CA ARG E 84 -25.08 -72.08 9.51
C ARG E 84 -26.55 -71.74 9.23
N ALA F 6 -18.27 54.28 18.82
CA ALA F 6 -18.02 54.56 17.42
C ALA F 6 -19.31 54.56 16.61
N VAL F 7 -19.65 53.39 16.06
CA VAL F 7 -20.83 53.26 15.21
C VAL F 7 -22.07 53.26 16.08
N ALA F 8 -23.04 54.10 15.73
CA ALA F 8 -24.32 54.16 16.43
C ALA F 8 -25.46 54.03 15.43
N TYR F 9 -26.33 53.04 15.66
CA TYR F 9 -27.52 52.84 14.85
C TYR F 9 -28.70 53.51 15.55
N SER F 10 -29.33 54.47 14.88
CA SER F 10 -30.45 55.20 15.44
C SER F 10 -31.56 55.30 14.39
N ALA F 11 -32.80 55.38 14.88
CA ALA F 11 -33.94 55.53 13.97
C ALA F 11 -33.84 56.82 13.18
N ARG F 12 -33.46 57.91 13.84
CA ARG F 12 -33.23 59.21 13.22
C ARG F 12 -31.85 59.71 13.59
N PRO F 13 -31.23 60.54 12.76
CA PRO F 13 -29.89 61.03 13.07
C PRO F 13 -29.87 61.81 14.37
N LEU F 14 -28.77 61.65 15.11
CA LEU F 14 -28.66 62.19 16.46
C LEU F 14 -28.18 63.63 16.44
N THR F 15 -28.50 64.35 17.51
CA THR F 15 -28.06 65.74 17.65
C THR F 15 -26.58 65.79 18.01
N ASP F 16 -25.96 66.94 17.71
CA ASP F 16 -24.54 67.11 17.96
C ASP F 16 -24.21 67.06 19.44
N GLU F 17 -25.04 67.70 20.28
CA GLU F 17 -24.78 67.70 21.72
C GLU F 17 -24.86 66.29 22.29
N GLU F 18 -25.86 65.51 21.85
CA GLU F 18 -25.97 64.13 22.32
C GLU F 18 -24.79 63.29 21.87
N LEU F 19 -24.34 63.48 20.62
CA LEU F 19 -23.18 62.75 20.14
C LEU F 19 -21.93 63.08 20.96
N ARG F 20 -21.71 64.36 21.25
CA ARG F 20 -20.56 64.75 22.06
C ARG F 20 -20.67 64.19 23.47
N ALA F 21 -21.87 64.21 24.05
CA ALA F 21 -22.05 63.68 25.39
C ALA F 21 -21.75 62.19 25.44
N LEU F 22 -22.25 61.43 24.45
CA LEU F 22 -21.96 60.00 24.40
C LEU F 22 -20.48 59.74 24.20
N SER F 23 -19.84 60.52 23.33
CA SER F 23 -18.40 60.35 23.09
C SER F 23 -17.61 60.57 24.37
N ASP F 24 -17.93 61.64 25.09
CA ASP F 24 -17.22 61.92 26.35
C ASP F 24 -17.50 60.83 27.38
N VAL F 25 -18.76 60.37 27.46
CA VAL F 25 -19.12 59.37 28.45
C VAL F 25 -18.36 58.07 28.20
N PHE F 26 -18.32 57.63 26.94
CA PHE F 26 -17.65 56.38 26.63
C PHE F 26 -16.13 56.51 26.71
N ALA F 27 -15.58 57.68 26.36
CA ALA F 27 -14.15 57.88 26.53
C ALA F 27 -13.75 57.83 27.99
N GLN F 28 -14.57 58.42 28.88
CA GLN F 28 -14.28 58.37 30.30
C GLN F 28 -14.45 56.96 30.85
N LYS F 29 -15.52 56.27 30.45
CA LYS F 29 -15.79 54.93 30.98
C LYS F 29 -14.73 53.94 30.54
N VAL F 30 -14.45 53.87 29.24
CA VAL F 30 -13.44 52.93 28.75
C VAL F 30 -12.06 53.35 29.20
N GLY F 31 -11.72 54.63 29.05
CA GLY F 31 -10.39 55.10 29.34
C GLY F 31 -9.56 55.30 28.09
N LYS F 32 -10.18 55.88 27.06
CA LYS F 32 -9.52 56.15 25.79
C LYS F 32 -9.25 57.63 25.64
N GLN F 33 -8.33 57.95 24.73
CA GLN F 33 -7.92 59.34 24.56
C GLN F 33 -9.05 60.19 23.98
N THR F 34 -9.66 59.74 22.88
CA THR F 34 -10.70 60.50 22.19
C THR F 34 -11.38 59.59 21.18
N LEU F 35 -12.71 59.70 21.11
CA LEU F 35 -13.53 58.84 20.27
C LEU F 35 -14.18 59.64 19.16
N GLU F 36 -14.15 59.09 17.95
CA GLU F 36 -14.83 59.66 16.79
C GLU F 36 -16.09 58.87 16.54
N ILE F 37 -17.25 59.50 16.77
CA ILE F 37 -18.54 58.82 16.78
C ILE F 37 -19.25 59.09 15.47
N GLU F 38 -19.66 58.02 14.80
CA GLU F 38 -20.47 58.11 13.59
C GLU F 38 -21.86 57.56 13.87
N ASN F 39 -22.87 58.23 13.31
CA ASN F 39 -24.27 57.88 13.53
C ASN F 39 -24.94 57.56 12.21
N ILE F 40 -26.00 56.76 12.29
CA ILE F 40 -26.76 56.34 11.13
C ILE F 40 -28.21 56.73 11.32
N ILE F 41 -28.95 56.76 10.21
CA ILE F 41 -30.35 57.19 10.22
C ILE F 41 -31.26 56.06 9.77
N ASP F 42 -30.85 54.82 10.03
CA ASP F 42 -31.66 53.67 9.63
C ASP F 42 -32.90 53.58 10.51
N PRO F 43 -34.10 53.62 9.94
CA PRO F 43 -35.31 53.61 10.77
C PRO F 43 -35.73 52.21 11.21
N GLU F 44 -34.81 51.25 11.13
CA GLU F 44 -35.12 49.90 11.58
C GLU F 44 -35.46 49.90 13.08
N LEU F 45 -34.73 50.66 13.87
CA LEU F 45 -35.11 50.90 15.26
C LEU F 45 -36.21 51.95 15.33
N ILE F 46 -36.79 52.11 16.51
CA ILE F 46 -37.90 53.03 16.74
C ILE F 46 -37.51 53.93 17.91
N GLY F 47 -36.97 55.11 17.61
CA GLY F 47 -36.63 56.07 18.65
C GLY F 47 -35.62 55.57 19.66
N GLY F 48 -34.58 54.88 19.19
CA GLY F 48 -33.54 54.38 20.07
C GLY F 48 -32.23 54.26 19.33
N VAL F 49 -31.16 54.04 20.10
CA VAL F 49 -29.82 53.94 19.56
C VAL F 49 -29.16 52.69 20.12
N ARG F 50 -28.38 52.01 19.29
CA ARG F 50 -27.47 50.96 19.74
C ARG F 50 -26.06 51.34 19.34
N LEU F 51 -25.11 51.11 20.24
CA LEU F 51 -23.75 51.61 20.09
C LEU F 51 -22.78 50.44 20.03
N ARG F 52 -21.72 50.60 19.25
CA ARG F 52 -20.72 49.55 19.09
C ARG F 52 -19.33 50.11 19.38
N ILE F 53 -18.70 49.62 20.44
CA ILE F 53 -17.31 49.93 20.75
C ILE F 53 -16.49 48.68 20.44
N GLY F 54 -15.71 48.74 19.36
CA GLY F 54 -14.96 47.58 18.93
C GLY F 54 -15.86 46.41 18.60
N ASN F 55 -15.83 45.38 19.43
CA ASN F 55 -16.69 44.21 19.27
C ASN F 55 -17.68 44.07 20.42
N ARG F 56 -18.05 45.19 21.04
CA ARG F 56 -18.97 45.23 22.16
C ARG F 56 -20.19 46.06 21.78
N ILE F 57 -21.38 45.53 22.02
CA ILE F 57 -22.63 46.15 21.60
C ILE F 57 -23.42 46.54 22.85
N TYR F 58 -23.86 47.79 22.89
CA TYR F 58 -24.72 48.29 23.96
C TYR F 58 -26.07 48.65 23.35
N ASP F 59 -27.13 48.03 23.86
CA ASP F 59 -28.46 48.10 23.26
C ASP F 59 -29.45 48.64 24.27
N GLY F 60 -30.12 49.74 23.92
CA GLY F 60 -31.18 50.29 24.74
C GLY F 60 -32.34 50.81 23.92
N SER F 61 -32.56 50.20 22.76
CA SER F 61 -33.53 50.70 21.79
C SER F 61 -34.81 49.85 21.80
N VAL F 62 -35.83 50.39 21.15
CA VAL F 62 -37.06 49.65 20.90
C VAL F 62 -36.76 48.50 19.94
N SER F 63 -37.49 47.40 20.09
CA SER F 63 -37.21 46.09 19.49
C SER F 63 -35.95 45.47 20.08
N GLY F 64 -35.38 46.08 21.10
CA GLY F 64 -34.29 45.53 21.86
C GLY F 64 -34.80 44.98 23.16
N GLN F 65 -34.71 45.77 24.23
CA GLN F 65 -35.28 45.37 25.50
C GLN F 65 -36.76 45.04 25.37
N LEU F 66 -37.45 45.67 24.42
CA LEU F 66 -38.83 45.31 24.14
C LEU F 66 -38.94 43.83 23.79
N GLU F 67 -38.14 43.36 22.84
CA GLU F 67 -38.11 41.94 22.56
C GLU F 67 -37.64 41.16 23.78
N ARG F 68 -36.78 41.76 24.60
CA ARG F 68 -36.34 41.10 25.83
C ARG F 68 -37.51 40.80 26.75
N ILE F 69 -38.57 41.61 26.70
CA ILE F 69 -39.79 41.26 27.42
C ILE F 69 -40.84 40.63 26.52
N ARG F 70 -40.67 40.71 25.19
CA ARG F 70 -41.55 39.96 24.30
C ARG F 70 -41.16 38.49 24.28
N ARG F 71 -39.86 38.19 24.23
CA ARG F 71 -39.42 36.80 24.27
C ARG F 71 -39.68 36.18 25.63
N GLN F 72 -39.55 36.96 26.70
CA GLN F 72 -39.94 36.49 28.02
C GLN F 72 -41.45 36.59 28.19
N LEU F 73 -41.95 35.92 29.23
CA LEU F 73 -43.38 35.87 29.53
C LEU F 73 -44.17 35.33 28.33
N ILE F 74 -43.85 34.09 27.99
CA ILE F 74 -44.52 33.41 26.88
C ILE F 74 -44.89 31.99 27.31
N ILE F 86 -51.42 37.82 34.50
CA ILE F 86 -49.98 37.81 34.70
C ILE F 86 -49.29 38.63 33.60
N SER F 87 -49.85 38.56 32.38
CA SER F 87 -49.28 39.33 31.28
C SER F 87 -49.32 40.83 31.59
N ALA F 88 -50.48 41.31 32.04
CA ALA F 88 -50.57 42.71 32.45
C ALA F 88 -49.71 42.99 33.67
N LEU F 89 -49.56 42.00 34.57
CA LEU F 89 -48.72 42.18 35.74
C LEU F 89 -47.27 42.46 35.33
N ILE F 90 -46.74 41.67 34.39
CA ILE F 90 -45.38 41.92 33.92
C ILE F 90 -45.32 43.21 33.11
N LYS F 91 -46.36 43.49 32.31
CA LYS F 91 -46.38 44.71 31.52
C LYS F 91 -46.32 45.96 32.40
N GLN F 92 -46.88 45.89 33.61
CA GLN F 92 -46.89 47.03 34.52
C GLN F 92 -45.82 46.95 35.59
N GLN F 93 -45.11 45.83 35.73
CA GLN F 93 -44.10 45.69 36.76
C GLN F 93 -42.68 45.62 36.20
N ILE F 94 -42.42 44.75 35.22
CA ILE F 94 -41.07 44.57 34.71
C ILE F 94 -40.95 44.79 33.21
N GLU F 95 -42.03 44.61 32.43
CA GLU F 95 -41.93 44.86 31.00
C GLU F 95 -41.96 46.35 30.67
N ASN F 96 -42.57 47.15 31.54
CA ASN F 96 -42.61 48.60 31.32
C ASN F 96 -41.20 49.19 31.29
N TYR F 97 -40.35 48.78 32.23
CA TYR F 97 -38.98 49.24 32.28
C TYR F 97 -38.08 48.28 31.51
N GLU F 98 -37.09 48.85 30.82
CA GLU F 98 -36.13 48.04 30.10
C GLU F 98 -35.36 47.15 31.07
N SER F 99 -35.20 45.88 30.70
CA SER F 99 -34.47 44.92 31.52
C SER F 99 -32.96 45.15 31.38
N GLN F 100 -32.54 46.33 31.83
CA GLN F 100 -31.15 46.79 31.73
C GLN F 100 -30.70 46.87 30.28
N ILE F 101 -29.42 47.09 30.06
CA ILE F 101 -28.86 47.18 28.71
C ILE F 101 -28.46 45.80 28.24
N GLN F 102 -28.71 45.52 26.97
CA GLN F 102 -28.38 44.22 26.37
C GLN F 102 -26.96 44.31 25.83
N VAL F 103 -26.02 43.73 26.55
CA VAL F 103 -24.60 43.77 26.22
C VAL F 103 -24.20 42.45 25.58
N SER F 104 -23.47 42.52 24.47
CA SER F 104 -23.04 41.32 23.75
C SER F 104 -21.60 41.49 23.29
N ASP F 105 -20.92 40.36 23.14
CA ASP F 105 -19.62 40.28 22.48
C ASP F 105 -19.83 39.61 21.12
N VAL F 106 -19.49 40.31 20.05
CA VAL F 106 -19.92 39.92 18.72
C VAL F 106 -18.69 39.62 17.84
N GLY F 107 -18.98 39.13 16.64
CA GLY F 107 -17.98 38.86 15.63
C GLY F 107 -18.62 39.00 14.27
N THR F 108 -17.79 38.88 13.23
CA THR F 108 -18.24 39.05 11.86
C THR F 108 -17.75 37.89 11.01
N VAL F 109 -18.66 37.22 10.31
CA VAL F 109 -18.30 36.08 9.49
C VAL F 109 -17.53 36.54 8.26
N ILE F 110 -16.51 35.79 7.88
CA ILE F 110 -15.73 36.10 6.70
C ILE F 110 -15.64 34.96 5.70
N GLN F 111 -15.95 33.72 6.09
CA GLN F 111 -15.93 32.58 5.19
C GLN F 111 -17.04 31.62 5.59
N VAL F 112 -17.79 31.13 4.61
CA VAL F 112 -18.85 30.15 4.85
C VAL F 112 -18.73 29.06 3.79
N GLY F 113 -18.98 27.81 4.19
CA GLY F 113 -18.98 26.73 3.23
C GLY F 113 -18.66 25.37 3.83
N ASP F 114 -19.40 24.35 3.40
CA ASP F 114 -19.22 22.94 3.75
C ASP F 114 -19.62 22.62 5.19
N GLY F 115 -20.23 23.56 5.90
CA GLY F 115 -20.64 23.32 7.26
C GLY F 115 -19.80 23.97 8.33
N ILE F 116 -18.82 24.78 7.96
CA ILE F 116 -17.97 25.48 8.91
C ILE F 116 -17.97 26.96 8.55
N ALA F 117 -17.43 27.77 9.46
CA ALA F 117 -17.33 29.20 9.24
C ALA F 117 -16.17 29.77 10.04
N ARG F 118 -15.64 30.88 9.54
CA ARG F 118 -14.57 31.61 10.20
C ARG F 118 -14.99 33.04 10.41
N ALA F 119 -14.61 33.62 11.54
CA ALA F 119 -15.11 34.94 11.93
C ALA F 119 -13.97 35.80 12.46
N HIS F 120 -14.15 37.11 12.31
CA HIS F 120 -13.27 38.11 12.91
C HIS F 120 -13.92 38.62 14.19
N GLY F 121 -13.15 38.64 15.28
CA GLY F 121 -13.70 39.09 16.54
C GLY F 121 -13.79 37.96 17.56
N LEU F 122 -14.75 38.06 18.46
CA LEU F 122 -14.92 37.09 19.55
C LEU F 122 -13.61 36.93 20.33
N ASP F 123 -13.17 38.05 20.91
CA ASP F 123 -11.86 38.09 21.54
C ASP F 123 -11.79 37.18 22.75
N ASN F 124 -12.84 37.15 23.56
CA ASN F 124 -12.84 36.42 24.83
C ASN F 124 -13.69 35.15 24.76
N VAL F 125 -13.67 34.48 23.63
CA VAL F 125 -14.39 33.22 23.47
C VAL F 125 -13.50 32.09 23.95
N MET F 126 -14.10 31.07 24.57
CA MET F 126 -13.38 29.92 25.08
C MET F 126 -13.30 28.83 24.03
N SER F 127 -12.48 27.82 24.31
CA SER F 127 -12.32 26.69 23.41
C SER F 127 -13.39 25.65 23.73
N GLY F 128 -14.29 25.42 22.78
CA GLY F 128 -15.42 24.55 23.00
C GLY F 128 -16.70 25.25 23.39
N GLU F 129 -16.75 26.57 23.30
CA GLU F 129 -17.91 27.34 23.69
C GLU F 129 -19.01 27.25 22.64
N LEU F 130 -20.20 27.70 23.01
CA LEU F 130 -21.36 27.72 22.12
C LEU F 130 -21.62 29.15 21.68
N VAL F 131 -21.72 29.36 20.37
CA VAL F 131 -22.00 30.66 19.79
C VAL F 131 -23.30 30.57 19.01
N GLU F 132 -23.97 31.72 18.87
CA GLU F 132 -25.27 31.79 18.22
C GLU F 132 -25.20 32.74 17.03
N PHE F 133 -25.60 32.25 15.87
CA PHE F 133 -25.55 33.04 14.66
C PHE F 133 -26.70 34.03 14.61
N ALA F 134 -26.73 34.87 13.58
CA ALA F 134 -27.71 35.95 13.51
C ALA F 134 -29.13 35.41 13.32
N ASN F 135 -29.28 34.37 12.49
CA ASN F 135 -30.61 33.86 12.17
C ASN F 135 -31.12 32.83 13.16
N GLY F 136 -30.31 32.42 14.13
CA GLY F 136 -30.76 31.54 15.19
C GLY F 136 -30.10 30.18 15.25
N VAL F 137 -29.19 29.85 14.35
CA VAL F 137 -28.52 28.56 14.36
C VAL F 137 -27.32 28.63 15.29
N MET F 138 -26.98 27.49 15.89
CA MET F 138 -25.89 27.40 16.86
C MET F 138 -24.61 26.90 16.21
N GLY F 139 -23.51 27.12 16.92
CA GLY F 139 -22.20 26.64 16.48
C GLY F 139 -21.28 26.48 17.65
N MET F 140 -20.18 25.76 17.42
CA MET F 140 -19.22 25.44 18.47
C MET F 140 -17.83 25.87 18.03
N ALA F 141 -17.19 26.72 18.83
CA ALA F 141 -15.86 27.21 18.51
C ALA F 141 -14.82 26.13 18.77
N LEU F 142 -14.07 25.75 17.74
CA LEU F 142 -13.12 24.66 17.85
C LEU F 142 -11.68 25.01 17.46
N ASN F 143 -11.44 26.15 16.81
CA ASN F 143 -10.10 26.54 16.39
C ASN F 143 -9.91 28.01 16.71
N LEU F 144 -9.13 28.30 17.74
CA LEU F 144 -8.79 29.68 18.10
C LEU F 144 -7.48 30.03 17.42
N GLU F 145 -7.56 30.76 16.31
CA GLU F 145 -6.37 31.18 15.60
C GLU F 145 -5.89 32.52 16.15
N GLU F 146 -4.81 33.02 15.56
CA GLU F 146 -4.26 34.30 16.00
C GLU F 146 -5.20 35.44 15.67
N ASN F 147 -5.96 35.34 14.57
CA ASN F 147 -6.81 36.45 14.15
C ASN F 147 -8.20 36.03 13.70
N ASN F 148 -8.57 34.76 13.80
CA ASN F 148 -9.91 34.32 13.44
C ASN F 148 -10.26 33.08 14.24
N VAL F 149 -11.55 32.73 14.22
CA VAL F 149 -12.07 31.58 14.95
C VAL F 149 -12.77 30.66 13.96
N GLY F 150 -12.51 29.36 14.08
CA GLY F 150 -13.19 28.36 13.27
C GLY F 150 -14.38 27.79 14.04
N ILE F 151 -15.55 27.84 13.40
CA ILE F 151 -16.81 27.47 14.03
C ILE F 151 -17.46 26.37 13.19
N VAL F 152 -17.90 25.31 13.85
CA VAL F 152 -18.65 24.23 13.20
C VAL F 152 -20.13 24.45 13.47
N ILE F 153 -20.94 24.43 12.41
CA ILE F 153 -22.34 24.80 12.49
C ILE F 153 -23.17 23.57 12.83
N LEU F 154 -23.98 23.67 13.88
CA LEU F 154 -24.85 22.57 14.31
C LEU F 154 -26.26 22.75 13.74
N GLY F 155 -26.35 22.82 12.42
CA GLY F 155 -27.62 23.02 11.76
C GLY F 155 -27.45 23.37 10.29
N PRO F 156 -28.54 23.80 9.65
CA PRO F 156 -28.47 24.18 8.24
C PRO F 156 -27.70 25.49 8.06
N TYR F 157 -26.77 25.50 7.11
CA TYR F 157 -25.85 26.61 6.94
C TYR F 157 -26.11 27.43 5.69
N THR F 158 -27.24 27.23 5.01
CA THR F 158 -27.50 27.97 3.79
C THR F 158 -28.14 29.33 4.04
N GLY F 159 -28.43 29.67 5.29
CA GLY F 159 -28.94 30.99 5.59
C GLY F 159 -27.87 31.92 6.11
N ILE F 160 -26.68 31.38 6.35
CA ILE F 160 -25.55 32.16 6.85
C ILE F 160 -24.72 32.64 5.67
N LYS F 161 -24.42 33.93 5.64
CA LYS F 161 -23.69 34.54 4.55
C LYS F 161 -22.57 35.41 5.12
N GLU F 162 -21.56 35.65 4.29
CA GLU F 162 -20.45 36.50 4.70
C GLU F 162 -20.94 37.88 5.07
N GLY F 163 -20.35 38.46 6.10
CA GLY F 163 -20.82 39.71 6.66
C GLY F 163 -21.85 39.56 7.76
N ASP F 164 -22.21 38.34 8.12
CA ASP F 164 -23.16 38.11 9.19
C ASP F 164 -22.54 38.44 10.54
N GLU F 165 -23.29 38.22 11.60
CA GLU F 165 -22.86 38.54 12.95
C GLU F 165 -23.08 37.35 13.86
N VAL F 166 -22.08 37.05 14.68
CA VAL F 166 -22.12 35.95 15.64
C VAL F 166 -22.00 36.55 17.03
N ARG F 167 -22.56 35.88 18.04
CA ARG F 167 -22.50 36.35 19.41
C ARG F 167 -22.12 35.20 20.33
N ARG F 168 -21.50 35.55 21.46
CA ARG F 168 -21.13 34.58 22.47
C ARG F 168 -22.28 34.33 23.42
N THR F 169 -22.42 33.07 23.84
CA THR F 169 -23.38 32.71 24.88
C THR F 169 -22.75 32.63 26.26
N GLY F 170 -21.46 32.33 26.34
CA GLY F 170 -20.74 32.30 27.60
C GLY F 170 -20.74 30.98 28.32
N ARG F 171 -21.26 29.92 27.72
CA ARG F 171 -21.39 28.62 28.37
C ARG F 171 -20.67 27.56 27.55
N ILE F 172 -19.88 26.73 28.24
CA ILE F 172 -19.31 25.56 27.60
C ILE F 172 -20.43 24.64 27.14
N MET F 173 -20.14 23.79 26.17
CA MET F 173 -21.15 22.88 25.63
C MET F 173 -21.70 21.97 26.71
N GLU F 174 -23.03 21.84 26.75
CA GLU F 174 -23.70 21.07 27.78
C GLU F 174 -25.06 20.63 27.28
N VAL F 175 -25.65 19.65 27.98
CA VAL F 175 -26.92 19.06 27.57
C VAL F 175 -27.91 19.05 28.74
N PRO F 176 -29.22 19.06 28.48
CA PRO F 176 -30.18 18.87 29.56
C PRO F 176 -30.08 17.47 30.15
N VAL F 177 -30.39 17.36 31.43
CA VAL F 177 -30.19 16.13 32.19
C VAL F 177 -31.24 16.02 33.27
N GLY F 178 -31.89 14.87 33.35
CA GLY F 178 -32.90 14.66 34.38
C GLY F 178 -33.65 13.37 34.16
N GLU F 179 -34.67 13.17 35.00
CA GLU F 179 -35.54 12.01 34.89
C GLU F 179 -36.67 12.21 33.89
N ALA F 180 -36.88 13.44 33.42
CA ALA F 180 -37.93 13.71 32.44
C ALA F 180 -37.58 13.20 31.05
N LEU F 181 -36.36 12.74 30.83
CA LEU F 181 -35.94 12.22 29.53
C LEU F 181 -36.30 10.76 29.33
N ILE F 182 -36.88 10.10 30.34
CA ILE F 182 -37.17 8.68 30.21
C ILE F 182 -38.36 8.48 29.28
N GLY F 183 -38.17 7.64 28.26
CA GLY F 183 -39.23 7.36 27.31
C GLY F 183 -39.35 8.36 26.17
N ARG F 184 -38.40 9.27 26.03
CA ARG F 184 -38.45 10.30 25.00
C ARG F 184 -37.34 10.09 23.98
N VAL F 185 -37.53 10.67 22.81
CA VAL F 185 -36.54 10.66 21.74
C VAL F 185 -36.01 12.08 21.57
N VAL F 186 -34.69 12.23 21.62
CA VAL F 186 -34.06 13.54 21.56
C VAL F 186 -32.89 13.49 20.60
N ASN F 187 -32.45 14.66 20.18
CA ASN F 187 -31.27 14.85 19.37
C ASN F 187 -30.11 15.29 20.25
N PRO F 188 -28.85 15.18 19.77
CA PRO F 188 -27.69 15.43 20.65
C PRO F 188 -27.68 16.75 21.40
N LEU F 189 -28.56 17.67 21.07
CA LEU F 189 -28.69 18.91 21.82
C LEU F 189 -29.75 18.85 22.90
N GLY F 190 -30.39 17.70 23.09
CA GLY F 190 -31.42 17.58 24.11
C GLY F 190 -32.77 18.15 23.74
N GLN F 191 -33.12 18.16 22.45
CA GLN F 191 -34.39 18.69 22.00
C GLN F 191 -35.25 17.58 21.44
N PRO F 192 -36.53 17.52 21.80
CA PRO F 192 -37.38 16.39 21.36
C PRO F 192 -37.58 16.39 19.85
N VAL F 193 -37.69 15.19 19.30
CA VAL F 193 -37.93 15.02 17.86
C VAL F 193 -39.10 14.08 17.64
N ASP F 194 -39.77 13.68 18.72
CA ASP F 194 -40.95 12.84 18.61
C ASP F 194 -42.25 13.63 18.61
N GLY F 195 -42.20 14.93 18.84
CA GLY F 195 -43.38 15.76 18.81
C GLY F 195 -44.40 15.49 19.90
N LEU F 196 -43.94 15.25 21.13
CA LEU F 196 -44.82 15.07 22.27
C LEU F 196 -44.79 16.25 23.22
N GLY F 197 -44.16 17.35 22.84
CA GLY F 197 -44.11 18.52 23.67
C GLY F 197 -42.75 18.74 24.27
N PRO F 198 -42.59 19.80 25.06
CA PRO F 198 -41.29 20.11 25.65
C PRO F 198 -40.90 19.11 26.72
N VAL F 199 -39.61 19.07 27.00
CA VAL F 199 -39.05 18.25 28.07
C VAL F 199 -38.72 19.16 29.24
N GLU F 200 -39.21 18.79 30.43
CA GLU F 200 -39.13 19.65 31.61
C GLU F 200 -38.08 19.11 32.57
N THR F 201 -36.85 19.56 32.41
CA THR F 201 -35.74 19.23 33.29
C THR F 201 -35.30 20.48 34.05
N THR F 202 -34.39 20.27 35.01
CA THR F 202 -33.91 21.39 35.80
C THR F 202 -32.41 21.33 36.06
N GLU F 203 -31.67 20.56 35.26
CA GLU F 203 -30.24 20.38 35.45
C GLU F 203 -29.54 20.28 34.11
N THR F 204 -28.24 20.58 34.11
CA THR F 204 -27.40 20.43 32.93
C THR F 204 -26.09 19.79 33.35
N ARG F 205 -25.42 19.16 32.39
CA ARG F 205 -24.14 18.51 32.64
C ARG F 205 -23.23 18.79 31.46
N PRO F 206 -22.00 19.25 31.69
CA PRO F 206 -21.08 19.48 30.57
C PRO F 206 -20.80 18.19 29.82
N ILE F 207 -20.66 18.31 28.50
CA ILE F 207 -20.45 17.14 27.66
C ILE F 207 -19.06 16.55 27.88
N GLU F 208 -18.06 17.40 28.06
CA GLU F 208 -16.68 16.97 28.28
C GLU F 208 -16.35 17.11 29.77
N SER F 209 -16.43 15.99 30.48
CA SER F 209 -16.13 15.93 31.90
C SER F 209 -15.20 14.76 32.18
N PRO F 210 -14.38 14.83 33.23
CA PRO F 210 -13.40 13.77 33.47
C PRO F 210 -14.04 12.49 33.98
N ALA F 211 -13.25 11.40 33.90
CA ALA F 211 -13.54 10.04 34.29
C ALA F 211 -13.20 9.81 35.76
N PRO F 212 -13.87 8.87 36.42
CA PRO F 212 -13.53 8.56 37.82
C PRO F 212 -12.12 7.98 37.92
N GLY F 213 -11.47 8.28 39.06
CA GLY F 213 -10.07 7.97 39.23
C GLY F 213 -9.80 6.51 39.49
N VAL F 214 -8.50 6.20 39.62
CA VAL F 214 -8.08 4.83 39.87
C VAL F 214 -8.57 4.36 41.24
N MET F 215 -8.50 5.23 42.24
CA MET F 215 -8.89 4.87 43.60
C MET F 215 -10.38 5.05 43.86
N ASP F 216 -11.16 5.42 42.84
CA ASP F 216 -12.59 5.62 42.99
C ASP F 216 -13.40 4.43 42.46
N ARG F 217 -12.76 3.29 42.27
CA ARG F 217 -13.36 2.16 41.57
C ARG F 217 -13.36 0.92 42.45
N ARG F 218 -13.98 -0.13 41.92
CA ARG F 218 -14.10 -1.42 42.57
C ARG F 218 -14.20 -2.48 41.49
N SER F 219 -13.81 -3.71 41.82
CA SER F 219 -13.75 -4.76 40.81
C SER F 219 -15.15 -5.19 40.40
N VAL F 220 -15.25 -5.71 39.18
CA VAL F 220 -16.53 -6.10 38.60
C VAL F 220 -16.91 -7.49 39.13
N HIS F 221 -18.07 -7.59 39.76
CA HIS F 221 -18.54 -8.89 40.22
C HIS F 221 -19.96 -9.23 39.80
N GLU F 222 -20.86 -8.24 39.72
CA GLU F 222 -22.23 -8.53 39.37
C GLU F 222 -22.36 -8.82 37.87
N PRO F 223 -23.29 -9.71 37.49
CA PRO F 223 -23.47 -10.02 36.08
C PRO F 223 -24.56 -9.19 35.41
N LEU F 224 -24.40 -9.03 34.09
CA LEU F 224 -25.40 -8.40 33.23
C LEU F 224 -26.02 -9.49 32.38
N GLN F 225 -27.30 -9.77 32.59
CA GLN F 225 -27.98 -10.85 31.89
C GLN F 225 -28.57 -10.30 30.58
N THR F 226 -28.18 -10.91 29.47
CA THR F 226 -28.63 -10.50 28.15
C THR F 226 -29.81 -11.33 27.65
N GLY F 227 -29.85 -12.62 27.96
CA GLY F 227 -30.88 -13.50 27.46
C GLY F 227 -30.46 -14.34 26.28
N ILE F 228 -29.29 -14.09 25.71
CA ILE F 228 -28.76 -14.90 24.62
C ILE F 228 -27.83 -15.94 25.23
N LYS F 229 -28.08 -17.21 24.92
CA LYS F 229 -27.36 -18.30 25.57
C LYS F 229 -25.88 -18.27 25.23
N ALA F 230 -25.55 -17.99 23.97
CA ALA F 230 -24.15 -18.00 23.55
C ALA F 230 -23.35 -16.94 24.29
N ILE F 231 -23.90 -15.74 24.45
CA ILE F 231 -23.19 -14.69 25.19
C ILE F 231 -23.15 -15.02 26.67
N ASP F 232 -24.29 -15.37 27.25
CA ASP F 232 -24.36 -15.58 28.69
C ASP F 232 -23.52 -16.76 29.15
N ALA F 233 -23.24 -17.73 28.28
CA ALA F 233 -22.49 -18.90 28.67
C ALA F 233 -21.00 -18.77 28.37
N LEU F 234 -20.65 -18.31 27.17
CA LEU F 234 -19.27 -18.33 26.71
C LEU F 234 -18.57 -16.97 26.77
N VAL F 235 -19.30 -15.87 26.65
CA VAL F 235 -18.71 -14.53 26.71
C VAL F 235 -19.46 -13.68 27.71
N PRO F 236 -19.36 -13.95 29.02
CA PRO F 236 -20.17 -13.21 29.98
C PRO F 236 -19.77 -11.75 30.10
N ILE F 237 -20.75 -10.92 30.45
CA ILE F 237 -20.57 -9.48 30.60
C ILE F 237 -21.00 -9.08 32.01
N GLY F 238 -20.14 -8.35 32.71
CA GLY F 238 -20.42 -7.89 34.04
C GLY F 238 -20.76 -6.41 34.08
N ARG F 239 -21.35 -5.99 35.19
CA ARG F 239 -21.78 -4.60 35.34
C ARG F 239 -20.58 -3.70 35.58
N GLY F 240 -20.32 -2.82 34.62
CA GLY F 240 -19.13 -1.97 34.64
C GLY F 240 -18.13 -2.27 33.55
N GLN F 241 -18.42 -3.24 32.68
CA GLN F 241 -17.51 -3.68 31.65
C GLN F 241 -17.68 -2.85 30.37
N ARG F 242 -16.81 -3.11 29.40
CA ARG F 242 -16.88 -2.46 28.08
C ARG F 242 -16.58 -3.53 27.04
N GLU F 243 -17.63 -4.13 26.49
CA GLU F 243 -17.51 -5.21 25.51
C GLU F 243 -17.84 -4.68 24.13
N LEU F 244 -17.04 -5.06 23.14
CA LEU F 244 -17.22 -4.61 21.77
C LEU F 244 -17.96 -5.68 20.97
N ILE F 245 -18.88 -5.24 20.12
CA ILE F 245 -19.58 -6.11 19.19
C ILE F 245 -19.14 -5.72 17.80
N ILE F 246 -18.44 -6.62 17.11
CA ILE F 246 -17.80 -6.31 15.84
C ILE F 246 -18.25 -7.32 14.80
N GLY F 247 -18.53 -6.85 13.60
CA GLY F 247 -18.90 -7.73 12.50
C GLY F 247 -19.29 -6.91 11.29
N ASP F 248 -19.50 -7.61 10.18
CA ASP F 248 -19.88 -6.95 8.95
C ASP F 248 -21.34 -6.52 8.99
N ARG F 249 -21.75 -5.76 7.99
CA ARG F 249 -23.16 -5.50 7.82
C ARG F 249 -23.88 -6.78 7.40
N GLN F 250 -25.19 -6.81 7.62
CA GLN F 250 -25.99 -8.01 7.40
C GLN F 250 -25.51 -9.15 8.28
N THR F 251 -25.38 -8.85 9.58
CA THR F 251 -25.10 -9.85 10.59
C THR F 251 -26.01 -9.76 11.80
N GLY F 252 -26.81 -8.70 11.91
CA GLY F 252 -27.76 -8.56 13.00
C GLY F 252 -27.18 -8.24 14.35
N LYS F 253 -26.56 -7.06 14.48
CA LYS F 253 -26.09 -6.58 15.77
C LYS F 253 -27.12 -5.75 16.50
N THR F 254 -27.94 -5.00 15.76
CA THR F 254 -29.02 -4.25 16.39
C THR F 254 -30.00 -5.20 17.07
N SER F 255 -30.20 -6.40 16.53
CA SER F 255 -31.08 -7.35 17.19
C SER F 255 -30.51 -7.80 18.52
N VAL F 256 -29.20 -8.03 18.58
CA VAL F 256 -28.55 -8.38 19.84
C VAL F 256 -28.76 -7.26 20.86
N ALA F 257 -28.52 -6.02 20.43
CA ALA F 257 -28.69 -4.89 21.34
C ALA F 257 -30.13 -4.75 21.81
N ILE F 258 -31.10 -4.96 20.91
CA ILE F 258 -32.51 -4.77 21.26
C ILE F 258 -32.97 -5.87 22.21
N ASP F 259 -32.54 -7.11 21.98
CA ASP F 259 -32.87 -8.19 22.92
C ASP F 259 -32.27 -7.93 24.29
N THR F 260 -31.02 -7.46 24.34
CA THR F 260 -30.42 -7.13 25.63
C THR F 260 -31.19 -6.02 26.33
N ILE F 261 -31.62 -5.01 25.58
CA ILE F 261 -32.38 -3.91 26.18
C ILE F 261 -33.72 -4.41 26.71
N ILE F 262 -34.39 -5.29 25.96
CA ILE F 262 -35.70 -5.78 26.37
C ILE F 262 -35.58 -6.63 27.64
N ASN F 263 -34.51 -7.41 27.76
CA ASN F 263 -34.39 -8.34 28.88
C ASN F 263 -34.30 -7.66 30.24
N GLN F 264 -34.03 -6.36 30.31
CA GLN F 264 -33.78 -5.68 31.58
C GLN F 264 -35.07 -5.19 32.24
N LYS F 265 -36.19 -5.85 31.99
CA LYS F 265 -37.48 -5.35 32.45
C LYS F 265 -37.55 -5.29 33.98
N ASP F 266 -37.06 -6.32 34.66
CA ASP F 266 -37.14 -6.40 36.11
C ASP F 266 -35.76 -6.58 36.73
N GLN F 267 -34.77 -5.87 36.21
CA GLN F 267 -33.40 -5.95 36.71
C GLN F 267 -32.89 -4.61 37.24
N ASN F 268 -33.75 -3.61 37.36
CA ASN F 268 -33.40 -2.31 37.92
C ASN F 268 -32.25 -1.66 37.16
N MET F 269 -32.47 -1.46 35.85
CA MET F 269 -31.50 -0.81 34.99
C MET F 269 -32.17 0.26 34.16
N ILE F 270 -31.40 1.29 33.82
CA ILE F 270 -31.80 2.33 32.90
C ILE F 270 -30.96 2.17 31.64
N SER F 271 -31.62 2.12 30.48
CA SER F 271 -30.96 1.88 29.21
C SER F 271 -30.92 3.16 28.38
N ILE F 272 -29.85 3.34 27.63
CA ILE F 272 -29.71 4.45 26.70
C ILE F 272 -29.25 3.88 25.36
N TYR F 273 -29.95 4.24 24.29
CA TYR F 273 -29.62 3.77 22.95
C TYR F 273 -29.27 4.96 22.08
N VAL F 274 -28.06 4.95 21.53
CA VAL F 274 -27.56 6.04 20.70
C VAL F 274 -27.41 5.51 19.27
N ALA F 275 -28.04 6.19 18.32
CA ALA F 275 -28.03 5.79 16.92
C ALA F 275 -27.29 6.85 16.12
N ILE F 276 -26.13 6.50 15.58
CA ILE F 276 -25.25 7.42 14.87
C ILE F 276 -25.19 7.00 13.41
N GLY F 277 -25.66 7.88 12.52
CA GLY F 277 -25.55 7.63 11.10
C GLY F 277 -26.49 6.59 10.53
N GLN F 278 -27.56 6.26 11.23
CA GLN F 278 -28.52 5.28 10.75
C GLN F 278 -29.64 5.97 9.96
N LYS F 279 -30.49 5.16 9.36
CA LYS F 279 -31.66 5.69 8.66
C LYS F 279 -32.79 6.00 9.64
N GLU F 280 -33.47 7.11 9.40
CA GLU F 280 -34.55 7.51 10.27
C GLU F 280 -35.69 6.50 10.26
N SER F 281 -35.92 5.83 9.14
CA SER F 281 -36.96 4.80 9.09
C SER F 281 -36.62 3.63 10.01
N THR F 282 -35.37 3.18 10.00
CA THR F 282 -34.97 2.09 10.89
C THR F 282 -35.01 2.52 12.34
N VAL F 283 -34.62 3.76 12.64
CA VAL F 283 -34.72 4.24 14.01
C VAL F 283 -36.18 4.27 14.46
N ARG F 284 -37.08 4.72 13.59
CA ARG F 284 -38.50 4.76 13.92
C ARG F 284 -39.05 3.36 14.19
N THR F 285 -38.69 2.39 13.35
CA THR F 285 -39.18 1.03 13.58
C THR F 285 -38.57 0.42 14.84
N VAL F 286 -37.32 0.76 15.16
CA VAL F 286 -36.71 0.25 16.39
C VAL F 286 -37.41 0.83 17.62
N VAL F 287 -37.73 2.12 17.60
CA VAL F 287 -38.46 2.71 18.72
C VAL F 287 -39.84 2.10 18.85
N GLU F 288 -40.49 1.80 17.71
CA GLU F 288 -41.80 1.16 17.76
C GLU F 288 -41.71 -0.25 18.32
N THR F 289 -40.63 -0.98 17.99
CA THR F 289 -40.41 -2.29 18.60
C THR F 289 -40.21 -2.18 20.10
N LEU F 290 -39.46 -1.19 20.55
CA LEU F 290 -39.24 -0.99 21.98
C LEU F 290 -40.55 -0.67 22.69
N ARG F 291 -41.40 0.16 22.09
CA ARG F 291 -42.64 0.57 22.74
C ARG F 291 -43.59 -0.61 22.93
N LYS F 292 -43.63 -1.53 21.97
CA LYS F 292 -44.58 -2.64 22.04
C LYS F 292 -44.29 -3.56 23.21
N HIS F 293 -43.01 -3.85 23.47
CA HIS F 293 -42.61 -4.71 24.57
C HIS F 293 -42.55 -3.99 25.90
N GLY F 294 -43.03 -2.75 25.97
CA GLY F 294 -43.01 -2.01 27.22
C GLY F 294 -41.63 -1.67 27.72
N ALA F 295 -40.69 -1.42 26.82
CA ALA F 295 -39.32 -1.09 27.19
C ALA F 295 -39.04 0.40 27.16
N LEU F 296 -40.07 1.23 27.05
CA LEU F 296 -39.91 2.68 27.01
C LEU F 296 -40.15 3.31 28.38
N ASP F 297 -40.34 2.51 29.42
CA ASP F 297 -40.44 3.04 30.77
C ASP F 297 -39.10 3.25 31.42
N TYR F 298 -38.01 2.78 30.80
CA TYR F 298 -36.67 2.96 31.36
C TYR F 298 -35.62 3.25 30.29
N THR F 299 -36.01 3.67 29.11
CA THR F 299 -35.10 3.84 27.98
C THR F 299 -35.12 5.26 27.47
N ILE F 300 -33.95 5.75 27.05
CA ILE F 300 -33.80 7.05 26.40
C ILE F 300 -33.11 6.81 25.06
N VAL F 301 -33.59 7.50 24.02
CA VAL F 301 -33.08 7.34 22.67
C VAL F 301 -32.49 8.67 22.19
N VAL F 302 -31.25 8.64 21.74
CA VAL F 302 -30.58 9.78 21.14
C VAL F 302 -30.26 9.42 19.70
N THR F 303 -30.65 10.29 18.77
CA THR F 303 -30.57 9.97 17.35
C THR F 303 -29.89 11.10 16.59
N ALA F 304 -28.98 10.73 15.69
CA ALA F 304 -28.35 11.65 14.73
C ALA F 304 -28.22 10.89 13.42
N SER F 305 -29.22 11.04 12.55
CA SER F 305 -29.31 10.25 11.33
C SER F 305 -28.31 10.74 10.28
N ALA F 306 -28.33 10.10 9.12
CA ALA F 306 -27.28 10.31 8.13
C ALA F 306 -27.38 11.65 7.42
N SER F 307 -28.53 12.32 7.48
CA SER F 307 -28.71 13.60 6.82
C SER F 307 -28.35 14.79 7.70
N GLN F 308 -27.96 14.55 8.94
CA GLN F 308 -27.62 15.61 9.87
C GLN F 308 -26.19 16.11 9.65
N PRO F 309 -25.89 17.32 10.12
CA PRO F 309 -24.50 17.81 10.01
C PRO F 309 -23.53 16.94 10.78
N ALA F 310 -22.28 16.91 10.29
CA ALA F 310 -21.25 16.08 10.90
C ALA F 310 -21.00 16.37 12.37
N PRO F 311 -20.99 17.62 12.85
CA PRO F 311 -20.78 17.83 14.30
C PRO F 311 -21.81 17.14 15.18
N LEU F 312 -23.06 17.04 14.74
CA LEU F 312 -24.06 16.34 15.55
C LEU F 312 -23.73 14.86 15.68
N LEU F 313 -23.32 14.23 14.57
CA LEU F 313 -22.91 12.84 14.62
C LEU F 313 -21.69 12.65 15.51
N PHE F 314 -20.78 13.63 15.51
CA PHE F 314 -19.60 13.53 16.34
C PHE F 314 -19.92 13.78 17.81
N LEU F 315 -20.98 14.53 18.10
CA LEU F 315 -21.32 14.90 19.47
C LEU F 315 -22.32 13.97 20.14
N ALA F 316 -23.01 13.10 19.39
CA ALA F 316 -24.05 12.28 20.01
C ALA F 316 -23.56 11.35 21.12
N PRO F 317 -22.50 10.55 20.96
CA PRO F 317 -22.12 9.61 22.04
C PRO F 317 -21.80 10.30 23.35
N TYR F 318 -21.17 11.47 23.30
CA TYR F 318 -20.85 12.20 24.51
C TYR F 318 -22.11 12.65 25.23
N ALA F 319 -23.13 13.06 24.48
CA ALA F 319 -24.41 13.40 25.08
C ALA F 319 -25.04 12.19 25.75
N GLY F 320 -24.98 11.03 25.10
CA GLY F 320 -25.53 9.83 25.72
C GLY F 320 -24.86 9.49 27.03
N VAL F 321 -23.52 9.49 27.04
CA VAL F 321 -22.81 9.14 28.27
C VAL F 321 -23.00 10.22 29.33
N ALA F 322 -23.16 11.48 28.93
CA ALA F 322 -23.42 12.53 29.90
C ALA F 322 -24.78 12.36 30.57
N MET F 323 -25.79 11.94 29.81
CA MET F 323 -27.08 11.64 30.44
C MET F 323 -27.00 10.41 31.33
N GLY F 324 -26.16 9.43 30.97
CA GLY F 324 -26.01 8.26 31.82
C GLY F 324 -25.32 8.55 33.14
N GLU F 325 -24.31 9.42 33.14
CA GLU F 325 -23.53 9.67 34.34
C GLU F 325 -24.37 10.27 35.45
N TYR F 326 -25.43 10.99 35.11
CA TYR F 326 -26.28 11.58 36.14
C TYR F 326 -26.93 10.51 37.01
N PHE F 327 -27.46 9.46 36.38
CA PHE F 327 -27.97 8.33 37.14
C PHE F 327 -26.85 7.55 37.81
N MET F 328 -25.71 7.40 37.13
CA MET F 328 -24.60 6.64 37.69
C MET F 328 -24.13 7.21 39.02
N TYR F 329 -24.07 8.54 39.14
CA TYR F 329 -23.55 9.16 40.35
C TYR F 329 -24.60 9.32 41.44
N LYS F 330 -25.68 8.54 41.40
CA LYS F 330 -26.67 8.52 42.45
C LYS F 330 -26.97 7.11 42.94
N GLY F 331 -26.19 6.12 42.54
CA GLY F 331 -26.37 4.76 42.99
C GLY F 331 -27.11 3.84 42.06
N LYS F 332 -27.40 4.26 40.83
CA LYS F 332 -28.15 3.45 39.88
C LYS F 332 -27.22 2.75 38.92
N HIS F 333 -27.79 1.89 38.08
CA HIS F 333 -27.04 1.12 37.09
C HIS F 333 -27.56 1.46 35.70
N VAL F 334 -26.65 1.75 34.78
CA VAL F 334 -27.00 2.23 33.45
C VAL F 334 -26.31 1.36 32.41
N LEU F 335 -26.88 1.33 31.21
CA LEU F 335 -26.34 0.58 30.09
C LEU F 335 -26.46 1.44 28.84
N VAL F 336 -25.33 1.72 28.18
CA VAL F 336 -25.28 2.62 27.03
C VAL F 336 -24.85 1.83 25.81
N VAL F 337 -25.55 2.03 24.69
CA VAL F 337 -25.29 1.34 23.44
C VAL F 337 -25.00 2.39 22.37
N TYR F 338 -23.91 2.20 21.63
CA TYR F 338 -23.50 3.09 20.55
C TYR F 338 -23.68 2.37 19.22
N ASP F 339 -24.58 2.88 18.38
CA ASP F 339 -24.98 2.14 17.18
C ASP F 339 -23.82 1.89 16.25
N ASP F 340 -22.95 2.87 16.05
CA ASP F 340 -21.72 2.68 15.29
C ASP F 340 -20.69 3.69 15.75
N LEU F 341 -19.50 3.21 16.08
CA LEU F 341 -18.39 4.06 16.43
C LEU F 341 -17.50 4.39 15.24
N SER F 342 -17.79 3.82 14.06
CA SER F 342 -17.06 4.17 12.85
C SER F 342 -17.65 5.38 12.15
N LYS F 343 -18.96 5.55 12.21
CA LYS F 343 -19.58 6.73 11.62
C LYS F 343 -19.18 8.00 12.37
N GLN F 344 -19.05 7.90 13.69
CA GLN F 344 -18.56 9.04 14.46
C GLN F 344 -17.14 9.40 14.07
N ALA F 345 -16.29 8.39 13.86
CA ALA F 345 -14.92 8.65 13.46
C ALA F 345 -14.84 9.29 12.09
N ALA F 346 -15.67 8.83 11.15
CA ALA F 346 -15.70 9.43 9.82
C ALA F 346 -16.16 10.88 9.88
N ALA F 347 -17.19 11.16 10.70
CA ALA F 347 -17.65 12.54 10.83
C ALA F 347 -16.58 13.44 11.43
N TYR F 348 -15.86 12.94 12.44
CA TYR F 348 -14.79 13.73 13.03
C TYR F 348 -13.65 13.96 12.04
N ARG F 349 -13.34 12.96 11.22
CA ARG F 349 -12.32 13.14 10.19
C ARG F 349 -12.74 14.20 9.20
N GLU F 350 -14.00 14.20 8.79
CA GLU F 350 -14.49 15.23 7.87
C GLU F 350 -14.35 16.62 8.47
N LEU F 351 -14.76 16.78 9.74
CA LEU F 351 -14.62 18.08 10.38
C LEU F 351 -13.16 18.51 10.45
N SER F 352 -12.26 17.59 10.79
CA SER F 352 -10.85 17.94 10.93
C SER F 352 -10.23 18.33 9.60
N LEU F 353 -10.54 17.58 8.53
CA LEU F 353 -10.00 17.92 7.22
C LEU F 353 -10.54 19.26 6.73
N LEU F 354 -11.81 19.55 6.99
CA LEU F 354 -12.35 20.83 6.57
C LEU F 354 -11.76 22.02 7.34
N LEU F 355 -11.21 21.79 8.52
CA LEU F 355 -10.56 22.83 9.31
C LEU F 355 -9.08 22.93 9.05
N ARG F 356 -8.55 22.15 8.10
CA ARG F 356 -7.13 22.19 7.71
C ARG F 356 -6.22 21.76 8.86
N ARG F 357 -6.56 20.63 9.46
CA ARG F 357 -5.67 20.05 10.45
C ARG F 357 -4.88 18.90 9.83
N PRO F 358 -3.59 18.77 10.17
CA PRO F 358 -2.72 17.82 9.46
C PRO F 358 -3.25 16.40 9.55
N PRO F 359 -3.27 15.66 8.44
CA PRO F 359 -3.84 14.32 8.44
C PRO F 359 -2.88 13.25 8.90
N GLY F 360 -3.34 12.00 8.89
CA GLY F 360 -2.52 10.87 9.29
C GLY F 360 -2.81 9.64 8.46
N ARG F 361 -2.82 8.47 9.09
CA ARG F 361 -3.11 7.23 8.37
C ARG F 361 -4.59 7.17 8.00
N GLU F 362 -4.85 6.98 6.70
CA GLU F 362 -6.21 6.99 6.16
C GLU F 362 -6.89 8.35 6.37
N ALA F 363 -6.08 9.40 6.51
CA ALA F 363 -6.50 10.79 6.63
C ALA F 363 -7.13 11.12 7.98
N TYR F 364 -7.09 10.21 8.94
CA TYR F 364 -7.62 10.51 10.26
C TYR F 364 -6.69 11.45 11.01
N PRO F 365 -7.22 12.31 11.87
CA PRO F 365 -6.36 13.23 12.62
C PRO F 365 -5.44 12.49 13.58
N GLY F 366 -4.56 13.25 14.21
CA GLY F 366 -3.64 12.66 15.18
C GLY F 366 -4.34 12.15 16.42
N ASP F 367 -5.33 12.88 16.90
CA ASP F 367 -6.06 12.52 18.12
C ASP F 367 -7.38 11.82 17.77
N ILE F 368 -7.26 10.64 17.16
CA ILE F 368 -8.44 9.84 16.86
C ILE F 368 -8.52 8.70 17.86
N PHE F 369 -7.38 8.25 18.38
CA PHE F 369 -7.38 7.31 19.49
C PHE F 369 -7.85 8.00 20.77
N TYR F 370 -7.44 9.24 20.97
CA TYR F 370 -7.86 10.01 22.13
C TYR F 370 -9.37 10.18 22.16
N LEU F 371 -9.97 10.46 21.00
CA LEU F 371 -11.39 10.73 20.91
C LEU F 371 -12.23 9.56 21.42
N HIS F 372 -11.81 8.34 21.12
CA HIS F 372 -12.57 7.17 21.56
C HIS F 372 -12.17 6.65 22.92
N SER F 373 -10.88 6.73 23.29
CA SER F 373 -10.47 6.26 24.60
C SER F 373 -11.02 7.15 25.71
N ARG F 374 -11.01 8.47 25.50
CA ARG F 374 -11.57 9.39 26.48
C ARG F 374 -13.06 9.15 26.70
N LEU F 375 -13.76 8.64 25.69
CA LEU F 375 -15.18 8.33 25.84
C LEU F 375 -15.40 7.00 26.51
N LEU F 376 -14.67 5.96 26.08
CA LEU F 376 -14.89 4.64 26.63
C LEU F 376 -14.29 4.43 28.01
N GLU F 377 -13.49 5.37 28.50
CA GLU F 377 -12.97 5.26 29.87
C GLU F 377 -13.86 5.93 30.90
N ARG F 378 -15.04 6.40 30.50
CA ARG F 378 -16.01 6.96 31.43
C ARG F 378 -16.99 5.93 31.94
N ALA F 379 -16.88 4.67 31.50
CA ALA F 379 -17.71 3.58 31.99
C ALA F 379 -16.94 2.87 33.11
N ALA F 380 -17.55 2.81 34.29
CA ALA F 380 -16.84 2.33 35.47
C ALA F 380 -17.83 1.68 36.42
N LYS F 381 -17.28 0.98 37.40
CA LYS F 381 -18.03 0.47 38.55
C LYS F 381 -17.48 1.17 39.79
N LEU F 382 -18.33 1.97 40.43
CA LEU F 382 -17.85 2.82 41.52
C LEU F 382 -17.77 2.05 42.83
N SER F 383 -16.89 2.53 43.71
CA SER F 383 -16.69 1.90 45.01
C SER F 383 -17.80 2.30 45.97
N ASP F 384 -17.80 1.68 47.15
CA ASP F 384 -18.88 1.91 48.11
C ASP F 384 -18.87 3.34 48.65
N ALA F 385 -17.72 4.00 48.65
CA ALA F 385 -17.66 5.36 49.15
C ALA F 385 -18.36 6.35 48.22
N LYS F 386 -18.36 6.07 46.91
CA LYS F 386 -18.96 6.96 45.94
C LYS F 386 -20.40 6.60 45.59
N GLY F 387 -20.94 5.54 46.16
CA GLY F 387 -22.34 5.23 45.97
C GLY F 387 -22.63 3.81 45.54
N GLY F 388 -21.77 3.24 44.71
CA GLY F 388 -21.96 1.89 44.22
C GLY F 388 -22.61 1.75 42.87
N GLY F 389 -22.76 2.84 42.11
CA GLY F 389 -23.35 2.75 40.80
C GLY F 389 -22.39 2.24 39.76
N SER F 390 -22.91 2.04 38.54
CA SER F 390 -22.10 1.50 37.47
C SER F 390 -22.65 1.96 36.12
N LEU F 391 -21.83 1.81 35.09
CA LEU F 391 -22.22 2.12 33.72
C LEU F 391 -21.54 1.14 32.79
N THR F 392 -22.32 0.43 31.99
CA THR F 392 -21.83 -0.57 31.04
C THR F 392 -21.96 -0.03 29.63
N ALA F 393 -20.96 -0.29 28.80
CA ALA F 393 -20.91 0.23 27.44
C ALA F 393 -20.78 -0.92 26.44
N LEU F 394 -21.55 -0.82 25.36
CA LEU F 394 -21.53 -1.80 24.28
C LEU F 394 -21.37 -1.08 22.94
N PRO F 395 -20.14 -0.73 22.56
CA PRO F 395 -19.92 -0.07 21.27
C PRO F 395 -19.99 -1.05 20.12
N PHE F 396 -20.38 -0.54 18.95
CA PHE F 396 -20.44 -1.32 17.72
C PHE F 396 -19.40 -0.81 16.74
N VAL F 397 -18.79 -1.72 16.00
CA VAL F 397 -17.86 -1.39 14.93
C VAL F 397 -18.18 -2.29 13.75
N GLU F 398 -18.34 -1.71 12.57
CA GLU F 398 -18.67 -2.46 11.36
C GLU F 398 -17.45 -2.57 10.47
N THR F 399 -17.16 -3.78 10.01
CA THR F 399 -16.03 -4.06 9.13
C THR F 399 -16.52 -4.29 7.70
N GLN F 400 -15.58 -4.20 6.77
CA GLN F 400 -15.84 -4.49 5.36
C GLN F 400 -15.09 -5.75 4.98
N ALA F 401 -15.83 -6.75 4.50
CA ALA F 401 -15.26 -8.04 4.08
C ALA F 401 -14.53 -8.75 5.22
N GLY F 402 -14.96 -8.50 6.46
CA GLY F 402 -14.38 -9.18 7.60
C GLY F 402 -12.91 -8.89 7.84
N ASP F 403 -12.51 -7.64 7.65
CA ASP F 403 -11.12 -7.22 7.79
C ASP F 403 -11.02 -6.40 9.08
N ILE F 404 -10.38 -6.98 10.09
CA ILE F 404 -10.22 -6.33 11.38
C ILE F 404 -8.82 -5.73 11.53
N SER F 405 -8.07 -5.63 10.45
CA SER F 405 -6.76 -5.01 10.46
C SER F 405 -6.81 -3.51 10.25
N ALA F 406 -7.99 -2.94 10.00
CA ALA F 406 -8.11 -1.54 9.68
C ALA F 406 -7.84 -0.68 10.91
N TYR F 407 -7.67 0.62 10.66
CA TYR F 407 -7.18 1.55 11.67
C TYR F 407 -8.15 1.63 12.85
N ILE F 408 -9.40 2.02 12.59
CA ILE F 408 -10.39 2.12 13.67
C ILE F 408 -10.70 0.78 14.31
N PRO F 409 -10.91 -0.31 13.56
CA PRO F 409 -11.13 -1.61 14.23
C PRO F 409 -10.01 -2.03 15.16
N THR F 410 -8.74 -1.78 14.80
CA THR F 410 -7.68 -2.09 15.74
C THR F 410 -7.61 -1.07 16.88
N ASN F 411 -8.01 0.17 16.64
CA ASN F 411 -8.02 1.17 17.70
C ASN F 411 -9.01 0.79 18.81
N VAL F 412 -10.20 0.36 18.43
CA VAL F 412 -11.24 0.11 19.43
C VAL F 412 -11.08 -1.26 20.10
N ILE F 413 -10.45 -2.22 19.40
CA ILE F 413 -10.22 -3.53 20.00
C ILE F 413 -9.27 -3.43 21.19
N SER F 414 -8.31 -2.52 21.12
CA SER F 414 -7.29 -2.41 22.16
C SER F 414 -7.71 -1.54 23.33
N ILE F 415 -8.91 -0.99 23.33
CA ILE F 415 -9.42 -0.20 24.44
C ILE F 415 -10.38 -1.01 25.32
N THR F 416 -11.19 -1.86 24.70
CA THR F 416 -12.28 -2.53 25.39
C THR F 416 -11.78 -3.75 26.17
N ASP F 417 -12.69 -4.37 26.92
CA ASP F 417 -12.38 -5.51 27.78
C ASP F 417 -12.73 -6.84 27.13
N GLY F 418 -12.67 -6.92 25.81
CA GLY F 418 -13.05 -8.13 25.11
C GLY F 418 -14.04 -7.84 24.00
N GLN F 419 -14.20 -8.76 23.05
CA GLN F 419 -15.02 -8.50 21.89
C GLN F 419 -15.88 -9.72 21.57
N ILE F 420 -16.98 -9.46 20.86
CA ILE F 420 -17.88 -10.50 20.35
C ILE F 420 -17.86 -10.41 18.84
N PHE F 421 -17.61 -11.54 18.18
CA PHE F 421 -17.46 -11.58 16.73
C PHE F 421 -18.67 -12.24 16.09
N LEU F 422 -19.24 -11.58 15.09
CA LEU F 422 -20.38 -12.10 14.34
C LEU F 422 -19.96 -12.33 12.90
N GLN F 423 -20.25 -13.52 12.37
CA GLN F 423 -19.84 -13.90 11.03
C GLN F 423 -20.99 -13.79 10.03
N SER F 424 -20.63 -13.46 8.79
CA SER F 424 -21.63 -13.35 7.73
C SER F 424 -21.99 -14.69 7.10
N ASP F 425 -21.08 -15.68 7.20
CA ASP F 425 -21.39 -17.00 6.68
C ASP F 425 -22.49 -17.66 7.49
N LEU F 426 -22.42 -17.56 8.82
CA LEU F 426 -23.41 -18.21 9.67
C LEU F 426 -24.76 -17.51 9.59
N PHE F 427 -24.76 -16.20 9.30
CA PHE F 427 -26.02 -15.48 9.24
C PHE F 427 -26.86 -15.92 8.04
N PHE F 428 -26.21 -16.07 6.88
CA PHE F 428 -26.95 -16.44 5.67
C PHE F 428 -27.55 -17.83 5.79
N SER F 429 -26.80 -18.78 6.38
CA SER F 429 -27.30 -20.14 6.49
C SER F 429 -28.53 -20.22 7.38
N GLY F 430 -28.64 -19.34 8.37
CA GLY F 430 -29.82 -19.29 9.21
C GLY F 430 -29.54 -19.43 10.69
N VAL F 431 -28.29 -19.28 11.09
CA VAL F 431 -27.90 -19.39 12.49
C VAL F 431 -28.10 -18.03 13.15
N ARG F 432 -29.03 -17.96 14.11
CA ARG F 432 -29.29 -16.74 14.83
C ARG F 432 -29.06 -16.96 16.32
N PRO F 433 -28.18 -16.20 16.97
CA PRO F 433 -27.29 -15.17 16.42
C PRO F 433 -26.02 -15.79 15.84
N ALA F 434 -25.35 -15.12 14.90
CA ALA F 434 -24.22 -15.70 14.20
C ALA F 434 -22.91 -15.44 14.95
N ILE F 435 -22.88 -15.84 16.21
CA ILE F 435 -21.74 -15.58 17.07
C ILE F 435 -20.64 -16.59 16.80
N ASN F 436 -19.39 -16.15 16.84
CA ASN F 436 -18.23 -17.00 16.69
C ASN F 436 -17.48 -17.04 18.01
N ALA F 437 -17.40 -18.23 18.61
CA ALA F 437 -16.71 -18.41 19.88
C ALA F 437 -15.22 -18.66 19.73
N GLY F 438 -14.73 -18.84 18.50
CA GLY F 438 -13.31 -19.02 18.28
C GLY F 438 -12.51 -17.73 18.24
N LEU F 439 -13.19 -16.59 18.13
CA LEU F 439 -12.52 -15.29 18.12
C LEU F 439 -13.11 -14.32 19.14
N SER F 440 -14.00 -14.77 20.01
CA SER F 440 -14.64 -13.93 21.01
C SER F 440 -14.02 -14.20 22.38
N VAL F 441 -13.70 -13.13 23.09
CA VAL F 441 -13.03 -13.24 24.39
C VAL F 441 -13.71 -12.29 25.36
N SER F 442 -13.52 -12.54 26.65
CA SER F 442 -14.00 -11.67 27.71
C SER F 442 -12.99 -11.70 28.83
N ARG F 443 -12.27 -10.61 29.04
CA ARG F 443 -11.19 -10.59 30.03
C ARG F 443 -11.69 -10.51 31.46
N VAL F 444 -12.94 -10.11 31.67
CA VAL F 444 -13.51 -10.17 33.02
C VAL F 444 -13.73 -11.61 33.44
N GLY F 445 -14.24 -12.44 32.52
CA GLY F 445 -14.29 -13.87 32.73
C GLY F 445 -15.43 -14.37 33.57
N GLY F 446 -15.14 -15.33 34.44
CA GLY F 446 -16.16 -15.95 35.29
C GLY F 446 -16.56 -15.14 36.50
N ALA F 447 -15.85 -14.06 36.80
CA ALA F 447 -16.27 -13.20 37.90
C ALA F 447 -17.58 -12.49 37.62
N ALA F 448 -18.03 -12.51 36.36
CA ALA F 448 -19.30 -11.94 35.96
C ALA F 448 -20.36 -13.00 35.76
N GLN F 449 -20.32 -14.08 36.54
CA GLN F 449 -21.19 -15.23 36.36
C GLN F 449 -21.68 -15.70 37.71
N ILE F 450 -22.77 -16.47 37.69
CA ILE F 450 -23.28 -17.10 38.91
C ILE F 450 -22.65 -18.47 39.06
N LYS F 451 -22.76 -19.05 40.26
CA LYS F 451 -22.08 -20.30 40.56
C LYS F 451 -22.55 -21.43 39.65
N ALA F 452 -23.87 -21.51 39.39
CA ALA F 452 -24.39 -22.57 38.53
C ALA F 452 -23.82 -22.47 37.12
N MET F 453 -23.79 -21.25 36.57
CA MET F 453 -23.26 -21.08 35.23
C MET F 453 -21.77 -21.39 35.17
N LYS F 454 -21.03 -21.03 36.23
CA LYS F 454 -19.62 -21.42 36.28
C LYS F 454 -19.47 -22.93 36.28
N LYS F 455 -20.25 -23.62 37.11
CA LYS F 455 -20.13 -25.08 37.20
C LYS F 455 -20.57 -25.77 35.93
N VAL F 456 -21.38 -25.12 35.09
CA VAL F 456 -21.93 -25.76 33.90
C VAL F 456 -21.18 -25.40 32.60
N ALA F 457 -20.60 -24.21 32.49
CA ALA F 457 -20.14 -23.72 31.19
C ALA F 457 -18.80 -24.29 30.73
N GLY F 458 -17.98 -24.82 31.62
CA GLY F 458 -16.65 -25.29 31.21
C GLY F 458 -16.71 -26.49 30.29
N THR F 459 -17.56 -27.47 30.61
CA THR F 459 -17.70 -28.63 29.76
C THR F 459 -18.25 -28.25 28.39
N LEU F 460 -19.20 -27.31 28.35
CA LEU F 460 -19.74 -26.83 27.08
C LEU F 460 -18.66 -26.16 26.25
N ARG F 461 -17.82 -25.33 26.88
CA ARG F 461 -16.73 -24.70 26.15
C ARG F 461 -15.78 -25.73 25.56
N LEU F 462 -15.39 -26.73 26.36
CA LEU F 462 -14.47 -27.75 25.88
C LEU F 462 -15.09 -28.55 24.74
N ASP F 463 -16.36 -28.90 24.85
CA ASP F 463 -17.04 -29.66 23.79
C ASP F 463 -17.08 -28.87 22.50
N LEU F 464 -17.44 -27.58 22.56
CA LEU F 464 -17.49 -26.79 21.34
C LEU F 464 -16.10 -26.63 20.73
N ALA F 465 -15.08 -26.44 21.56
CA ALA F 465 -13.72 -26.35 21.05
C ALA F 465 -13.33 -27.63 20.32
N ALA F 466 -13.66 -28.78 20.91
CA ALA F 466 -13.33 -30.05 20.26
C ALA F 466 -14.08 -30.20 18.94
N TYR F 467 -15.37 -29.83 18.90
CA TYR F 467 -16.15 -30.03 17.69
C TYR F 467 -15.74 -29.09 16.56
N ARG F 468 -15.24 -27.89 16.89
CA ARG F 468 -14.93 -26.92 15.84
C ARG F 468 -13.80 -27.38 14.94
N GLU F 469 -12.93 -28.27 15.41
CA GLU F 469 -11.78 -28.69 14.60
C GLU F 469 -12.17 -29.68 13.51
N LEU F 470 -13.11 -30.58 13.81
CA LEU F 470 -13.48 -31.65 12.90
C LEU F 470 -14.79 -31.40 12.17
N GLU F 471 -15.32 -30.17 12.25
CA GLU F 471 -16.62 -29.90 11.65
C GLU F 471 -16.58 -29.98 10.13
N ALA F 472 -15.45 -29.61 9.53
CA ALA F 472 -15.34 -29.51 8.09
C ALA F 472 -15.17 -30.86 7.38
N PHE F 473 -14.96 -31.94 8.13
CA PHE F 473 -14.66 -33.25 7.55
C PHE F 473 -15.79 -34.25 7.79
N ALA F 474 -17.03 -33.77 7.87
CA ALA F 474 -18.17 -34.65 8.05
C ALA F 474 -18.52 -35.43 6.79
N GLN F 475 -18.09 -34.94 5.62
CA GLN F 475 -18.37 -35.64 4.37
C GLN F 475 -17.69 -37.01 4.33
N PHE F 476 -16.49 -37.10 4.88
CA PHE F 476 -15.74 -38.35 4.93
C PHE F 476 -15.96 -39.01 6.27
N GLY F 477 -16.92 -39.93 6.33
CA GLY F 477 -17.10 -40.76 7.51
C GLY F 477 -16.03 -41.83 7.56
N SER F 478 -16.36 -43.00 8.12
CA SER F 478 -15.43 -44.11 8.25
C SER F 478 -14.18 -43.72 9.03
N ASP F 479 -14.32 -42.77 9.94
CA ASP F 479 -13.21 -42.31 10.77
C ASP F 479 -13.10 -43.22 11.99
N LEU F 480 -12.23 -42.86 12.92
CA LEU F 480 -12.08 -43.63 14.15
C LEU F 480 -13.40 -43.68 14.89
N ASP F 481 -13.99 -44.87 14.98
CA ASP F 481 -15.28 -45.05 15.63
C ASP F 481 -15.25 -44.69 17.10
N LYS F 482 -14.08 -44.59 17.71
CA LYS F 482 -14.00 -44.35 19.15
C LYS F 482 -14.45 -42.93 19.49
N ALA F 483 -13.70 -41.92 19.04
CA ALA F 483 -13.92 -40.56 19.50
C ALA F 483 -13.87 -39.56 18.35
N THR F 484 -14.50 -39.88 17.23
CA THR F 484 -14.69 -38.89 16.16
C THR F 484 -16.16 -38.62 15.87
N GLN F 485 -16.94 -39.65 15.57
CA GLN F 485 -18.36 -39.43 15.33
C GLN F 485 -19.11 -39.14 16.61
N ALA F 486 -18.64 -39.66 17.75
CA ALA F 486 -19.23 -39.27 19.02
C ALA F 486 -19.05 -37.77 19.27
N LYS F 487 -17.84 -37.25 19.00
CA LYS F 487 -17.61 -35.83 19.15
C LYS F 487 -18.38 -35.03 18.12
N LEU F 488 -18.56 -35.56 16.91
CA LEU F 488 -19.39 -34.87 15.92
C LEU F 488 -20.84 -34.77 16.39
N ALA F 489 -21.38 -35.86 16.95
CA ALA F 489 -22.75 -35.83 17.44
C ALA F 489 -22.90 -34.87 18.62
N ARG F 490 -21.95 -34.91 19.56
CA ARG F 490 -22.00 -34.00 20.70
C ARG F 490 -21.90 -32.55 20.23
N GLY F 491 -21.04 -32.27 19.25
CA GLY F 491 -20.92 -30.92 18.74
C GLY F 491 -22.16 -30.44 18.02
N ALA F 492 -22.79 -31.32 17.25
CA ALA F 492 -24.03 -30.93 16.57
C ALA F 492 -25.14 -30.65 17.60
N ARG F 493 -25.21 -31.46 18.65
CA ARG F 493 -26.18 -31.21 19.71
C ARG F 493 -25.89 -29.90 20.43
N THR F 494 -24.60 -29.58 20.60
CA THR F 494 -24.23 -28.30 21.20
C THR F 494 -24.65 -27.14 20.32
N VAL F 495 -24.38 -27.25 19.02
CA VAL F 495 -24.67 -26.15 18.09
C VAL F 495 -26.17 -25.92 18.00
N GLU F 496 -26.97 -27.00 18.08
CA GLU F 496 -28.41 -26.82 18.03
C GLU F 496 -28.97 -26.18 19.29
N VAL F 497 -28.31 -26.39 20.43
CA VAL F 497 -28.78 -25.80 21.69
C VAL F 497 -28.59 -24.30 21.68
N LEU F 498 -27.51 -23.81 21.07
CA LEU F 498 -27.15 -22.40 21.11
C LEU F 498 -27.94 -21.55 20.12
N LYS F 499 -28.81 -22.14 19.30
CA LYS F 499 -29.63 -21.37 18.38
C LYS F 499 -30.78 -20.71 19.12
N GLN F 500 -31.27 -19.61 18.54
CA GLN F 500 -32.29 -18.80 19.21
C GLN F 500 -33.06 -18.02 18.15
N ASP F 501 -34.16 -17.43 18.58
CA ASP F 501 -35.05 -16.66 17.72
C ASP F 501 -35.14 -15.22 18.19
N LEU F 502 -35.58 -14.34 17.31
CA LEU F 502 -35.62 -12.92 17.61
C LEU F 502 -36.60 -12.63 18.76
N HIS F 503 -36.23 -11.65 19.58
CA HIS F 503 -36.91 -11.36 20.84
C HIS F 503 -37.00 -12.62 21.68
N GLN F 504 -37.91 -12.65 22.64
CA GLN F 504 -38.08 -13.79 23.54
C GLN F 504 -36.75 -14.20 24.18
N PRO F 505 -36.16 -13.38 25.05
CA PRO F 505 -34.99 -13.82 25.80
C PRO F 505 -35.35 -14.90 26.81
N ILE F 506 -34.32 -15.55 27.34
CA ILE F 506 -34.51 -16.71 28.22
C ILE F 506 -33.98 -16.42 29.62
N PRO F 507 -34.70 -16.80 30.67
CA PRO F 507 -34.17 -16.64 32.03
C PRO F 507 -32.96 -17.53 32.29
N VAL F 508 -32.12 -17.05 33.20
CA VAL F 508 -30.80 -17.65 33.40
C VAL F 508 -30.95 -19.05 34.00
N GLU F 509 -31.95 -19.28 34.86
CA GLU F 509 -32.14 -20.61 35.41
C GLU F 509 -32.49 -21.61 34.32
N LYS F 510 -33.34 -21.22 33.37
CA LYS F 510 -33.68 -22.10 32.26
C LYS F 510 -32.46 -22.38 31.40
N GLN F 511 -31.65 -21.36 31.11
CA GLN F 511 -30.43 -21.59 30.35
C GLN F 511 -29.52 -22.57 31.07
N VAL F 512 -29.34 -22.40 32.38
CA VAL F 512 -28.48 -23.29 33.16
C VAL F 512 -29.00 -24.71 33.09
N LEU F 513 -30.32 -24.90 33.25
CA LEU F 513 -30.86 -26.26 33.27
C LEU F 513 -30.73 -26.94 31.92
N ILE F 514 -30.99 -26.23 30.83
CA ILE F 514 -30.87 -26.88 29.52
C ILE F 514 -29.42 -27.19 29.20
N ILE F 515 -28.49 -26.30 29.55
CA ILE F 515 -27.08 -26.59 29.25
C ILE F 515 -26.58 -27.72 30.13
N TYR F 516 -27.11 -27.83 31.36
CA TYR F 516 -26.80 -28.98 32.19
C TYR F 516 -27.31 -30.28 31.58
N ALA F 517 -28.53 -30.26 31.04
CA ALA F 517 -29.06 -31.46 30.39
C ALA F 517 -28.22 -31.86 29.20
N LEU F 518 -27.78 -30.89 28.40
CA LEU F 518 -26.95 -31.21 27.23
C LEU F 518 -25.59 -31.79 27.63
N THR F 519 -24.95 -31.22 28.65
CA THR F 519 -23.59 -31.60 28.98
C THR F 519 -23.49 -32.92 29.74
N ARG F 520 -24.57 -33.37 30.38
CA ARG F 520 -24.55 -34.59 31.17
C ARG F 520 -24.94 -35.83 30.37
N GLY F 521 -25.10 -35.70 29.05
CA GLY F 521 -25.41 -36.84 28.23
C GLY F 521 -26.87 -37.22 28.19
N PHE F 522 -27.77 -36.28 28.46
CA PHE F 522 -29.20 -36.54 28.46
C PHE F 522 -29.85 -36.29 27.11
N LEU F 523 -29.08 -35.98 26.08
CA LEU F 523 -29.64 -35.59 24.79
C LEU F 523 -29.19 -36.49 23.64
N ASP F 524 -28.41 -37.53 23.89
CA ASP F 524 -27.88 -38.35 22.81
C ASP F 524 -29.00 -39.14 22.12
N ASP F 525 -29.97 -39.65 22.88
CA ASP F 525 -31.06 -40.41 22.29
C ASP F 525 -31.88 -39.53 21.35
N ILE F 526 -32.11 -38.28 21.73
CA ILE F 526 -32.91 -37.37 20.90
C ILE F 526 -32.13 -37.02 19.63
N PRO F 527 -32.70 -37.17 18.44
CA PRO F 527 -31.98 -36.83 17.22
C PRO F 527 -31.79 -35.32 17.08
N VAL F 528 -30.90 -34.96 16.16
CA VAL F 528 -30.51 -33.56 16.00
C VAL F 528 -31.70 -32.71 15.59
N GLU F 529 -32.58 -33.25 14.75
CA GLU F 529 -33.69 -32.47 14.21
C GLU F 529 -34.76 -32.15 15.25
N ASP F 530 -34.69 -32.73 16.45
CA ASP F 530 -35.71 -32.51 17.47
C ASP F 530 -35.18 -31.78 18.70
N VAL F 531 -33.94 -31.28 18.66
CA VAL F 531 -33.36 -30.66 19.85
C VAL F 531 -34.09 -29.36 20.21
N ARG F 532 -34.43 -28.55 19.21
CA ARG F 532 -35.11 -27.30 19.47
C ARG F 532 -36.48 -27.54 20.11
N ARG F 533 -37.27 -28.45 19.53
CA ARG F 533 -38.58 -28.77 20.09
C ARG F 533 -38.43 -29.42 21.47
N PHE F 534 -37.39 -30.23 21.66
CA PHE F 534 -37.14 -30.82 22.97
C PHE F 534 -36.90 -29.75 24.03
N GLU F 535 -36.08 -28.74 23.71
CA GLU F 535 -35.81 -27.70 24.69
C GLU F 535 -37.03 -26.85 24.95
N LYS F 536 -37.84 -26.58 23.91
CA LYS F 536 -39.05 -25.80 24.11
C LYS F 536 -40.04 -26.54 25.01
N GLU F 537 -40.25 -27.83 24.75
CA GLU F 537 -41.17 -28.60 25.58
C GLU F 537 -40.61 -28.82 26.97
N PHE F 538 -39.28 -28.87 27.12
CA PHE F 538 -38.69 -28.92 28.46
C PHE F 538 -38.97 -27.65 29.23
N TYR F 539 -38.85 -26.48 28.58
CA TYR F 539 -39.20 -25.24 29.25
C TYR F 539 -40.66 -25.23 29.67
N LEU F 540 -41.54 -25.73 28.80
CA LEU F 540 -42.95 -25.82 29.16
C LEU F 540 -43.16 -26.78 30.33
N PHE F 541 -42.43 -27.88 30.37
CA PHE F 541 -42.54 -28.86 31.45
C PHE F 541 -42.10 -28.28 32.78
N LEU F 542 -40.98 -27.53 32.79
CA LEU F 542 -40.46 -26.98 34.04
C LEU F 542 -41.43 -25.98 34.65
N ASP F 543 -42.23 -25.31 33.84
CA ASP F 543 -43.15 -24.31 34.36
C ASP F 543 -44.27 -24.92 35.20
N GLN F 544 -44.49 -26.23 35.10
CA GLN F 544 -45.57 -26.90 35.80
C GLN F 544 -45.07 -27.81 36.91
N ASN F 545 -44.18 -28.74 36.61
CA ASN F 545 -43.72 -29.72 37.58
C ASN F 545 -42.28 -29.50 38.01
N GLY F 546 -41.65 -28.42 37.56
CA GLY F 546 -40.31 -28.09 38.00
C GLY F 546 -40.27 -26.75 38.70
N GLN F 547 -41.26 -26.48 39.55
CA GLN F 547 -41.42 -25.17 40.16
C GLN F 547 -40.52 -24.94 41.37
N HIS F 548 -39.76 -25.95 41.81
CA HIS F 548 -38.88 -25.78 42.96
C HIS F 548 -37.41 -25.69 42.60
N LEU F 549 -36.98 -26.37 41.54
CA LEU F 549 -35.60 -26.20 41.08
C LEU F 549 -35.34 -24.77 40.64
N LEU F 550 -36.29 -24.18 39.91
CA LEU F 550 -36.14 -22.80 39.47
C LEU F 550 -36.07 -21.85 40.65
N GLU F 551 -36.93 -22.05 41.65
CA GLU F 551 -36.92 -21.18 42.82
C GLU F 551 -35.62 -21.35 43.61
N HIS F 552 -35.11 -22.58 43.69
CA HIS F 552 -33.84 -22.80 44.37
C HIS F 552 -32.70 -22.09 43.66
N ILE F 553 -32.69 -22.12 42.33
CA ILE F 553 -31.63 -21.42 41.60
C ILE F 553 -31.78 -19.90 41.76
N ARG F 554 -33.02 -19.41 41.73
CA ARG F 554 -33.23 -17.96 41.86
C ARG F 554 -32.83 -17.44 43.23
N THR F 555 -33.16 -18.19 44.28
CA THR F 555 -32.92 -17.69 45.64
C THR F 555 -31.49 -17.93 46.09
N THR F 556 -30.90 -19.05 45.72
CA THR F 556 -29.59 -19.46 46.23
C THR F 556 -28.45 -19.16 45.28
N LYS F 557 -28.72 -19.11 43.97
CA LYS F 557 -27.74 -18.92 42.91
C LYS F 557 -26.82 -20.12 42.73
N ASP F 558 -27.23 -21.29 43.20
CA ASP F 558 -26.49 -22.53 42.98
C ASP F 558 -27.45 -23.59 42.47
N LEU F 559 -26.96 -24.46 41.59
CA LEU F 559 -27.83 -25.44 40.95
C LEU F 559 -28.25 -26.51 41.95
N PRO F 560 -29.45 -27.07 41.79
CA PRO F 560 -30.01 -27.96 42.82
C PRO F 560 -29.29 -29.29 42.92
N ASN F 561 -29.80 -30.17 43.78
CA ASN F 561 -29.16 -31.46 44.01
C ASN F 561 -29.16 -32.32 42.75
N GLU F 562 -28.05 -33.03 42.55
CA GLU F 562 -27.86 -33.78 41.31
C GLU F 562 -28.90 -34.88 41.15
N ASP F 563 -29.23 -35.58 42.23
CA ASP F 563 -30.20 -36.66 42.12
C ASP F 563 -31.60 -36.15 41.77
N ASP F 564 -32.02 -35.03 42.37
CA ASP F 564 -33.31 -34.45 42.01
C ASP F 564 -33.32 -33.99 40.57
N LEU F 565 -32.23 -33.35 40.12
CA LEU F 565 -32.16 -32.92 38.73
C LEU F 565 -32.25 -34.11 37.77
N ASN F 566 -31.51 -35.18 38.09
CA ASN F 566 -31.54 -36.37 37.25
C ASN F 566 -32.93 -36.98 37.20
N LYS F 567 -33.61 -37.06 38.35
CA LYS F 567 -34.95 -37.61 38.37
C LYS F 567 -35.92 -36.76 37.56
N ALA F 568 -35.81 -35.43 37.66
CA ALA F 568 -36.70 -34.57 36.89
C ALA F 568 -36.50 -34.75 35.39
N ILE F 569 -35.23 -34.78 34.96
CA ILE F 569 -34.96 -34.94 33.53
C ILE F 569 -35.38 -36.32 33.05
N GLU F 570 -35.20 -37.35 33.89
CA GLU F 570 -35.67 -38.69 33.55
C GLU F 570 -37.18 -38.71 33.42
N ALA F 571 -37.89 -38.01 34.32
CA ALA F 571 -39.35 -37.99 34.27
C ALA F 571 -39.85 -37.29 33.02
N PHE F 572 -39.19 -36.20 32.61
CA PHE F 572 -39.65 -35.51 31.41
C PHE F 572 -39.47 -36.36 30.16
N LYS F 573 -38.34 -37.07 30.06
CA LYS F 573 -38.02 -37.79 28.84
C LYS F 573 -39.04 -38.88 28.53
N LYS F 574 -39.66 -39.46 29.56
CA LYS F 574 -40.65 -40.50 29.35
C LYS F 574 -41.92 -39.97 28.69
N THR F 575 -42.19 -38.67 28.82
CA THR F 575 -43.37 -38.06 28.23
C THR F 575 -43.11 -37.50 26.84
N PHE F 576 -41.94 -36.93 26.61
CA PHE F 576 -41.60 -36.36 25.31
C PHE F 576 -41.59 -37.45 24.24
N VAL F 577 -42.45 -37.31 23.24
CA VAL F 577 -42.56 -38.29 22.17
C VAL F 577 -41.68 -37.83 21.01
N VAL F 578 -40.72 -38.67 20.64
CA VAL F 578 -39.69 -38.33 19.67
C VAL F 578 -40.16 -38.75 18.28
N SER F 579 -40.08 -37.83 17.33
CA SER F 579 -40.40 -38.15 15.95
C SER F 579 -39.14 -38.50 15.17
N ALA G 6 25.75 49.96 13.36
CA ALA G 6 26.79 50.91 13.73
C ALA G 6 26.61 51.36 15.18
N VAL G 7 26.90 50.47 16.11
CA VAL G 7 26.70 50.71 17.54
C VAL G 7 27.97 50.35 18.28
N ALA G 8 28.43 51.26 19.15
CA ALA G 8 29.65 51.07 19.91
C ALA G 8 29.32 50.92 21.39
N TYR G 9 30.06 50.04 22.07
CA TYR G 9 29.99 49.88 23.52
C TYR G 9 31.31 50.38 24.10
N SER G 10 31.23 51.35 25.01
CA SER G 10 32.42 51.94 25.58
C SER G 10 32.24 52.16 27.08
N ALA G 11 33.37 52.18 27.80
CA ALA G 11 33.31 52.38 29.24
C ALA G 11 32.78 53.76 29.60
N ARG G 12 33.20 54.79 28.87
CA ARG G 12 32.79 56.16 29.12
C ARG G 12 32.26 56.78 27.84
N PRO G 13 31.32 57.72 27.96
CA PRO G 13 30.80 58.39 26.76
C PRO G 13 31.89 59.12 26.00
N LEU G 14 32.16 58.66 24.78
CA LEU G 14 33.25 59.22 23.99
C LEU G 14 32.91 60.64 23.52
N THR G 15 33.95 61.43 23.31
CA THR G 15 33.78 62.78 22.80
C THR G 15 33.18 62.74 21.39
N ASP G 16 32.35 63.74 21.09
CA ASP G 16 31.68 63.78 19.80
C ASP G 16 32.68 63.89 18.65
N GLU G 17 33.77 64.62 18.86
CA GLU G 17 34.79 64.72 17.82
C GLU G 17 35.45 63.38 17.54
N GLU G 18 35.75 62.62 18.59
CA GLU G 18 36.32 61.29 18.40
C GLU G 18 35.32 60.36 17.71
N LEU G 19 34.04 60.46 18.08
CA LEU G 19 33.02 59.67 17.40
C LEU G 19 32.95 60.02 15.92
N ARG G 20 33.02 61.31 15.59
CA ARG G 20 33.01 61.72 14.19
C ARG G 20 34.22 61.19 13.45
N ALA G 21 35.40 61.25 14.07
CA ALA G 21 36.61 60.75 13.43
C ALA G 21 36.51 59.25 13.16
N LEU G 22 36.06 58.49 14.17
CA LEU G 22 35.92 57.05 14.00
C LEU G 22 34.89 56.70 12.94
N SER G 23 33.76 57.43 12.93
CA SER G 23 32.72 57.20 11.95
C SER G 23 33.23 57.48 10.54
N ASP G 24 33.97 58.58 10.36
CA ASP G 24 34.52 58.88 9.05
C ASP G 24 35.54 57.83 8.62
N VAL G 25 36.36 57.36 9.56
CA VAL G 25 37.36 56.35 9.23
C VAL G 25 36.68 55.06 8.77
N PHE G 26 35.64 54.63 9.49
CA PHE G 26 34.95 53.40 9.10
C PHE G 26 34.14 53.60 7.82
N ALA G 27 33.61 54.80 7.59
CA ALA G 27 32.94 55.07 6.31
C ALA G 27 33.91 54.94 5.15
N GLN G 28 35.11 55.50 5.30
CA GLN G 28 36.12 55.38 4.25
C GLN G 28 36.54 53.93 4.06
N LYS G 29 36.73 53.19 5.16
CA LYS G 29 37.23 51.82 5.07
C LYS G 29 36.19 50.89 4.45
N VAL G 30 34.94 50.97 4.91
CA VAL G 30 33.92 50.04 4.45
C VAL G 30 33.53 50.32 3.01
N GLY G 31 33.34 51.59 2.66
CA GLY G 31 32.96 51.94 1.31
C GLY G 31 31.70 52.77 1.23
N LYS G 32 31.36 53.45 2.33
CA LYS G 32 30.20 54.33 2.39
C LYS G 32 30.65 55.77 2.48
N GLN G 33 29.90 56.67 1.85
CA GLN G 33 30.24 58.09 1.88
C GLN G 33 30.16 58.65 3.30
N THR G 34 29.13 58.27 4.05
CA THR G 34 28.94 58.77 5.40
C THR G 34 28.57 57.60 6.32
N LEU G 35 28.87 57.76 7.60
CA LEU G 35 28.54 56.78 8.61
C LEU G 35 28.30 57.47 9.93
N GLU G 36 27.28 57.02 10.65
CA GLU G 36 26.94 57.55 11.97
C GLU G 36 26.94 56.42 13.00
N ILE G 37 27.53 56.70 14.16
CA ILE G 37 27.67 55.73 15.23
C ILE G 37 26.69 56.08 16.34
N GLU G 38 26.00 55.05 16.86
CA GLU G 38 25.09 55.23 17.99
C GLU G 38 25.77 54.62 19.22
N ASN G 39 26.57 55.44 19.89
CA ASN G 39 27.31 54.98 21.06
C ASN G 39 26.37 54.65 22.21
N ILE G 40 26.78 53.67 23.02
CA ILE G 40 25.99 53.24 24.16
C ILE G 40 26.72 53.58 25.44
N ILE G 41 26.11 53.29 26.59
CA ILE G 41 26.70 53.62 27.88
C ILE G 41 26.89 52.34 28.69
N ASP G 42 27.18 51.24 28.02
CA ASP G 42 27.38 49.97 28.71
C ASP G 42 28.66 50.04 29.54
N PRO G 43 28.59 49.86 30.87
CA PRO G 43 29.78 50.02 31.71
C PRO G 43 30.58 48.76 31.95
N GLU G 44 30.06 47.59 31.56
CA GLU G 44 30.78 46.34 31.82
C GLU G 44 32.11 46.30 31.09
N LEU G 45 32.14 46.77 29.84
CA LEU G 45 33.36 46.79 29.04
C LEU G 45 34.19 48.00 29.44
N ILE G 46 34.95 47.84 30.53
CA ILE G 46 35.81 48.91 31.01
C ILE G 46 37.16 48.94 30.31
N GLY G 47 37.55 47.85 29.64
CA GLY G 47 38.82 47.84 28.94
C GLY G 47 38.88 48.79 27.77
N GLY G 48 37.82 48.82 26.96
CA GLY G 48 37.82 49.64 25.75
C GLY G 48 36.51 49.63 25.00
N VAL G 49 36.58 49.74 23.67
CA VAL G 49 35.40 49.91 22.83
C VAL G 49 35.18 48.65 22.01
N ARG G 50 33.93 48.22 21.94
CA ARG G 50 33.49 47.09 21.13
C ARG G 50 32.49 47.60 20.10
N LEU G 51 32.85 47.49 18.83
CA LEU G 51 32.03 48.01 17.74
C LEU G 51 31.25 46.88 17.07
N ARG G 52 30.00 47.16 16.71
CA ARG G 52 29.17 46.22 15.97
C ARG G 52 28.57 47.00 14.80
N ILE G 53 29.02 46.70 13.59
CA ILE G 53 28.49 47.33 12.38
C ILE G 53 28.09 46.23 11.41
N GLY G 54 26.88 46.34 10.86
CA GLY G 54 26.36 45.26 10.04
C GLY G 54 26.31 43.99 10.85
N ASN G 55 27.01 42.97 10.38
CA ASN G 55 27.16 41.71 11.12
C ASN G 55 28.62 41.44 11.44
N ARG G 56 29.38 42.49 11.71
CA ARG G 56 30.80 42.39 12.06
C ARG G 56 31.04 43.06 13.40
N ILE G 57 31.93 42.46 14.19
CA ILE G 57 32.23 42.90 15.55
C ILE G 57 33.73 43.09 15.69
N TYR G 58 34.11 44.22 16.29
CA TYR G 58 35.50 44.49 16.65
C TYR G 58 35.57 44.61 18.18
N ASP G 59 36.37 43.74 18.79
CA ASP G 59 36.35 43.55 20.24
C ASP G 59 37.10 44.67 20.96
N GLY G 60 36.86 44.75 22.27
CA GLY G 60 37.49 45.75 23.11
C GLY G 60 38.75 45.26 23.80
N SER G 61 38.77 45.34 25.13
CA SER G 61 39.94 44.90 25.88
C SER G 61 39.56 43.95 27.03
N VAL G 62 38.32 44.06 27.51
CA VAL G 62 37.86 43.15 28.56
C VAL G 62 37.93 41.71 28.07
N SER G 63 37.50 41.46 26.83
CA SER G 63 37.60 40.14 26.24
C SER G 63 39.04 39.62 26.27
N GLY G 64 40.01 40.54 26.21
CA GLY G 64 41.39 40.12 26.30
C GLY G 64 41.67 39.35 27.57
N GLN G 65 41.10 39.79 28.69
N GLN G 65 41.10 39.79 28.69
CA GLN G 65 41.23 39.05 29.93
CA GLN G 65 41.23 39.05 29.93
C GLN G 65 40.65 37.64 29.79
C GLN G 65 40.65 37.64 29.79
N LEU G 66 39.47 37.52 29.18
CA LEU G 66 38.95 36.21 28.85
C LEU G 66 39.83 35.54 27.81
N GLU G 67 40.34 36.33 26.86
CA GLU G 67 41.33 35.80 25.93
C GLU G 67 42.56 35.31 26.69
N ARG G 68 42.85 35.92 27.84
CA ARG G 68 43.92 35.41 28.69
C ARG G 68 43.65 33.96 29.08
N ILE G 69 42.42 33.64 29.48
CA ILE G 69 42.07 32.25 29.71
C ILE G 69 42.22 31.45 28.43
N ARG G 70 41.79 32.02 27.30
CA ARG G 70 42.04 31.37 26.02
C ARG G 70 43.52 31.11 25.80
N ARG G 71 44.39 32.00 26.28
CA ARG G 71 45.83 31.75 26.23
C ARG G 71 46.32 31.08 27.52
N GLN G 72 45.62 30.03 27.93
CA GLN G 72 46.11 29.19 29.03
C GLN G 72 47.40 28.49 28.64
N LEU G 73 47.51 28.08 27.38
CA LEU G 73 48.69 27.40 26.85
C LEU G 73 49.03 26.15 27.65
N LYS G 91 59.73 33.81 29.80
CA LYS G 91 58.50 33.40 29.13
C LYS G 91 57.27 33.88 29.90
N GLN G 92 56.70 32.99 30.70
CA GLN G 92 55.49 33.26 31.49
C GLN G 92 54.37 33.76 30.57
N GLN G 93 53.99 32.90 29.64
CA GLN G 93 53.02 33.24 28.60
C GLN G 93 53.46 34.46 27.81
N ILE G 94 54.77 34.53 27.53
CA ILE G 94 55.38 35.65 26.82
C ILE G 94 54.96 36.97 27.46
N GLU G 95 54.96 37.01 28.79
CA GLU G 95 54.45 38.14 29.56
C GLU G 95 53.03 38.48 29.13
N ASN G 96 52.14 37.49 29.28
CA ASN G 96 50.74 37.57 28.84
C ASN G 96 50.61 37.72 27.33
N TYR G 97 51.66 37.35 26.59
CA TYR G 97 51.71 37.40 25.11
C TYR G 97 51.27 38.79 24.66
N GLU G 98 50.50 38.91 23.59
CA GLU G 98 50.02 40.19 23.09
C GLU G 98 48.53 40.10 22.78
N SER G 99 47.81 41.19 23.01
CA SER G 99 46.38 41.26 22.77
C SER G 99 46.13 42.04 21.49
N GLN G 100 45.29 41.48 20.61
CA GLN G 100 44.99 42.07 19.33
C GLN G 100 43.48 42.21 19.16
N ILE G 101 43.08 43.11 18.27
CA ILE G 101 41.67 43.38 18.00
C ILE G 101 41.17 42.28 17.07
N GLN G 102 40.57 41.23 17.65
CA GLN G 102 40.03 40.14 16.86
C GLN G 102 38.65 40.48 16.33
N VAL G 103 38.40 40.09 15.08
CA VAL G 103 37.13 40.39 14.41
C VAL G 103 36.46 39.08 14.04
N SER G 104 35.14 39.15 13.86
CA SER G 104 34.37 37.95 13.55
C SER G 104 33.09 38.36 12.83
N ASP G 105 32.55 37.40 12.07
CA ASP G 105 31.28 37.55 11.37
C ASP G 105 30.24 36.70 12.09
N VAL G 106 29.06 37.27 12.32
CA VAL G 106 28.07 36.68 13.20
C VAL G 106 26.70 36.65 12.52
N GLY G 107 25.76 35.96 13.16
CA GLY G 107 24.37 35.90 12.76
C GLY G 107 23.53 35.64 13.98
N THR G 108 22.21 35.66 13.79
CA THR G 108 21.26 35.39 14.86
C THR G 108 20.29 34.31 14.43
N VAL G 109 19.87 33.49 15.39
CA VAL G 109 18.95 32.39 15.13
C VAL G 109 17.53 32.91 15.07
N ILE G 110 16.74 32.39 14.13
CA ILE G 110 15.34 32.74 14.01
C ILE G 110 14.40 31.54 14.10
N GLN G 111 14.93 30.32 14.14
CA GLN G 111 14.14 29.11 14.22
C GLN G 111 15.04 28.00 14.75
N VAL G 112 14.47 27.12 15.57
CA VAL G 112 15.20 25.94 16.02
C VAL G 112 14.21 24.89 16.49
N GLY G 113 14.39 23.65 16.03
CA GLY G 113 13.52 22.58 16.45
C GLY G 113 13.80 21.29 15.71
N ASP G 114 13.81 20.18 16.44
CA ASP G 114 14.05 18.84 15.90
C ASP G 114 15.47 18.65 15.40
N GLY G 115 16.37 19.57 15.69
CA GLY G 115 17.76 19.44 15.31
C GLY G 115 18.21 20.24 14.11
N ILE G 116 17.35 21.12 13.57
CA ILE G 116 17.69 21.96 12.44
C ILE G 116 17.41 23.40 12.83
N ALA G 117 18.37 24.28 12.61
CA ALA G 117 18.22 25.69 12.93
C ALA G 117 18.08 26.50 11.63
N ARG G 118 18.02 27.81 11.79
CA ARG G 118 17.85 28.72 10.66
C ARG G 118 18.17 30.12 11.14
N ALA G 119 19.05 30.83 10.44
CA ALA G 119 19.66 32.03 10.97
C ALA G 119 19.68 33.16 9.95
N HIS G 120 19.71 34.39 10.46
CA HIS G 120 19.98 35.58 9.66
C HIS G 120 21.48 35.82 9.62
N GLY G 121 21.88 36.89 8.94
CA GLY G 121 23.29 37.24 8.90
C GLY G 121 24.12 36.20 8.16
N LEU G 122 25.39 36.08 8.58
CA LEU G 122 26.35 35.18 7.95
C LEU G 122 26.42 35.42 6.44
N ASP G 123 26.85 36.63 6.08
CA ASP G 123 26.82 37.05 4.68
C ASP G 123 27.82 36.25 3.85
N ASN G 124 29.09 36.29 4.21
CA ASN G 124 30.14 35.64 3.41
C ASN G 124 30.46 34.23 3.91
N VAL G 125 29.43 33.41 4.08
CA VAL G 125 29.62 32.03 4.51
C VAL G 125 29.61 31.15 3.27
N MET G 126 30.33 30.02 3.35
CA MET G 126 30.43 29.07 2.25
C MET G 126 29.54 27.86 2.49
N SER G 127 29.29 27.12 1.41
CA SER G 127 28.52 25.88 1.52
C SER G 127 29.38 24.81 2.17
N GLY G 128 28.84 24.13 3.17
CA GLY G 128 29.56 23.10 3.86
C GLY G 128 30.47 23.59 4.97
N GLU G 129 30.42 24.87 5.31
CA GLU G 129 31.30 25.42 6.33
C GLU G 129 30.87 24.95 7.72
N LEU G 130 31.74 25.19 8.70
CA LEU G 130 31.48 24.91 10.10
C LEU G 130 31.19 26.20 10.84
N VAL G 131 30.05 26.25 11.52
CA VAL G 131 29.68 27.39 12.35
C VAL G 131 29.65 26.95 13.81
N GLU G 132 29.78 27.92 14.70
CA GLU G 132 29.87 27.68 16.13
C GLU G 132 28.82 28.50 16.87
N PHE G 133 28.01 27.84 17.68
CA PHE G 133 26.99 28.54 18.45
C PHE G 133 27.59 29.14 19.72
N ALA G 134 26.88 30.10 20.30
CA ALA G 134 27.36 30.74 21.53
C ALA G 134 27.44 29.76 22.68
N ASN G 135 26.66 28.68 22.62
CA ASN G 135 26.71 27.64 23.65
C ASN G 135 28.06 26.93 23.61
N GLY G 136 28.51 26.54 22.43
CA GLY G 136 29.74 25.80 22.27
C GLY G 136 29.61 24.65 21.28
N VAL G 137 28.38 24.42 20.81
CA VAL G 137 28.13 23.34 19.87
C VAL G 137 28.45 23.81 18.45
N MET G 138 28.64 22.86 17.54
CA MET G 138 29.01 23.14 16.17
C MET G 138 27.87 22.78 15.22
N GLY G 139 27.97 23.27 13.98
CA GLY G 139 26.96 22.96 12.99
C GLY G 139 27.49 23.09 11.59
N MET G 140 26.72 22.56 10.64
CA MET G 140 27.01 22.68 9.21
C MET G 140 26.13 23.73 8.57
N ALA G 141 26.68 24.48 7.62
CA ALA G 141 25.89 25.37 6.79
C ALA G 141 25.46 24.59 5.55
N LEU G 142 24.16 24.33 5.43
CA LEU G 142 23.63 23.43 4.40
C LEU G 142 23.06 24.19 3.20
N ASN G 143 22.08 25.06 3.43
CA ASN G 143 21.44 25.82 2.37
C ASN G 143 21.71 27.30 2.59
N LEU G 144 22.26 27.96 1.59
CA LEU G 144 22.43 29.41 1.61
C LEU G 144 21.30 30.00 0.78
N GLU G 145 20.27 30.50 1.44
CA GLU G 145 19.14 31.10 0.74
C GLU G 145 19.34 32.60 0.64
N GLU G 146 18.33 33.29 0.10
CA GLU G 146 18.50 34.71 -0.21
C GLU G 146 18.76 35.54 1.04
N ASN G 147 18.02 35.27 2.12
CA ASN G 147 18.22 35.96 3.39
C ASN G 147 18.14 34.97 4.55
N ASN G 148 18.76 33.81 4.38
CA ASN G 148 18.62 32.73 5.35
C ASN G 148 19.81 31.80 5.21
N VAL G 149 20.10 31.07 6.27
CA VAL G 149 21.07 29.97 6.24
C VAL G 149 20.46 28.82 7.02
N GLY G 150 20.45 27.63 6.41
CA GLY G 150 20.00 26.43 7.08
C GLY G 150 21.17 25.72 7.71
N ILE G 151 21.05 25.43 9.00
CA ILE G 151 22.15 24.88 9.80
C ILE G 151 21.70 23.55 10.39
N VAL G 152 22.56 22.54 10.27
CA VAL G 152 22.34 21.24 10.89
C VAL G 152 23.21 21.15 12.13
N ILE G 153 22.60 20.84 13.27
CA ILE G 153 23.29 20.92 14.56
C ILE G 153 23.91 19.55 14.87
N LEU G 154 25.22 19.53 15.06
CA LEU G 154 25.94 18.30 15.38
C LEU G 154 26.19 18.24 16.88
N GLY G 155 25.13 17.94 17.62
CA GLY G 155 25.21 17.89 19.06
C GLY G 155 23.86 18.10 19.72
N PRO G 156 23.87 18.38 21.02
CA PRO G 156 22.61 18.60 21.74
C PRO G 156 22.03 19.97 21.44
N TYR G 157 20.78 20.00 21.00
CA TYR G 157 20.13 21.23 20.55
C TYR G 157 19.22 21.86 21.58
N THR G 158 19.24 21.38 22.83
CA THR G 158 18.35 21.92 23.84
C THR G 158 18.93 23.14 24.55
N GLY G 159 20.13 23.57 24.19
CA GLY G 159 20.70 24.81 24.68
C GLY G 159 20.66 25.96 23.71
N ILE G 160 20.03 25.78 22.55
CA ILE G 160 19.97 26.79 21.51
C ILE G 160 18.54 27.32 21.45
N LYS G 161 18.39 28.64 21.59
CA LYS G 161 17.09 29.28 21.52
C LYS G 161 17.15 30.41 20.51
N GLU G 162 15.98 30.74 19.97
CA GLU G 162 15.89 31.84 19.01
C GLU G 162 16.37 33.13 19.66
N GLY G 163 17.20 33.86 18.94
CA GLY G 163 17.86 35.05 19.46
C GLY G 163 19.31 34.84 19.81
N ASP G 164 19.81 33.60 19.75
CA ASP G 164 21.20 33.32 20.06
C ASP G 164 22.11 33.78 18.93
N GLU G 165 23.41 33.77 19.19
CA GLU G 165 24.41 34.27 18.26
C GLU G 165 25.28 33.11 17.77
N VAL G 166 25.53 33.09 16.46
CA VAL G 166 26.32 32.05 15.82
C VAL G 166 27.37 32.72 14.93
N ARG G 167 28.60 32.23 15.00
CA ARG G 167 29.71 32.83 14.27
C ARG G 167 30.40 31.80 13.39
N ARG G 168 31.12 32.31 12.39
CA ARG G 168 31.80 31.46 11.42
C ARG G 168 33.14 30.99 11.95
N THR G 169 33.64 29.90 11.34
CA THR G 169 34.97 29.41 11.61
C THR G 169 35.92 29.53 10.42
N GLY G 170 35.40 29.67 9.20
CA GLY G 170 36.23 29.84 8.04
C GLY G 170 36.79 28.57 7.44
N ARG G 171 36.32 27.41 7.87
CA ARG G 171 36.84 26.13 7.39
C ARG G 171 35.70 25.24 6.94
N ILE G 172 35.89 24.57 5.80
CA ILE G 172 35.00 23.48 5.42
C ILE G 172 35.11 22.38 6.47
N MET G 173 34.11 21.51 6.52
CA MET G 173 34.12 20.46 7.53
C MET G 173 35.36 19.59 7.38
N GLU G 174 35.92 19.20 8.53
CA GLU G 174 37.17 18.46 8.55
C GLU G 174 37.27 17.74 9.88
N VAL G 175 38.21 16.80 9.95
CA VAL G 175 38.48 16.05 11.17
C VAL G 175 39.98 16.08 11.43
N PRO G 176 40.43 15.93 12.66
CA PRO G 176 41.88 15.81 12.92
C PRO G 176 42.37 14.41 12.58
N VAL G 177 43.54 14.36 11.95
CA VAL G 177 44.13 13.10 11.51
C VAL G 177 45.58 13.04 11.96
N GLY G 178 46.08 11.83 12.10
CA GLY G 178 47.47 11.61 12.48
C GLY G 178 47.63 10.27 13.16
N GLU G 179 48.86 10.02 13.61
CA GLU G 179 49.15 8.80 14.34
C GLU G 179 48.84 8.89 15.82
N ALA G 180 48.54 10.09 16.32
CA ALA G 180 48.16 10.23 17.73
C ALA G 180 46.78 9.66 18.02
N LEU G 181 46.02 9.32 16.99
CA LEU G 181 44.68 8.75 17.15
C LEU G 181 44.69 7.25 17.35
N ILE G 182 45.85 6.61 17.31
CA ILE G 182 45.91 5.15 17.35
C ILE G 182 45.78 4.70 18.80
N GLY G 183 44.82 3.81 19.04
CA GLY G 183 44.54 3.33 20.38
C GLY G 183 43.55 4.16 21.17
N ARG G 184 42.82 5.06 20.52
CA ARG G 184 41.88 5.95 21.19
C ARG G 184 40.47 5.72 20.69
N VAL G 185 39.50 6.15 21.50
CA VAL G 185 38.09 6.10 21.15
C VAL G 185 37.61 7.54 21.00
N VAL G 186 37.05 7.86 19.84
CA VAL G 186 36.66 9.23 19.51
C VAL G 186 35.25 9.20 18.92
N ASN G 187 34.68 10.38 18.79
CA ASN G 187 33.40 10.60 18.15
C ASN G 187 33.60 11.21 16.76
N PRO G 188 32.55 11.27 15.92
CA PRO G 188 32.74 11.68 14.52
C PRO G 188 33.45 13.00 14.29
N LEU G 189 33.63 13.83 15.31
CA LEU G 189 34.34 15.09 15.16
C LEU G 189 35.77 15.03 15.67
N GLY G 190 36.21 13.89 16.19
CA GLY G 190 37.56 13.76 16.70
C GLY G 190 37.75 14.12 18.15
N GLN G 191 36.68 14.22 18.93
CA GLN G 191 36.78 14.52 20.35
C GLN G 191 36.86 13.22 21.14
N PRO G 192 37.90 13.00 21.94
CA PRO G 192 38.02 11.74 22.67
C PRO G 192 36.88 11.55 23.66
N VAL G 193 36.44 10.31 23.82
CA VAL G 193 35.38 9.96 24.75
C VAL G 193 35.79 8.91 25.77
N ASP G 194 37.03 8.45 25.74
CA ASP G 194 37.52 7.47 26.70
C ASP G 194 38.10 8.11 27.96
N GLY G 195 38.28 9.43 27.97
CA GLY G 195 38.74 10.11 29.17
C GLY G 195 40.21 9.98 29.48
N LEU G 196 41.05 9.71 28.48
CA LEU G 196 42.49 9.61 28.69
C LEU G 196 43.23 10.91 28.42
N GLY G 197 42.52 11.98 28.08
CA GLY G 197 43.15 13.26 27.85
C GLY G 197 43.02 13.72 26.41
N PRO G 198 43.58 14.89 26.10
CA PRO G 198 43.49 15.42 24.74
C PRO G 198 44.29 14.60 23.74
N VAL G 199 43.87 14.68 22.49
CA VAL G 199 44.56 14.04 21.37
C VAL G 199 45.41 15.10 20.69
N GLU G 200 46.70 14.84 20.54
CA GLU G 200 47.64 15.83 20.02
C GLU G 200 47.97 15.51 18.56
N THR G 201 47.09 15.95 17.68
CA THR G 201 47.32 15.87 16.24
C THR G 201 47.70 17.24 15.70
N THR G 202 48.16 17.27 14.45
CA THR G 202 48.55 18.52 13.83
C THR G 202 48.13 18.65 12.38
N GLU G 203 47.20 17.82 11.90
CA GLU G 203 46.75 17.87 10.51
C GLU G 203 45.25 17.63 10.47
N THR G 204 44.64 18.03 9.35
CA THR G 204 43.21 17.86 9.13
C THR G 204 42.96 17.41 7.70
N ARG G 205 41.80 16.80 7.49
CA ARG G 205 41.37 16.35 6.17
C ARG G 205 39.88 16.60 6.01
N PRO G 206 39.44 17.07 4.85
CA PRO G 206 38.02 17.32 4.64
C PRO G 206 37.22 16.03 4.61
N ILE G 207 35.99 16.11 5.14
CA ILE G 207 35.13 14.93 5.23
C ILE G 207 34.64 14.51 3.84
N GLU G 208 34.31 15.48 2.99
CA GLU G 208 33.88 15.22 1.62
C GLU G 208 35.06 15.46 0.68
N SER G 209 35.55 14.40 0.06
CA SER G 209 36.74 14.45 -0.77
C SER G 209 36.53 13.56 -1.98
N PRO G 210 37.19 13.87 -3.11
CA PRO G 210 37.02 13.04 -4.30
C PRO G 210 37.75 11.71 -4.18
N ALA G 211 37.29 10.76 -4.99
CA ALA G 211 37.82 9.41 -5.08
C ALA G 211 38.98 9.35 -6.06
N PRO G 212 39.82 8.31 -5.98
CA PRO G 212 40.89 8.15 -6.98
C PRO G 212 40.32 7.89 -8.37
N GLY G 213 41.04 8.38 -9.37
CA GLY G 213 40.56 8.33 -10.75
C GLY G 213 40.76 6.98 -11.39
N VAL G 214 40.35 6.89 -12.66
CA VAL G 214 40.48 5.65 -13.41
C VAL G 214 41.95 5.31 -13.64
N MET G 215 42.78 6.32 -13.93
CA MET G 215 44.19 6.11 -14.20
C MET G 215 45.04 6.24 -12.95
N ASP G 216 44.47 5.99 -11.78
CA ASP G 216 45.21 6.00 -10.53
C ASP G 216 45.23 4.67 -9.82
N ARG G 217 44.48 3.68 -10.29
CA ARG G 217 44.30 2.41 -9.61
C ARG G 217 45.08 1.30 -10.31
N ARG G 218 44.97 0.10 -9.77
CA ARG G 218 45.53 -1.10 -10.35
C ARG G 218 44.75 -2.29 -9.80
N SER G 219 44.90 -3.43 -10.45
CA SER G 219 44.16 -4.62 -10.04
C SER G 219 44.66 -5.12 -8.69
N VAL G 220 43.77 -5.80 -7.97
CA VAL G 220 44.08 -6.30 -6.64
C VAL G 220 44.84 -7.61 -6.77
N HIS G 221 45.99 -7.69 -6.10
CA HIS G 221 46.83 -8.89 -6.21
C HIS G 221 47.44 -9.33 -4.89
N GLU G 222 46.92 -8.88 -3.75
CA GLU G 222 47.45 -9.28 -2.46
C GLU G 222 46.32 -9.79 -1.57
N PRO G 223 46.56 -10.82 -0.76
CA PRO G 223 45.50 -11.36 0.09
C PRO G 223 45.39 -10.68 1.45
N LEU G 224 44.15 -10.57 1.93
CA LEU G 224 43.86 -10.13 3.28
C LEU G 224 43.36 -11.34 4.05
N GLN G 225 44.10 -11.76 5.05
CA GLN G 225 43.82 -13.00 5.77
C GLN G 225 42.93 -12.69 6.96
N THR G 226 41.70 -13.20 6.93
CA THR G 226 40.78 -13.03 8.04
C THR G 226 41.10 -13.95 9.21
N GLY G 227 41.56 -15.17 8.94
CA GLY G 227 41.76 -16.17 9.96
C GLY G 227 40.65 -17.18 10.08
N ILE G 228 39.60 -17.05 9.29
CA ILE G 228 38.45 -17.95 9.31
C ILE G 228 38.53 -18.82 8.07
N LYS G 229 38.45 -20.14 8.25
CA LYS G 229 38.67 -21.07 7.15
C LYS G 229 37.64 -20.90 6.04
N ALA G 230 36.37 -20.75 6.42
CA ALA G 230 35.30 -20.68 5.43
C ALA G 230 35.46 -19.46 4.53
N ILE G 231 35.86 -18.32 5.10
CA ILE G 231 36.06 -17.11 4.31
C ILE G 231 37.37 -17.20 3.53
N ASP G 232 38.44 -17.68 4.16
CA ASP G 232 39.75 -17.69 3.53
C ASP G 232 39.85 -18.70 2.39
N ALA G 233 38.97 -19.71 2.37
CA ALA G 233 39.02 -20.72 1.33
C ALA G 233 37.92 -20.56 0.27
N LEU G 234 36.74 -20.10 0.65
CA LEU G 234 35.61 -20.02 -0.28
C LEU G 234 35.33 -18.62 -0.78
N VAL G 235 35.51 -17.60 0.05
CA VAL G 235 35.22 -16.21 -0.34
C VAL G 235 36.44 -15.35 -0.05
N PRO G 236 37.53 -15.49 -0.79
CA PRO G 236 38.74 -14.73 -0.46
C PRO G 236 38.56 -13.24 -0.68
N ILE G 237 39.34 -12.46 0.08
CA ILE G 237 39.29 -11.01 0.06
C ILE G 237 40.70 -10.47 -0.19
N GLY G 238 40.80 -9.48 -1.07
CA GLY G 238 42.09 -8.88 -1.36
C GLY G 238 42.25 -7.48 -0.81
N ARG G 239 43.49 -7.01 -0.73
CA ARG G 239 43.76 -5.67 -0.21
C ARG G 239 43.39 -4.63 -1.26
N GLY G 240 42.38 -3.81 -0.94
CA GLY G 240 41.83 -2.87 -1.88
C GLY G 240 40.44 -3.20 -2.37
N GLN G 241 39.80 -4.22 -1.81
CA GLN G 241 38.50 -4.71 -2.23
C GLN G 241 37.40 -4.10 -1.36
N ARG G 242 36.16 -4.31 -1.80
CA ARG G 242 34.97 -3.88 -1.06
C ARG G 242 34.02 -5.08 -0.97
N GLU G 243 33.98 -5.72 0.19
CA GLU G 243 33.17 -6.91 0.40
C GLU G 243 32.08 -6.62 1.43
N LEU G 244 30.89 -7.13 1.17
CA LEU G 244 29.72 -6.87 2.00
C LEU G 244 29.40 -8.10 2.84
N ILE G 245 29.10 -7.88 4.12
CA ILE G 245 28.67 -8.93 5.03
C ILE G 245 27.22 -8.66 5.39
N ILE G 246 26.34 -9.58 5.03
CA ILE G 246 24.90 -9.36 5.09
C ILE G 246 24.24 -10.54 5.79
N GLY G 247 23.31 -10.25 6.68
CA GLY G 247 22.57 -11.29 7.36
C GLY G 247 21.56 -10.67 8.29
N ASP G 248 20.76 -11.54 8.91
CA ASP G 248 19.77 -11.07 9.87
C ASP G 248 20.44 -10.63 11.17
N ARG G 249 19.66 -10.01 12.03
CA ARG G 249 20.10 -9.77 13.39
C ARG G 249 20.24 -11.11 14.12
N GLN G 250 21.20 -11.17 15.03
CA GLN G 250 21.50 -12.38 15.79
C GLN G 250 22.14 -13.47 14.93
N THR G 251 22.91 -13.07 13.92
CA THR G 251 23.78 -13.98 13.20
C THR G 251 25.25 -13.75 13.51
N GLY G 252 25.58 -12.73 14.31
CA GLY G 252 26.92 -12.54 14.79
C GLY G 252 27.93 -12.11 13.75
N LYS G 253 27.78 -10.90 13.21
CA LYS G 253 28.77 -10.34 12.31
C LYS G 253 29.81 -9.50 13.02
N THR G 254 29.48 -8.98 14.21
CA THR G 254 30.48 -8.29 15.01
C THR G 254 31.60 -9.23 15.40
N SER G 255 31.28 -10.51 15.65
CA SER G 255 32.31 -11.48 15.96
C SER G 255 33.26 -11.69 14.79
N VAL G 256 32.71 -11.74 13.57
CA VAL G 256 33.55 -11.85 12.38
C VAL G 256 34.47 -10.64 12.27
N ALA G 257 33.92 -9.44 12.50
CA ALA G 257 34.74 -8.24 12.41
C ALA G 257 35.86 -8.25 13.45
N ILE G 258 35.53 -8.65 14.68
CA ILE G 258 36.54 -8.64 15.75
C ILE G 258 37.63 -9.66 15.47
N ASP G 259 37.26 -10.85 15.00
CA ASP G 259 38.27 -11.86 14.68
C ASP G 259 39.17 -11.40 13.55
N THR G 260 38.59 -10.79 12.51
CA THR G 260 39.40 -10.28 11.41
C THR G 260 40.35 -9.18 11.88
N ILE G 261 39.89 -8.29 12.75
CA ILE G 261 40.76 -7.23 13.25
C ILE G 261 41.88 -7.82 14.11
N ILE G 262 41.57 -8.83 14.92
CA ILE G 262 42.57 -9.44 15.79
C ILE G 262 43.64 -10.15 14.98
N ASN G 263 43.25 -10.79 13.87
CA ASN G 263 44.19 -11.60 13.10
C ASN G 263 45.30 -10.78 12.43
N GLN G 264 45.18 -9.46 12.35
CA GLN G 264 46.16 -8.65 11.63
C GLN G 264 47.32 -8.22 12.50
N LYS G 265 47.65 -9.00 13.54
CA LYS G 265 48.71 -8.61 14.47
C LYS G 265 50.06 -8.56 13.79
N ASP G 266 50.38 -9.58 12.98
CA ASP G 266 51.68 -9.66 12.34
C ASP G 266 51.72 -8.90 11.02
N GLN G 267 50.64 -8.97 10.24
CA GLN G 267 50.57 -8.24 8.98
C GLN G 267 50.64 -6.74 9.23
N ASN G 268 51.30 -6.02 8.33
CA ASN G 268 51.48 -4.59 8.50
C ASN G 268 50.23 -3.87 8.02
N MET G 269 49.22 -3.87 8.88
CA MET G 269 47.91 -3.32 8.57
C MET G 269 47.44 -2.42 9.72
N ILE G 270 46.72 -1.36 9.36
CA ILE G 270 46.08 -0.47 10.31
C ILE G 270 44.58 -0.64 10.18
N SER G 271 43.91 -0.90 11.30
CA SER G 271 42.48 -1.19 11.30
C SER G 271 41.72 -0.03 11.92
N ILE G 272 40.52 0.23 11.39
CA ILE G 272 39.63 1.26 11.90
C ILE G 272 38.25 0.65 12.05
N TYR G 273 37.64 0.82 13.23
CA TYR G 273 36.34 0.25 13.54
C TYR G 273 35.36 1.37 13.80
N VAL G 274 34.27 1.40 13.03
CA VAL G 274 33.24 2.42 13.14
C VAL G 274 31.95 1.77 13.60
N ALA G 275 31.38 2.27 14.68
CA ALA G 275 30.15 1.75 15.25
C ALA G 275 29.04 2.79 15.11
N ILE G 276 28.00 2.44 14.37
CA ILE G 276 26.91 3.36 14.05
C ILE G 276 25.62 2.77 14.58
N GLY G 277 24.98 3.47 15.52
CA GLY G 277 23.70 3.05 16.02
C GLY G 277 23.72 1.86 16.96
N GLN G 278 24.88 1.47 17.46
CA GLN G 278 24.98 0.34 18.37
C GLN G 278 24.71 0.79 19.81
N LYS G 279 24.81 -0.14 20.74
CA LYS G 279 24.69 0.18 22.15
C LYS G 279 26.06 0.45 22.75
N GLU G 280 26.14 1.51 23.55
CA GLU G 280 27.43 1.92 24.10
C GLU G 280 28.00 0.87 25.04
N SER G 281 27.15 0.07 25.68
CA SER G 281 27.65 -1.01 26.52
C SER G 281 28.35 -2.08 25.69
N THR G 282 27.77 -2.46 24.56
CA THR G 282 28.43 -3.43 23.70
C THR G 282 29.70 -2.85 23.08
N VAL G 283 29.71 -1.55 22.78
CA VAL G 283 30.94 -0.92 22.31
C VAL G 283 32.02 -1.01 23.40
N ARG G 284 31.64 -0.78 24.65
CA ARG G 284 32.57 -0.88 25.78
C ARG G 284 33.16 -2.28 25.87
N THR G 285 32.31 -3.30 25.78
CA THR G 285 32.82 -4.67 25.89
C THR G 285 33.66 -5.06 24.68
N VAL G 286 33.33 -4.56 23.49
CA VAL G 286 34.15 -4.84 22.31
C VAL G 286 35.53 -4.22 22.46
N VAL G 287 35.60 -2.98 22.96
CA VAL G 287 36.90 -2.35 23.18
C VAL G 287 37.69 -3.13 24.23
N GLU G 288 37.01 -3.64 25.25
CA GLU G 288 37.71 -4.46 26.25
C GLU G 288 38.25 -5.74 25.64
N THR G 289 37.48 -6.38 24.75
CA THR G 289 37.97 -7.57 24.06
C THR G 289 39.19 -7.25 23.21
N LEU G 290 39.16 -6.13 22.50
CA LEU G 290 40.31 -5.75 21.68
C LEU G 290 41.55 -5.49 22.53
N ARG G 291 41.38 -4.84 23.68
CA ARG G 291 42.54 -4.51 24.50
C ARG G 291 43.18 -5.76 25.09
N LYS G 292 42.41 -6.83 25.33
CA LYS G 292 42.97 -8.05 25.87
C LYS G 292 43.97 -8.69 24.92
N HIS G 293 43.61 -8.77 23.64
CA HIS G 293 44.42 -9.44 22.64
C HIS G 293 45.52 -8.55 22.06
N GLY G 294 45.76 -7.39 22.66
CA GLY G 294 46.79 -6.50 22.18
C GLY G 294 46.55 -5.93 20.81
N ALA G 295 45.29 -5.66 20.47
CA ALA G 295 44.92 -5.13 19.16
C ALA G 295 44.69 -3.63 19.17
N LEU G 296 45.04 -2.95 20.25
CA LEU G 296 44.90 -1.50 20.32
C LEU G 296 46.18 -0.76 19.96
N ASP G 297 47.22 -1.48 19.53
CA ASP G 297 48.42 -0.82 19.03
C ASP G 297 48.26 -0.35 17.59
N TYR G 298 47.22 -0.80 16.88
CA TYR G 298 47.03 -0.44 15.48
C TYR G 298 45.56 -0.22 15.15
N THR G 299 44.75 0.20 16.12
CA THR G 299 43.31 0.33 15.90
C THR G 299 42.82 1.69 16.37
N ILE G 300 41.89 2.26 15.61
CA ILE G 300 41.15 3.46 15.97
C ILE G 300 39.68 3.11 16.00
N VAL G 301 38.97 3.60 17.02
CA VAL G 301 37.55 3.33 17.18
C VAL G 301 36.80 4.65 17.12
N VAL G 302 35.80 4.71 16.24
CA VAL G 302 34.92 5.86 16.08
C VAL G 302 33.51 5.41 16.45
N THR G 303 32.84 6.17 17.31
CA THR G 303 31.58 5.72 17.89
C THR G 303 30.52 6.79 17.81
N ALA G 304 29.28 6.36 17.59
CA ALA G 304 28.10 7.23 17.66
C ALA G 304 26.92 6.33 18.02
N SER G 305 26.56 6.32 19.30
CA SER G 305 25.60 5.36 19.83
C SER G 305 24.17 5.71 19.43
N ALA G 306 23.22 4.95 19.95
CA ALA G 306 21.81 5.07 19.53
C ALA G 306 21.10 6.28 20.12
N SER G 307 21.66 6.92 21.13
CA SER G 307 21.03 8.08 21.76
C SER G 307 21.55 9.40 21.21
N GLN G 308 22.44 9.37 20.23
CA GLN G 308 23.01 10.58 19.65
C GLN G 308 22.14 11.09 18.51
N PRO G 309 22.28 12.37 18.16
CA PRO G 309 21.46 12.92 17.07
C PRO G 309 21.74 12.28 15.72
N ALA G 310 20.70 12.28 14.89
CA ALA G 310 20.81 11.80 13.51
C ALA G 310 21.92 12.49 12.72
N PRO G 311 22.14 13.80 12.82
CA PRO G 311 23.30 14.38 12.11
C PRO G 311 24.62 13.74 12.46
N LEU G 312 24.82 13.35 13.72
CA LEU G 312 26.06 12.69 14.10
C LEU G 312 26.08 11.23 13.67
N LEU G 313 24.92 10.56 13.64
CA LEU G 313 24.91 9.18 13.16
C LEU G 313 25.22 9.07 11.68
N PHE G 314 25.17 10.16 10.94
CA PHE G 314 25.28 10.14 9.49
C PHE G 314 26.66 10.56 8.98
N LEU G 315 27.47 11.22 9.80
CA LEU G 315 28.82 11.64 9.42
C LEU G 315 29.90 10.66 9.85
N ALA G 316 29.54 9.61 10.61
CA ALA G 316 30.57 8.73 11.17
C ALA G 316 31.34 7.95 10.11
N PRO G 317 30.72 7.31 9.11
CA PRO G 317 31.52 6.64 8.09
C PRO G 317 32.47 7.56 7.35
N TYR G 318 32.03 8.80 7.08
CA TYR G 318 32.88 9.75 6.39
C TYR G 318 34.06 10.16 7.26
N ALA G 319 33.85 10.33 8.56
CA ALA G 319 34.97 10.58 9.47
C ALA G 319 35.96 9.41 9.48
N GLY G 320 35.44 8.18 9.49
CA GLY G 320 36.32 7.03 9.47
C GLY G 320 37.15 6.93 8.20
N VAL G 321 36.53 7.13 7.04
CA VAL G 321 37.27 7.07 5.79
C VAL G 321 38.27 8.21 5.68
N ALA G 322 37.91 9.39 6.19
CA ALA G 322 38.86 10.50 6.19
C ALA G 322 40.07 10.18 7.06
N MET G 323 39.85 9.51 8.19
CA MET G 323 40.97 9.09 9.03
C MET G 323 41.82 8.04 8.33
N GLY G 324 41.20 7.14 7.56
CA GLY G 324 41.95 6.10 6.89
C GLY G 324 42.77 6.58 5.70
N GLU G 325 42.24 7.55 4.96
CA GLU G 325 42.93 8.02 3.76
C GLU G 325 44.24 8.72 4.07
N TYR G 326 44.40 9.23 5.29
CA TYR G 326 45.68 9.82 5.68
C TYR G 326 46.80 8.79 5.61
N PHE G 327 46.55 7.60 6.14
CA PHE G 327 47.53 6.52 6.02
C PHE G 327 47.60 5.99 4.61
N MET G 328 46.45 5.87 3.94
CA MET G 328 46.43 5.28 2.61
C MET G 328 47.29 6.07 1.63
N TYR G 329 47.24 7.40 1.70
CA TYR G 329 48.00 8.21 0.75
C TYR G 329 49.46 8.41 1.16
N LYS G 330 49.98 7.56 2.04
CA LYS G 330 51.40 7.56 2.38
C LYS G 330 52.10 6.26 1.98
N GLY G 331 51.38 5.30 1.41
CA GLY G 331 51.94 4.02 1.07
C GLY G 331 51.57 2.90 2.03
N LYS G 332 50.73 3.16 3.02
CA LYS G 332 50.34 2.17 4.00
C LYS G 332 49.05 1.49 3.59
N HIS G 333 48.66 0.47 4.37
CA HIS G 333 47.51 -0.35 4.09
C HIS G 333 46.52 -0.24 5.26
N VAL G 334 45.25 0.00 4.94
CA VAL G 334 44.24 0.28 5.94
C VAL G 334 43.06 -0.66 5.74
N LEU G 335 42.29 -0.88 6.80
CA LEU G 335 41.06 -1.68 6.74
C LEU G 335 40.01 -0.99 7.59
N VAL G 336 38.82 -0.77 7.03
CA VAL G 336 37.77 0.00 7.68
C VAL G 336 36.51 -0.86 7.76
N VAL G 337 35.86 -0.83 8.93
CA VAL G 337 34.65 -1.60 9.19
C VAL G 337 33.52 -0.63 9.53
N TYR G 338 32.41 -0.72 8.80
CA TYR G 338 31.20 0.04 9.10
C TYR G 338 30.18 -0.93 9.69
N ASP G 339 29.93 -0.81 10.99
CA ASP G 339 29.18 -1.85 11.68
C ASP G 339 27.71 -1.92 11.27
N ASP G 340 27.15 -0.84 10.73
CA ASP G 340 25.81 -0.93 10.15
C ASP G 340 25.57 0.26 9.23
N LEU G 341 25.40 -0.02 7.94
CA LEU G 341 24.98 1.01 7.00
C LEU G 341 23.47 1.18 6.99
N SER G 342 22.73 0.17 7.46
CA SER G 342 21.28 0.26 7.53
C SER G 342 20.79 1.19 8.64
N LYS G 343 21.67 1.60 9.55
CA LYS G 343 21.32 2.63 10.53
C LYS G 343 21.73 4.02 10.07
N GLN G 344 22.82 4.13 9.31
CA GLN G 344 23.13 5.38 8.63
C GLN G 344 22.02 5.76 7.65
N ALA G 345 21.49 4.77 6.92
CA ALA G 345 20.40 5.06 6.00
C ALA G 345 19.17 5.57 6.72
N ALA G 346 18.82 4.96 7.86
CA ALA G 346 17.64 5.40 8.60
C ALA G 346 17.84 6.79 9.20
N ALA G 347 19.05 7.08 9.70
CA ALA G 347 19.33 8.42 10.21
C ALA G 347 19.23 9.46 9.10
N TYR G 348 19.72 9.14 7.91
CA TYR G 348 19.63 10.09 6.80
C TYR G 348 18.19 10.28 6.35
N ARG G 349 17.40 9.21 6.33
CA ARG G 349 15.99 9.35 5.99
C ARG G 349 15.27 10.23 7.01
N GLU G 350 15.57 10.04 8.29
CA GLU G 350 14.96 10.88 9.32
C GLU G 350 15.35 12.34 9.13
N LEU G 351 16.63 12.61 8.86
CA LEU G 351 17.07 13.98 8.69
C LEU G 351 16.42 14.63 7.46
N SER G 352 16.31 13.88 6.37
CA SER G 352 15.77 14.45 5.14
C SER G 352 14.26 14.60 5.18
N LEU G 353 13.56 13.78 5.96
CA LEU G 353 12.12 13.95 6.10
C LEU G 353 11.76 15.15 6.96
N LEU G 354 12.65 15.56 7.87
CA LEU G 354 12.42 16.75 8.66
C LEU G 354 12.65 18.02 7.85
N LEU G 355 13.36 17.93 6.73
CA LEU G 355 13.54 19.04 5.82
C LEU G 355 12.47 19.09 4.73
N ARG G 356 11.48 18.21 4.80
CA ARG G 356 10.33 18.17 3.89
C ARG G 356 10.78 17.92 2.45
N ARG G 357 11.40 16.77 2.25
CA ARG G 357 11.79 16.32 0.93
C ARG G 357 10.95 15.12 0.50
N PRO G 358 10.49 15.07 -0.74
CA PRO G 358 9.56 14.02 -1.18
C PRO G 358 10.20 12.65 -1.08
N PRO G 359 9.60 11.73 -0.33
CA PRO G 359 10.17 10.39 -0.18
C PRO G 359 9.83 9.47 -1.34
N GLY G 360 10.69 8.48 -1.53
CA GLY G 360 10.49 7.51 -2.58
C GLY G 360 10.04 6.16 -2.07
N ARG G 361 10.72 5.09 -2.49
CA ARG G 361 10.36 3.74 -2.09
C ARG G 361 10.74 3.51 -0.63
N GLU G 362 9.78 2.99 0.15
CA GLU G 362 9.95 2.75 1.59
C GLU G 362 10.27 4.03 2.36
N ALA G 363 9.83 5.17 1.82
CA ALA G 363 10.01 6.51 2.38
C ALA G 363 11.46 6.98 2.36
N TYR G 364 12.35 6.26 1.68
CA TYR G 364 13.73 6.70 1.56
C TYR G 364 13.84 7.81 0.52
N PRO G 365 14.80 8.73 0.68
CA PRO G 365 14.94 9.83 -0.28
C PRO G 365 15.41 9.36 -1.65
N GLY G 366 15.61 10.32 -2.57
CA GLY G 366 16.07 9.97 -3.90
C GLY G 366 17.57 9.73 -4.01
N ASP G 367 18.36 10.29 -3.10
CA ASP G 367 19.81 10.17 -3.15
C ASP G 367 20.35 9.22 -2.09
N ILE G 368 19.54 8.25 -1.68
CA ILE G 368 20.01 7.24 -0.75
C ILE G 368 21.02 6.31 -1.40
N PHE G 369 21.00 6.17 -2.73
CA PHE G 369 22.05 5.42 -3.41
C PHE G 369 23.33 6.23 -3.48
N TYR G 370 23.23 7.53 -3.74
CA TYR G 370 24.40 8.39 -3.78
C TYR G 370 25.09 8.44 -2.42
N LEU G 371 24.31 8.46 -1.35
CA LEU G 371 24.86 8.50 0.01
C LEU G 371 25.85 7.37 0.26
N HIS G 372 25.55 6.17 -0.25
CA HIS G 372 26.45 5.04 -0.03
C HIS G 372 27.47 4.85 -1.15
N SER G 373 27.14 5.22 -2.39
CA SER G 373 28.07 5.02 -3.49
C SER G 373 29.23 6.01 -3.41
N ARG G 374 28.97 7.22 -2.92
CA ARG G 374 30.05 8.20 -2.79
C ARG G 374 31.03 7.82 -1.68
N LEU G 375 30.61 7.00 -0.73
CA LEU G 375 31.43 6.58 0.40
C LEU G 375 32.26 5.34 0.10
N LEU G 376 31.68 4.34 -0.55
CA LEU G 376 32.37 3.08 -0.82
C LEU G 376 33.25 3.14 -2.05
N GLU G 377 33.26 4.25 -2.77
CA GLU G 377 34.14 4.44 -3.91
C GLU G 377 35.47 5.07 -3.53
N ARG G 378 35.70 5.34 -2.25
CA ARG G 378 36.98 5.84 -1.77
C ARG G 378 37.95 4.73 -1.39
N ALA G 379 37.50 3.48 -1.43
CA ALA G 379 38.37 2.33 -1.20
C ALA G 379 38.99 1.90 -2.52
N ALA G 380 40.31 1.81 -2.56
CA ALA G 380 40.99 1.53 -3.82
C ALA G 380 42.35 0.92 -3.54
N LYS G 381 42.92 0.31 -4.58
CA LYS G 381 44.30 -0.17 -4.59
C LYS G 381 45.07 0.76 -5.51
N LEU G 382 45.87 1.65 -4.92
CA LEU G 382 46.51 2.69 -5.69
C LEU G 382 47.62 2.13 -6.57
N SER G 383 47.94 2.86 -7.62
CA SER G 383 49.01 2.48 -8.53
C SER G 383 50.36 2.81 -7.91
N ASP G 384 51.42 2.37 -8.59
CA ASP G 384 52.76 2.56 -8.08
C ASP G 384 53.28 3.98 -8.27
N ALA G 385 52.68 4.77 -9.15
CA ALA G 385 53.04 6.17 -9.26
C ALA G 385 52.47 6.99 -8.12
N LYS G 386 51.36 6.55 -7.54
CA LYS G 386 50.73 7.24 -6.42
C LYS G 386 51.29 6.83 -5.07
N GLY G 387 52.07 5.76 -5.00
CA GLY G 387 52.64 5.32 -3.74
C GLY G 387 52.44 3.85 -3.46
N GLY G 388 51.29 3.30 -3.88
CA GLY G 388 51.01 1.90 -3.69
C GLY G 388 50.19 1.53 -2.47
N GLY G 389 49.50 2.49 -1.84
CA GLY G 389 48.69 2.19 -0.68
C GLY G 389 47.40 1.49 -1.04
N SER G 390 46.61 1.21 -0.02
CA SER G 390 45.36 0.48 -0.20
C SER G 390 44.40 0.81 0.92
N LEU G 391 43.13 0.45 0.71
CA LEU G 391 42.10 0.64 1.72
C LEU G 391 41.00 -0.37 1.45
N THR G 392 40.82 -1.33 2.37
CA THR G 392 39.78 -2.33 2.28
C THR G 392 38.57 -1.88 3.10
N ALA G 393 37.38 -2.27 2.64
CA ALA G 393 36.14 -1.87 3.29
C ALA G 393 35.26 -3.08 3.52
N LEU G 394 34.57 -3.09 4.67
CA LEU G 394 33.69 -4.20 5.05
C LEU G 394 32.37 -3.65 5.58
N PRO G 395 31.48 -3.20 4.71
CA PRO G 395 30.17 -2.72 5.17
C PRO G 395 29.30 -3.85 5.71
N PHE G 396 28.41 -3.50 6.63
CA PHE G 396 27.43 -4.42 7.19
C PHE G 396 26.03 -3.97 6.83
N VAL G 397 25.15 -4.93 6.51
CA VAL G 397 23.74 -4.66 6.25
C VAL G 397 22.93 -5.73 6.96
N GLU G 398 21.82 -5.33 7.56
CA GLU G 398 20.97 -6.23 8.33
C GLU G 398 19.61 -6.38 7.65
N THR G 399 19.20 -7.63 7.45
CA THR G 399 17.98 -7.94 6.73
C THR G 399 16.86 -8.32 7.69
N GLN G 400 15.65 -8.40 7.15
CA GLN G 400 14.46 -8.82 7.89
C GLN G 400 13.95 -10.12 7.28
N ALA G 401 14.02 -11.20 8.05
CA ALA G 401 13.60 -12.53 7.60
C ALA G 401 14.39 -13.02 6.39
N GLY G 402 15.65 -12.61 6.30
CA GLY G 402 16.52 -13.07 5.22
C GLY G 402 16.09 -12.64 3.84
N ASP G 403 15.55 -11.44 3.70
CA ASP G 403 15.10 -10.92 2.41
C ASP G 403 16.24 -10.16 1.77
N ILE G 404 16.86 -10.76 0.75
CA ILE G 404 18.03 -10.17 0.09
C ILE G 404 17.65 -9.32 -1.11
N SER G 405 16.35 -9.15 -1.39
CA SER G 405 15.89 -8.37 -2.53
C SER G 405 15.15 -7.11 -2.09
N ALA G 406 15.48 -6.58 -0.91
CA ALA G 406 14.87 -5.36 -0.42
C ALA G 406 15.54 -4.16 -1.08
N TYR G 407 15.27 -2.97 -0.58
CA TYR G 407 15.77 -1.76 -1.23
C TYR G 407 17.24 -1.51 -0.90
N ILE G 408 17.57 -1.35 0.36
CA ILE G 408 18.95 -1.07 0.80
C ILE G 408 19.89 -2.24 0.50
N PRO G 409 19.52 -3.50 0.79
CA PRO G 409 20.42 -4.60 0.43
C PRO G 409 20.79 -4.64 -1.04
N THR G 410 19.83 -4.38 -1.94
CA THR G 410 20.15 -4.37 -3.35
C THR G 410 20.89 -3.10 -3.75
N ASN G 411 20.67 -2.00 -3.02
CA ASN G 411 21.46 -0.79 -3.25
C ASN G 411 22.93 -1.05 -2.99
N VAL G 412 23.25 -1.77 -1.91
CA VAL G 412 24.65 -1.99 -1.57
C VAL G 412 25.26 -3.21 -2.27
N ILE G 413 24.44 -4.18 -2.69
CA ILE G 413 24.97 -5.30 -3.45
C ILE G 413 25.51 -4.85 -4.79
N SER G 414 24.94 -3.80 -5.37
CA SER G 414 25.36 -3.28 -6.66
C SER G 414 26.50 -2.27 -6.57
N ILE G 415 27.07 -2.06 -5.39
CA ILE G 415 28.22 -1.19 -5.24
C ILE G 415 29.51 -1.96 -4.96
N THR G 416 29.44 -3.11 -4.30
CA THR G 416 30.62 -3.80 -3.80
C THR G 416 31.10 -4.85 -4.80
N ASP G 417 32.16 -5.57 -4.42
CA ASP G 417 32.80 -6.60 -5.23
C ASP G 417 32.51 -8.01 -4.72
N GLY G 418 31.33 -8.23 -4.15
CA GLY G 418 30.99 -9.53 -3.63
C GLY G 418 30.11 -9.39 -2.41
N GLN G 419 29.89 -10.52 -1.74
CA GLN G 419 29.03 -10.55 -0.56
C GLN G 419 29.24 -11.85 0.19
N ILE G 420 28.91 -11.84 1.48
CA ILE G 420 29.00 -13.00 2.35
C ILE G 420 27.69 -13.10 3.13
N PHE G 421 26.85 -14.06 2.77
CA PHE G 421 25.53 -14.20 3.36
C PHE G 421 25.59 -15.17 4.53
N LEU G 422 25.29 -14.68 5.73
CA LEU G 422 25.30 -15.49 6.95
C LEU G 422 23.89 -15.99 7.22
N GLN G 423 23.75 -17.27 7.48
CA GLN G 423 22.45 -17.92 7.64
C GLN G 423 22.07 -18.04 9.10
N SER G 424 20.80 -17.82 9.38
CA SER G 424 20.29 -17.86 10.75
C SER G 424 19.82 -19.26 11.12
N ALA G 434 27.45 -19.45 9.75
CA ALA G 434 27.25 -20.43 8.69
C ALA G 434 27.08 -19.74 7.34
N ILE G 435 28.16 -19.68 6.57
CA ILE G 435 28.14 -19.02 5.26
C ILE G 435 27.25 -19.79 4.31
N ASN G 436 26.41 -19.08 3.57
CA ASN G 436 25.56 -19.67 2.55
C ASN G 436 26.27 -19.54 1.21
N ALA G 437 26.91 -20.64 0.78
CA ALA G 437 27.72 -20.62 -0.43
C ALA G 437 26.89 -20.49 -1.70
N GLY G 438 25.57 -20.66 -1.62
CA GLY G 438 24.74 -20.47 -2.78
C GLY G 438 24.52 -19.00 -3.13
N LEU G 439 24.69 -18.10 -2.16
CA LEU G 439 24.55 -16.68 -2.40
C LEU G 439 25.79 -15.86 -2.10
N SER G 440 26.81 -16.43 -1.46
CA SER G 440 28.01 -15.68 -1.15
C SER G 440 29.06 -15.88 -2.24
N VAL G 441 29.55 -14.77 -2.80
CA VAL G 441 30.48 -14.80 -3.93
C VAL G 441 31.54 -13.72 -3.72
N SER G 442 32.63 -13.84 -4.48
CA SER G 442 33.70 -12.83 -4.48
C SER G 442 34.27 -12.71 -5.88
N ARG G 443 34.22 -11.51 -6.46
CA ARG G 443 34.72 -11.31 -7.82
C ARG G 443 36.24 -11.15 -7.83
N VAL G 444 36.74 -10.15 -7.12
CA VAL G 444 38.17 -9.85 -7.14
C VAL G 444 38.96 -11.01 -6.55
N GLY G 445 38.41 -11.67 -5.53
CA GLY G 445 39.11 -12.78 -4.92
C GLY G 445 39.26 -13.96 -5.89
N GLY G 446 40.32 -14.72 -5.67
CA GLY G 446 40.72 -15.76 -6.60
C GLY G 446 42.10 -15.44 -7.13
N ALA G 447 42.32 -14.18 -7.49
CA ALA G 447 43.65 -13.66 -7.73
C ALA G 447 44.28 -13.09 -6.47
N ALA G 448 43.52 -13.06 -5.38
CA ALA G 448 43.98 -12.57 -4.08
C ALA G 448 44.14 -13.73 -3.11
N GLN G 449 44.68 -14.84 -3.62
CA GLN G 449 44.90 -16.06 -2.85
C GLN G 449 46.31 -16.55 -3.12
N ILE G 450 46.88 -17.25 -2.14
CA ILE G 450 48.18 -17.87 -2.36
C ILE G 450 48.00 -19.15 -3.17
N LYS G 451 49.07 -19.56 -3.85
CA LYS G 451 48.99 -20.73 -4.73
C LYS G 451 48.69 -21.99 -3.94
N ALA G 452 49.22 -22.10 -2.72
CA ALA G 452 49.00 -23.29 -1.91
C ALA G 452 47.52 -23.50 -1.63
N MET G 453 46.81 -22.44 -1.28
CA MET G 453 45.37 -22.56 -1.05
C MET G 453 44.60 -22.65 -2.35
N LYS G 454 45.09 -22.03 -3.43
CA LYS G 454 44.41 -22.14 -4.70
C LYS G 454 44.45 -23.55 -5.24
N LYS G 455 45.47 -24.32 -4.88
CA LYS G 455 45.54 -25.70 -5.35
C LYS G 455 44.53 -26.60 -4.63
N VAL G 456 44.20 -26.30 -3.38
CA VAL G 456 43.38 -27.20 -2.57
C VAL G 456 41.94 -26.71 -2.40
N ALA G 457 41.62 -25.48 -2.80
CA ALA G 457 40.28 -24.97 -2.56
C ALA G 457 39.24 -25.59 -3.50
N GLY G 458 39.64 -25.96 -4.72
CA GLY G 458 38.66 -26.44 -5.70
C GLY G 458 37.99 -27.73 -5.27
N THR G 459 38.78 -28.70 -4.82
CA THR G 459 38.22 -29.97 -4.37
C THR G 459 37.28 -29.76 -3.21
N LEU G 460 37.66 -28.89 -2.27
CA LEU G 460 36.81 -28.62 -1.11
C LEU G 460 35.48 -28.01 -1.53
N ARG G 461 35.52 -27.08 -2.49
CA ARG G 461 34.27 -26.50 -2.99
C ARG G 461 33.39 -27.56 -3.63
N LEU G 462 33.97 -28.45 -4.43
CA LEU G 462 33.17 -29.50 -5.06
C LEU G 462 32.56 -30.45 -4.02
N ASP G 463 33.32 -30.84 -3.00
CA ASP G 463 32.76 -31.71 -1.98
C ASP G 463 31.62 -31.02 -1.24
N LEU G 464 31.78 -29.74 -0.90
CA LEU G 464 30.72 -29.02 -0.20
C LEU G 464 29.46 -28.97 -1.05
N ALA G 465 29.61 -28.68 -2.34
CA ALA G 465 28.46 -28.68 -3.22
C ALA G 465 27.82 -30.07 -3.29
N ALA G 466 28.65 -31.11 -3.40
CA ALA G 466 28.12 -32.47 -3.51
C ALA G 466 27.25 -32.81 -2.31
N TYR G 467 27.74 -32.53 -1.10
CA TYR G 467 26.92 -32.79 0.07
C TYR G 467 25.67 -31.92 0.09
N ARG G 468 25.81 -30.64 -0.27
CA ARG G 468 24.69 -29.72 -0.17
C ARG G 468 23.53 -30.15 -1.06
N GLU G 469 23.82 -30.56 -2.30
CA GLU G 469 22.74 -31.07 -3.13
C GLU G 469 22.31 -32.50 -2.77
N LEU G 470 23.22 -33.35 -2.33
CA LEU G 470 22.84 -34.73 -2.01
C LEU G 470 21.86 -34.78 -0.85
N GLU G 471 22.19 -34.08 0.24
CA GLU G 471 21.36 -34.10 1.44
C GLU G 471 19.94 -33.63 1.17
N ALA G 472 19.75 -32.84 0.11
CA ALA G 472 18.42 -32.32 -0.22
C ALA G 472 17.42 -33.44 -0.43
N PHE G 473 17.83 -34.52 -1.09
CA PHE G 473 16.94 -35.64 -1.35
C PHE G 473 17.28 -36.91 -0.58
N ALA G 474 18.54 -37.11 -0.19
CA ALA G 474 18.96 -38.36 0.43
C ALA G 474 18.78 -38.36 1.95
N GLN G 475 17.87 -37.53 2.46
CA GLN G 475 17.57 -37.56 3.89
C GLN G 475 17.04 -38.92 4.32
N PHE G 476 16.13 -39.49 3.52
CA PHE G 476 15.58 -40.82 3.77
C PHE G 476 15.49 -41.53 2.41
N GLY G 477 16.54 -42.24 2.04
CA GLY G 477 16.57 -42.98 0.80
C GLY G 477 17.88 -43.70 0.57
N SER G 478 17.81 -44.96 0.17
CA SER G 478 19.01 -45.74 -0.08
C SER G 478 19.69 -45.30 -1.38
N ASP G 479 21.02 -45.35 -1.38
CA ASP G 479 21.82 -44.93 -2.52
C ASP G 479 22.90 -45.97 -2.77
N LEU G 480 23.37 -46.01 -4.03
CA LEU G 480 24.52 -46.83 -4.38
C LEU G 480 25.72 -46.39 -3.55
N ASP G 481 26.64 -47.33 -3.31
CA ASP G 481 27.72 -47.08 -2.35
C ASP G 481 28.48 -45.80 -2.64
N LYS G 482 28.61 -45.42 -3.91
CA LYS G 482 29.25 -44.16 -4.26
C LYS G 482 28.55 -42.98 -3.59
N ALA G 483 27.29 -42.75 -3.93
CA ALA G 483 26.53 -41.65 -3.32
C ALA G 483 26.22 -41.88 -1.85
N THR G 484 26.39 -43.10 -1.36
CA THR G 484 26.11 -43.42 0.02
C THR G 484 27.28 -43.10 0.95
N GLN G 485 28.51 -43.17 0.45
CA GLN G 485 29.66 -42.81 1.25
C GLN G 485 30.44 -41.62 0.71
N ALA G 486 30.90 -41.69 -0.55
CA ALA G 486 31.75 -40.62 -1.06
C ALA G 486 31.02 -39.28 -1.13
N LYS G 487 29.70 -39.31 -1.25
CA LYS G 487 28.92 -38.09 -1.36
C LYS G 487 28.33 -37.64 -0.03
N LEU G 488 28.48 -38.41 1.04
CA LEU G 488 27.93 -38.03 2.33
C LEU G 488 28.99 -37.91 3.42
N ALA G 489 29.84 -38.93 3.58
CA ALA G 489 30.83 -38.91 4.65
C ALA G 489 31.86 -37.81 4.43
N ARG G 490 32.34 -37.65 3.19
CA ARG G 490 33.30 -36.60 2.90
C ARG G 490 32.72 -35.22 3.19
N GLY G 491 31.47 -35.00 2.78
CA GLY G 491 30.83 -33.73 3.06
C GLY G 491 30.63 -33.49 4.54
N ALA G 492 30.23 -34.53 5.28
CA ALA G 492 30.05 -34.38 6.71
C ALA G 492 31.37 -34.04 7.40
N ARG G 493 32.45 -34.70 6.98
CA ARG G 493 33.76 -34.40 7.56
C ARG G 493 34.20 -32.98 7.25
N THR G 494 33.96 -32.51 6.01
CA THR G 494 34.36 -31.14 5.70
C THR G 494 33.49 -30.11 6.41
N VAL G 495 32.20 -30.42 6.63
CA VAL G 495 31.35 -29.50 7.38
C VAL G 495 31.80 -29.44 8.83
N GLU G 496 32.26 -30.56 9.38
CA GLU G 496 32.79 -30.54 10.74
C GLU G 496 34.14 -29.83 10.80
N VAL G 497 34.92 -29.90 9.73
CA VAL G 497 36.22 -29.22 9.71
C VAL G 497 36.04 -27.71 9.65
N LEU G 498 35.05 -27.24 8.89
CA LEU G 498 34.89 -25.81 8.67
C LEU G 498 34.45 -25.04 9.91
N LYS G 499 34.06 -25.71 10.99
CA LYS G 499 33.66 -25.02 12.20
C LYS G 499 34.85 -24.39 12.89
N GLN G 500 34.57 -23.44 13.79
CA GLN G 500 35.62 -22.71 14.48
C GLN G 500 35.08 -22.17 15.80
N ASP G 501 35.97 -21.57 16.57
CA ASP G 501 35.67 -21.05 17.89
C ASP G 501 36.02 -19.57 17.98
N LEU G 502 35.47 -18.91 18.99
CA LEU G 502 35.56 -17.46 19.10
C LEU G 502 36.96 -17.00 19.48
N HIS G 503 37.43 -15.96 18.79
CA HIS G 503 38.70 -15.29 19.10
C HIS G 503 39.91 -16.22 19.00
N GLN G 504 39.87 -17.19 18.09
CA GLN G 504 40.98 -18.10 17.84
C GLN G 504 41.24 -18.19 16.35
N PRO G 505 41.85 -17.15 15.76
CA PRO G 505 42.18 -17.21 14.33
C PRO G 505 43.32 -18.18 14.05
N ILE G 506 43.38 -18.66 12.81
CA ILE G 506 44.30 -19.72 12.43
C ILE G 506 45.25 -19.24 11.33
N PRO G 507 46.54 -19.56 11.41
CA PRO G 507 47.45 -19.19 10.32
C PRO G 507 47.15 -19.94 9.04
N VAL G 508 47.52 -19.31 7.92
CA VAL G 508 47.17 -19.83 6.60
C VAL G 508 47.87 -21.16 6.33
N GLU G 509 49.09 -21.35 6.84
CA GLU G 509 49.79 -22.60 6.62
C GLU G 509 49.06 -23.77 7.27
N LYS G 510 48.63 -23.60 8.52
CA LYS G 510 47.88 -24.66 9.19
C LYS G 510 46.54 -24.87 8.50
N GLN G 511 45.89 -23.79 8.08
CA GLN G 511 44.63 -23.91 7.33
C GLN G 511 44.81 -24.77 6.09
N VAL G 512 45.81 -24.44 5.28
CA VAL G 512 45.99 -25.15 4.01
C VAL G 512 46.42 -26.59 4.27
N LEU G 513 47.20 -26.84 5.32
CA LEU G 513 47.61 -28.21 5.61
C LEU G 513 46.42 -29.08 5.99
N ILE G 514 45.53 -28.59 6.84
CA ILE G 514 44.38 -29.41 7.23
C ILE G 514 43.44 -29.59 6.05
N ILE G 515 43.24 -28.55 5.24
CA ILE G 515 42.38 -28.69 4.08
C ILE G 515 42.98 -29.67 3.06
N TYR G 516 44.31 -29.63 2.90
CA TYR G 516 44.97 -30.56 2.00
C TYR G 516 44.80 -32.00 2.47
N ALA G 517 44.96 -32.23 3.77
CA ALA G 517 44.76 -33.59 4.28
C ALA G 517 43.34 -34.07 4.02
N LEU G 518 42.35 -33.22 4.30
CA LEU G 518 40.96 -33.61 4.11
C LEU G 518 40.66 -33.90 2.63
N THR G 519 41.16 -33.06 1.73
CA THR G 519 40.87 -33.27 0.31
C THR G 519 41.68 -34.44 -0.27
N ARG G 520 42.85 -34.72 0.28
CA ARG G 520 43.67 -35.82 -0.23
C ARG G 520 43.16 -37.17 0.23
N GLY G 521 42.52 -37.24 1.40
CA GLY G 521 41.79 -38.47 1.68
C GLY G 521 41.86 -39.01 3.08
N PHE G 522 42.73 -38.46 3.91
CA PHE G 522 42.74 -38.85 5.30
C PHE G 522 41.45 -38.41 5.98
N LEU G 523 41.30 -38.78 7.25
CA LEU G 523 40.10 -38.57 8.06
C LEU G 523 38.92 -39.43 7.61
N ASP G 524 39.05 -40.19 6.52
CA ASP G 524 37.93 -41.00 6.05
C ASP G 524 37.68 -42.20 6.96
N ASP G 525 38.65 -42.57 7.79
CA ASP G 525 38.48 -43.62 8.79
C ASP G 525 38.46 -43.06 10.20
N ILE G 526 38.27 -41.76 10.34
CA ILE G 526 38.18 -41.09 11.64
C ILE G 526 36.71 -40.77 11.90
N PRO G 527 36.18 -41.07 13.08
CA PRO G 527 34.79 -40.74 13.37
C PRO G 527 34.54 -39.23 13.34
N VAL G 528 33.34 -38.85 12.88
CA VAL G 528 33.01 -37.44 12.74
C VAL G 528 32.96 -36.74 14.08
N GLU G 529 32.87 -37.48 15.18
CA GLU G 529 32.86 -36.89 16.52
C GLU G 529 34.26 -36.59 17.04
N ASP G 530 35.30 -36.90 16.26
CA ASP G 530 36.68 -36.72 16.71
C ASP G 530 37.50 -35.83 15.80
N VAL G 531 36.91 -35.21 14.78
CA VAL G 531 37.67 -34.42 13.83
C VAL G 531 38.25 -33.17 14.47
N ARG G 532 37.49 -32.54 15.38
CA ARG G 532 37.99 -31.34 16.04
C ARG G 532 39.23 -31.64 16.87
N ARG G 533 39.18 -32.73 17.65
CA ARG G 533 40.34 -33.12 18.43
C ARG G 533 41.49 -33.58 17.53
N PHE G 534 41.17 -34.24 16.41
CA PHE G 534 42.19 -34.59 15.43
C PHE G 534 42.91 -33.34 14.94
N GLU G 535 42.15 -32.30 14.61
CA GLU G 535 42.74 -31.06 14.10
C GLU G 535 43.60 -30.37 15.16
N LYS G 536 43.12 -30.33 16.41
CA LYS G 536 43.90 -29.72 17.48
C LYS G 536 45.21 -30.47 17.70
N GLU G 537 45.16 -31.80 17.74
CA GLU G 537 46.38 -32.57 17.93
C GLU G 537 47.30 -32.49 16.73
N PHE G 538 46.73 -32.36 15.52
CA PHE G 538 47.55 -32.15 14.33
C PHE G 538 48.30 -30.83 14.40
N TYR G 539 47.62 -29.77 14.85
CA TYR G 539 48.32 -28.49 15.01
C TYR G 539 49.43 -28.60 16.05
N LEU G 540 49.18 -29.32 17.14
CA LEU G 540 50.23 -29.51 18.14
C LEU G 540 51.42 -30.25 17.57
N PHE G 541 51.16 -31.33 16.83
CA PHE G 541 52.23 -32.09 16.18
C PHE G 541 52.99 -31.21 15.19
N LEU G 542 52.27 -30.39 14.43
CA LEU G 542 52.94 -29.51 13.47
C LEU G 542 53.85 -28.53 14.20
N ASP G 543 53.32 -27.82 15.20
CA ASP G 543 54.13 -26.88 15.94
C ASP G 543 55.34 -27.55 16.58
N GLN G 544 55.24 -28.85 16.90
CA GLN G 544 56.39 -29.55 17.44
C GLN G 544 57.41 -29.90 16.36
N ASN G 545 57.01 -30.71 15.38
CA ASN G 545 57.94 -31.34 14.44
C ASN G 545 57.53 -31.13 12.98
N GLY G 546 57.14 -29.91 12.61
CA GLY G 546 56.84 -29.62 11.22
C GLY G 546 57.40 -28.28 10.82
N GLN G 547 58.54 -27.94 11.43
CA GLN G 547 59.13 -26.61 11.22
C GLN G 547 59.53 -26.42 9.76
N HIS G 548 60.11 -27.44 9.13
CA HIS G 548 60.52 -27.29 7.74
C HIS G 548 59.32 -27.12 6.82
N LEU G 549 58.24 -27.88 7.05
CA LEU G 549 57.02 -27.70 6.27
C LEU G 549 56.49 -26.28 6.40
N LEU G 550 56.35 -25.80 7.64
CA LEU G 550 55.77 -24.48 7.85
C LEU G 550 56.66 -23.39 7.26
N GLU G 551 57.98 -23.51 7.42
CA GLU G 551 58.88 -22.51 6.88
C GLU G 551 58.89 -22.51 5.36
N HIS G 552 58.81 -23.71 4.75
CA HIS G 552 58.75 -23.77 3.29
C HIS G 552 57.49 -23.09 2.78
N ILE G 553 56.35 -23.33 3.43
CA ILE G 553 55.13 -22.66 3.01
C ILE G 553 55.26 -21.16 3.18
N ARG G 554 55.70 -20.71 4.35
CA ARG G 554 55.78 -19.28 4.63
C ARG G 554 56.76 -18.57 3.70
N THR G 555 57.79 -19.27 3.22
CA THR G 555 58.80 -18.63 2.38
C THR G 555 58.47 -18.72 0.90
N THR G 556 57.76 -19.75 0.46
CA THR G 556 57.55 -19.97 -0.96
C THR G 556 56.14 -19.67 -1.44
N LYS G 557 55.14 -19.72 -0.55
CA LYS G 557 53.73 -19.59 -0.93
C LYS G 557 53.33 -20.68 -1.91
N ASP G 558 53.87 -21.88 -1.70
CA ASP G 558 53.55 -23.04 -2.51
C ASP G 558 53.60 -24.28 -1.63
N LEU G 559 52.93 -25.34 -2.08
CA LEU G 559 52.86 -26.57 -1.30
C LEU G 559 54.22 -27.24 -1.21
N PRO G 560 54.53 -27.88 -0.07
CA PRO G 560 55.80 -28.61 0.05
C PRO G 560 55.74 -29.95 -0.68
N ASN G 561 56.79 -30.75 -0.54
CA ASN G 561 56.86 -32.02 -1.26
C ASN G 561 55.75 -32.98 -0.79
N GLU G 562 55.09 -33.61 -1.76
CA GLU G 562 53.95 -34.47 -1.44
C GLU G 562 54.38 -35.68 -0.64
N ASP G 563 55.53 -36.27 -0.98
CA ASP G 563 56.02 -37.43 -0.24
C ASP G 563 56.27 -37.10 1.22
N ASP G 564 56.91 -35.95 1.48
CA ASP G 564 57.16 -35.55 2.86
C ASP G 564 55.86 -35.26 3.60
N LEU G 565 54.92 -34.60 2.94
CA LEU G 565 53.63 -34.33 3.58
C LEU G 565 52.92 -35.63 3.94
N ASN G 566 52.90 -36.59 3.02
CA ASN G 566 52.24 -37.87 3.29
C ASN G 566 52.95 -38.63 4.41
N LYS G 567 54.28 -38.57 4.45
CA LYS G 567 55.01 -39.23 5.53
C LYS G 567 54.66 -38.63 6.88
N ALA G 568 54.61 -37.30 6.96
CA ALA G 568 54.26 -36.64 8.21
C ALA G 568 52.83 -37.00 8.64
N ILE G 569 51.90 -37.01 7.68
CA ILE G 569 50.52 -37.32 8.01
C ILE G 569 50.39 -38.78 8.46
N GLU G 570 51.15 -39.68 7.83
CA GLU G 570 51.11 -41.08 8.24
C GLU G 570 51.68 -41.26 9.64
N ALA G 571 52.76 -40.55 9.96
CA ALA G 571 53.30 -40.62 11.32
C ALA G 571 52.28 -40.13 12.34
N PHE G 572 51.61 -39.01 12.04
CA PHE G 572 50.60 -38.51 12.98
C PHE G 572 49.45 -39.51 13.11
N LYS G 573 49.01 -40.10 12.01
CA LYS G 573 47.91 -41.05 12.08
C LYS G 573 48.30 -42.28 12.91
N LYS G 574 49.55 -42.73 12.78
CA LYS G 574 50.02 -43.83 13.60
C LYS G 574 50.03 -43.47 15.07
N THR G 575 50.47 -42.24 15.41
CA THR G 575 50.48 -41.85 16.81
C THR G 575 49.12 -41.42 17.33
N PHE G 576 48.12 -41.27 16.47
CA PHE G 576 46.80 -40.83 16.88
C PHE G 576 46.04 -41.96 17.57
N VAL G 577 45.34 -41.63 18.64
CA VAL G 577 44.56 -42.59 19.41
C VAL G 577 43.09 -42.38 19.03
N VAL G 578 42.62 -43.15 18.05
CA VAL G 578 41.24 -43.03 17.60
C VAL G 578 40.30 -43.51 18.69
N SER G 579 39.26 -42.72 18.96
CA SER G 579 38.25 -43.11 19.93
C SER G 579 36.96 -43.52 19.23
N ALA H 6 1.85 55.43 -24.56
CA ALA H 6 3.00 55.43 -23.66
C ALA H 6 4.31 55.30 -24.44
N VAL H 7 4.85 54.09 -24.48
CA VAL H 7 6.15 53.86 -25.10
C VAL H 7 5.97 53.84 -26.61
N ALA H 8 6.80 54.62 -27.31
CA ALA H 8 6.79 54.68 -28.77
C ALA H 8 8.14 54.23 -29.31
N TYR H 9 8.11 53.33 -30.28
CA TYR H 9 9.30 52.93 -31.01
C TYR H 9 9.29 53.59 -32.38
N SER H 10 10.34 54.35 -32.67
CA SER H 10 10.50 55.02 -33.95
C SER H 10 11.96 54.93 -34.39
N ALA H 11 12.18 55.00 -35.70
CA ALA H 11 13.53 54.91 -36.22
C ALA H 11 14.37 56.10 -35.78
N ARG H 12 13.78 57.29 -35.75
CA ARG H 12 14.46 58.51 -35.35
C ARG H 12 13.71 59.17 -34.20
N PRO H 13 14.40 59.95 -33.36
CA PRO H 13 13.69 60.65 -32.28
C PRO H 13 12.63 61.60 -32.82
N LEU H 14 11.53 61.70 -32.09
CA LEU H 14 10.38 62.47 -32.51
C LEU H 14 10.44 63.89 -31.96
N THR H 15 9.89 64.82 -32.74
CA THR H 15 9.81 66.21 -32.30
C THR H 15 8.80 66.35 -31.16
N ASP H 16 8.97 67.42 -30.39
CA ASP H 16 8.09 67.67 -29.25
C ASP H 16 6.65 67.92 -29.71
N GLU H 17 6.48 68.65 -30.81
CA GLU H 17 5.13 68.93 -31.30
C GLU H 17 4.41 67.65 -31.72
N GLU H 18 5.10 66.76 -32.42
CA GLU H 18 4.48 65.50 -32.83
C GLU H 18 4.19 64.61 -31.63
N LEU H 19 5.09 64.62 -30.63
CA LEU H 19 4.84 63.87 -29.41
C LEU H 19 3.58 64.37 -28.71
N ARG H 20 3.44 65.69 -28.59
CA ARG H 20 2.25 66.26 -27.97
C ARG H 20 0.99 65.92 -28.76
N ALA H 21 1.07 66.00 -30.09
CA ALA H 21 -0.08 65.69 -30.92
C ALA H 21 -0.50 64.23 -30.76
N LEU H 22 0.46 63.30 -30.76
CA LEU H 22 0.14 61.89 -30.59
C LEU H 22 -0.44 61.63 -29.21
N SER H 23 0.13 62.23 -28.17
CA SER H 23 -0.40 62.04 -26.82
C SER H 23 -1.83 62.56 -26.71
N ASP H 24 -2.09 63.75 -27.28
CA ASP H 24 -3.44 64.29 -27.24
C ASP H 24 -4.42 63.40 -28.01
N VAL H 25 -4.01 62.92 -29.17
CA VAL H 25 -4.89 62.08 -29.98
C VAL H 25 -5.22 60.79 -29.24
N PHE H 26 -4.21 60.15 -28.65
CA PHE H 26 -4.45 58.91 -27.93
C PHE H 26 -5.31 59.14 -26.69
N ALA H 27 -5.07 60.24 -25.96
CA ALA H 27 -5.89 60.55 -24.80
C ALA H 27 -7.34 60.79 -25.20
N GLN H 28 -7.56 61.50 -26.30
CA GLN H 28 -8.92 61.77 -26.75
C GLN H 28 -9.62 60.50 -27.18
N LYS H 29 -8.95 59.66 -27.99
CA LYS H 29 -9.59 58.45 -28.50
C LYS H 29 -9.86 57.45 -27.38
N VAL H 30 -8.84 57.15 -26.57
CA VAL H 30 -8.98 56.15 -25.51
C VAL H 30 -9.88 56.66 -24.39
N GLY H 31 -9.68 57.91 -23.98
CA GLY H 31 -10.45 58.48 -22.90
C GLY H 31 -9.65 58.70 -21.64
N LYS H 32 -8.37 59.06 -21.80
CA LYS H 32 -7.48 59.32 -20.69
C LYS H 32 -7.38 60.81 -20.43
N GLN H 33 -7.55 61.21 -19.16
CA GLN H 33 -7.46 62.62 -18.81
C GLN H 33 -6.07 63.18 -19.07
N THR H 34 -5.03 62.42 -18.71
CA THR H 34 -3.65 62.80 -18.96
C THR H 34 -2.89 61.59 -19.46
N LEU H 35 -1.81 61.84 -20.18
CA LEU H 35 -1.04 60.78 -20.82
C LEU H 35 0.45 61.05 -20.67
N GLU H 36 1.19 60.01 -20.31
CA GLU H 36 2.65 60.07 -20.21
C GLU H 36 3.24 59.26 -21.36
N ILE H 37 4.19 59.87 -22.08
CA ILE H 37 4.74 59.30 -23.30
C ILE H 37 6.25 59.17 -23.15
N GLU H 38 6.77 58.00 -23.50
CA GLU H 38 8.20 57.76 -23.60
C GLU H 38 8.57 57.53 -25.06
N ASN H 39 9.71 58.05 -25.47
CA ASN H 39 10.17 57.97 -26.86
C ASN H 39 11.46 57.18 -26.94
N ILE H 40 11.66 56.53 -28.08
CA ILE H 40 12.86 55.73 -28.33
C ILE H 40 13.43 56.12 -29.68
N ILE H 41 14.71 55.79 -29.87
CA ILE H 41 15.42 56.12 -31.10
C ILE H 41 16.06 54.87 -31.69
N ASP H 42 15.45 53.72 -31.45
CA ASP H 42 15.98 52.47 -31.98
C ASP H 42 15.86 52.46 -33.49
N PRO H 43 16.96 52.27 -34.23
CA PRO H 43 16.91 52.34 -35.70
C PRO H 43 16.54 51.03 -36.39
N GLU H 44 16.05 50.04 -35.66
CA GLU H 44 15.60 48.81 -36.31
C GLU H 44 14.46 49.07 -37.28
N LEU H 45 13.51 49.91 -36.88
CA LEU H 45 12.44 50.32 -37.77
C LEU H 45 12.98 51.27 -38.84
N ILE H 46 12.19 51.47 -39.89
CA ILE H 46 12.59 52.28 -41.03
C ILE H 46 11.53 53.36 -41.20
N GLY H 47 11.74 54.52 -40.58
CA GLY H 47 10.87 55.67 -40.77
C GLY H 47 9.42 55.43 -40.42
N GLY H 48 9.16 54.80 -39.27
CA GLY H 48 7.81 54.56 -38.83
C GLY H 48 7.71 54.66 -37.32
N VAL H 49 6.47 54.77 -36.84
CA VAL H 49 6.19 54.93 -35.42
C VAL H 49 5.19 53.87 -35.00
N ARG H 50 5.53 53.11 -33.95
CA ARG H 50 4.60 52.20 -33.30
C ARG H 50 4.46 52.60 -31.84
N LEU H 51 3.27 52.40 -31.28
CA LEU H 51 2.95 52.90 -29.96
C LEU H 51 2.29 51.80 -29.14
N ARG H 52 2.65 51.71 -27.86
CA ARG H 52 2.08 50.71 -26.96
C ARG H 52 1.30 51.40 -25.85
N ILE H 53 -0.01 51.22 -25.84
CA ILE H 53 -0.87 51.71 -24.77
C ILE H 53 -1.20 50.51 -23.90
N GLY H 54 -0.49 50.36 -22.78
CA GLY H 54 -0.70 49.22 -21.92
C GLY H 54 -0.42 47.91 -22.63
N ASN H 55 -1.48 47.18 -22.96
CA ASN H 55 -1.36 45.90 -23.65
C ASN H 55 -1.84 45.98 -25.10
N ARG H 56 -2.06 47.17 -25.62
CA ARG H 56 -2.45 47.36 -27.01
C ARG H 56 -1.28 47.92 -27.81
N ILE H 57 -1.09 47.40 -29.01
CA ILE H 57 0.01 47.81 -29.89
C ILE H 57 -0.57 48.36 -31.18
N TYR H 58 -0.14 49.56 -31.57
CA TYR H 58 -0.51 50.18 -32.83
C TYR H 58 0.76 50.29 -33.67
N ASP H 59 0.82 49.53 -34.76
CA ASP H 59 2.02 49.42 -35.58
C ASP H 59 1.80 50.13 -36.91
N GLY H 60 2.68 51.07 -37.23
CA GLY H 60 2.60 51.82 -38.47
C GLY H 60 3.94 52.04 -39.11
N SER H 61 4.87 51.11 -38.91
CA SER H 61 6.24 51.26 -39.34
C SER H 61 6.58 50.29 -40.47
N VAL H 62 7.64 50.63 -41.19
CA VAL H 62 8.19 49.73 -42.21
C VAL H 62 8.74 48.48 -41.53
N SER H 63 8.64 47.35 -42.24
CA SER H 63 8.78 45.99 -41.71
C SER H 63 7.59 45.62 -40.82
N GLY H 64 6.58 46.48 -40.77
CA GLY H 64 5.31 46.19 -40.16
C GLY H 64 4.30 45.88 -41.25
N GLN H 65 3.55 46.91 -41.67
CA GLN H 65 2.68 46.76 -42.83
C GLN H 65 3.45 46.27 -44.05
N LEU H 66 4.73 46.64 -44.16
CA LEU H 66 5.56 46.09 -45.23
C LEU H 66 5.69 44.59 -45.10
N GLU H 67 5.99 44.10 -43.90
CA GLU H 67 6.02 42.65 -43.68
C GLU H 67 4.64 42.04 -43.81
N ARG H 68 3.59 42.81 -43.47
CA ARG H 68 2.23 42.31 -43.61
C ARG H 68 1.91 42.03 -45.08
N ILE H 69 2.29 42.93 -45.97
CA ILE H 69 2.03 42.73 -47.39
C ILE H 69 3.04 41.78 -48.02
N ARG H 70 4.23 41.64 -47.43
CA ARG H 70 5.20 40.69 -47.95
C ARG H 70 4.85 39.25 -47.59
N ARG H 71 4.25 39.04 -46.41
CA ARG H 71 3.88 37.68 -46.01
C ARG H 71 2.85 37.10 -46.97
N GLN H 72 1.77 37.84 -47.21
CA GLN H 72 0.86 37.46 -48.28
C GLN H 72 1.52 37.74 -49.63
N LEU H 73 0.98 37.12 -50.68
CA LEU H 73 1.61 37.12 -52.00
C LEU H 73 3.03 36.56 -51.92
N ILE H 74 3.09 35.27 -51.62
CA ILE H 74 4.36 34.56 -51.49
C ILE H 74 5.08 34.50 -52.83
N ILE H 86 0.93 38.66 -62.63
CA ILE H 86 0.06 38.22 -61.55
C ILE H 86 0.39 39.00 -60.28
N SER H 87 1.64 38.90 -59.83
CA SER H 87 2.05 39.57 -58.60
C SER H 87 1.93 41.08 -58.71
N ALA H 88 1.98 41.62 -59.93
CA ALA H 88 1.86 43.07 -60.11
C ALA H 88 0.48 43.56 -59.66
N LEU H 89 -0.58 42.83 -60.00
CA LEU H 89 -1.93 43.28 -59.65
C LEU H 89 -2.13 43.29 -58.14
N ILE H 90 -1.75 42.21 -57.46
CA ILE H 90 -1.91 42.16 -56.02
C ILE H 90 -0.99 43.16 -55.34
N LYS H 91 0.22 43.37 -55.87
CA LYS H 91 1.12 44.35 -55.29
C LYS H 91 0.61 45.78 -55.49
N GLN H 92 -0.18 46.01 -56.54
CA GLN H 92 -0.77 47.32 -56.77
C GLN H 92 -2.17 47.44 -56.20
N GLN H 93 -2.70 46.39 -55.58
CA GLN H 93 -4.04 46.43 -54.99
C GLN H 93 -4.01 46.43 -53.47
N ILE H 94 -3.36 45.44 -52.85
CA ILE H 94 -3.37 45.32 -51.40
C ILE H 94 -2.06 45.76 -50.77
N GLU H 95 -0.93 45.65 -51.48
CA GLU H 95 0.34 46.09 -50.93
C GLU H 95 0.42 47.60 -50.78
N ASN H 96 -0.54 48.34 -51.33
CA ASN H 96 -0.57 49.79 -51.18
C ASN H 96 -1.20 50.18 -49.85
N TYR H 97 -0.64 49.67 -48.75
CA TYR H 97 -1.08 50.00 -47.39
C TYR H 97 -2.55 49.66 -47.16
N GLU H 98 -3.06 48.65 -47.86
CA GLU H 98 -4.44 48.23 -47.62
C GLU H 98 -4.62 47.58 -46.25
N SER H 99 -3.53 47.11 -45.64
CA SER H 99 -3.60 46.61 -44.27
C SER H 99 -3.86 47.73 -43.26
N GLN H 100 -3.63 48.99 -43.66
CA GLN H 100 -3.83 50.17 -42.82
C GLN H 100 -2.96 50.01 -41.58
N ILE H 101 -3.51 49.99 -40.37
CA ILE H 101 -2.74 49.86 -39.14
C ILE H 101 -3.19 48.60 -38.43
N GLN H 102 -2.24 47.75 -38.05
CA GLN H 102 -2.54 46.50 -37.37
C GLN H 102 -2.55 46.74 -35.87
N VAL H 103 -3.67 46.46 -35.22
CA VAL H 103 -3.79 46.51 -33.77
C VAL H 103 -3.74 45.09 -33.23
N SER H 104 -3.27 44.93 -32.01
CA SER H 104 -3.14 43.62 -31.41
C SER H 104 -3.05 43.76 -29.90
N ASP H 105 -3.51 42.73 -29.20
CA ASP H 105 -3.42 42.64 -27.75
C ASP H 105 -2.27 41.72 -27.38
N VAL H 106 -1.42 42.17 -26.45
CA VAL H 106 -0.17 41.49 -26.17
C VAL H 106 0.01 41.30 -24.67
N GLY H 107 0.93 40.42 -24.32
CA GLY H 107 1.32 40.15 -22.95
C GLY H 107 2.82 40.08 -22.81
N THR H 108 3.30 39.66 -21.63
CA THR H 108 4.72 39.59 -21.34
C THR H 108 5.01 38.33 -20.55
N VAL H 109 5.95 37.51 -21.04
CA VAL H 109 6.28 36.27 -20.36
C VAL H 109 7.03 36.57 -19.07
N ILE H 110 6.69 35.84 -18.01
CA ILE H 110 7.37 35.99 -16.73
C ILE H 110 8.03 34.71 -16.25
N GLN H 111 7.65 33.54 -16.77
CA GLN H 111 8.27 32.28 -16.40
C GLN H 111 8.27 31.36 -17.60
N VAL H 112 9.37 30.62 -17.79
CA VAL H 112 9.48 29.63 -18.87
C VAL H 112 10.16 28.40 -18.29
N GLY H 113 9.75 27.23 -18.77
CA GLY H 113 10.45 26.01 -18.38
C GLY H 113 9.62 24.75 -18.45
N ASP H 114 10.21 23.68 -18.99
CA ASP H 114 9.61 22.35 -19.05
C ASP H 114 8.34 22.30 -19.90
N GLY H 115 8.16 23.26 -20.79
CA GLY H 115 7.00 23.27 -21.66
C GLY H 115 5.82 24.07 -21.17
N ILE H 116 6.00 24.90 -20.15
CA ILE H 116 4.93 25.71 -19.57
C ILE H 116 5.40 27.15 -19.56
N ALA H 117 4.46 28.09 -19.63
CA ALA H 117 4.79 29.49 -19.50
C ALA H 117 3.71 30.20 -18.70
N ARG H 118 4.05 31.36 -18.17
CA ARG H 118 3.10 32.23 -17.49
C ARG H 118 3.30 33.64 -18.00
N ALA H 119 2.20 34.38 -18.16
CA ALA H 119 2.27 35.69 -18.77
C ALA H 119 1.47 36.71 -17.95
N HIS H 120 1.97 37.95 -17.97
CA HIS H 120 1.22 39.10 -17.51
C HIS H 120 0.53 39.74 -18.70
N GLY H 121 -0.64 40.33 -18.45
CA GLY H 121 -1.40 40.93 -19.54
C GLY H 121 -2.38 39.95 -20.13
N LEU H 122 -2.66 40.09 -21.43
CA LEU H 122 -3.64 39.26 -22.13
C LEU H 122 -5.00 39.35 -21.44
N ASP H 123 -5.56 40.56 -21.45
CA ASP H 123 -6.74 40.84 -20.66
C ASP H 123 -7.97 40.11 -21.18
N ASN H 124 -8.15 40.04 -22.50
CA ASN H 124 -9.37 39.54 -23.11
C ASN H 124 -9.18 38.21 -23.82
N VAL H 125 -8.36 37.33 -23.28
CA VAL H 125 -8.20 36.00 -23.86
C VAL H 125 -9.30 35.10 -23.35
N MET H 126 -9.83 34.25 -24.22
CA MET H 126 -10.81 33.27 -23.83
C MET H 126 -10.14 31.97 -23.43
N SER H 127 -10.87 31.17 -22.65
CA SER H 127 -10.35 29.86 -22.24
C SER H 127 -10.16 28.97 -23.45
N GLY H 128 -9.05 28.26 -23.48
CA GLY H 128 -8.74 27.38 -24.60
C GLY H 128 -8.47 28.10 -25.90
N GLU H 129 -7.85 29.26 -25.86
CA GLU H 129 -7.54 30.04 -27.04
C GLU H 129 -6.13 29.70 -27.54
N LEU H 130 -5.81 30.22 -28.72
CA LEU H 130 -4.51 30.04 -29.35
C LEU H 130 -3.74 31.34 -29.29
N VAL H 131 -2.49 31.28 -28.84
CA VAL H 131 -1.61 32.45 -28.74
C VAL H 131 -0.31 32.14 -29.47
N GLU H 132 0.37 33.19 -29.89
CA GLU H 132 1.60 33.06 -30.68
C GLU H 132 2.72 33.82 -30.01
N PHE H 133 3.86 33.15 -29.82
CA PHE H 133 5.01 33.76 -29.19
C PHE H 133 5.79 34.61 -30.20
N ALA H 134 6.89 35.21 -29.76
CA ALA H 134 7.63 36.12 -30.61
C ALA H 134 8.26 35.40 -31.80
N ASN H 135 8.88 34.24 -31.56
CA ASN H 135 9.57 33.54 -32.63
C ASN H 135 8.60 32.83 -33.58
N GLY H 136 7.43 32.45 -33.10
CA GLY H 136 6.45 31.85 -33.98
C GLY H 136 5.79 30.59 -33.45
N VAL H 137 6.27 30.10 -32.30
CA VAL H 137 5.69 28.90 -31.70
C VAL H 137 4.30 29.23 -31.17
N MET H 138 3.44 28.22 -31.15
CA MET H 138 2.06 28.37 -30.71
C MET H 138 1.88 27.88 -29.28
N GLY H 139 0.87 28.41 -28.61
CA GLY H 139 0.55 28.00 -27.26
C GLY H 139 -0.94 28.05 -27.02
N MET H 140 -1.38 27.37 -25.97
CA MET H 140 -2.80 27.23 -25.64
C MET H 140 -3.03 27.81 -24.25
N ALA H 141 -3.96 28.76 -24.15
CA ALA H 141 -4.26 29.41 -22.88
C ALA H 141 -5.12 28.48 -22.03
N LEU H 142 -4.51 27.91 -20.99
CA LEU H 142 -5.18 26.91 -20.17
C LEU H 142 -5.66 27.43 -18.82
N ASN H 143 -4.89 28.27 -18.14
CA ASN H 143 -5.29 28.80 -16.84
C ASN H 143 -5.51 30.30 -16.92
N LEU H 144 -6.68 30.75 -16.49
CA LEU H 144 -7.03 32.17 -16.45
C LEU H 144 -7.19 32.56 -14.98
N GLU H 145 -6.15 33.13 -14.39
CA GLU H 145 -6.15 33.52 -12.99
C GLU H 145 -6.25 35.03 -12.86
N GLU H 146 -6.19 35.50 -11.61
CA GLU H 146 -6.44 36.91 -11.35
C GLU H 146 -5.33 37.80 -11.87
N ASN H 147 -4.08 37.34 -11.79
CA ASN H 147 -2.92 38.14 -12.18
C ASN H 147 -2.29 37.70 -13.49
N ASN H 148 -2.12 36.39 -13.71
CA ASN H 148 -1.37 35.89 -14.84
C ASN H 148 -2.20 34.87 -15.61
N VAL H 149 -1.70 34.51 -16.78
CA VAL H 149 -2.29 33.49 -17.63
C VAL H 149 -1.29 32.36 -17.76
N GLY H 150 -1.75 31.13 -17.53
CA GLY H 150 -0.91 29.95 -17.65
C GLY H 150 -1.07 29.28 -18.99
N ILE H 151 0.01 29.27 -19.78
CA ILE H 151 0.04 28.88 -21.18
C ILE H 151 0.81 27.58 -21.32
N VAL H 152 0.37 26.76 -22.27
CA VAL H 152 0.95 25.46 -22.58
C VAL H 152 1.51 25.52 -23.99
N ILE H 153 2.80 25.21 -24.13
CA ILE H 153 3.53 25.41 -25.38
C ILE H 153 3.44 24.17 -26.26
N LEU H 154 3.27 24.37 -27.56
CA LEU H 154 3.10 23.31 -28.54
C LEU H 154 4.27 23.24 -29.52
N GLY H 155 5.50 23.34 -29.01
CA GLY H 155 6.67 23.26 -29.84
C GLY H 155 7.96 23.35 -29.05
N PRO H 156 9.08 23.58 -29.74
CA PRO H 156 10.36 23.76 -29.04
C PRO H 156 10.38 25.08 -28.28
N TYR H 157 10.67 25.01 -26.99
CA TYR H 157 10.57 26.15 -26.10
C TYR H 157 11.93 26.72 -25.70
N THR H 158 13.02 26.25 -26.30
CA THR H 158 14.33 26.73 -25.90
C THR H 158 14.67 28.09 -26.49
N GLY H 159 13.84 28.61 -27.38
CA GLY H 159 14.02 29.95 -27.92
C GLY H 159 13.17 31.00 -27.27
N ILE H 160 12.43 30.66 -26.22
CA ILE H 160 11.57 31.61 -25.50
C ILE H 160 12.29 32.01 -24.22
N LYS H 161 12.33 33.31 -23.95
CA LYS H 161 13.00 33.84 -22.78
C LYS H 161 12.04 34.78 -22.05
N GLU H 162 12.29 34.95 -20.75
CA GLU H 162 11.50 35.87 -19.96
C GLU H 162 11.64 37.28 -20.49
N GLY H 163 10.51 37.97 -20.65
CA GLY H 163 10.48 39.27 -21.27
C GLY H 163 10.07 39.30 -22.72
N ASP H 164 9.65 38.17 -23.28
CA ASP H 164 9.23 38.10 -24.67
C ASP H 164 7.80 38.62 -24.81
N GLU H 165 7.20 38.43 -25.98
CA GLU H 165 5.85 38.90 -26.27
C GLU H 165 4.97 37.73 -26.69
N VAL H 166 3.71 37.77 -26.26
CA VAL H 166 2.68 36.83 -26.69
C VAL H 166 1.51 37.66 -27.19
N ARG H 167 0.92 37.25 -28.30
CA ARG H 167 -0.25 37.93 -28.83
C ARG H 167 -1.37 36.92 -29.05
N ARG H 168 -2.61 37.41 -29.01
CA ARG H 168 -3.76 36.56 -29.23
C ARG H 168 -4.02 36.36 -30.71
N THR H 169 -4.47 35.17 -31.07
CA THR H 169 -4.93 34.92 -32.43
C THR H 169 -6.43 35.12 -32.58
N GLY H 170 -7.17 35.15 -31.48
CA GLY H 170 -8.60 35.36 -31.52
C GLY H 170 -9.44 34.14 -31.86
N ARG H 171 -8.82 32.97 -31.96
CA ARG H 171 -9.52 31.76 -32.40
C ARG H 171 -9.33 30.66 -31.36
N ILE H 172 -10.43 30.01 -30.99
CA ILE H 172 -10.35 28.82 -30.16
C ILE H 172 -9.57 27.75 -30.92
N MET H 173 -8.96 26.83 -30.18
CA MET H 173 -8.11 25.81 -30.80
C MET H 173 -8.85 25.06 -31.88
N GLU H 174 -8.22 24.94 -33.05
CA GLU H 174 -8.84 24.42 -34.25
C GLU H 174 -7.90 23.44 -34.93
N VAL H 175 -8.41 22.76 -35.95
CA VAL H 175 -7.60 21.87 -36.77
C VAL H 175 -8.17 21.86 -38.19
N PRO H 176 -7.33 21.94 -39.22
CA PRO H 176 -7.85 21.86 -40.59
C PRO H 176 -8.40 20.47 -40.89
N VAL H 177 -9.44 20.45 -41.74
CA VAL H 177 -10.11 19.21 -42.11
C VAL H 177 -10.42 19.27 -43.61
N GLY H 178 -10.61 18.09 -44.19
CA GLY H 178 -10.96 18.01 -45.60
C GLY H 178 -10.57 16.67 -46.17
N GLU H 179 -10.82 16.54 -47.47
CA GLU H 179 -10.42 15.34 -48.20
C GLU H 179 -8.96 15.40 -48.65
N ALA H 180 -8.33 16.56 -48.61
CA ALA H 180 -6.92 16.69 -48.98
C ALA H 180 -5.98 16.04 -47.98
N LEU H 181 -6.48 15.63 -46.81
CA LEU H 181 -5.67 15.01 -45.79
C LEU H 181 -5.56 13.49 -45.98
N ILE H 182 -6.15 12.93 -47.01
CA ILE H 182 -6.15 11.48 -47.19
C ILE H 182 -4.85 11.06 -47.84
N GLY H 183 -4.18 10.07 -47.25
CA GLY H 183 -2.93 9.57 -47.76
C GLY H 183 -1.69 10.23 -47.21
N ARG H 184 -1.82 11.24 -46.35
CA ARG H 184 -0.71 11.99 -45.82
C ARG H 184 -0.47 11.67 -44.34
N VAL H 185 0.69 12.08 -43.86
CA VAL H 185 1.07 11.96 -42.45
C VAL H 185 1.26 13.36 -41.90
N VAL H 186 0.58 13.66 -40.80
CA VAL H 186 0.46 15.03 -40.32
C VAL H 186 0.76 15.10 -38.82
N ASN H 187 0.95 16.33 -38.36
CA ASN H 187 1.06 16.68 -36.95
C ASN H 187 -0.31 16.66 -36.30
N PRO H 188 -0.38 16.66 -34.97
CA PRO H 188 -1.65 16.95 -34.30
C PRO H 188 -2.19 18.32 -34.63
N LEU H 189 -1.34 19.25 -35.06
CA LEU H 189 -1.78 20.56 -35.50
C LEU H 189 -2.17 20.60 -36.97
N GLY H 190 -2.00 19.49 -37.69
CA GLY H 190 -2.38 19.43 -39.08
C GLY H 190 -1.31 19.91 -40.04
N GLN H 191 -0.04 19.59 -39.76
CA GLN H 191 1.07 20.01 -40.59
C GLN H 191 1.82 18.79 -41.10
N PRO H 192 2.18 18.76 -42.38
CA PRO H 192 2.77 17.53 -42.95
C PRO H 192 4.19 17.30 -42.44
N VAL H 193 4.51 16.03 -42.22
CA VAL H 193 5.83 15.63 -41.76
C VAL H 193 6.42 14.58 -42.69
N ASP H 194 5.78 14.36 -43.83
CA ASP H 194 6.28 13.42 -44.82
C ASP H 194 7.04 14.10 -45.95
N GLY H 195 7.12 15.42 -45.95
CA GLY H 195 7.88 16.13 -46.97
C GLY H 195 7.34 15.97 -48.37
N LEU H 196 6.01 16.00 -48.54
CA LEU H 196 5.38 15.92 -49.84
C LEU H 196 4.66 17.21 -50.21
N GLY H 197 4.98 18.30 -49.54
CA GLY H 197 4.35 19.58 -49.82
C GLY H 197 3.21 19.88 -48.88
N PRO H 198 2.63 21.07 -49.01
CA PRO H 198 1.56 21.48 -48.09
C PRO H 198 0.27 20.71 -48.30
N VAL H 199 -0.71 20.95 -47.44
CA VAL H 199 -2.04 20.37 -47.55
C VAL H 199 -3.02 21.47 -47.89
N GLU H 200 -3.78 21.29 -48.96
CA GLU H 200 -4.69 22.32 -49.47
C GLU H 200 -6.10 22.01 -48.97
N THR H 201 -6.41 22.53 -47.78
CA THR H 201 -7.73 22.42 -47.19
C THR H 201 -8.35 23.81 -47.09
N THR H 202 -9.65 23.83 -46.77
CA THR H 202 -10.39 25.09 -46.68
C THR H 202 -11.21 25.24 -45.41
N GLU H 203 -11.53 24.16 -44.71
CA GLU H 203 -12.39 24.22 -43.53
C GLU H 203 -11.63 23.78 -42.29
N THR H 204 -12.05 24.32 -41.14
CA THR H 204 -11.45 24.00 -39.86
C THR H 204 -12.53 23.55 -38.90
N ARG H 205 -12.15 22.71 -37.94
CA ARG H 205 -13.07 22.26 -36.91
C ARG H 205 -12.46 22.46 -35.53
N PRO H 206 -13.27 22.80 -34.54
CA PRO H 206 -12.75 22.91 -33.17
C PRO H 206 -12.35 21.56 -32.63
N ILE H 207 -11.31 21.56 -31.79
CA ILE H 207 -10.83 20.32 -31.19
C ILE H 207 -11.82 19.83 -30.13
N GLU H 208 -12.38 20.75 -29.35
CA GLU H 208 -13.33 20.39 -28.29
C GLU H 208 -14.74 20.70 -28.77
N SER H 209 -15.53 19.65 -28.97
CA SER H 209 -16.91 19.75 -29.42
C SER H 209 -17.76 18.79 -28.60
N PRO H 210 -19.06 19.07 -28.48
CA PRO H 210 -19.94 18.15 -27.76
C PRO H 210 -20.40 16.98 -28.61
N ALA H 211 -20.62 15.85 -27.95
CA ALA H 211 -21.05 14.62 -28.59
C ALA H 211 -22.51 14.69 -29.00
N PRO H 212 -22.95 13.84 -29.93
CA PRO H 212 -24.37 13.77 -30.25
C PRO H 212 -25.18 13.30 -29.05
N GLY H 213 -26.41 13.83 -28.95
CA GLY H 213 -27.28 13.54 -27.83
C GLY H 213 -27.99 12.21 -27.98
N VAL H 214 -28.92 11.97 -27.05
CA VAL H 214 -29.69 10.73 -27.07
C VAL H 214 -30.61 10.70 -28.28
N MET H 215 -31.20 11.83 -28.64
CA MET H 215 -32.16 11.88 -29.74
C MET H 215 -31.51 11.77 -31.10
N ASP H 216 -30.20 11.96 -31.20
CA ASP H 216 -29.53 12.00 -32.50
C ASP H 216 -29.05 10.63 -32.98
N ARG H 217 -29.16 9.59 -32.17
CA ARG H 217 -28.51 8.32 -32.47
C ARG H 217 -29.52 7.25 -32.88
N ARG H 218 -28.98 6.15 -33.38
CA ARG H 218 -29.74 4.98 -33.78
C ARG H 218 -29.00 3.75 -33.26
N SER H 219 -29.74 2.65 -33.09
CA SER H 219 -29.12 1.42 -32.63
C SER H 219 -28.16 0.88 -33.69
N VAL H 220 -27.13 0.18 -33.23
CA VAL H 220 -26.09 -0.34 -34.10
C VAL H 220 -26.56 -1.66 -34.71
N HIS H 221 -26.54 -1.74 -36.04
CA HIS H 221 -26.97 -2.97 -36.71
C HIS H 221 -25.99 -3.46 -37.76
N GLU H 222 -25.26 -2.55 -38.40
CA GLU H 222 -24.35 -2.95 -39.46
C GLU H 222 -23.10 -3.62 -38.88
N PRO H 223 -22.49 -4.54 -39.61
CA PRO H 223 -21.26 -5.18 -39.14
C PRO H 223 -20.01 -4.50 -39.65
N LEU H 224 -18.96 -4.60 -38.84
CA LEU H 224 -17.61 -4.20 -39.23
C LEU H 224 -16.79 -5.48 -39.38
N GLN H 225 -16.30 -5.73 -40.58
CA GLN H 225 -15.58 -6.97 -40.87
C GLN H 225 -14.08 -6.75 -40.69
N THR H 226 -13.48 -7.54 -39.80
CA THR H 226 -12.05 -7.45 -39.52
C THR H 226 -11.23 -8.48 -40.26
N GLY H 227 -11.76 -9.68 -40.48
CA GLY H 227 -11.04 -10.75 -41.13
C GLY H 227 -10.48 -11.80 -40.20
N ILE H 228 -10.48 -11.54 -38.89
CA ILE H 228 -10.00 -12.50 -37.91
C ILE H 228 -11.18 -13.33 -37.43
N LYS H 229 -11.06 -14.65 -37.52
CA LYS H 229 -12.18 -15.53 -37.22
C LYS H 229 -12.63 -15.38 -35.77
N ALA H 230 -11.67 -15.25 -34.85
CA ALA H 230 -12.02 -15.14 -33.43
C ALA H 230 -12.86 -13.90 -33.18
N ILE H 231 -12.47 -12.75 -33.75
CA ILE H 231 -13.22 -11.53 -33.55
C ILE H 231 -14.55 -11.59 -34.28
N ASP H 232 -14.54 -12.02 -35.54
CA ASP H 232 -15.78 -12.03 -36.32
C ASP H 232 -16.78 -13.04 -35.80
N ALA H 233 -16.35 -14.03 -35.01
CA ALA H 233 -17.23 -15.06 -34.50
C ALA H 233 -17.64 -14.85 -33.04
N LEU H 234 -16.67 -14.67 -32.14
CA LEU H 234 -16.97 -14.62 -30.71
C LEU H 234 -17.18 -13.21 -30.19
N VAL H 235 -16.51 -12.22 -30.75
CA VAL H 235 -16.60 -10.84 -30.27
C VAL H 235 -16.91 -9.92 -31.46
N PRO H 236 -18.11 -9.99 -32.02
CA PRO H 236 -18.41 -9.17 -33.20
C PRO H 236 -18.39 -7.68 -32.89
N ILE H 237 -18.03 -6.89 -33.91
CA ILE H 237 -17.90 -5.45 -33.80
C ILE H 237 -18.74 -4.80 -34.89
N GLY H 238 -19.60 -3.86 -34.50
CA GLY H 238 -20.49 -3.21 -35.44
C GLY H 238 -20.16 -1.75 -35.67
N ARG H 239 -20.66 -1.18 -36.77
CA ARG H 239 -20.33 0.20 -37.11
C ARG H 239 -21.04 1.17 -36.15
N GLY H 240 -20.24 2.02 -35.50
CA GLY H 240 -20.73 2.90 -34.47
C GLY H 240 -20.41 2.48 -33.06
N GLN H 241 -19.64 1.41 -32.89
CA GLN H 241 -19.32 0.84 -31.59
C GLN H 241 -17.93 1.30 -31.14
N ARG H 242 -17.65 1.12 -29.86
CA ARG H 242 -16.33 1.37 -29.29
C ARG H 242 -15.85 0.10 -28.61
N GLU H 243 -14.91 -0.60 -29.23
CA GLU H 243 -14.37 -1.84 -28.71
C GLU H 243 -12.94 -1.63 -28.26
N LEU H 244 -12.65 -2.00 -27.02
CA LEU H 244 -11.33 -1.80 -26.44
C LEU H 244 -10.46 -3.03 -26.66
N ILE H 245 -9.21 -2.80 -27.04
CA ILE H 245 -8.20 -3.84 -27.16
C ILE H 245 -7.18 -3.62 -26.05
N ILE H 246 -7.16 -4.54 -25.08
CA ILE H 246 -6.31 -4.42 -23.91
C ILE H 246 -5.40 -5.63 -23.86
N GLY H 247 -4.15 -5.40 -23.47
CA GLY H 247 -3.21 -6.51 -23.40
C GLY H 247 -1.88 -6.19 -22.78
N ASP H 248 -0.81 -6.68 -23.40
CA ASP H 248 0.54 -6.50 -22.89
C ASP H 248 1.45 -6.15 -24.07
N ARG H 249 2.68 -5.77 -23.75
CA ARG H 249 3.60 -5.31 -24.79
C ARG H 249 4.02 -6.44 -25.72
N GLN H 250 4.06 -7.68 -25.21
CA GLN H 250 4.50 -8.81 -26.02
C GLN H 250 3.53 -9.08 -27.17
N THR H 251 2.22 -9.04 -26.89
CA THR H 251 1.23 -9.42 -27.87
C THR H 251 1.13 -8.37 -28.99
N GLY H 252 0.70 -8.82 -30.16
CA GLY H 252 0.65 -7.96 -31.33
C GLY H 252 -0.66 -7.23 -31.55
N LYS H 253 -0.96 -6.23 -30.71
CA LYS H 253 -2.16 -5.44 -30.91
C LYS H 253 -2.10 -4.65 -32.21
N THR H 254 -0.93 -4.08 -32.52
CA THR H 254 -0.80 -3.30 -33.74
C THR H 254 -1.03 -4.17 -34.98
N SER H 255 -0.69 -5.47 -34.88
CA SER H 255 -0.99 -6.38 -35.99
C SER H 255 -2.49 -6.51 -36.19
N VAL H 256 -3.25 -6.61 -35.10
CA VAL H 256 -4.71 -6.66 -35.22
C VAL H 256 -5.23 -5.40 -35.87
N ALA H 257 -4.72 -4.24 -35.44
CA ALA H 257 -5.19 -2.98 -36.03
C ALA H 257 -4.86 -2.89 -37.51
N ILE H 258 -3.65 -3.30 -37.90
CA ILE H 258 -3.24 -3.19 -39.30
C ILE H 258 -4.02 -4.16 -40.16
N ASP H 259 -4.29 -5.37 -39.65
CA ASP H 259 -5.14 -6.30 -40.39
C ASP H 259 -6.53 -5.73 -40.59
N THR H 260 -7.12 -5.14 -39.54
CA THR H 260 -8.45 -4.56 -39.65
C THR H 260 -8.47 -3.42 -40.66
N ILE H 261 -7.43 -2.58 -40.67
CA ILE H 261 -7.40 -1.47 -41.62
C ILE H 261 -7.24 -1.98 -43.04
N ILE H 262 -6.41 -3.02 -43.24
CA ILE H 262 -6.21 -3.57 -44.57
C ILE H 262 -7.50 -4.19 -45.10
N ASN H 263 -8.21 -4.93 -44.26
CA ASN H 263 -9.40 -5.68 -44.67
C ASN H 263 -10.58 -4.78 -45.06
N GLN H 264 -10.45 -3.45 -44.99
CA GLN H 264 -11.52 -2.54 -45.37
C GLN H 264 -11.41 -2.08 -46.82
N LYS H 265 -10.79 -2.88 -47.69
CA LYS H 265 -10.53 -2.42 -49.05
C LYS H 265 -11.79 -2.36 -49.89
N ASP H 266 -12.62 -3.40 -49.82
CA ASP H 266 -13.82 -3.45 -50.65
C ASP H 266 -14.90 -2.49 -50.13
N GLN H 267 -15.06 -2.42 -48.81
CA GLN H 267 -16.08 -1.59 -48.20
C GLN H 267 -15.80 -0.11 -48.46
N ASN H 268 -16.75 0.74 -48.07
CA ASN H 268 -16.63 2.18 -48.25
C ASN H 268 -16.45 2.82 -46.88
N MET H 269 -15.21 2.90 -46.43
CA MET H 269 -14.90 3.41 -45.10
C MET H 269 -13.55 4.09 -45.10
N ILE H 270 -13.47 5.27 -44.51
CA ILE H 270 -12.22 5.99 -44.32
C ILE H 270 -11.63 5.58 -42.97
N SER H 271 -10.31 5.47 -42.91
CA SER H 271 -9.62 5.07 -41.70
C SER H 271 -8.67 6.17 -41.25
N ILE H 272 -8.49 6.27 -39.93
CA ILE H 272 -7.56 7.21 -39.33
C ILE H 272 -6.74 6.46 -38.29
N TYR H 273 -5.42 6.54 -38.41
CA TYR H 273 -4.50 5.91 -37.46
C TYR H 273 -3.82 7.01 -36.66
N VAL H 274 -3.95 6.94 -35.34
CA VAL H 274 -3.36 7.90 -34.42
C VAL H 274 -2.32 7.17 -33.59
N ALA H 275 -1.08 7.63 -33.66
CA ALA H 275 0.03 7.04 -32.92
C ALA H 275 0.50 8.04 -31.86
N ILE H 276 0.51 7.62 -30.60
CA ILE H 276 0.81 8.49 -29.48
C ILE H 276 2.01 7.91 -28.73
N GLY H 277 3.11 8.65 -28.69
CA GLY H 277 4.28 8.24 -27.95
C GLY H 277 4.98 7.01 -28.47
N GLN H 278 5.14 6.89 -29.78
CA GLN H 278 5.80 5.76 -30.39
C GLN H 278 7.12 6.19 -31.02
N LYS H 279 7.99 5.21 -31.25
CA LYS H 279 9.20 5.47 -32.02
C LYS H 279 8.83 5.89 -33.44
N GLU H 280 9.54 6.89 -33.97
CA GLU H 280 9.27 7.32 -35.33
C GLU H 280 9.60 6.23 -36.33
N SER H 281 10.57 5.37 -36.01
CA SER H 281 10.91 4.27 -36.90
C SER H 281 9.74 3.29 -37.04
N THR H 282 9.07 2.96 -35.93
CA THR H 282 7.93 2.05 -36.00
C THR H 282 6.78 2.68 -36.77
N VAL H 283 6.59 3.99 -36.63
CA VAL H 283 5.56 4.67 -37.40
C VAL H 283 5.88 4.59 -38.88
N ARG H 284 7.15 4.75 -39.24
CA ARG H 284 7.53 4.65 -40.65
C ARG H 284 7.34 3.23 -41.18
N THR H 285 7.64 2.21 -40.37
CA THR H 285 7.40 0.84 -40.80
C THR H 285 5.90 0.59 -41.01
N VAL H 286 5.07 1.11 -40.12
CA VAL H 286 3.63 0.95 -40.26
C VAL H 286 3.14 1.64 -41.54
N VAL H 287 3.64 2.84 -41.81
CA VAL H 287 3.23 3.56 -43.01
C VAL H 287 3.67 2.81 -44.26
N GLU H 288 4.87 2.21 -44.22
CA GLU H 288 5.34 1.44 -45.36
C GLU H 288 4.47 0.21 -45.59
N THR H 289 4.13 -0.51 -44.51
CA THR H 289 3.24 -1.66 -44.65
C THR H 289 1.88 -1.25 -45.21
N LEU H 290 1.36 -0.10 -44.77
CA LEU H 290 0.10 0.39 -45.30
C LEU H 290 0.22 0.71 -46.79
N ARG H 291 1.29 1.39 -47.19
CA ARG H 291 1.43 1.78 -48.59
C ARG H 291 1.62 0.58 -49.50
N LYS H 292 2.30 -0.46 -49.03
CA LYS H 292 2.53 -1.63 -49.87
C LYS H 292 1.21 -2.29 -50.26
N HIS H 293 0.28 -2.42 -49.31
CA HIS H 293 -1.01 -3.04 -49.56
C HIS H 293 -2.02 -2.08 -50.19
N GLY H 294 -1.57 -0.93 -50.69
CA GLY H 294 -2.49 0.02 -51.32
C GLY H 294 -3.56 0.56 -50.40
N ALA H 295 -3.21 0.77 -49.13
CA ALA H 295 -4.17 1.20 -48.13
C ALA H 295 -4.10 2.70 -47.84
N LEU H 296 -3.33 3.46 -48.62
CA LEU H 296 -3.23 4.89 -48.43
C LEU H 296 -4.15 5.69 -49.35
N ASP H 297 -5.08 5.01 -50.01
CA ASP H 297 -6.14 5.72 -50.73
C ASP H 297 -7.24 6.20 -49.81
N TYR H 298 -7.33 5.63 -48.61
CA TYR H 298 -8.42 5.93 -47.68
C TYR H 298 -7.93 6.01 -46.24
N THR H 299 -6.69 6.43 -46.01
CA THR H 299 -6.12 6.45 -44.67
C THR H 299 -5.44 7.77 -44.39
N ILE H 300 -5.59 8.25 -43.15
CA ILE H 300 -4.89 9.41 -42.64
C ILE H 300 -4.11 8.96 -41.41
N VAL H 301 -2.88 9.46 -41.28
CA VAL H 301 -2.03 9.12 -40.15
C VAL H 301 -1.71 10.39 -39.38
N VAL H 302 -1.96 10.37 -38.08
CA VAL H 302 -1.62 11.45 -37.16
C VAL H 302 -0.62 10.88 -36.15
N THR H 303 0.50 11.57 -35.97
CA THR H 303 1.61 11.04 -35.19
C THR H 303 2.13 12.07 -34.20
N ALA H 304 2.49 11.59 -33.00
CA ALA H 304 3.15 12.40 -31.98
C ALA H 304 4.15 11.47 -31.28
N SER H 305 5.42 11.57 -31.67
CA SER H 305 6.43 10.64 -31.19
C SER H 305 6.83 10.97 -29.75
N ALA H 306 7.72 10.13 -29.20
CA ALA H 306 8.05 10.23 -27.79
C ALA H 306 8.90 11.44 -27.46
N SER H 307 9.62 12.01 -28.43
CA SER H 307 10.44 13.18 -28.18
C SER H 307 9.65 14.49 -28.21
N GLN H 308 8.43 14.46 -28.73
CA GLN H 308 7.63 15.67 -28.80
C GLN H 308 7.17 16.10 -27.41
N PRO H 309 6.88 17.38 -27.22
CA PRO H 309 6.42 17.83 -25.91
C PRO H 309 5.09 17.21 -25.53
N ALA H 310 4.87 17.09 -24.22
CA ALA H 310 3.65 16.46 -23.70
C ALA H 310 2.35 17.03 -24.24
N PRO H 311 2.19 18.34 -24.44
CA PRO H 311 0.90 18.85 -24.95
C PRO H 311 0.45 18.23 -26.26
N LEU H 312 1.37 17.98 -27.19
CA LEU H 312 0.98 17.37 -28.45
C LEU H 312 0.50 15.93 -28.24
N LEU H 313 1.15 15.20 -27.34
CA LEU H 313 0.71 13.84 -27.02
C LEU H 313 -0.66 13.85 -26.36
N PHE H 314 -0.96 14.90 -25.59
CA PHE H 314 -2.27 15.01 -24.97
C PHE H 314 -3.35 15.42 -25.97
N LEU H 315 -3.00 16.19 -26.99
CA LEU H 315 -3.98 16.70 -27.95
C LEU H 315 -4.12 15.85 -29.22
N ALA H 316 -3.29 14.82 -29.41
CA ALA H 316 -3.39 14.05 -30.65
C ALA H 316 -4.73 13.36 -30.87
N PRO H 317 -5.28 12.59 -29.90
CA PRO H 317 -6.55 11.89 -30.19
C PRO H 317 -7.70 12.83 -30.52
N TYR H 318 -7.75 14.00 -29.91
CA TYR H 318 -8.81 14.95 -30.21
C TYR H 318 -8.72 15.46 -31.63
N ALA H 319 -7.50 15.70 -32.12
CA ALA H 319 -7.32 16.08 -33.52
C ALA H 319 -7.75 14.96 -34.45
N GLY H 320 -7.41 13.72 -34.12
CA GLY H 320 -7.84 12.61 -34.95
C GLY H 320 -9.35 12.49 -35.04
N VAL H 321 -10.03 12.55 -33.89
CA VAL H 321 -11.48 12.43 -33.90
C VAL H 321 -12.13 13.66 -34.55
N ALA H 322 -11.50 14.83 -34.45
CA ALA H 322 -12.05 16.00 -35.11
C ALA H 322 -11.95 15.89 -36.62
N MET H 323 -10.88 15.29 -37.12
CA MET H 323 -10.80 15.03 -38.56
C MET H 323 -11.81 13.98 -38.98
N GLY H 324 -12.07 13.00 -38.13
CA GLY H 324 -13.09 11.99 -38.46
C GLY H 324 -14.50 12.56 -38.49
N GLU H 325 -14.82 13.47 -37.56
CA GLU H 325 -16.16 14.03 -37.47
C GLU H 325 -16.52 14.84 -38.71
N TYR H 326 -15.55 15.32 -39.47
CA TYR H 326 -15.87 16.01 -40.71
C TYR H 326 -16.56 15.09 -41.70
N PHE H 327 -16.07 13.86 -41.82
CA PHE H 327 -16.71 12.87 -42.68
C PHE H 327 -17.96 12.28 -42.04
N MET H 328 -17.97 12.15 -40.70
CA MET H 328 -19.13 11.56 -40.03
C MET H 328 -20.40 12.37 -40.29
N TYR H 329 -20.31 13.70 -40.25
CA TYR H 329 -21.48 14.56 -40.36
C TYR H 329 -21.83 14.88 -41.80
N LYS H 330 -21.43 14.04 -42.75
CA LYS H 330 -21.83 14.16 -44.14
C LYS H 330 -22.54 12.94 -44.67
N GLY H 331 -22.37 11.77 -44.07
CA GLY H 331 -23.04 10.58 -44.52
C GLY H 331 -22.09 9.41 -44.74
N LYS H 332 -20.83 9.59 -44.35
CA LYS H 332 -19.79 8.59 -44.57
C LYS H 332 -19.45 7.89 -43.27
N HIS H 333 -18.72 6.78 -43.40
CA HIS H 333 -18.38 5.93 -42.28
C HIS H 333 -16.87 5.98 -42.06
N VAL H 334 -16.46 6.16 -40.81
CA VAL H 334 -15.06 6.36 -40.45
C VAL H 334 -14.68 5.35 -39.37
N LEU H 335 -13.40 5.00 -39.33
CA LEU H 335 -12.85 4.14 -38.29
C LEU H 335 -11.58 4.78 -37.76
N VAL H 336 -11.44 4.84 -36.44
CA VAL H 336 -10.34 5.54 -35.80
C VAL H 336 -9.65 4.59 -34.82
N VAL H 337 -8.32 4.57 -34.85
CA VAL H 337 -7.50 3.70 -34.00
C VAL H 337 -6.59 4.58 -33.16
N TYR H 338 -6.57 4.33 -31.85
CA TYR H 338 -5.72 5.06 -30.91
C TYR H 338 -4.60 4.11 -30.47
N ASP H 339 -3.37 4.41 -30.90
CA ASP H 339 -2.28 3.46 -30.72
C ASP H 339 -2.01 3.15 -29.27
N ASP H 340 -2.17 4.14 -28.39
CA ASP H 340 -2.12 3.87 -26.96
C ASP H 340 -2.71 5.07 -26.22
N LEU H 341 -3.62 4.79 -25.29
CA LEU H 341 -4.20 5.83 -24.44
C LEU H 341 -3.50 5.95 -23.10
N SER H 342 -2.76 4.92 -22.69
CA SER H 342 -1.97 4.98 -21.46
C SER H 342 -0.75 5.88 -21.59
N LYS H 343 -0.42 6.34 -22.80
CA LYS H 343 0.61 7.36 -22.98
C LYS H 343 0.01 8.76 -22.96
N GLN H 344 -1.20 8.91 -23.50
CA GLN H 344 -1.93 10.15 -23.36
C GLN H 344 -2.19 10.47 -21.90
N ALA H 345 -2.54 9.44 -21.11
CA ALA H 345 -2.78 9.65 -19.69
C ALA H 345 -1.52 10.15 -18.97
N ALA H 346 -0.37 9.56 -19.29
CA ALA H 346 0.88 9.98 -18.66
C ALA H 346 1.27 11.40 -19.07
N ALA H 347 1.06 11.75 -20.34
CA ALA H 347 1.33 13.12 -20.77
C ALA H 347 0.43 14.11 -20.05
N TYR H 348 -0.85 13.78 -19.89
CA TYR H 348 -1.77 14.65 -19.17
C TYR H 348 -1.35 14.81 -17.71
N ARG H 349 -0.96 13.72 -17.07
CA ARG H 349 -0.52 13.81 -15.68
C ARG H 349 0.70 14.71 -15.54
N GLU H 350 1.67 14.56 -16.45
CA GLU H 350 2.85 15.42 -16.41
C GLU H 350 2.48 16.88 -16.58
N LEU H 351 1.59 17.17 -17.53
CA LEU H 351 1.15 18.54 -17.76
C LEU H 351 0.50 19.13 -16.51
N SER H 352 -0.40 18.37 -15.88
CA SER H 352 -1.11 18.86 -14.71
C SER H 352 -0.16 19.08 -13.54
N LEU H 353 0.79 18.17 -13.33
CA LEU H 353 1.76 18.35 -12.25
C LEU H 353 2.62 19.57 -12.48
N LEU H 354 3.01 19.83 -13.74
CA LEU H 354 3.82 21.01 -14.02
C LEU H 354 3.03 22.29 -13.88
N LEU H 355 1.71 22.24 -14.09
CA LEU H 355 0.87 23.42 -13.87
C LEU H 355 0.48 23.60 -12.41
N ARG H 356 0.97 22.74 -11.51
CA ARG H 356 0.75 22.84 -10.07
C ARG H 356 -0.73 22.69 -9.72
N ARG H 357 -1.29 21.56 -10.13
CA ARG H 357 -2.62 21.15 -9.75
C ARG H 357 -2.55 19.96 -8.81
N PRO H 358 -3.43 19.87 -7.82
CA PRO H 358 -3.30 18.83 -6.79
C PRO H 358 -3.35 17.44 -7.39
N PRO H 359 -2.49 16.53 -6.92
CA PRO H 359 -2.51 15.16 -7.43
C PRO H 359 -3.63 14.34 -6.81
N GLY H 360 -3.80 13.13 -7.34
CA GLY H 360 -4.80 12.21 -6.87
C GLY H 360 -4.18 10.84 -6.63
N ARG H 361 -4.88 9.81 -7.07
CA ARG H 361 -4.37 8.45 -6.94
C ARG H 361 -3.26 8.22 -7.96
N GLU H 362 -2.10 7.77 -7.49
CA GLU H 362 -0.92 7.54 -8.32
C GLU H 362 -0.51 8.81 -9.07
N ALA H 363 -0.71 9.96 -8.43
CA ALA H 363 -0.38 11.30 -8.92
C ALA H 363 -1.21 11.73 -10.12
N TYR H 364 -2.17 10.90 -10.57
CA TYR H 364 -3.03 11.31 -11.66
C TYR H 364 -3.96 12.43 -11.20
N PRO H 365 -4.30 13.35 -12.10
CA PRO H 365 -5.23 14.42 -11.73
C PRO H 365 -6.60 13.87 -11.37
N GLY H 366 -7.44 14.74 -10.83
CA GLY H 366 -8.77 14.33 -10.42
C GLY H 366 -9.64 13.89 -11.58
N ASP H 367 -9.61 14.64 -12.69
CA ASP H 367 -10.47 14.38 -13.83
C ASP H 367 -9.72 13.59 -14.90
N ILE H 368 -9.38 12.34 -14.56
CA ILE H 368 -8.77 11.44 -15.52
C ILE H 368 -9.79 10.50 -16.16
N PHE H 369 -10.96 10.33 -15.56
CA PHE H 369 -12.05 9.61 -16.21
C PHE H 369 -12.72 10.49 -17.26
N TYR H 370 -12.88 11.78 -16.95
CA TYR H 370 -13.50 12.71 -17.89
C TYR H 370 -12.68 12.83 -19.17
N LEU H 371 -11.35 12.83 -19.04
CA LEU H 371 -10.48 12.98 -20.20
C LEU H 371 -10.77 11.94 -21.27
N HIS H 372 -11.02 10.69 -20.86
CA HIS H 372 -11.25 9.63 -21.82
C HIS H 372 -12.73 9.45 -22.18
N SER H 373 -13.64 9.67 -21.23
CA SER H 373 -15.07 9.53 -21.54
C SER H 373 -15.53 10.61 -22.51
N ARG H 374 -15.07 11.85 -22.31
CA ARG H 374 -15.42 12.94 -23.22
C ARG H 374 -14.94 12.66 -24.64
N LEU H 375 -13.84 11.94 -24.80
CA LEU H 375 -13.32 11.63 -26.12
C LEU H 375 -14.07 10.45 -26.74
N LEU H 376 -14.23 9.37 -25.99
CA LEU H 376 -14.84 8.17 -26.55
C LEU H 376 -16.34 8.28 -26.72
N GLU H 377 -16.99 9.31 -26.16
CA GLU H 377 -18.42 9.47 -26.41
C GLU H 377 -18.71 10.21 -27.71
N ARG H 378 -17.69 10.64 -28.45
CA ARG H 378 -17.88 11.33 -29.71
C ARG H 378 -18.04 10.38 -30.89
N ALA H 379 -17.97 9.08 -30.66
CA ALA H 379 -18.20 8.06 -31.68
C ALA H 379 -19.63 7.57 -31.57
N ALA H 380 -20.40 7.70 -32.65
CA ALA H 380 -21.82 7.43 -32.60
C ALA H 380 -22.29 6.87 -33.94
N LYS H 381 -23.52 6.37 -33.95
CA LYS H 381 -24.23 6.01 -35.17
C LYS H 381 -25.41 6.95 -35.31
N LEU H 382 -25.31 7.90 -36.24
CA LEU H 382 -26.31 8.93 -36.36
C LEU H 382 -27.63 8.37 -36.90
N SER H 383 -28.70 9.11 -36.64
CA SER H 383 -30.03 8.72 -37.08
C SER H 383 -30.22 9.09 -38.54
N ASP H 384 -31.43 8.83 -39.06
CA ASP H 384 -31.71 9.13 -40.46
C ASP H 384 -31.86 10.62 -40.70
N ALA H 385 -32.39 11.36 -39.72
CA ALA H 385 -32.50 12.80 -39.88
C ALA H 385 -31.15 13.49 -39.83
N LYS H 386 -30.20 12.92 -39.07
CA LYS H 386 -28.86 13.50 -39.01
C LYS H 386 -28.05 13.21 -40.26
N GLY H 387 -28.30 12.08 -40.93
CA GLY H 387 -27.61 11.79 -42.17
C GLY H 387 -27.25 10.33 -42.36
N GLY H 388 -27.10 9.59 -41.27
CA GLY H 388 -26.82 8.17 -41.34
C GLY H 388 -25.36 7.79 -41.25
N GLY H 389 -24.46 8.73 -41.00
CA GLY H 389 -23.05 8.41 -40.86
C GLY H 389 -22.74 7.74 -39.54
N SER H 390 -21.47 7.40 -39.36
CA SER H 390 -21.05 6.72 -38.14
C SER H 390 -19.57 6.99 -37.90
N LEU H 391 -19.11 6.55 -36.72
CA LEU H 391 -17.70 6.61 -36.36
C LEU H 391 -17.41 5.47 -35.39
N THR H 392 -16.47 4.60 -35.75
CA THR H 392 -16.05 3.49 -34.90
C THR H 392 -14.71 3.83 -34.26
N ALA H 393 -14.50 3.34 -33.05
CA ALA H 393 -13.29 3.63 -32.29
C ALA H 393 -12.69 2.36 -31.75
N LEU H 394 -11.35 2.26 -31.78
CA LEU H 394 -10.63 1.08 -31.31
C LEU H 394 -9.46 1.50 -30.43
N PRO H 395 -9.72 1.91 -29.19
CA PRO H 395 -8.63 2.29 -28.29
C PRO H 395 -7.78 1.10 -27.90
N PHE H 396 -6.51 1.37 -27.62
CA PHE H 396 -5.55 0.37 -27.16
C PHE H 396 -5.14 0.69 -25.73
N VAL H 397 -4.99 -0.35 -24.91
CA VAL H 397 -4.48 -0.18 -23.56
C VAL H 397 -3.51 -1.31 -23.25
N GLU H 398 -2.40 -0.96 -22.59
CA GLU H 398 -1.35 -1.90 -22.23
C GLU H 398 -1.30 -2.05 -20.72
N THR H 399 -1.26 -3.29 -20.25
CA THR H 399 -1.15 -3.60 -18.84
C THR H 399 0.28 -3.99 -18.49
N GLN H 400 0.57 -4.02 -17.19
CA GLN H 400 1.87 -4.45 -16.69
C GLN H 400 1.69 -5.79 -16.00
N ALA H 401 2.35 -6.82 -16.53
CA ALA H 401 2.27 -8.19 -16.01
C ALA H 401 0.84 -8.73 -16.05
N GLY H 402 0.04 -8.24 -16.99
CA GLY H 402 -1.32 -8.74 -17.14
C GLY H 402 -2.23 -8.48 -15.95
N ASP H 403 -2.19 -7.28 -15.40
CA ASP H 403 -3.04 -6.90 -14.27
C ASP H 403 -4.07 -5.89 -14.76
N ILE H 404 -5.32 -6.33 -14.90
CA ILE H 404 -6.38 -5.48 -15.42
C ILE H 404 -7.20 -4.84 -14.31
N SER H 405 -6.78 -4.99 -13.06
CA SER H 405 -7.43 -4.33 -11.93
C SER H 405 -6.82 -2.97 -11.64
N ALA H 406 -5.92 -2.50 -12.49
CA ALA H 406 -5.22 -1.24 -12.26
C ALA H 406 -6.17 -0.06 -12.47
N TYR H 407 -5.61 1.15 -12.40
CA TYR H 407 -6.42 2.36 -12.43
C TYR H 407 -6.94 2.68 -13.82
N ILE H 408 -6.03 2.94 -14.76
CA ILE H 408 -6.44 3.30 -16.12
C ILE H 408 -7.17 2.17 -16.83
N PRO H 409 -6.73 0.90 -16.76
CA PRO H 409 -7.51 -0.17 -17.40
C PRO H 409 -8.94 -0.24 -16.91
N THR H 410 -9.18 -0.03 -15.61
CA THR H 410 -10.55 -0.07 -15.11
C THR H 410 -11.31 1.19 -15.50
N ASN H 411 -10.63 2.33 -15.61
CA ASN H 411 -11.31 3.53 -16.08
C ASN H 411 -11.81 3.36 -17.51
N VAL H 412 -10.98 2.77 -18.38
CA VAL H 412 -11.37 2.64 -19.78
C VAL H 412 -12.24 1.41 -20.03
N ILE H 413 -12.23 0.42 -19.14
CA ILE H 413 -13.09 -0.75 -19.34
C ILE H 413 -14.55 -0.36 -19.17
N SER H 414 -14.84 0.55 -18.25
CA SER H 414 -16.21 0.95 -17.95
C SER H 414 -16.74 2.03 -18.88
N ILE H 415 -16.09 2.28 -20.02
CA ILE H 415 -16.54 3.27 -20.98
C ILE H 415 -16.95 2.63 -22.30
N THR H 416 -16.24 1.60 -22.73
CA THR H 416 -16.41 0.99 -24.03
C THR H 416 -17.47 -0.10 -24.00
N ASP H 417 -17.87 -0.55 -25.20
CA ASP H 417 -18.86 -1.61 -25.36
C ASP H 417 -18.19 -2.96 -25.56
N GLY H 418 -17.36 -3.36 -24.60
CA GLY H 418 -16.73 -4.66 -24.62
C GLY H 418 -15.21 -4.57 -24.62
N GLN H 419 -14.59 -5.74 -24.61
CA GLN H 419 -13.14 -5.87 -24.52
C GLN H 419 -12.66 -6.97 -25.46
N ILE H 420 -11.38 -6.92 -25.80
CA ILE H 420 -10.67 -8.00 -26.49
C ILE H 420 -9.39 -8.23 -25.71
N PHE H 421 -9.40 -9.20 -24.81
CA PHE H 421 -8.28 -9.42 -23.90
C PHE H 421 -7.31 -10.42 -24.50
N LEU H 422 -6.05 -10.02 -24.67
CA LEU H 422 -5.00 -10.86 -25.18
C LEU H 422 -4.06 -11.24 -24.04
N GLN H 423 -3.72 -12.53 -23.95
CA GLN H 423 -2.93 -13.05 -22.86
C GLN H 423 -1.60 -13.59 -23.37
N SER H 424 -0.62 -13.64 -22.46
CA SER H 424 0.72 -14.09 -22.81
C SER H 424 0.93 -15.58 -22.56
N ASP H 425 0.27 -16.15 -21.55
CA ASP H 425 0.38 -17.59 -21.32
C ASP H 425 -0.32 -18.37 -22.41
N LEU H 426 -1.34 -17.79 -23.05
CA LEU H 426 -1.92 -18.40 -24.23
C LEU H 426 -1.14 -18.07 -25.50
N PHE H 427 -0.26 -17.07 -25.45
CA PHE H 427 0.57 -16.75 -26.60
C PHE H 427 1.63 -17.81 -26.83
N PHE H 428 2.23 -18.31 -25.74
CA PHE H 428 3.29 -19.31 -25.81
C PHE H 428 2.77 -20.74 -25.77
N SER H 429 1.46 -20.93 -25.62
CA SER H 429 0.85 -22.25 -25.69
C SER H 429 0.44 -22.62 -27.10
N GLY H 430 0.64 -21.74 -28.07
CA GLY H 430 0.29 -21.99 -29.46
C GLY H 430 -0.89 -21.19 -29.97
N VAL H 431 -1.74 -20.67 -29.07
CA VAL H 431 -2.87 -19.85 -29.47
C VAL H 431 -2.32 -18.48 -29.86
N ARG H 432 -2.14 -18.25 -31.15
CA ARG H 432 -1.41 -17.08 -31.60
C ARG H 432 -2.28 -15.81 -31.57
N PRO H 433 -3.55 -15.87 -31.99
CA PRO H 433 -4.42 -14.71 -31.74
C PRO H 433 -4.54 -14.37 -30.26
N ALA H 434 -4.33 -15.35 -29.38
CA ALA H 434 -4.19 -15.17 -27.94
C ALA H 434 -5.43 -14.60 -27.28
N ILE H 435 -6.57 -14.56 -27.97
CA ILE H 435 -7.77 -13.97 -27.40
C ILE H 435 -8.30 -14.90 -26.31
N ASN H 436 -8.44 -14.37 -25.11
CA ASN H 436 -9.06 -15.10 -24.00
C ASN H 436 -10.56 -14.93 -24.14
N ALA H 437 -11.21 -15.91 -24.77
CA ALA H 437 -12.65 -15.84 -24.98
C ALA H 437 -13.44 -15.97 -23.68
N GLY H 438 -12.79 -16.37 -22.59
CA GLY H 438 -13.47 -16.38 -21.30
C GLY H 438 -13.80 -14.99 -20.80
N LEU H 439 -12.89 -14.04 -21.01
CA LEU H 439 -13.06 -12.67 -20.49
C LEU H 439 -13.40 -11.64 -21.57
N SER H 440 -13.15 -11.93 -22.84
CA SER H 440 -13.59 -11.03 -23.89
C SER H 440 -15.11 -11.01 -23.97
N VAL H 441 -15.65 -9.87 -24.39
CA VAL H 441 -17.10 -9.68 -24.42
C VAL H 441 -17.43 -8.64 -25.48
N SER H 442 -18.70 -8.61 -25.89
CA SER H 442 -19.18 -7.61 -26.84
C SER H 442 -20.64 -7.34 -26.51
N ARG H 443 -20.93 -6.15 -26.00
CA ARG H 443 -22.29 -5.84 -25.56
C ARG H 443 -23.24 -5.59 -26.71
N VAL H 444 -22.73 -5.26 -27.89
CA VAL H 444 -23.56 -5.18 -29.09
C VAL H 444 -23.72 -6.54 -29.76
N GLY H 445 -23.03 -7.56 -29.26
CA GLY H 445 -22.90 -8.79 -30.01
C GLY H 445 -24.23 -9.41 -30.38
N GLY H 446 -24.25 -10.08 -31.52
CA GLY H 446 -25.47 -10.62 -32.10
C GLY H 446 -26.10 -9.70 -33.11
N ALA H 447 -26.31 -8.44 -32.74
CA ALA H 447 -26.88 -7.45 -33.64
C ALA H 447 -25.88 -6.94 -34.67
N ALA H 448 -24.60 -7.23 -34.50
CA ALA H 448 -23.55 -6.78 -35.41
C ALA H 448 -23.07 -7.91 -36.31
N GLN H 449 -23.96 -8.85 -36.65
CA GLN H 449 -23.62 -10.00 -37.46
C GLN H 449 -24.65 -10.15 -38.57
N ILE H 450 -24.31 -10.95 -39.57
CA ILE H 450 -25.27 -11.35 -40.58
C ILE H 450 -25.98 -12.61 -40.10
N LYS H 451 -27.12 -12.92 -40.72
CA LYS H 451 -27.96 -14.01 -40.24
C LYS H 451 -27.21 -15.34 -40.25
N ALA H 452 -26.42 -15.58 -41.31
CA ALA H 452 -25.69 -16.83 -41.43
C ALA H 452 -24.75 -17.05 -40.25
N MET H 453 -24.05 -16.00 -39.83
CA MET H 453 -23.14 -16.13 -38.70
C MET H 453 -23.90 -16.17 -37.37
N LYS H 454 -25.04 -15.49 -37.27
CA LYS H 454 -25.85 -15.60 -36.07
C LYS H 454 -26.27 -17.04 -35.83
N LYS H 455 -26.67 -17.74 -36.89
CA LYS H 455 -27.15 -19.11 -36.73
C LYS H 455 -26.07 -20.08 -36.27
N VAL H 456 -24.79 -19.74 -36.45
CA VAL H 456 -23.73 -20.73 -36.29
C VAL H 456 -22.80 -20.40 -35.11
N ALA H 457 -22.68 -19.11 -34.77
CA ALA H 457 -21.70 -18.72 -33.76
C ALA H 457 -22.12 -19.16 -32.35
N GLY H 458 -23.41 -19.29 -32.10
CA GLY H 458 -23.87 -19.66 -30.76
C GLY H 458 -23.38 -21.03 -30.35
N THR H 459 -23.43 -21.99 -31.28
CA THR H 459 -22.96 -23.34 -30.98
C THR H 459 -21.47 -23.35 -30.66
N LEU H 460 -20.67 -22.59 -31.42
CA LEU H 460 -19.24 -22.49 -31.14
C LEU H 460 -19.00 -21.90 -29.75
N ARG H 461 -19.71 -20.82 -29.43
CA ARG H 461 -19.57 -20.24 -28.10
C ARG H 461 -19.88 -21.26 -27.03
N LEU H 462 -21.00 -21.98 -27.20
CA LEU H 462 -21.43 -22.95 -26.19
C LEU H 462 -20.41 -24.06 -25.99
N ASP H 463 -19.94 -24.66 -27.08
CA ASP H 463 -19.07 -25.82 -26.91
C ASP H 463 -17.66 -25.42 -26.47
N LEU H 464 -17.15 -24.27 -26.92
CA LEU H 464 -15.86 -23.81 -26.40
C LEU H 464 -15.96 -23.49 -24.92
N ALA H 465 -17.06 -22.86 -24.51
CA ALA H 465 -17.25 -22.57 -23.09
C ALA H 465 -17.31 -23.86 -22.28
N ALA H 466 -18.04 -24.86 -22.78
CA ALA H 466 -18.13 -26.13 -22.07
C ALA H 466 -16.77 -26.81 -21.97
N TYR H 467 -16.00 -26.80 -23.05
CA TYR H 467 -14.69 -27.43 -23.04
C TYR H 467 -13.77 -26.76 -22.03
N ARG H 468 -13.75 -25.42 -22.02
CA ARG H 468 -12.88 -24.72 -21.08
C ARG H 468 -13.38 -24.84 -19.65
N GLU H 469 -14.69 -25.00 -19.45
CA GLU H 469 -15.22 -25.15 -18.10
C GLU H 469 -14.90 -26.51 -17.52
N LEU H 470 -15.01 -27.56 -18.33
CA LEU H 470 -14.74 -28.92 -17.86
C LEU H 470 -13.30 -29.36 -18.11
N GLU H 471 -12.45 -28.47 -18.63
CA GLU H 471 -11.06 -28.82 -18.86
C GLU H 471 -10.25 -28.88 -17.57
N ALA H 472 -10.61 -28.06 -16.58
CA ALA H 472 -9.77 -27.90 -15.40
C ALA H 472 -9.60 -29.22 -14.64
N PHE H 473 -10.67 -29.99 -14.48
CA PHE H 473 -10.63 -31.24 -13.73
C PHE H 473 -10.06 -32.40 -14.54
N ALA H 474 -9.79 -32.21 -15.83
CA ALA H 474 -9.23 -33.27 -16.66
C ALA H 474 -7.79 -33.56 -16.27
N ASP H 479 -10.41 -42.32 -14.26
CA ASP H 479 -11.38 -42.72 -15.26
C ASP H 479 -12.19 -41.51 -15.72
N LEU H 480 -12.81 -41.62 -16.90
CA LEU H 480 -13.61 -40.55 -17.47
C LEU H 480 -14.76 -41.14 -18.27
N ASP H 481 -15.85 -40.37 -18.37
CA ASP H 481 -17.07 -40.83 -19.01
C ASP H 481 -16.91 -40.89 -20.52
N LYS H 482 -17.66 -41.80 -21.14
CA LYS H 482 -17.47 -42.09 -22.56
C LYS H 482 -17.71 -40.86 -23.43
N ALA H 483 -18.75 -40.09 -23.12
CA ALA H 483 -18.99 -38.86 -23.87
C ALA H 483 -17.94 -37.80 -23.55
N THR H 484 -17.48 -37.76 -22.30
CA THR H 484 -16.62 -36.66 -21.87
C THR H 484 -15.42 -36.51 -22.78
N GLN H 485 -14.68 -37.59 -23.02
CA GLN H 485 -13.49 -37.48 -23.85
C GLN H 485 -13.85 -36.92 -25.23
N ALA H 486 -14.94 -37.43 -25.81
CA ALA H 486 -15.35 -36.90 -27.10
C ALA H 486 -15.54 -35.40 -27.03
N LYS H 487 -16.23 -34.93 -26.00
CA LYS H 487 -16.44 -33.49 -25.85
C LYS H 487 -15.10 -32.78 -25.80
N LEU H 488 -14.17 -33.32 -25.03
CA LEU H 488 -12.85 -32.70 -24.94
C LEU H 488 -12.22 -32.60 -26.32
N ALA H 489 -12.32 -33.68 -27.10
CA ALA H 489 -11.77 -33.65 -28.45
C ALA H 489 -12.40 -32.53 -29.25
N ARG H 490 -13.73 -32.39 -29.14
CA ARG H 490 -14.40 -31.31 -29.85
C ARG H 490 -13.77 -29.99 -29.47
N GLY H 491 -13.59 -29.76 -28.17
CA GLY H 491 -12.99 -28.52 -27.73
C GLY H 491 -11.64 -28.31 -28.39
N ALA H 492 -10.83 -29.36 -28.39
CA ALA H 492 -9.50 -29.23 -28.97
C ALA H 492 -9.60 -28.82 -30.43
N ARG H 493 -10.53 -29.45 -31.15
CA ARG H 493 -10.68 -29.09 -32.56
C ARG H 493 -11.01 -27.61 -32.70
N THR H 494 -11.90 -27.11 -31.85
CA THR H 494 -12.22 -25.69 -31.92
C THR H 494 -10.97 -24.86 -31.69
N VAL H 495 -10.17 -25.24 -30.69
CA VAL H 495 -8.97 -24.46 -30.37
C VAL H 495 -8.01 -24.49 -31.55
N GLU H 496 -8.07 -25.56 -32.35
CA GLU H 496 -7.20 -25.63 -33.51
C GLU H 496 -7.76 -24.83 -34.68
N VAL H 497 -9.08 -24.69 -34.75
CA VAL H 497 -9.69 -24.04 -35.90
C VAL H 497 -9.79 -22.53 -35.72
N LEU H 498 -9.70 -22.02 -34.49
CA LEU H 498 -9.76 -20.58 -34.29
C LEU H 498 -8.48 -19.86 -34.69
N LYS H 499 -7.32 -20.52 -34.54
CA LYS H 499 -6.05 -19.86 -34.77
C LYS H 499 -5.78 -19.65 -36.25
N GLN H 500 -5.08 -18.57 -36.57
CA GLN H 500 -4.74 -18.23 -37.95
C GLN H 500 -3.46 -17.40 -37.96
N ASP H 501 -2.87 -17.28 -39.14
CA ASP H 501 -1.58 -16.63 -39.29
C ASP H 501 -1.75 -15.12 -39.41
N LEU H 502 -0.67 -14.42 -39.76
CA LEU H 502 -0.66 -12.97 -39.84
C LEU H 502 -0.85 -12.51 -41.29
N HIS H 503 -1.62 -11.44 -41.46
CA HIS H 503 -1.88 -10.85 -42.77
C HIS H 503 -2.54 -11.85 -43.72
N GLN H 504 -3.46 -12.65 -43.19
CA GLN H 504 -4.26 -13.59 -43.98
C GLN H 504 -5.74 -13.35 -43.69
N PRO H 505 -6.33 -12.33 -44.31
CA PRO H 505 -7.76 -12.06 -44.09
C PRO H 505 -8.65 -13.06 -44.83
N ILE H 506 -9.68 -13.52 -44.15
CA ILE H 506 -10.60 -14.54 -44.66
C ILE H 506 -11.96 -13.88 -44.91
N PRO H 507 -12.49 -13.92 -46.12
CA PRO H 507 -13.83 -13.36 -46.35
C PRO H 507 -14.90 -14.11 -45.57
N VAL H 508 -15.91 -13.36 -45.12
CA VAL H 508 -16.86 -13.86 -44.13
C VAL H 508 -17.54 -15.13 -44.63
N GLU H 509 -17.92 -15.17 -45.90
CA GLU H 509 -18.50 -16.40 -46.44
C GLU H 509 -17.67 -17.60 -46.00
N LYS H 510 -16.41 -17.65 -46.43
CA LYS H 510 -15.58 -18.80 -46.11
C LYS H 510 -15.59 -19.08 -44.62
N GLN H 511 -15.47 -18.02 -43.82
CA GLN H 511 -15.53 -18.20 -42.37
C GLN H 511 -16.74 -19.03 -42.00
N VAL H 512 -17.94 -18.51 -42.28
CA VAL H 512 -19.12 -19.23 -41.83
C VAL H 512 -19.05 -20.66 -42.35
N LEU H 513 -18.57 -20.84 -43.58
CA LEU H 513 -18.54 -22.18 -44.14
C LEU H 513 -17.79 -23.10 -43.19
N ILE H 514 -16.52 -22.80 -42.94
CA ILE H 514 -15.73 -23.71 -42.13
C ILE H 514 -16.36 -23.83 -40.75
N ILE H 515 -16.92 -22.74 -40.22
CA ILE H 515 -17.49 -22.82 -38.88
C ILE H 515 -18.57 -23.89 -38.87
N TYR H 516 -19.46 -23.84 -39.86
CA TYR H 516 -20.48 -24.87 -39.99
C TYR H 516 -19.85 -26.24 -40.09
N ALA H 517 -18.86 -26.38 -40.97
CA ALA H 517 -18.23 -27.68 -41.18
C ALA H 517 -17.64 -28.23 -39.90
N LEU H 518 -17.37 -27.36 -38.93
CA LEU H 518 -16.89 -27.79 -37.64
C LEU H 518 -18.03 -28.13 -36.68
N THR H 519 -19.03 -27.26 -36.62
CA THR H 519 -19.95 -27.26 -35.49
C THR H 519 -20.85 -28.49 -35.47
N ARG H 520 -20.97 -29.20 -36.59
CA ARG H 520 -21.78 -30.40 -36.66
C ARG H 520 -20.96 -31.68 -36.57
N GLY H 521 -19.71 -31.58 -36.10
CA GLY H 521 -18.90 -32.76 -35.87
C GLY H 521 -18.24 -33.37 -37.09
N PHE H 522 -18.34 -32.72 -38.25
CA PHE H 522 -17.73 -33.26 -39.46
C PHE H 522 -16.21 -33.35 -39.35
N LEU H 523 -15.61 -32.65 -38.39
CA LEU H 523 -14.17 -32.75 -38.18
C LEU H 523 -13.77 -33.94 -37.33
N ASP H 524 -14.73 -34.61 -36.68
CA ASP H 524 -14.41 -35.66 -35.73
C ASP H 524 -13.70 -36.85 -36.39
N ASP H 525 -13.74 -36.95 -37.71
CA ASP H 525 -13.09 -38.03 -38.43
C ASP H 525 -11.67 -37.68 -38.85
N ILE H 526 -11.14 -36.55 -38.40
CA ILE H 526 -9.80 -36.11 -38.79
C ILE H 526 -9.00 -35.74 -37.54
N PRO H 527 -7.75 -36.21 -37.43
CA PRO H 527 -6.98 -35.97 -36.21
C PRO H 527 -6.63 -34.50 -36.02
N VAL H 528 -6.45 -34.12 -34.75
CA VAL H 528 -6.30 -32.72 -34.39
C VAL H 528 -5.10 -32.10 -35.10
N GLU H 529 -3.98 -32.81 -35.17
CA GLU H 529 -2.79 -32.23 -35.77
C GLU H 529 -2.98 -31.96 -37.26
N ASP H 530 -3.98 -32.56 -37.89
CA ASP H 530 -4.26 -32.30 -39.29
C ASP H 530 -5.32 -31.23 -39.51
N VAL H 531 -5.93 -30.72 -38.45
CA VAL H 531 -7.09 -29.84 -38.58
C VAL H 531 -6.75 -28.62 -39.43
N ARG H 532 -5.65 -27.94 -39.10
CA ARG H 532 -5.27 -26.76 -39.86
C ARG H 532 -5.14 -27.07 -41.34
N ARG H 533 -4.59 -28.25 -41.67
CA ARG H 533 -4.44 -28.62 -43.07
C ARG H 533 -5.79 -28.69 -43.75
N PHE H 534 -6.78 -29.28 -43.08
CA PHE H 534 -8.15 -29.23 -43.57
C PHE H 534 -8.55 -27.80 -43.89
N GLU H 535 -8.31 -26.89 -42.92
CA GLU H 535 -8.67 -25.49 -43.11
C GLU H 535 -7.98 -24.90 -44.34
N LYS H 536 -6.77 -25.37 -44.65
CA LYS H 536 -6.08 -24.88 -45.84
C LYS H 536 -6.69 -25.43 -47.11
N GLU H 537 -7.13 -26.69 -47.09
CA GLU H 537 -7.58 -27.36 -48.30
C GLU H 537 -9.05 -27.16 -48.59
N PHE H 538 -9.85 -26.81 -47.59
CA PHE H 538 -11.29 -26.62 -47.82
C PHE H 538 -11.52 -25.40 -48.71
N TYR H 539 -10.90 -24.26 -48.37
CA TYR H 539 -11.16 -23.02 -49.09
C TYR H 539 -10.81 -23.16 -50.57
N LEU H 540 -9.62 -23.69 -50.86
CA LEU H 540 -9.23 -23.86 -52.26
C LEU H 540 -10.16 -24.81 -52.98
N PHE H 541 -10.75 -25.77 -52.26
CA PHE H 541 -11.74 -26.65 -52.87
C PHE H 541 -12.95 -25.85 -53.34
N LEU H 542 -13.33 -24.81 -52.60
CA LEU H 542 -14.40 -23.92 -53.02
C LEU H 542 -13.94 -22.91 -54.05
N ASP H 543 -12.65 -22.85 -54.36
CA ASP H 543 -12.17 -21.90 -55.36
C ASP H 543 -12.74 -22.21 -56.74
N GLN H 544 -12.98 -23.50 -57.03
CA GLN H 544 -13.55 -23.92 -58.30
C GLN H 544 -14.85 -24.69 -58.14
N ASN H 545 -15.25 -25.06 -56.92
CA ASN H 545 -16.45 -25.84 -56.67
C ASN H 545 -17.36 -25.09 -55.71
N GLY H 546 -18.67 -25.24 -55.90
CA GLY H 546 -19.61 -24.59 -55.01
C GLY H 546 -19.58 -23.08 -55.02
N GLN H 547 -19.05 -22.47 -56.09
CA GLN H 547 -18.97 -21.02 -56.16
C GLN H 547 -20.33 -20.37 -55.98
N HIS H 548 -21.36 -20.93 -56.63
CA HIS H 548 -22.70 -20.41 -56.46
C HIS H 548 -23.04 -20.28 -54.98
N LEU H 549 -22.72 -21.30 -54.18
CA LEU H 549 -22.94 -21.23 -52.75
C LEU H 549 -22.40 -19.91 -52.20
N LEU H 550 -21.11 -19.69 -52.39
CA LEU H 550 -20.49 -18.45 -51.90
C LEU H 550 -21.28 -17.25 -52.38
N GLU H 551 -21.61 -17.22 -53.68
CA GLU H 551 -22.31 -16.05 -54.20
C GLU H 551 -23.59 -15.81 -53.43
N HIS H 552 -24.34 -16.88 -53.18
CA HIS H 552 -25.58 -16.75 -52.42
C HIS H 552 -25.31 -16.17 -51.05
N ILE H 553 -24.29 -16.70 -50.37
CA ILE H 553 -23.98 -16.22 -49.03
C ILE H 553 -23.63 -14.75 -49.08
N ARG H 554 -23.04 -14.31 -50.19
CA ARG H 554 -22.66 -12.92 -50.33
C ARG H 554 -23.86 -12.03 -50.63
N THR H 555 -24.87 -12.57 -51.31
CA THR H 555 -25.94 -11.72 -51.83
C THR H 555 -27.21 -11.73 -50.99
N THR H 556 -27.44 -12.78 -50.19
CA THR H 556 -28.59 -12.81 -49.29
C THR H 556 -28.21 -12.87 -47.82
N LYS H 557 -26.91 -12.93 -47.51
CA LYS H 557 -26.42 -12.95 -46.13
C LYS H 557 -27.10 -14.03 -45.28
N ASP H 558 -27.51 -15.12 -45.93
CA ASP H 558 -28.18 -16.21 -45.25
C ASP H 558 -27.58 -17.54 -45.71
N LEU H 559 -27.70 -18.55 -44.85
CA LEU H 559 -27.15 -19.85 -45.16
C LEU H 559 -27.85 -20.44 -46.39
N PRO H 560 -27.11 -21.06 -47.30
CA PRO H 560 -27.74 -21.67 -48.48
C PRO H 560 -28.36 -23.02 -48.15
N ASN H 561 -28.82 -23.73 -49.18
CA ASN H 561 -29.47 -25.03 -48.99
C ASN H 561 -28.57 -26.01 -48.26
N GLU H 562 -28.93 -26.34 -47.01
CA GLU H 562 -28.02 -27.08 -46.14
C GLU H 562 -27.60 -28.40 -46.76
N ASP H 563 -28.54 -29.15 -47.31
CA ASP H 563 -28.19 -30.42 -47.91
C ASP H 563 -27.02 -30.25 -48.88
N ASP H 564 -27.09 -29.26 -49.77
CA ASP H 564 -26.03 -29.09 -50.74
C ASP H 564 -24.70 -28.90 -50.04
N LEU H 565 -24.66 -28.04 -49.03
CA LEU H 565 -23.43 -27.85 -48.28
C LEU H 565 -22.91 -29.19 -47.79
N ASN H 566 -23.77 -29.95 -47.11
CA ASN H 566 -23.32 -31.24 -46.60
C ASN H 566 -22.69 -32.05 -47.73
N LYS H 567 -23.38 -32.10 -48.87
CA LYS H 567 -22.90 -32.90 -49.98
C LYS H 567 -21.49 -32.48 -50.35
N ALA H 568 -21.30 -31.17 -50.51
CA ALA H 568 -19.99 -30.69 -50.90
C ALA H 568 -18.96 -31.12 -49.87
N ILE H 569 -19.28 -30.97 -48.59
CA ILE H 569 -18.35 -31.36 -47.55
C ILE H 569 -17.94 -32.82 -47.76
N GLU H 570 -18.95 -33.68 -47.96
CA GLU H 570 -18.67 -35.09 -48.14
C GLU H 570 -17.70 -35.29 -49.30
N ALA H 571 -17.98 -34.62 -50.42
CA ALA H 571 -17.09 -34.76 -51.56
C ALA H 571 -15.66 -34.41 -51.16
N PHE H 572 -15.50 -33.26 -50.52
CA PHE H 572 -14.16 -32.82 -50.16
C PHE H 572 -13.50 -33.86 -49.27
N LYS H 573 -14.28 -34.45 -48.37
CA LYS H 573 -13.70 -35.44 -47.46
C LYS H 573 -13.22 -36.65 -48.24
N LYS H 574 -14.02 -37.08 -49.22
CA LYS H 574 -13.58 -38.12 -50.14
C LYS H 574 -12.24 -37.76 -50.76
N THR H 575 -12.06 -36.48 -51.09
CA THR H 575 -10.77 -36.01 -51.58
C THR H 575 -9.90 -35.43 -50.46
N PHE H 576 -9.70 -36.18 -49.37
CA PHE H 576 -8.75 -35.75 -48.35
C PHE H 576 -8.00 -36.95 -47.81
N VAL H 577 -6.69 -36.79 -47.61
CA VAL H 577 -5.80 -37.86 -47.17
C VAL H 577 -5.43 -37.63 -45.71
N VAL H 578 -5.84 -38.55 -44.85
CA VAL H 578 -5.59 -38.45 -43.42
C VAL H 578 -4.16 -38.85 -43.12
N SER H 579 -3.43 -37.98 -42.43
CA SER H 579 -2.07 -38.27 -42.02
C SER H 579 -2.06 -39.34 -40.95
N ILE I 82 3.76 -26.18 -59.43
CA ILE I 82 3.19 -24.91 -58.99
C ILE I 82 4.27 -24.03 -58.38
N GLU I 83 5.16 -24.64 -57.61
CA GLU I 83 6.25 -23.89 -56.99
C GLU I 83 7.19 -23.30 -58.04
N ASN I 84 7.50 -24.07 -59.08
CA ASN I 84 8.37 -23.57 -60.14
C ASN I 84 7.71 -22.41 -60.88
N ALA I 85 6.41 -22.51 -61.15
CA ALA I 85 5.71 -21.41 -61.79
C ALA I 85 5.69 -20.17 -60.89
N ARG I 86 5.51 -20.38 -59.58
CA ARG I 86 5.55 -19.26 -58.65
C ARG I 86 6.93 -18.59 -58.65
N LYS I 87 7.99 -19.39 -58.69
CA LYS I 87 9.34 -18.84 -58.73
C LYS I 87 9.57 -18.05 -60.02
N LEU I 88 9.10 -18.57 -61.15
CA LEU I 88 9.23 -17.85 -62.41
C LEU I 88 8.45 -16.54 -62.37
N ALA I 89 7.25 -16.56 -61.80
CA ALA I 89 6.47 -15.33 -61.67
C ALA I 89 7.16 -14.33 -60.75
N GLU I 90 7.77 -14.80 -59.67
CA GLU I 90 8.51 -13.92 -58.78
C GLU I 90 9.70 -13.29 -59.50
N GLU I 91 10.41 -14.09 -60.31
CA GLU I 91 11.53 -13.55 -61.08
C GLU I 91 11.05 -12.50 -62.08
N GLN I 92 9.93 -12.76 -62.76
CA GLN I 92 9.38 -11.77 -63.69
C GLN I 92 8.96 -10.50 -62.96
N LYS I 93 8.34 -10.64 -61.78
CA LYS I 93 7.95 -9.47 -61.00
C LYS I 93 9.17 -8.67 -60.56
N GLU I 94 10.23 -9.36 -60.14
CA GLU I 94 11.45 -8.67 -59.75
C GLU I 94 12.07 -7.93 -60.93
N GLN I 95 12.07 -8.56 -62.11
CA GLN I 95 12.61 -7.90 -63.30
C GLN I 95 11.79 -6.66 -63.65
N ILE I 96 10.46 -6.76 -63.56
CA ILE I 96 9.60 -5.62 -63.85
C ILE I 96 9.86 -4.49 -62.84
N VAL I 97 10.00 -4.85 -61.57
CA VAL I 97 10.25 -3.85 -60.53
C VAL I 97 11.59 -3.16 -60.77
N ALA I 98 12.62 -3.94 -61.13
CA ALA I 98 13.93 -3.35 -61.42
C ALA I 98 13.88 -2.42 -62.62
N SER I 99 13.18 -2.82 -63.68
CA SER I 99 13.05 -1.96 -64.85
C SER I 99 12.30 -0.67 -64.50
N ALA I 100 11.23 -0.78 -63.73
CA ALA I 100 10.48 0.40 -63.33
C ALA I 100 11.32 1.33 -62.47
N ARG I 101 12.11 0.76 -61.54
CA ARG I 101 12.97 1.58 -60.70
C ARG I 101 14.02 2.30 -61.53
N ALA I 102 14.63 1.60 -62.49
CA ALA I 102 15.64 2.23 -63.34
C ALA I 102 15.03 3.35 -64.17
N GLU I 103 13.85 3.11 -64.76
CA GLU I 103 13.20 4.13 -65.58
C GLU I 103 12.83 5.34 -64.73
N ALA I 104 12.30 5.10 -63.53
CA ALA I 104 11.93 6.21 -62.65
C ALA I 104 13.16 7.00 -62.22
N GLU I 105 14.27 6.32 -61.94
CA GLU I 105 15.50 7.01 -61.58
C GLU I 105 16.01 7.88 -62.73
N ARG I 106 15.97 7.34 -63.95
CA ARG I 106 16.40 8.11 -65.11
C ARG I 106 15.52 9.34 -65.32
N VAL I 107 14.20 9.15 -65.20
CA VAL I 107 13.27 10.28 -65.38
C VAL I 107 13.50 11.32 -64.29
N LYS I 108 13.74 10.88 -63.06
CA LYS I 108 14.01 11.81 -61.97
C LYS I 108 15.29 12.59 -62.22
N GLU I 109 16.34 11.93 -62.71
CA GLU I 109 17.58 12.62 -63.00
C GLU I 109 17.39 13.66 -64.09
N THR I 110 16.69 13.30 -65.17
CA THR I 110 16.45 14.25 -66.25
C THR I 110 15.61 15.43 -65.76
N ALA I 111 14.58 15.16 -64.97
CA ALA I 111 13.73 16.23 -64.45
C ALA I 111 14.52 17.14 -63.52
N LYS I 112 15.40 16.57 -62.69
CA LYS I 112 16.21 17.40 -61.80
C LYS I 112 17.18 18.28 -62.57
N LYS I 113 17.81 17.74 -63.62
CA LYS I 113 18.71 18.55 -64.43
C LYS I 113 17.95 19.70 -65.10
N GLU I 114 16.78 19.39 -65.67
CA GLU I 114 15.97 20.43 -66.28
C GLU I 114 15.52 21.46 -65.26
N ILE I 115 15.17 21.01 -64.06
CA ILE I 115 14.75 21.92 -63.00
C ILE I 115 15.88 22.85 -62.62
N GLU I 116 17.10 22.33 -62.48
CA GLU I 116 18.24 23.16 -62.11
C GLU I 116 18.53 24.20 -63.20
N ARG I 117 18.54 23.77 -64.47
CA ARG I 117 18.85 24.71 -65.54
C ARG I 117 17.78 25.79 -65.66
N GLU I 118 16.51 25.38 -65.64
CA GLU I 118 15.41 26.35 -65.70
C GLU I 118 15.40 27.25 -64.46
N LYS I 119 15.81 26.71 -63.32
CA LYS I 119 15.90 27.52 -62.11
C LYS I 119 16.94 28.61 -62.26
N GLU I 120 18.10 28.29 -62.84
CA GLU I 120 19.12 29.31 -63.06
C GLU I 120 18.62 30.37 -64.04
N GLN I 121 18.04 29.94 -65.16
CA GLN I 121 17.58 30.88 -66.17
C GLN I 121 16.49 31.80 -65.62
N ALA I 122 15.46 31.20 -65.00
CA ALA I 122 14.39 31.98 -64.39
C ALA I 122 14.91 32.82 -63.23
N MET I 123 15.94 32.34 -62.52
CA MET I 123 16.53 33.15 -61.46
C MET I 123 17.06 34.46 -62.02
N ALA I 124 17.85 34.39 -63.10
CA ALA I 124 18.35 35.62 -63.71
C ALA I 124 17.20 36.51 -64.21
N ALA I 125 16.31 35.92 -65.02
CA ALA I 125 15.27 36.73 -65.66
C ALA I 125 14.31 37.32 -64.64
N LEU I 126 13.76 36.48 -63.76
CA LEU I 126 12.87 36.96 -62.71
C LEU I 126 13.58 37.79 -61.68
N ARG I 127 14.92 37.75 -61.59
CA ARG I 127 15.61 38.66 -60.71
C ARG I 127 15.65 40.07 -61.30
N GLU I 128 15.88 40.17 -62.61
CA GLU I 128 15.72 41.47 -63.26
C GLU I 128 14.29 41.98 -63.13
N GLN I 129 13.32 41.10 -63.40
CA GLN I 129 11.92 41.47 -63.25
C GLN I 129 11.57 41.83 -61.81
N VAL I 130 12.23 41.18 -60.84
CA VAL I 130 11.98 41.45 -59.43
C VAL I 130 12.59 42.79 -59.04
N ALA I 131 13.72 43.17 -59.63
CA ALA I 131 14.23 44.52 -59.39
C ALA I 131 13.26 45.57 -59.93
N SER I 132 12.73 45.34 -61.13
CA SER I 132 11.74 46.27 -61.67
C SER I 132 10.49 46.33 -60.77
N LEU I 133 10.00 45.16 -60.36
CA LEU I 133 8.83 45.10 -59.50
C LEU I 133 9.11 45.69 -58.12
N SER I 134 10.34 45.59 -57.64
CA SER I 134 10.72 46.20 -56.37
C SER I 134 10.68 47.71 -56.48
N VAL I 135 11.17 48.26 -57.59
CA VAL I 135 11.05 49.70 -57.81
C VAL I 135 9.58 50.10 -57.83
N LEU I 136 8.75 49.34 -58.55
CA LEU I 136 7.32 49.65 -58.61
C LEU I 136 6.67 49.56 -57.23
N ILE I 137 7.01 48.54 -56.46
CA ILE I 137 6.40 48.34 -55.14
C ILE I 137 6.83 49.43 -54.17
N ALA I 138 8.11 49.81 -54.22
CA ALA I 138 8.57 50.91 -53.37
C ALA I 138 7.86 52.21 -53.75
N SER I 139 7.69 52.47 -55.04
CA SER I 139 6.94 53.65 -55.46
C SER I 139 5.51 53.60 -54.95
N LYS I 140 4.87 52.45 -55.06
CA LYS I 140 3.49 52.31 -54.58
C LYS I 140 3.39 52.52 -53.08
N VAL I 141 4.34 51.99 -52.32
CA VAL I 141 4.34 52.15 -50.87
C VAL I 141 4.58 53.60 -50.49
N ILE I 142 5.42 54.29 -51.24
CA ILE I 142 5.70 55.70 -50.98
C ILE I 142 4.48 56.55 -51.30
N UNK I 150 14.54 61.70 -61.84
CA UNK I 150 14.65 61.02 -60.56
C UNK I 150 14.29 59.54 -60.69
N UNK I 151 13.34 59.24 -61.57
CA UNK I 151 12.95 57.85 -61.79
C UNK I 151 14.12 57.03 -62.34
N UNK I 152 14.90 57.62 -63.25
CA UNK I 152 16.09 56.94 -63.75
C UNK I 152 17.10 56.71 -62.63
N UNK I 153 17.21 57.66 -61.69
CA UNK I 153 18.10 57.47 -60.56
C UNK I 153 17.64 56.29 -59.68
N UNK I 154 16.34 56.20 -59.43
CA UNK I 154 15.82 55.08 -58.64
C UNK I 154 16.05 53.76 -59.35
N UNK I 155 15.83 53.73 -60.67
CA UNK I 155 16.08 52.50 -61.44
C UNK I 155 17.55 52.12 -61.40
N UNK I 156 18.45 53.11 -61.49
CA UNK I 156 19.88 52.83 -61.42
C UNK I 156 20.27 52.30 -60.05
N UNK I 157 19.73 52.88 -58.98
CA UNK I 157 20.02 52.40 -57.64
C UNK I 157 19.52 50.98 -57.45
N UNK I 158 18.32 50.67 -57.94
CA UNK I 158 17.80 49.31 -57.84
C UNK I 158 18.65 48.34 -58.64
N UNK I 159 19.09 48.73 -59.84
CA UNK I 159 19.93 47.85 -60.64
C UNK I 159 21.27 47.59 -59.99
N UNK I 160 21.88 48.64 -59.41
CA UNK I 160 23.15 48.47 -58.71
C UNK I 160 22.99 47.56 -57.49
N UNK I 161 21.89 47.73 -56.75
CA UNK I 161 21.64 46.86 -55.60
C UNK I 161 21.45 45.42 -56.04
N UNK I 162 20.73 45.21 -57.14
CA UNK I 162 20.54 43.85 -57.65
C UNK I 162 21.86 43.23 -58.09
N UNK I 163 22.72 44.03 -58.75
CA UNK I 163 24.02 43.53 -59.16
C UNK I 163 24.88 43.18 -57.94
N UNK I 164 24.84 44.00 -56.90
CA UNK I 164 25.58 43.69 -55.67
C UNK I 164 25.06 42.42 -55.02
N UNK I 165 23.73 42.25 -54.98
CA UNK I 165 23.16 41.06 -54.37
C UNK I 165 23.52 39.81 -55.16
N UNK I 166 23.48 39.89 -56.49
CA UNK I 166 23.78 38.75 -57.34
C UNK I 166 25.26 38.39 -57.30
N LYS J 87 -2.48 -24.83 -64.77
CA LYS J 87 -3.74 -24.11 -64.75
C LYS J 87 -3.77 -23.11 -63.60
N LEU J 88 -3.89 -23.61 -62.38
CA LEU J 88 -3.87 -22.74 -61.20
C LEU J 88 -2.52 -22.05 -61.06
N ALA J 89 -1.42 -22.79 -61.29
CA ALA J 89 -0.10 -22.19 -61.21
C ALA J 89 0.08 -21.08 -62.25
N GLU J 90 -0.37 -21.33 -63.49
CA GLU J 90 -0.26 -20.31 -64.53
C GLU J 90 -1.13 -19.10 -64.21
N GLU J 91 -2.34 -19.33 -63.68
CA GLU J 91 -3.20 -18.22 -63.30
C GLU J 91 -2.57 -17.39 -62.18
N GLN J 92 -1.97 -18.05 -61.19
CA GLN J 92 -1.28 -17.32 -60.13
C GLN J 92 -0.10 -16.54 -60.67
N LYS J 93 0.64 -17.13 -61.62
CA LYS J 93 1.75 -16.41 -62.24
C LYS J 93 1.27 -15.17 -62.99
N GLU J 94 0.17 -15.29 -63.73
CA GLU J 94 -0.38 -14.14 -64.43
C GLU J 94 -0.85 -13.06 -63.46
N GLN J 95 -1.47 -13.48 -62.34
CA GLN J 95 -1.88 -12.53 -61.32
C GLN J 95 -0.68 -11.81 -60.72
N ILE J 96 0.41 -12.54 -60.47
CA ILE J 96 1.62 -11.94 -59.92
C ILE J 96 2.20 -10.93 -60.91
N VAL J 97 2.21 -11.28 -62.20
CA VAL J 97 2.72 -10.37 -63.21
C VAL J 97 1.88 -9.10 -63.27
N ALA J 98 0.55 -9.25 -63.22
CA ALA J 98 -0.33 -8.09 -63.23
C ALA J 98 -0.12 -7.22 -62.00
N SER J 99 0.09 -7.85 -60.83
CA SER J 99 0.36 -7.09 -59.61
C SER J 99 1.66 -6.32 -59.73
N ALA J 100 2.69 -6.95 -60.30
CA ALA J 100 3.96 -6.27 -60.50
C ALA J 100 3.81 -5.08 -61.46
N ARG J 101 3.02 -5.26 -62.54
CA ARG J 101 2.80 -4.17 -63.47
C ARG J 101 2.04 -3.02 -62.81
N ALA J 102 1.04 -3.34 -61.99
CA ALA J 102 0.32 -2.30 -61.27
C ALA J 102 1.23 -1.56 -60.29
N GLU J 103 2.10 -2.29 -59.59
CA GLU J 103 3.05 -1.66 -58.68
C GLU J 103 4.01 -0.74 -59.45
N ALA J 104 4.47 -1.19 -60.62
CA ALA J 104 5.35 -0.36 -61.44
C ALA J 104 4.63 0.92 -61.88
N GLU J 105 3.38 0.80 -62.33
CA GLU J 105 2.64 1.99 -62.75
C GLU J 105 2.42 2.94 -61.58
N ARG J 106 2.11 2.40 -60.40
CA ARG J 106 1.95 3.25 -59.22
C ARG J 106 3.26 3.95 -58.87
N VAL J 107 4.38 3.24 -58.99
CA VAL J 107 5.68 3.86 -58.70
C VAL J 107 5.96 4.98 -59.68
N LYS J 108 5.65 4.78 -60.97
CA LYS J 108 5.85 5.83 -61.96
C LYS J 108 4.98 7.04 -61.66
N GLU J 109 3.72 6.81 -61.29
CA GLU J 109 2.82 7.92 -60.95
C GLU J 109 3.33 8.68 -59.74
N THR J 110 3.80 7.95 -58.71
CA THR J 110 4.35 8.62 -57.53
C THR J 110 5.59 9.41 -57.87
N ALA J 111 6.44 8.89 -58.76
CA ALA J 111 7.62 9.63 -59.20
C ALA J 111 7.22 10.92 -59.93
N LYS J 112 6.20 10.84 -60.78
CA LYS J 112 5.72 12.04 -61.46
C LYS J 112 5.18 13.06 -60.46
N LYS J 113 4.45 12.59 -59.46
CA LYS J 113 3.97 13.49 -58.41
C LYS J 113 5.14 14.13 -57.66
N GLU J 114 6.19 13.36 -57.38
CA GLU J 114 7.35 13.91 -56.70
C GLU J 114 8.06 14.95 -57.56
N ILE J 115 8.13 14.71 -58.87
CA ILE J 115 8.73 15.68 -59.77
C ILE J 115 7.92 16.97 -59.78
N GLU J 116 6.59 16.86 -59.82
CA GLU J 116 5.74 18.04 -59.76
C GLU J 116 5.93 18.79 -58.44
N ARG J 117 6.04 18.05 -57.33
CA ARG J 117 6.28 18.68 -56.04
C ARG J 117 7.62 19.39 -56.01
N GLU J 118 8.65 18.79 -56.62
CA GLU J 118 9.95 19.45 -56.69
C GLU J 118 9.88 20.74 -57.50
N LYS J 119 9.16 20.71 -58.62
CA LYS J 119 8.97 21.93 -59.40
C LYS J 119 8.27 23.01 -58.60
N GLU J 120 7.21 22.63 -57.88
CA GLU J 120 6.48 23.60 -57.06
C GLU J 120 7.37 24.17 -55.96
N GLN J 121 8.18 23.31 -55.33
CA GLN J 121 9.07 23.78 -54.27
C GLN J 121 10.11 24.74 -54.81
N ALA J 122 10.69 24.43 -55.98
CA ALA J 122 11.66 25.34 -56.57
C ALA J 122 11.03 26.68 -56.94
N MET J 123 9.80 26.64 -57.48
CA MET J 123 9.12 27.88 -57.82
C MET J 123 8.83 28.70 -56.57
N ALA J 124 8.40 28.05 -55.48
CA ALA J 124 8.14 28.76 -54.24
C ALA J 124 9.41 29.37 -53.67
N ALA J 125 10.54 28.64 -53.74
CA ALA J 125 11.81 29.18 -53.28
C ALA J 125 12.21 30.39 -54.10
N LEU J 126 12.03 30.32 -55.43
CA LEU J 126 12.35 31.47 -56.27
C LEU J 126 11.47 32.67 -55.93
N ARG J 127 10.18 32.43 -55.69
CA ARG J 127 9.27 33.52 -55.31
C ARG J 127 9.68 34.14 -53.99
N GLU J 128 10.07 33.32 -53.01
CA GLU J 128 10.51 33.86 -51.72
C GLU J 128 11.79 34.67 -51.87
N GLN J 129 12.74 34.18 -52.68
CA GLN J 129 13.98 34.93 -52.90
C GLN J 129 13.69 36.26 -53.59
N VAL J 130 12.78 36.25 -54.56
CA VAL J 130 12.40 37.48 -55.25
C VAL J 130 11.76 38.46 -54.27
N ALA J 131 10.91 37.95 -53.37
CA ALA J 131 10.29 38.81 -52.38
C ALA J 131 11.32 39.43 -51.44
N SER J 132 12.31 38.63 -51.00
CA SER J 132 13.35 39.16 -50.13
C SER J 132 14.19 40.22 -50.84
N LEU J 133 14.55 39.96 -52.10
CA LEU J 133 15.31 40.94 -52.88
C LEU J 133 14.51 42.22 -53.06
N SER J 134 13.20 42.09 -53.34
CA SER J 134 12.35 43.26 -53.48
C SER J 134 12.26 44.03 -52.18
N VAL J 135 12.20 43.34 -51.05
CA VAL J 135 12.18 44.01 -49.75
C VAL J 135 13.46 44.80 -49.54
N LEU J 136 14.61 44.20 -49.85
CA LEU J 136 15.88 44.92 -49.68
C LEU J 136 15.95 46.14 -50.58
N ILE J 137 15.55 45.99 -51.85
CA ILE J 137 15.61 47.10 -52.80
C ILE J 137 14.66 48.21 -52.37
N ALA J 138 13.45 47.86 -51.94
CA ALA J 138 12.49 48.86 -51.50
C ALA J 138 12.97 49.58 -50.25
N SER J 139 13.60 48.85 -49.32
CA SER J 139 14.14 49.50 -48.12
C SER J 139 15.23 50.48 -48.49
N LYS J 140 16.12 50.10 -49.43
CA LYS J 140 17.16 51.03 -49.86
C LYS J 140 16.55 52.25 -50.54
N VAL J 141 15.52 52.05 -51.36
CA VAL J 141 14.88 53.17 -52.05
C VAL J 141 14.22 54.11 -51.06
N ILE J 142 13.53 53.56 -50.06
CA ILE J 142 12.88 54.38 -49.05
C ILE J 142 13.91 55.15 -48.23
N GLU J 143 15.04 54.51 -47.92
CA GLU J 143 16.11 55.21 -47.23
C GLU J 143 16.65 56.36 -48.06
N LYS J 144 16.81 56.15 -49.37
CA LYS J 144 17.34 57.19 -50.23
C LYS J 144 16.32 58.30 -50.49
N GLU J 145 15.03 58.01 -50.33
CA GLU J 145 13.99 59.00 -50.57
C GLU J 145 13.91 60.00 -49.42
N LEU J 146 13.26 61.13 -49.68
CA LEU J 146 13.09 62.17 -48.68
C LEU J 146 12.04 61.77 -47.65
N THR J 147 12.07 62.45 -46.50
CA THR J 147 11.14 62.19 -45.42
C THR J 147 10.45 63.44 -44.89
N GLU J 148 10.70 64.61 -45.47
CA GLU J 148 10.11 65.84 -44.96
C GLU J 148 8.59 65.80 -45.07
N GLN J 149 8.07 65.44 -46.24
CA GLN J 149 6.64 65.23 -46.39
C GLN J 149 6.18 63.90 -45.80
N ASP J 150 7.09 62.92 -45.72
CA ASP J 150 6.73 61.62 -45.17
C ASP J 150 6.39 61.72 -43.68
N GLN J 151 7.04 62.63 -42.96
CA GLN J 151 6.71 62.82 -41.54
C GLN J 151 5.27 63.29 -41.38
N ARG J 152 4.86 64.29 -42.16
CA ARG J 152 3.48 64.75 -42.11
C ARG J 152 2.51 63.66 -42.56
N LYS J 153 2.89 62.91 -43.60
CA LYS J 153 2.03 61.81 -44.05
C LYS J 153 1.85 60.77 -42.96
N LEU J 154 2.93 60.42 -42.25
CA LEU J 154 2.85 59.46 -41.16
C LEU J 154 2.00 60.01 -40.01
N ILE J 155 2.12 61.30 -39.71
CA ILE J 155 1.29 61.89 -38.65
C ILE J 155 -0.18 61.82 -39.03
N GLU J 156 -0.51 62.14 -40.28
CA GLU J 156 -1.89 62.06 -40.73
C GLU J 156 -2.40 60.63 -40.72
N ALA J 157 -1.55 59.67 -41.11
CA ALA J 157 -1.95 58.26 -41.08
C ALA J 157 -2.21 57.81 -39.65
N TYR J 158 -1.37 58.22 -38.70
CA TYR J 158 -1.60 57.87 -37.30
C TYR J 158 -2.88 58.50 -36.79
N ILE J 159 -3.17 59.73 -37.19
CA ILE J 159 -4.41 60.38 -36.77
C ILE J 159 -5.62 59.61 -37.33
N LYS J 160 -5.55 59.22 -38.60
CA LYS J 160 -6.65 58.45 -39.19
C LYS J 160 -6.81 57.10 -38.50
N ASP J 161 -5.69 56.45 -38.15
CA ASP J 161 -5.76 55.17 -37.45
C ASP J 161 -6.38 55.34 -36.06
N VAL J 162 -6.02 56.41 -35.35
CA VAL J 162 -6.60 56.66 -34.04
C VAL J 162 -8.10 56.92 -34.16
N GLN J 163 -8.49 57.66 -35.21
CA GLN J 163 -9.92 57.90 -35.45
C GLN J 163 -10.65 56.58 -35.74
N GLU J 164 -10.05 55.72 -36.55
CA GLU J 164 -10.67 54.43 -36.86
C GLU J 164 -10.80 53.56 -35.62
N VAL J 165 -9.77 53.51 -34.79
CA VAL J 165 -9.79 52.69 -33.59
C VAL J 165 -10.08 53.56 -32.37
N ILE K 82 45.88 -34.15 34.10
CA ILE K 82 45.85 -33.09 33.11
C ILE K 82 44.90 -31.98 33.55
N GLU K 83 43.65 -32.36 33.85
CA GLU K 83 42.67 -31.39 34.31
C GLU K 83 43.09 -30.78 35.65
N ASN K 84 43.62 -31.60 36.56
CA ASN K 84 44.09 -31.09 37.84
C ASN K 84 45.25 -30.12 37.66
N ALA K 85 46.20 -30.45 36.77
CA ALA K 85 47.32 -29.56 36.52
C ALA K 85 46.86 -28.25 35.90
N ARG K 86 45.91 -28.32 34.96
CA ARG K 86 45.36 -27.10 34.37
C ARG K 86 44.65 -26.25 35.41
N LYS K 87 43.89 -26.89 36.30
CA LYS K 87 43.21 -26.14 37.36
C LYS K 87 44.20 -25.49 38.31
N LEU K 88 45.26 -26.20 38.66
CA LEU K 88 46.29 -25.63 39.53
C LEU K 88 46.98 -24.45 38.86
N ALA K 89 47.29 -24.58 37.57
CA ALA K 89 47.91 -23.47 36.85
C ALA K 89 46.98 -22.27 36.77
N GLU K 90 45.69 -22.51 36.51
CA GLU K 90 44.72 -21.42 36.47
C GLU K 90 44.58 -20.74 37.81
N GLU K 91 44.54 -21.52 38.90
CA GLU K 91 44.43 -20.93 40.23
C GLU K 91 45.66 -20.10 40.57
N GLN K 92 46.85 -20.60 40.25
CA GLN K 92 48.07 -19.83 40.50
C GLN K 92 48.10 -18.56 39.68
N LYS K 93 47.67 -18.63 38.41
CA LYS K 93 47.63 -17.45 37.56
C LYS K 93 46.65 -16.41 38.10
N GLU K 94 45.47 -16.86 38.55
CA GLU K 94 44.49 -15.94 39.12
C GLU K 94 45.02 -15.30 40.40
N GLN K 95 45.68 -16.08 41.24
CA GLN K 95 46.28 -15.53 42.45
C GLN K 95 47.33 -14.49 42.11
N ILE K 96 48.17 -14.76 41.10
CA ILE K 96 49.19 -13.80 40.69
C ILE K 96 48.54 -12.52 40.17
N VAL K 97 47.48 -12.66 39.38
CA VAL K 97 46.79 -11.49 38.85
C VAL K 97 46.19 -10.67 39.97
N ALA K 98 45.57 -11.33 40.95
CA ALA K 98 45.00 -10.61 42.08
C ALA K 98 46.07 -9.90 42.89
N SER K 99 47.22 -10.55 43.11
CA SER K 99 48.32 -9.91 43.82
C SER K 99 48.84 -8.70 43.07
N ALA K 100 48.99 -8.82 41.74
CA ALA K 100 49.45 -7.69 40.95
C ALA K 100 48.47 -6.53 41.00
N ARG K 101 47.16 -6.83 40.91
CA ARG K 101 46.15 -5.78 40.98
C ARG K 101 46.14 -5.11 42.35
N ALA K 102 46.29 -5.90 43.43
CA ALA K 102 46.33 -5.32 44.77
C ALA K 102 47.57 -4.45 44.98
N GLU K 103 48.72 -4.90 44.47
CA GLU K 103 49.93 -4.08 44.56
C GLU K 103 49.77 -2.79 43.77
N ALA K 104 49.14 -2.87 42.59
CA ALA K 104 48.87 -1.67 41.82
C ALA K 104 47.93 -0.72 42.57
N GLU K 105 46.93 -1.28 43.24
CA GLU K 105 46.02 -0.45 44.04
C GLU K 105 46.75 0.23 45.19
N ARG K 106 47.64 -0.49 45.86
CA ARG K 106 48.40 0.11 46.96
C ARG K 106 49.33 1.21 46.45
N VAL K 107 50.00 0.96 45.32
CA VAL K 107 50.84 2.00 44.71
C VAL K 107 49.98 3.19 44.30
N LYS K 108 48.77 2.93 43.82
CA LYS K 108 47.86 4.01 43.44
C LYS K 108 47.45 4.84 44.65
N GLU K 109 47.19 4.18 45.78
CA GLU K 109 46.85 4.91 47.00
C GLU K 109 48.01 5.80 47.45
N THR K 110 49.23 5.24 47.44
CA THR K 110 50.39 6.04 47.83
C THR K 110 50.61 7.20 46.87
N ALA K 111 50.43 6.96 45.57
CA ALA K 111 50.58 8.01 44.57
C ALA K 111 49.52 9.08 44.74
N LYS K 112 48.29 8.68 45.07
CA LYS K 112 47.22 9.65 45.30
C LYS K 112 47.53 10.52 46.51
N LYS K 113 48.01 9.93 47.60
CA LYS K 113 48.36 10.72 48.77
C LYS K 113 49.49 11.69 48.45
N GLU K 114 50.54 11.21 47.77
CA GLU K 114 51.66 12.07 47.42
C GLU K 114 51.23 13.19 46.48
N ILE K 115 50.36 12.87 45.52
CA ILE K 115 49.90 13.88 44.57
C ILE K 115 49.03 14.91 45.26
N GLU K 116 48.22 14.49 46.24
CA GLU K 116 47.42 15.46 47.00
C GLU K 116 48.30 16.39 47.81
N ARG K 117 49.31 15.85 48.49
CA ARG K 117 50.22 16.70 49.27
C ARG K 117 50.96 17.67 48.36
N GLU K 118 51.46 17.17 47.23
CA GLU K 118 52.16 18.04 46.28
C GLU K 118 51.21 19.08 45.70
N LYS K 119 49.96 18.70 45.46
CA LYS K 119 48.97 19.64 44.95
C LYS K 119 48.72 20.76 45.93
N GLU K 120 48.60 20.45 47.23
CA GLU K 120 48.40 21.49 48.23
C GLU K 120 49.62 22.41 48.33
N GLN K 121 50.81 21.84 48.41
CA GLN K 121 52.02 22.66 48.55
C GLN K 121 52.22 23.54 47.32
N ALA K 122 52.05 22.96 46.12
CA ALA K 122 52.15 23.73 44.90
C ALA K 122 51.02 24.73 44.79
N MET K 123 49.84 24.43 45.37
CA MET K 123 48.77 25.41 45.38
C MET K 123 49.19 26.66 46.14
N ALA K 124 49.78 26.48 47.32
CA ALA K 124 50.26 27.64 48.07
C ALA K 124 51.36 28.38 47.31
N ALA K 125 52.40 27.66 46.89
CA ALA K 125 53.55 28.30 46.26
C ALA K 125 53.16 28.98 44.95
N LEU K 126 52.51 28.24 44.05
CA LEU K 126 52.05 28.79 42.80
C LEU K 126 50.89 29.76 42.97
N ARG K 127 50.24 29.82 44.13
CA ARG K 127 49.29 30.90 44.37
C ARG K 127 50.02 32.22 44.64
N GLU K 128 51.10 32.16 45.43
CA GLU K 128 51.95 33.34 45.55
C GLU K 128 52.52 33.74 44.18
N GLN K 129 53.00 32.75 43.43
CA GLN K 129 53.53 33.01 42.10
C GLN K 129 52.45 33.55 41.16
N VAL K 130 51.21 33.07 41.31
CA VAL K 130 50.10 33.53 40.47
C VAL K 130 49.74 34.96 40.80
N ALA K 131 49.80 35.34 42.08
CA ALA K 131 49.60 36.74 42.43
C ALA K 131 50.68 37.63 41.80
N SER K 132 51.94 37.19 41.88
CA SER K 132 53.02 37.98 41.28
C SER K 132 52.84 38.09 39.76
N LEU K 133 52.52 36.97 39.12
CA LEU K 133 52.31 36.97 37.67
C LEU K 133 51.06 37.72 37.27
N SER K 134 50.08 37.80 38.17
CA SER K 134 48.89 38.62 37.90
C SER K 134 49.22 40.10 37.92
N VAL K 135 50.03 40.52 38.89
CA VAL K 135 50.53 41.89 38.89
C VAL K 135 51.29 42.17 37.60
N LEU K 136 52.15 41.23 37.20
CA LEU K 136 52.92 41.39 35.97
C LEU K 136 52.02 41.47 34.74
N ILE K 137 50.97 40.64 34.69
CA ILE K 137 50.09 40.61 33.54
C ILE K 137 49.27 41.89 33.46
N ALA K 138 48.80 42.39 34.60
CA ALA K 138 48.08 43.67 34.62
C ALA K 138 48.99 44.80 34.15
N SER K 139 50.24 44.81 34.61
CA SER K 139 51.18 45.83 34.16
C SER K 139 51.44 45.73 32.66
N LYS K 140 51.58 44.49 32.15
CA LYS K 140 51.81 44.30 30.73
C LYS K 140 50.62 44.75 29.89
N VAL K 141 49.41 44.47 30.36
CA VAL K 141 48.22 44.87 29.63
C VAL K 141 48.07 46.39 29.66
N ILE K 142 48.41 47.02 30.78
CA ILE K 142 48.34 48.47 30.90
C ILE K 142 49.53 49.10 30.17
N UNK K 150 55.31 50.14 41.44
CA UNK K 150 56.01 48.87 41.27
C UNK K 150 55.80 47.96 42.47
N UNK K 151 56.65 48.12 43.48
CA UNK K 151 56.53 47.33 44.69
C UNK K 151 55.24 47.64 45.45
N UNK K 152 54.88 48.93 45.52
CA UNK K 152 53.67 49.31 46.25
C UNK K 152 52.42 48.76 45.58
N UNK K 153 52.35 48.85 44.26
CA UNK K 153 51.21 48.28 43.54
C UNK K 153 51.15 46.77 43.71
N UNK K 154 52.31 46.11 43.69
CA UNK K 154 52.35 44.67 43.91
C UNK K 154 51.85 44.29 45.29
N UNK K 155 52.26 45.06 46.32
CA UNK K 155 51.79 44.79 47.67
C UNK K 155 50.29 45.02 47.80
N UNK K 156 49.78 46.08 47.17
CA UNK K 156 48.34 46.33 47.20
C UNK K 156 47.57 45.22 46.49
N UNK K 157 48.09 44.75 45.36
CA UNK K 157 47.45 43.64 44.65
C UNK K 157 47.48 42.37 45.47
N UNK K 158 48.59 42.11 46.17
CA UNK K 158 48.66 40.94 47.04
C UNK K 158 47.65 41.03 48.17
N UNK K 159 47.51 42.22 48.78
CA UNK K 159 46.51 42.39 49.82
C UNK K 159 45.10 42.18 49.28
N UNK K 160 44.83 42.70 48.09
CA UNK K 160 43.51 42.50 47.48
C UNK K 160 43.25 41.03 47.19
N UNK K 161 44.26 40.31 46.70
CA UNK K 161 44.11 38.88 46.43
C UNK K 161 43.87 38.10 47.72
N UNK K 162 44.58 38.46 48.79
CA UNK K 162 44.35 37.80 50.08
C UNK K 162 42.94 38.07 50.58
N UNK K 163 42.47 39.31 50.43
CA UNK K 163 41.10 39.63 50.86
C UNK K 163 40.07 38.87 50.04
N UNK K 164 40.30 38.75 48.74
CA UNK K 164 39.39 37.98 47.89
C UNK K 164 39.38 36.50 48.29
N UNK K 165 40.55 35.94 48.58
CA UNK K 165 40.62 34.54 49.00
C UNK K 165 39.90 34.34 50.34
N UNK K 166 40.08 35.27 51.27
CA UNK K 166 39.42 35.20 52.57
C UNK K 166 37.92 35.40 52.44
N LYS L 87 53.53 -33.18 29.39
CA LYS L 87 54.07 -32.72 28.12
C LYS L 87 53.20 -31.60 27.54
N LEU L 88 52.16 -31.99 26.81
CA LEU L 88 51.23 -31.00 26.27
C LEU L 88 50.49 -30.28 27.37
N ALA L 89 50.11 -30.99 28.44
CA ALA L 89 49.45 -30.35 29.57
C ALA L 89 50.37 -29.33 30.23
N GLU L 90 51.64 -29.68 30.42
CA GLU L 90 52.58 -28.74 31.01
C GLU L 90 52.84 -27.55 30.09
N GLU L 91 52.85 -27.79 28.77
CA GLU L 91 52.98 -26.69 27.82
C GLU L 91 51.78 -25.74 27.92
N GLN L 92 50.58 -26.30 28.05
CA GLN L 92 49.39 -25.47 28.21
C GLN L 92 49.43 -24.69 29.52
N LYS L 93 49.94 -25.32 30.59
CA LYS L 93 50.11 -24.62 31.86
C LYS L 93 51.09 -23.46 31.71
N GLU L 94 52.21 -23.68 31.02
CA GLU L 94 53.17 -22.62 30.80
C GLU L 94 52.58 -21.50 29.94
N GLN L 95 51.78 -21.85 28.94
CA GLN L 95 51.12 -20.84 28.12
C GLN L 95 50.14 -20.02 28.94
N ILE L 96 49.38 -20.67 29.82
CA ILE L 96 48.46 -19.96 30.70
C ILE L 96 49.22 -19.02 31.63
N VAL L 97 50.33 -19.49 32.18
CA VAL L 97 51.15 -18.65 33.06
C VAL L 97 51.69 -17.44 32.30
N ALA L 98 52.17 -17.66 31.07
CA ALA L 98 52.70 -16.55 30.29
C ALA L 98 51.61 -15.54 29.95
N SER L 99 50.42 -16.02 29.58
CA SER L 99 49.32 -15.12 29.27
C SER L 99 48.90 -14.33 30.50
N ALA L 100 48.85 -14.97 31.67
CA ALA L 100 48.53 -14.26 32.90
C ALA L 100 49.59 -13.22 33.24
N ARG L 101 50.86 -13.56 33.02
CA ARG L 101 51.93 -12.59 33.26
C ARG L 101 51.81 -11.39 32.31
N ALA L 102 51.49 -11.64 31.04
CA ALA L 102 51.30 -10.56 30.09
C ALA L 102 50.11 -9.68 30.50
N GLU L 103 49.01 -10.30 30.93
CA GLU L 103 47.85 -9.54 31.39
C GLU L 103 48.19 -8.70 32.61
N ALA L 104 48.94 -9.26 33.56
CA ALA L 104 49.34 -8.50 34.74
C ALA L 104 50.25 -7.34 34.37
N GLU L 105 51.17 -7.56 33.43
CA GLU L 105 52.05 -6.48 32.98
C GLU L 105 51.25 -5.38 32.30
N ARG L 106 50.26 -5.75 31.49
CA ARG L 106 49.39 -4.75 30.87
C ARG L 106 48.62 -3.97 31.92
N VAL L 107 48.14 -4.65 32.96
CA VAL L 107 47.43 -3.98 34.04
C VAL L 107 48.36 -3.00 34.76
N LYS L 108 49.60 -3.41 35.00
CA LYS L 108 50.57 -2.53 35.66
C LYS L 108 50.86 -1.30 34.80
N GLU L 109 51.04 -1.51 33.49
CA GLU L 109 51.26 -0.38 32.60
C GLU L 109 50.06 0.56 32.57
N THR L 110 48.85 -0.01 32.58
CA THR L 110 47.65 0.81 32.62
C THR L 110 47.57 1.62 33.91
N ALA L 111 47.92 1.01 35.04
CA ALA L 111 47.91 1.73 36.31
C ALA L 111 48.94 2.86 36.32
N LYS L 112 50.13 2.59 35.78
CA LYS L 112 51.16 3.63 35.71
C LYS L 112 50.70 4.78 34.81
N LYS L 113 50.09 4.45 33.67
CA LYS L 113 49.57 5.48 32.78
C LYS L 113 48.45 6.27 33.46
N GLU L 114 47.62 5.60 34.24
CA GLU L 114 46.57 6.28 34.99
C GLU L 114 47.15 7.25 36.01
N ILE L 115 48.22 6.85 36.69
CA ILE L 115 48.88 7.74 37.64
C ILE L 115 49.47 8.94 36.93
N GLU L 116 50.13 8.71 35.78
CA GLU L 116 50.68 9.82 35.00
C GLU L 116 49.58 10.76 34.52
N ARG L 117 48.46 10.21 34.08
CA ARG L 117 47.33 11.03 33.64
C ARG L 117 46.75 11.84 34.79
N GLU L 118 46.68 11.23 35.99
CA GLU L 118 46.21 11.97 37.16
C GLU L 118 47.15 13.12 37.48
N LYS L 119 48.47 12.88 37.40
CA LYS L 119 49.42 13.95 37.64
C LYS L 119 49.28 15.08 36.62
N GLU L 120 49.12 14.71 35.34
CA GLU L 120 48.96 15.72 34.30
C GLU L 120 47.69 16.53 34.51
N GLN L 121 46.58 15.86 34.87
CA GLN L 121 45.33 16.56 35.12
C GLN L 121 45.45 17.48 36.34
N ALA L 122 46.15 17.02 37.37
CA ALA L 122 46.36 17.87 38.55
C ALA L 122 47.17 19.11 38.20
N MET L 123 48.22 18.95 37.40
CA MET L 123 49.01 20.11 36.96
C MET L 123 48.16 21.06 36.13
N ALA L 124 47.33 20.51 35.23
CA ALA L 124 46.45 21.34 34.42
C ALA L 124 45.46 22.11 35.29
N ALA L 125 44.90 21.45 36.31
CA ALA L 125 43.94 22.12 37.19
C ALA L 125 44.62 23.21 38.01
N LEU L 126 45.84 22.95 38.48
CA LEU L 126 46.59 23.99 39.19
C LEU L 126 46.85 25.19 38.29
N ARG L 127 47.23 24.92 37.03
CA ARG L 127 47.43 26.01 36.08
C ARG L 127 46.14 26.77 35.83
N GLU L 128 45.01 26.06 35.76
CA GLU L 128 43.72 26.73 35.55
C GLU L 128 43.37 27.62 36.73
N GLN L 129 43.58 27.14 37.96
CA GLN L 129 43.31 27.96 39.14
C GLN L 129 44.22 29.19 39.17
N VAL L 130 45.50 29.00 38.82
CA VAL L 130 46.43 30.12 38.77
C VAL L 130 45.99 31.14 37.72
N ALA L 131 45.52 30.65 36.57
CA ALA L 131 45.07 31.55 35.51
C ALA L 131 43.83 32.33 35.95
N SER L 132 42.89 31.67 36.62
CA SER L 132 41.70 32.37 37.10
C SER L 132 42.07 33.43 38.13
N LEU L 133 42.96 33.10 39.06
CA LEU L 133 43.40 34.08 40.05
C LEU L 133 44.13 35.24 39.39
N SER L 134 44.95 34.95 38.38
CA SER L 134 45.64 35.99 37.65
C SER L 134 44.66 36.90 36.92
N VAL L 135 43.62 36.32 36.32
CA VAL L 135 42.61 37.12 35.63
C VAL L 135 41.90 38.03 36.62
N LEU L 136 41.52 37.50 37.78
CA LEU L 136 40.81 38.32 38.76
C LEU L 136 41.68 39.46 39.27
N ILE L 137 42.94 39.16 39.59
CA ILE L 137 43.82 40.20 40.14
C ILE L 137 44.17 41.24 39.08
N ALA L 138 44.37 40.80 37.83
CA ALA L 138 44.64 41.74 36.75
C ALA L 138 43.43 42.63 36.50
N SER L 139 42.22 42.07 36.57
CA SER L 139 41.02 42.88 36.42
C SER L 139 40.92 43.93 37.52
N LYS L 140 41.18 43.53 38.77
CA LYS L 140 41.15 44.48 39.87
C LYS L 140 42.19 45.57 39.69
N VAL L 141 43.40 45.20 39.28
CA VAL L 141 44.47 46.19 39.10
C VAL L 141 44.14 47.15 37.96
N ILE L 142 43.61 46.63 36.86
CA ILE L 142 43.24 47.47 35.73
C ILE L 142 42.10 48.41 36.09
N GLU L 143 41.16 47.92 36.91
CA GLU L 143 40.11 48.81 37.41
C GLU L 143 40.69 49.91 38.28
N LYS L 144 41.67 49.57 39.13
CA LYS L 144 42.31 50.58 39.97
C LYS L 144 43.13 51.57 39.15
N GLU L 145 43.61 51.15 37.97
CA GLU L 145 44.45 52.01 37.16
C GLU L 145 43.66 53.19 36.61
N LEU L 146 44.37 54.30 36.38
CA LEU L 146 43.74 55.51 35.88
C LEU L 146 43.32 55.34 34.43
N THR L 147 42.07 55.70 34.13
CA THR L 147 41.53 55.60 32.78
C THR L 147 41.64 56.90 31.99
N GLU L 148 42.21 57.95 32.59
CA GLU L 148 42.35 59.22 31.89
C GLU L 148 43.21 59.07 30.63
N GLN L 149 44.37 58.44 30.78
CA GLN L 149 45.20 58.11 29.61
C GLN L 149 44.70 56.87 28.89
N ASP L 150 43.95 56.00 29.58
CA ASP L 150 43.40 54.82 28.93
C ASP L 150 42.38 55.19 27.87
N GLN L 151 41.69 56.33 28.03
CA GLN L 151 40.77 56.78 26.98
C GLN L 151 41.52 57.08 25.69
N ARG L 152 42.60 57.84 25.78
CA ARG L 152 43.42 58.15 24.60
C ARG L 152 44.04 56.88 24.04
N LYS L 153 44.49 55.97 24.91
CA LYS L 153 45.06 54.72 24.45
C LYS L 153 44.03 53.89 23.70
N LEU L 154 42.79 53.84 24.20
CA LEU L 154 41.73 53.11 23.52
C LEU L 154 41.40 53.73 22.17
N ILE L 155 41.37 55.07 22.10
CA ILE L 155 41.12 55.73 20.83
C ILE L 155 42.22 55.41 19.82
N GLU L 156 43.48 55.46 20.28
CA GLU L 156 44.60 55.16 19.39
C GLU L 156 44.57 53.71 18.92
N ALA L 157 44.26 52.78 19.83
CA ALA L 157 44.18 51.38 19.46
C ALA L 157 43.03 51.13 18.49
N TYR L 158 41.90 51.81 18.68
CA TYR L 158 40.79 51.69 17.75
C TYR L 158 41.18 52.19 16.37
N ILE L 159 41.90 53.32 16.30
CA ILE L 159 42.36 53.82 15.01
C ILE L 159 43.33 52.83 14.36
N LYS L 160 44.23 52.25 15.15
CA LYS L 160 45.17 51.27 14.61
C LYS L 160 44.44 50.04 14.09
N ASP L 161 43.43 49.57 14.82
CA ASP L 161 42.66 48.41 14.37
C ASP L 161 41.86 48.74 13.11
N VAL L 162 41.35 49.97 13.02
CA VAL L 162 40.65 50.41 11.81
C VAL L 162 41.61 50.37 10.62
N GLN L 163 42.83 50.88 10.81
CA GLN L 163 43.81 50.83 9.73
C GLN L 163 44.15 49.39 9.36
N GLU L 164 44.32 48.52 10.36
CA GLU L 164 44.74 47.14 10.10
C GLU L 164 43.66 46.37 9.35
N VAL L 165 42.41 46.48 9.79
CA VAL L 165 41.31 45.73 9.16
C VAL L 165 40.94 46.36 7.82
N ILE M 82 -57.15 -25.12 22.31
CA ILE M 82 -55.98 -24.35 22.67
C ILE M 82 -55.68 -23.31 21.59
N GLU M 83 -55.38 -23.79 20.39
CA GLU M 83 -55.13 -22.88 19.27
C GLU M 83 -56.38 -22.08 18.93
N ASN M 84 -57.55 -22.73 18.97
CA ASN M 84 -58.80 -22.01 18.73
C ASN M 84 -59.04 -20.96 19.80
N ALA M 85 -58.75 -21.30 21.06
CA ALA M 85 -58.91 -20.34 22.15
C ALA M 85 -57.97 -19.15 21.95
N ARG M 86 -56.73 -19.40 21.55
CA ARG M 86 -55.79 -18.32 21.29
C ARG M 86 -56.27 -17.44 20.14
N LYS M 87 -56.80 -18.05 19.07
CA LYS M 87 -57.31 -17.28 17.94
C LYS M 87 -58.49 -16.41 18.36
N LEU M 88 -59.41 -16.97 19.16
CA LEU M 88 -60.54 -16.19 19.63
C LEU M 88 -60.08 -15.04 20.52
N ALA M 89 -59.09 -15.29 21.37
CA ALA M 89 -58.54 -14.23 22.22
C ALA M 89 -57.91 -13.13 21.38
N GLU M 90 -57.17 -13.51 20.34
CA GLU M 90 -56.55 -12.51 19.47
C GLU M 90 -57.61 -11.68 18.76
N GLU M 91 -58.66 -12.33 18.26
CA GLU M 91 -59.74 -11.58 17.60
C GLU M 91 -60.41 -10.62 18.57
N GLN M 92 -60.72 -11.09 19.79
CA GLN M 92 -61.35 -10.22 20.77
C GLN M 92 -60.46 -9.05 21.15
N LYS M 93 -59.16 -9.30 21.34
CA LYS M 93 -58.23 -8.23 21.67
C LYS M 93 -58.14 -7.20 20.56
N GLU M 94 -58.06 -7.66 19.30
CA GLU M 94 -58.01 -6.75 18.17
C GLU M 94 -59.29 -5.91 18.09
N GLN M 95 -60.44 -6.55 18.30
CA GLN M 95 -61.71 -5.82 18.25
C GLN M 95 -61.78 -4.77 19.38
N ILE M 96 -61.34 -5.14 20.58
CA ILE M 96 -61.38 -4.20 21.70
C ILE M 96 -60.45 -3.03 21.45
N VAL M 97 -59.24 -3.30 20.94
CA VAL M 97 -58.30 -2.23 20.64
C VAL M 97 -58.86 -1.31 19.56
N ALA M 98 -59.50 -1.89 18.54
CA ALA M 98 -60.09 -1.07 17.48
C ALA M 98 -61.23 -0.22 18.02
N SER M 99 -62.05 -0.77 18.92
CA SER M 99 -63.14 0.01 19.50
C SER M 99 -62.60 1.16 20.34
N ALA M 100 -61.58 0.90 21.15
CA ALA M 100 -60.97 1.97 21.93
C ALA M 100 -60.35 3.03 21.04
N ARG M 101 -59.72 2.60 19.94
CA ARG M 101 -59.15 3.54 18.99
C ARG M 101 -60.22 4.40 18.34
N ALA M 102 -61.35 3.80 17.98
CA ALA M 102 -62.44 4.56 17.38
C ALA M 102 -63.00 5.58 18.37
N GLU M 103 -63.17 5.16 19.63
CA GLU M 103 -63.63 6.10 20.65
C GLU M 103 -62.64 7.23 20.84
N ALA M 104 -61.35 6.92 20.86
CA ALA M 104 -60.31 7.95 21.00
C ALA M 104 -60.32 8.90 19.81
N GLU M 105 -60.50 8.38 18.60
CA GLU M 105 -60.54 9.22 17.41
C GLU M 105 -61.74 10.16 17.43
N ARG M 106 -62.91 9.65 17.81
CA ARG M 106 -64.09 10.51 17.92
C ARG M 106 -63.89 11.59 18.98
N VAL M 107 -63.34 11.20 20.14
CA VAL M 107 -63.08 12.17 21.20
C VAL M 107 -62.10 13.23 20.73
N LYS M 108 -61.05 12.82 20.02
CA LYS M 108 -60.06 13.76 19.52
C LYS M 108 -60.66 14.71 18.49
N GLU M 109 -61.50 14.21 17.60
CA GLU M 109 -62.15 15.08 16.62
C GLU M 109 -63.04 16.10 17.30
N THR M 110 -63.85 15.65 18.27
CA THR M 110 -64.72 16.59 18.99
C THR M 110 -63.91 17.62 19.76
N ALA M 111 -62.82 17.17 20.40
CA ALA M 111 -61.97 18.10 21.14
C ALA M 111 -61.31 19.10 20.22
N LYS M 112 -60.88 18.67 19.03
CA LYS M 112 -60.29 19.58 18.06
C LYS M 112 -61.29 20.61 17.58
N LYS M 113 -62.54 20.20 17.32
CA LYS M 113 -63.56 21.15 16.89
C LYS M 113 -63.86 22.16 17.99
N GLU M 114 -64.04 21.68 19.23
CA GLU M 114 -64.29 22.59 20.34
C GLU M 114 -63.11 23.51 20.59
N ILE M 115 -61.90 22.99 20.43
CA ILE M 115 -60.70 23.80 20.61
C ILE M 115 -60.60 24.86 19.53
N GLU M 116 -61.00 24.54 18.30
CA GLU M 116 -61.00 25.54 17.24
C GLU M 116 -62.01 26.64 17.52
N ARG M 117 -63.21 26.27 17.98
CA ARG M 117 -64.21 27.27 18.32
C ARG M 117 -63.72 28.18 19.45
N GLU M 118 -63.18 27.57 20.50
CA GLU M 118 -62.65 28.34 21.63
C GLU M 118 -61.46 29.19 21.20
N LYS M 119 -60.64 28.69 20.28
CA LYS M 119 -59.52 29.46 19.77
C LYS M 119 -59.99 30.68 19.01
N GLU M 120 -61.03 30.55 18.19
CA GLU M 120 -61.55 31.71 17.48
C GLU M 120 -62.14 32.73 18.45
N GLN M 121 -62.95 32.27 19.40
CA GLN M 121 -63.57 33.20 20.35
C GLN M 121 -62.51 33.90 21.19
N ALA M 122 -61.53 33.15 21.69
CA ALA M 122 -60.45 33.73 22.46
C ALA M 122 -59.57 34.63 21.60
N MET M 123 -59.41 34.30 20.32
CA MET M 123 -58.65 35.17 19.44
C MET M 123 -59.31 36.54 19.34
N ALA M 124 -60.62 36.57 19.13
CA ALA M 124 -61.32 37.85 19.07
C ALA M 124 -61.23 38.61 20.40
N ALA M 125 -61.60 37.93 21.50
CA ALA M 125 -61.65 38.60 22.80
C ALA M 125 -60.27 39.06 23.24
N LEU M 126 -59.29 38.15 23.24
CA LEU M 126 -57.93 38.49 23.59
C LEU M 126 -57.27 39.41 22.59
N ARG M 127 -57.80 39.53 21.37
CA ARG M 127 -57.28 40.53 20.44
C ARG M 127 -57.72 41.93 20.85
N GLU M 128 -58.99 42.08 21.25
CA GLU M 128 -59.42 43.36 21.81
C GLU M 128 -58.63 43.68 23.09
N GLN M 129 -58.50 42.69 23.97
CA GLN M 129 -57.76 42.88 25.20
C GLN M 129 -56.29 43.19 24.93
N VAL M 130 -55.72 42.58 23.89
CA VAL M 130 -54.32 42.79 23.54
C VAL M 130 -54.14 44.17 22.93
N ALA M 131 -55.12 44.67 22.19
CA ALA M 131 -55.06 46.05 21.73
C ALA M 131 -55.04 47.01 22.92
N SER M 132 -55.92 46.80 23.88
CA SER M 132 -55.94 47.65 25.07
C SER M 132 -54.61 47.55 25.83
N LEU M 133 -54.11 46.33 26.03
CA LEU M 133 -52.86 46.12 26.74
C LEU M 133 -51.67 46.64 25.95
N SER M 134 -51.78 46.70 24.63
CA SER M 134 -50.70 47.25 23.81
C SER M 134 -50.65 48.76 23.94
N VAL M 135 -51.81 49.41 23.98
CA VAL M 135 -51.84 50.84 24.30
C VAL M 135 -51.24 51.06 25.69
N LEU M 136 -51.62 50.20 26.64
CA LEU M 136 -51.09 50.32 28.00
C LEU M 136 -49.57 50.14 28.03
N ILE M 137 -49.06 49.17 27.29
CA ILE M 137 -47.63 48.90 27.28
C ILE M 137 -46.87 50.03 26.61
N ALA M 138 -47.44 50.60 25.54
CA ALA M 138 -46.81 51.76 24.91
C ALA M 138 -46.74 52.93 25.88
N SER M 139 -47.83 53.17 26.61
CA SER M 139 -47.82 54.24 27.61
C SER M 139 -46.80 53.96 28.70
N LYS M 140 -46.70 52.70 29.15
CA LYS M 140 -45.78 52.34 30.22
C LYS M 140 -44.32 52.50 29.76
N VAL M 141 -44.02 52.10 28.53
CA VAL M 141 -42.66 52.26 28.02
C VAL M 141 -42.33 53.73 27.80
N ILE M 142 -43.31 54.51 27.36
CA ILE M 142 -43.10 55.93 27.13
C ILE M 142 -42.85 56.65 28.45
N UNK M 150 -58.52 59.78 25.80
CA UNK M 150 -57.19 59.21 26.00
C UNK M 150 -57.21 57.70 25.82
N UNK M 151 -57.84 57.02 26.78
CA UNK M 151 -57.94 55.56 26.69
C UNK M 151 -58.85 55.14 25.54
N UNK M 152 -59.99 55.81 25.38
CA UNK M 152 -60.90 55.48 24.29
C UNK M 152 -60.27 55.76 22.93
N UNK M 153 -59.57 56.88 22.80
CA UNK M 153 -58.90 57.20 21.53
C UNK M 153 -57.81 56.18 21.22
N UNK M 154 -57.03 55.80 22.23
CA UNK M 154 -55.99 54.80 22.01
C UNK M 154 -56.57 53.45 21.64
N UNK M 155 -57.67 53.06 22.30
CA UNK M 155 -58.32 51.80 21.96
C UNK M 155 -58.87 51.81 20.56
N UNK M 156 -59.48 52.94 20.14
CA UNK M 156 -60.00 53.05 18.79
C UNK M 156 -58.87 52.99 17.75
N UNK M 157 -57.76 53.67 18.03
CA UNK M 157 -56.62 53.62 17.12
C UNK M 157 -56.05 52.21 17.01
N UNK M 158 -55.95 51.51 18.15
CA UNK M 158 -55.44 50.14 18.14
C UNK M 158 -56.38 49.22 17.37
N UNK M 159 -57.70 49.40 17.55
CA UNK M 159 -58.67 48.59 16.81
C UNK M 159 -58.58 48.85 15.32
N UNK M 160 -58.41 50.12 14.93
CA UNK M 160 -58.26 50.45 13.52
C UNK M 160 -56.99 49.83 12.94
N UNK M 161 -55.89 49.89 13.68
CA UNK M 161 -54.65 49.28 13.22
C UNK M 161 -54.79 47.77 13.08
N UNK M 162 -55.47 47.13 14.04
CA UNK M 162 -55.69 45.69 13.96
C UNK M 162 -56.55 45.34 12.75
N UNK M 163 -57.59 46.13 12.48
CA UNK M 163 -58.43 45.89 11.31
C UNK M 163 -57.64 46.04 10.02
N UNK M 164 -56.77 47.06 9.96
CA UNK M 164 -55.92 47.24 8.78
C UNK M 164 -54.97 46.06 8.61
N UNK M 165 -54.40 45.57 9.72
CA UNK M 165 -53.47 44.46 9.64
C UNK M 165 -54.16 43.18 9.19
N UNK M 166 -55.37 42.93 9.70
CA UNK M 166 -56.11 41.72 9.37
C UNK M 166 -56.59 41.75 7.93
N LYS N 87 -56.51 -25.66 30.82
CA LYS N 87 -56.88 -24.32 31.25
C LYS N 87 -55.80 -23.30 30.91
N LEU N 88 -54.66 -23.80 30.41
CA LEU N 88 -53.56 -22.91 30.05
C LEU N 88 -53.95 -21.97 28.92
N ALA N 89 -54.66 -22.48 27.91
CA ALA N 89 -55.09 -21.62 26.81
C ALA N 89 -56.04 -20.53 27.28
N GLU N 90 -56.99 -20.90 28.16
CA GLU N 90 -57.93 -19.90 28.67
C GLU N 90 -57.22 -18.87 29.55
N GLU N 91 -56.24 -19.31 30.35
CA GLU N 91 -55.47 -18.36 31.15
C GLU N 91 -54.70 -17.39 30.27
N GLN N 92 -54.06 -17.91 29.21
CA GLN N 92 -53.36 -17.03 28.29
C GLN N 92 -54.31 -16.08 27.58
N LYS N 93 -55.51 -16.56 27.24
CA LYS N 93 -56.51 -15.70 26.62
C LYS N 93 -56.92 -14.56 27.55
N GLU N 94 -57.15 -14.88 28.83
CA GLU N 94 -57.52 -13.86 29.79
C GLU N 94 -56.38 -12.86 29.99
N GLN N 95 -55.14 -13.35 30.06
CA GLN N 95 -53.99 -12.46 30.18
C GLN N 95 -53.87 -11.54 28.98
N ILE N 96 -54.06 -12.07 27.77
CA ILE N 96 -53.98 -11.25 26.57
C ILE N 96 -55.08 -10.20 26.56
N VAL N 97 -56.28 -10.58 26.98
CA VAL N 97 -57.40 -9.63 27.03
C VAL N 97 -57.10 -8.51 28.02
N ALA N 98 -56.58 -8.86 29.20
CA ALA N 98 -56.25 -7.85 30.19
C ALA N 98 -55.14 -6.92 29.70
N SER N 99 -54.14 -7.48 29.02
CA SER N 99 -53.08 -6.67 28.45
C SER N 99 -53.62 -5.72 27.38
N ALA N 100 -54.54 -6.22 26.54
CA ALA N 100 -55.15 -5.36 25.53
C ALA N 100 -55.97 -4.24 26.16
N ARG N 101 -56.69 -4.55 27.24
CA ARG N 101 -57.44 -3.51 27.95
C ARG N 101 -56.50 -2.46 28.54
N ALA N 102 -55.39 -2.91 29.12
CA ALA N 102 -54.40 -1.97 29.66
C ALA N 102 -53.82 -1.10 28.55
N GLU N 103 -53.52 -1.69 27.40
CA GLU N 103 -53.01 -0.92 26.27
C GLU N 103 -54.04 0.09 25.78
N ALA N 104 -55.32 -0.29 25.77
CA ALA N 104 -56.38 0.63 25.37
C ALA N 104 -56.48 1.80 26.34
N GLU N 105 -56.38 1.51 27.64
CA GLU N 105 -56.39 2.59 28.63
C GLU N 105 -55.20 3.51 28.45
N ARG N 106 -54.02 2.95 28.18
CA ARG N 106 -52.84 3.77 27.92
C ARG N 106 -53.02 4.61 26.67
N VAL N 107 -53.67 4.06 25.65
CA VAL N 107 -53.93 4.81 24.42
C VAL N 107 -54.88 5.98 24.69
N LYS N 108 -55.92 5.75 25.49
CA LYS N 108 -56.84 6.83 25.84
C LYS N 108 -56.11 7.92 26.65
N GLU N 109 -55.25 7.51 27.58
CA GLU N 109 -54.48 8.48 28.34
C GLU N 109 -53.55 9.28 27.42
N THR N 110 -52.93 8.60 26.45
CA THR N 110 -52.07 9.29 25.49
C THR N 110 -52.86 10.26 24.63
N ALA N 111 -54.09 9.90 24.26
CA ALA N 111 -54.94 10.81 23.51
C ALA N 111 -55.28 12.05 24.34
N LYS N 112 -55.57 11.85 25.63
CA LYS N 112 -55.80 13.00 26.50
C LYS N 112 -54.56 13.87 26.60
N LYS N 113 -53.37 13.25 26.69
CA LYS N 113 -52.13 14.02 26.73
C LYS N 113 -51.91 14.78 25.44
N GLU N 114 -52.27 14.18 24.30
CA GLU N 114 -52.19 14.87 23.03
C GLU N 114 -53.12 16.08 22.99
N ILE N 115 -54.32 15.92 23.55
CA ILE N 115 -55.24 17.06 23.65
C ILE N 115 -54.64 18.16 24.51
N GLU N 116 -54.00 17.78 25.62
CA GLU N 116 -53.36 18.78 26.48
C GLU N 116 -52.23 19.49 25.75
N ARG N 117 -51.42 18.75 24.99
CA ARG N 117 -50.35 19.37 24.22
C ARG N 117 -50.89 20.32 23.17
N GLU N 118 -51.98 19.92 22.50
CA GLU N 118 -52.61 20.80 21.51
C GLU N 118 -53.15 22.07 22.17
N LYS N 119 -53.74 21.93 23.37
CA LYS N 119 -54.25 23.09 24.09
C LYS N 119 -53.11 24.04 24.47
N GLU N 120 -51.99 23.47 24.94
CA GLU N 120 -50.84 24.31 25.27
C GLU N 120 -50.30 25.02 24.04
N GLN N 121 -50.23 24.32 22.91
CA GLN N 121 -49.77 24.93 21.67
C GLN N 121 -50.71 26.05 21.22
N ALA N 122 -52.03 25.83 21.36
CA ALA N 122 -52.99 26.86 20.97
C ALA N 122 -52.87 28.08 21.86
N MET N 123 -52.71 27.89 23.17
CA MET N 123 -52.51 29.01 24.07
C MET N 123 -51.25 29.78 23.72
N ALA N 124 -50.16 29.07 23.41
CA ALA N 124 -48.92 29.72 23.02
C ALA N 124 -49.10 30.51 21.73
N ALA N 125 -49.81 29.95 20.76
CA ALA N 125 -50.04 30.64 19.49
C ALA N 125 -50.86 31.90 19.70
N LEU N 126 -51.90 31.82 20.53
CA LEU N 126 -52.71 33.00 20.83
C LEU N 126 -51.86 34.08 21.51
N ARG N 127 -51.03 33.68 22.48
CA ARG N 127 -50.17 34.64 23.15
C ARG N 127 -49.17 35.28 22.19
N GLU N 128 -48.62 34.47 21.27
CA GLU N 128 -47.66 35.00 20.30
C GLU N 128 -48.32 35.98 19.33
N GLN N 129 -49.53 35.66 18.87
CA GLN N 129 -50.25 36.59 18.01
C GLN N 129 -50.56 37.89 18.74
N VAL N 130 -50.97 37.78 20.01
CA VAL N 130 -51.21 38.96 20.82
C VAL N 130 -49.95 39.79 20.96
N ALA N 131 -48.81 39.12 21.16
CA ALA N 131 -47.54 39.83 21.32
C ALA N 131 -47.14 40.55 20.02
N SER N 132 -47.33 39.89 18.87
CA SER N 132 -47.01 40.54 17.61
C SER N 132 -47.90 41.76 17.35
N LEU N 133 -49.21 41.61 17.62
CA LEU N 133 -50.11 42.74 17.48
C LEU N 133 -49.73 43.87 18.44
N SER N 134 -49.33 43.52 19.66
CA SER N 134 -48.91 44.53 20.62
C SER N 134 -47.65 45.24 20.15
N VAL N 135 -46.72 44.50 19.56
CA VAL N 135 -45.50 45.11 19.04
C VAL N 135 -45.84 46.11 17.94
N LEU N 136 -46.72 45.72 17.02
CA LEU N 136 -47.13 46.63 15.96
C LEU N 136 -47.81 47.87 16.51
N ILE N 137 -48.73 47.69 17.47
CA ILE N 137 -49.48 48.81 18.03
C ILE N 137 -48.55 49.75 18.78
N ALA N 138 -47.62 49.19 19.57
CA ALA N 138 -46.68 50.01 20.31
C ALA N 138 -45.76 50.77 19.38
N SER N 139 -45.32 50.13 18.29
CA SER N 139 -44.50 50.84 17.31
C SER N 139 -45.24 52.01 16.70
N LYS N 140 -46.51 51.79 16.33
CA LYS N 140 -47.30 52.88 15.76
C LYS N 140 -47.51 54.00 16.76
N VAL N 141 -47.80 53.65 18.01
CA VAL N 141 -48.03 54.66 19.04
C VAL N 141 -46.76 55.47 19.31
N ILE N 142 -45.61 54.79 19.37
CA ILE N 142 -44.35 55.47 19.61
C ILE N 142 -44.01 56.39 18.45
N GLU N 143 -44.27 55.94 17.22
CA GLU N 143 -44.05 56.81 16.07
C GLU N 143 -44.94 58.03 16.12
N LYS N 144 -46.21 57.85 16.53
CA LYS N 144 -47.12 58.98 16.66
C LYS N 144 -46.67 59.94 17.77
N GLU N 145 -46.05 59.42 18.82
CA GLU N 145 -45.63 60.25 19.94
C GLU N 145 -44.51 61.19 19.53
N LEU N 146 -44.49 62.37 20.15
CA LEU N 146 -43.47 63.37 19.86
C LEU N 146 -42.11 62.92 20.38
N THR N 147 -41.05 63.46 19.78
CA THR N 147 -39.68 63.07 20.10
C THR N 147 -38.88 64.17 20.76
N GLU N 148 -39.48 65.34 21.03
CA GLU N 148 -38.74 66.44 21.63
C GLU N 148 -38.23 66.08 23.02
N GLN N 149 -39.12 65.62 23.89
CA GLN N 149 -38.70 65.12 25.19
C GLN N 149 -38.09 63.74 25.12
N ASP N 150 -38.46 62.95 24.11
CA ASP N 150 -37.90 61.61 23.96
C ASP N 150 -36.40 61.66 23.71
N GLN N 151 -35.94 62.67 22.96
CA GLN N 151 -34.51 62.80 22.71
C GLN N 151 -33.74 63.02 24.01
N ARG N 152 -34.21 63.96 24.84
CA ARG N 152 -33.53 64.24 26.10
C ARG N 152 -33.59 63.03 27.03
N LYS N 153 -34.75 62.36 27.09
CA LYS N 153 -34.88 61.19 27.94
C LYS N 153 -33.95 60.07 27.49
N LEU N 154 -33.86 59.85 26.18
CA LEU N 154 -32.97 58.82 25.65
C LEU N 154 -31.51 59.17 25.93
N ILE N 155 -31.14 60.44 25.78
CA ILE N 155 -29.77 60.84 26.06
C ILE N 155 -29.42 60.62 27.53
N GLU N 156 -30.34 60.99 28.43
CA GLU N 156 -30.10 60.78 29.85
C GLU N 156 -30.01 59.30 30.19
N ALA N 157 -30.88 58.48 29.59
CA ALA N 157 -30.85 57.05 29.84
C ALA N 157 -29.56 56.43 29.33
N TYR N 158 -29.09 56.87 28.15
CA TYR N 158 -27.83 56.37 27.62
C TYR N 158 -26.67 56.78 28.50
N ILE N 159 -26.69 58.00 29.03
CA ILE N 159 -25.63 58.44 29.95
C ILE N 159 -25.63 57.59 31.21
N LYS N 160 -26.82 57.31 31.75
CA LYS N 160 -26.91 56.46 32.93
C LYS N 160 -26.41 55.05 32.63
N ASP N 161 -26.72 54.54 31.44
CA ASP N 161 -26.22 53.22 31.04
C ASP N 161 -24.71 53.21 30.94
N VAL N 162 -24.13 54.28 30.39
CA VAL N 162 -22.68 54.38 30.29
C VAL N 162 -22.06 54.41 31.69
N GLN N 163 -22.67 55.15 32.61
CA GLN N 163 -22.17 55.17 33.98
C GLN N 163 -22.25 53.80 34.63
N GLU N 164 -23.36 53.09 34.41
CA GLU N 164 -23.53 51.76 34.99
C GLU N 164 -22.52 50.78 34.43
N VAL N 165 -22.25 50.85 33.13
CA VAL N 165 -21.30 49.96 32.49
C VAL N 165 -20.55 50.70 31.37
PB ADP O . 25.90 -6.83 -12.31
O1B ADP O . 24.59 -7.32 -12.87
O2B ADP O . 26.90 -6.42 -13.36
O3B ADP O . 25.77 -5.84 -11.17
PA ADP O . 27.88 -8.83 -12.19
O1A ADP O . 27.72 -9.15 -13.64
O2A ADP O . 29.06 -7.99 -11.73
O3A ADP O . 26.54 -8.14 -11.63
O5' ADP O . 27.93 -10.22 -11.38
C5' ADP O . 29.18 -10.89 -11.22
C4' ADP O . 29.01 -12.26 -10.58
O4' ADP O . 27.95 -12.96 -11.25
C3' ADP O . 30.27 -13.06 -10.73
O3' ADP O . 30.84 -13.36 -9.45
C2' ADP O . 29.87 -14.35 -11.40
O2' ADP O . 30.10 -15.45 -10.51
C1' ADP O . 28.39 -14.24 -11.70
N9 ADP O . 28.20 -14.31 -13.17
C8 ADP O . 27.64 -13.34 -13.91
N7 ADP O . 27.60 -13.70 -15.22
C5 ADP O . 28.13 -14.93 -15.32
C6 ADP O . 28.38 -15.89 -16.42
N6 ADP O . 28.05 -15.58 -17.69
N1 ADP O . 28.97 -17.06 -16.10
C2 ADP O . 29.30 -17.36 -14.83
N3 ADP O . 29.10 -16.54 -13.78
C4 ADP O . 28.52 -15.33 -13.96
MG MG P . 25.60 -2.62 -15.57
MG MG Q . -26.37 -5.11 11.47
MG MG R . 25.96 -5.23 13.75
MG MG S . 1.57 -2.07 -30.11
#